data_7U5E
#
_entry.id   7U5E
#
loop_
_entity.id
_entity.type
_entity.pdbx_description
1 polymer crRNA
2 polymer 'Target strand DNA'
3 polymer 'Non-target strand DNA'
4 polymer Cas8/5
5 polymer Cas7
6 polymer Cas6
7 polymer TniQ
#
loop_
_entity_poly.entity_id
_entity_poly.type
_entity_poly.pdbx_seq_one_letter_code
_entity_poly.pdbx_strand_id
1 'polyribonucleotide' CCAAGAAAAGGACUGGAAGAAAUCAUCCAAGUUGGGGACUAUUUUCUGCCGUAUAGGCAG 1
2 'polydeoxyribonucleotide'
;(DC)(DT)(DG)(DG)(DC)(DT)(DG)(DG)(DC)(DG)(DA)(DA)(DC)(DG)(DA)(DG)(DC)(DG)(DC)(DA)
(DA)(DG)(DG)(DT)(DG)(DG)(DT)(DG)(DG)(DC)(DC)(DC)(DC)(DA)(DT)(DC)(DA)(DG)(DC)(DC)
(DA)(DC)(DA)(DT)(DC)(DC)(DC)(DG)(DG)(DC)(DA)(DC)(DT)(DC)(DG)(DA)(DA)(DG)(DT)(DC)
(DC)(DC)(DC)(DA)(DA)(DC)(DT)(DT)(DG)(DG)(DA)(DT)(DG)(DA)(DT)(DT)(DT)(DC)(DT)(DT)
(DC)(DC)(DA)(DG)(DT)(DC)(DC)(DT)(DG)(DG)(DT)(DA)(DA)(DG)(DC)(DA)(DC)(DC)(DC)(DG)
(DA)(DA)(DT)(DC)(DA)(DT)(DC)(DC)(DT)(DC)(DT)(DT)(DG)(DC)(DG)(DG)
;
2
3 'polydeoxyribonucleotide'
;(DC)(DC)(DG)(DC)(DA)(DA)(DG)(DA)(DG)(DG)(DA)(DT)(DG)(DA)(DT)(DT)(DC)(DG)(DG)(DG)
(DT)(DG)(DC)(DT)(DT)(DA)(DC)(DC)(DT)(DC)(DC)(DT)(DG)(DA)(DC)(DC)(DT)(DT)(DC)(DT)
(DT)(DT)(DA)(DG)(DT)(DA)(DG)(DG)(DT)(DT)(DC)(DA)(DA)(DC)(DC)(DC)(DC)(DT)(DG)(DA)
(DT)(DC)(DG)(DA)(DG)(DT)(DG)(DC)(DC)(DG)(DG)(DG)(DA)(DT)(DG)(DT)(DG)(DG)(DC)(DT)
(DG)(DA)(DT)(DG)(DG)(DG)(DG)(DC)(DC)(DA)(DC)(DC)(DA)(DC)(DC)(DT)(DT)(DG)(DC)(DG)
(DC)(DT)(DC)(DG)(DT)(DT)(DC)(DG)(DC)(DC)(DA)(DG)(DC)(DC)(DA)(DG)
;
3
4 'polypeptide(L)'
;MVTIMHIEELLDIEDHGERDRQLRRYLAPYSAEIGVDGAEKMALVVLLNLTLKRDRVESLCDEGLARQLLSDEGHITNCL
HTVRWLHTHNLKYPDARVSGERLIINAPPLIPGVISSAGLPMRMGWAHDSSDINLAKLFGTSFRYRDDSTNLALQLVARS
KTWEQALIGLGLTQQQLDIWCQLLASNLENNTFPTVVSPFSKQVRFLYQGNYCVVTPVVSHALLAQLQNVVHEKKLQCTY
IHHDHPASVGSLVGALGGKVAVLDYPPPVSPDKARSFSQARKHRLANGQSLFDRSVFNDHVFIDALKHVISRPGLTRKQQ
RQLRLSALRYLRRQLAIWLGPIIEWRDEIVSSGRGEPGNLPSGGLELELITQPKKMLPELMLQVAGRFHLELQNHSAGRR
FAFHPALMAPIKSQILWLLRQLADDEEKDEPHPPTSCYYLHLSGLTVYDASALANPYLCGIPSLSALAGFCHDYERRLQS
LIGQSVYFRGLAWYLGRYSLVTGKHLPEPSKSADPKSVSAIRRPGLLDGRYCDLGMDLIIEVHIPTGGSLPFTTCLDLLR
VALPARFAGGCLHPPSLYEEYNWCTVYQDKSTLFTVLSRLPRYGCWIYPSDADLRSFEELSEALALDRRLRPVATGFVFL
EEPVERAGSIEGQHVYAESAIGTALCINPVEMRLAGKKRFFGAGFWQLNDAKGAILMNGSANTG
;
A
5 'polypeptide(L)'
;MELCTHLSYSRSLSPGKAVFFYKTAESDFVPLRIEVAKISGQKCGYTEGFDANLKPKNIERYELAYSNPQTIEACYVPPN
VDELYCRFSLRVEANSMRPYVCSNPDVLRVMIGLAQAYQRLGGYNELARRYSANVLRGIWLWRNQYTQGTKIEIKTSLGS
TYHIPDARRLSWSGDWPELEQKQLEQLTSEMAKALSQPDIFWFADVTASLKTGFCQEIFPSQKFTERPDDHSVASRQLAT
VECSDGQLAACINPQKIGAALQKIDDWWANDADLPLRVHEYGANHEALTALRHPATGQDFYHLLTKAEQFVTVLESSEGG
GVELPGEVHYLMAVLVKGGLFQKGKGR
;
B,C,D,E,F,G
6 'polypeptide(L)'
;MTENRYFFAIRYLSDDVDCGLLAGRCISILHGFRQAHPGIQIGVAFPEWSDRDLGRSIAFVSTNKSLLERFRERSYFQVM
QADNFFALSLVLEVPDTCQNVRFIRNQNLAKLFVGERRRRLARAKRRAKARGEAFQPHMPDETKVVGVFHSVFMQSASSG
QSYILHIQKHRYERSEDSGYSSYGLASNDLYTGYVPDLGAIFSTLF
;
H
7 'polypeptide(L)'
;MHLLVRPEPFADEALESYFLRLSQENGFERYRIFSGSVQDWLHTTDHAAAGAFPLELSRLNIFHASRSSGLRVRALQLVD
RLTDGAPFRLLQLALCHSAISFGNHYKAVHRSGVDIPLSFIRVHQIPCCPDCLRESAYVRQCWHFKPYVGCHRHGGRLIY
SCPACGESLNYLASESINHCQCGFDLRTASTVPAQPDEIQLSALAYGCSFESSNPLLAIGSLSARFGALYWYQQRYLSDH
EAVRDDRALTKAIGHFTAWPDAFWRELQQMVDDALVRQTKPLNHTDFVDVFGSVVADCRQIPMRNTGQNFILKNLIGFLT
DLVARHPQCRVANVGDLLLSAVDAATLLSTSVEQVRRLHHEGFLPLSIRPASRNTVSPHRAVFHLRHVVELRQARMQSHH
DHSSTYLPAW
;
I,J
#
loop_
_chem_comp.id
_chem_comp.type
_chem_comp.name
_chem_comp.formula
A RNA linking ADENOSINE-5'-MONOPHOSPHATE 'C10 H14 N5 O7 P'
C RNA linking CYTIDINE-5'-MONOPHOSPHATE 'C9 H14 N3 O8 P'
DA DNA linking 2'-DEOXYADENOSINE-5'-MONOPHOSPHATE 'C10 H14 N5 O6 P'
DC DNA linking 2'-DEOXYCYTIDINE-5'-MONOPHOSPHATE 'C9 H14 N3 O7 P'
DG DNA linking 2'-DEOXYGUANOSINE-5'-MONOPHOSPHATE 'C10 H14 N5 O7 P'
DT DNA linking THYMIDINE-5'-MONOPHOSPHATE 'C10 H15 N2 O8 P'
G RNA linking GUANOSINE-5'-MONOPHOSPHATE 'C10 H14 N5 O8 P'
U RNA linking URIDINE-5'-MONOPHOSPHATE 'C9 H13 N2 O9 P'
#
# COMPACT_ATOMS: atom_id res chain seq x y z
N ASP D 20 60.00 -34.12 28.75
CA ASP D 20 58.86 -33.28 28.36
C ASP D 20 58.46 -33.48 26.90
N ARG D 21 57.20 -33.83 26.65
CA ARG D 21 56.57 -33.95 25.32
C ARG D 21 56.77 -32.72 24.41
N GLN D 22 57.02 -31.55 24.97
CA GLN D 22 57.30 -30.35 24.19
C GLN D 22 58.58 -30.45 23.34
N LEU D 23 59.56 -31.24 23.77
CA LEU D 23 60.76 -31.52 22.99
C LEU D 23 60.42 -32.26 21.69
N ARG D 24 59.60 -33.32 21.77
CA ARG D 24 59.06 -34.04 20.62
C ARG D 24 58.23 -33.13 19.71
N ARG D 25 57.45 -32.20 20.28
CA ARG D 25 56.69 -31.21 19.49
C ARG D 25 57.63 -30.31 18.70
N TYR D 26 58.63 -29.73 19.33
CA TYR D 26 59.55 -28.83 18.63
C TYR D 26 60.39 -29.54 17.57
N LEU D 27 60.66 -30.83 17.69
CA LEU D 27 61.34 -31.60 16.65
C LEU D 27 60.39 -32.15 15.57
N ALA D 28 59.08 -31.92 15.68
CA ALA D 28 58.10 -32.41 14.73
C ALA D 28 58.17 -31.61 13.41
N PRO D 29 57.84 -32.22 12.26
CA PRO D 29 57.87 -31.54 10.97
C PRO D 29 56.92 -30.34 10.86
N TYR D 30 55.88 -30.27 11.69
CA TYR D 30 54.92 -29.16 11.65
C TYR D 30 55.26 -28.01 12.61
N SER D 31 56.41 -28.04 13.30
CA SER D 31 56.79 -26.99 14.25
C SER D 31 57.94 -26.14 13.70
N ALA D 32 58.13 -24.94 14.24
CA ALA D 32 59.28 -24.10 13.89
C ALA D 32 60.60 -24.82 14.21
N GLU D 33 61.63 -24.67 13.40
CA GLU D 33 62.92 -25.32 13.65
C GLU D 33 63.66 -24.66 14.83
N ILE D 34 64.41 -25.45 15.61
CA ILE D 34 65.15 -24.95 16.77
C ILE D 34 66.67 -25.08 16.57
N GLY D 35 67.43 -24.20 17.20
CA GLY D 35 68.90 -24.19 17.10
C GLY D 35 69.57 -25.27 17.93
N VAL D 36 70.66 -25.90 17.48
CA VAL D 36 71.45 -26.87 18.29
C VAL D 36 72.95 -26.50 18.40
N ASP D 37 73.32 -25.25 18.09
CA ASP D 37 74.73 -24.80 18.05
C ASP D 37 75.33 -24.93 19.46
N GLY D 38 76.45 -25.68 19.62
CA GLY D 38 77.13 -25.88 20.91
C GLY D 38 76.55 -27.02 21.74
N ALA D 39 75.50 -27.67 21.26
CA ALA D 39 74.82 -28.78 21.92
C ALA D 39 74.84 -30.07 21.06
N GLU D 40 75.83 -30.24 20.17
CA GLU D 40 75.87 -31.34 19.18
C GLU D 40 75.86 -32.72 19.86
N LYS D 41 76.49 -32.82 21.04
CA LYS D 41 76.55 -34.05 21.85
C LYS D 41 75.16 -34.51 22.29
N MET D 42 74.38 -33.66 22.95
CA MET D 42 73.00 -34.04 23.37
C MET D 42 72.05 -34.16 22.16
N ALA D 43 72.26 -33.41 21.08
CA ALA D 43 71.49 -33.53 19.86
C ALA D 43 71.61 -34.93 19.23
N LEU D 44 72.82 -35.52 19.21
CA LEU D 44 73.01 -36.89 18.71
C LEU D 44 72.31 -37.91 19.62
N VAL D 45 72.33 -37.68 20.93
CA VAL D 45 71.71 -38.54 21.95
C VAL D 45 70.18 -38.54 21.79
N VAL D 46 69.56 -37.37 21.72
CA VAL D 46 68.11 -37.26 21.60
C VAL D 46 67.61 -37.84 20.28
N LEU D 47 68.25 -37.45 19.16
CA LEU D 47 67.91 -37.91 17.83
C LEU D 47 68.06 -39.42 17.67
N LEU D 48 69.08 -40.05 18.27
CA LEU D 48 69.24 -41.51 18.23
C LEU D 48 68.15 -42.19 19.08
N ASN D 49 67.88 -41.66 20.26
CA ASN D 49 66.85 -42.16 21.17
C ASN D 49 65.45 -42.12 20.55
N LEU D 50 65.12 -41.15 19.69
CA LEU D 50 63.83 -41.11 18.99
C LEU D 50 63.55 -42.33 18.10
N THR D 51 64.54 -43.16 17.75
CA THR D 51 64.31 -44.34 16.89
C THR D 51 63.59 -45.49 17.58
N LEU D 52 63.31 -45.41 18.88
CA LEU D 52 62.58 -46.44 19.62
C LEU D 52 61.11 -46.07 19.82
N LYS D 53 60.23 -47.07 19.98
CA LYS D 53 58.81 -46.86 20.33
C LYS D 53 58.73 -46.08 21.66
N ARG D 54 57.81 -45.11 21.81
CA ARG D 54 57.65 -44.28 23.03
C ARG D 54 57.48 -45.14 24.30
N ASP D 55 56.82 -46.29 24.25
CA ASP D 55 56.63 -47.21 25.41
C ASP D 55 57.92 -47.77 26.03
N ARG D 56 59.03 -47.78 25.31
CA ARG D 56 60.33 -48.36 25.76
C ARG D 56 61.34 -47.33 26.32
N VAL D 57 61.05 -46.04 26.19
CA VAL D 57 61.98 -44.91 26.52
C VAL D 57 61.40 -44.09 27.68
N GLU D 58 62.08 -44.00 28.84
CA GLU D 58 61.67 -43.12 29.96
C GLU D 58 62.20 -41.70 29.74
N SER D 59 63.28 -41.51 28.96
CA SER D 59 63.85 -40.19 28.61
C SER D 59 64.69 -40.18 27.33
N LEU D 60 64.63 -39.11 26.52
CA LEU D 60 65.42 -38.96 25.28
C LEU D 60 66.85 -38.45 25.60
N CYS D 61 67.09 -38.13 26.87
CA CYS D 61 68.36 -37.55 27.40
C CYS D 61 69.36 -38.53 28.04
N ASP D 62 69.09 -39.84 28.02
CA ASP D 62 69.97 -40.86 28.64
C ASP D 62 71.14 -41.21 27.72
N GLU D 63 72.37 -40.77 28.04
CA GLU D 63 73.63 -40.97 27.27
C GLU D 63 73.93 -42.47 27.07
N GLY D 64 73.72 -43.26 28.13
CA GLY D 64 73.90 -44.73 28.14
C GLY D 64 73.10 -45.46 27.06
N LEU D 65 71.78 -45.25 27.01
CA LEU D 65 70.91 -45.83 25.97
C LEU D 65 71.46 -45.50 24.58
N ALA D 66 71.83 -44.24 24.34
CA ALA D 66 72.38 -43.73 23.06
C ALA D 66 73.67 -44.46 22.69
N ARG D 67 74.59 -44.61 23.65
CA ARG D 67 75.90 -45.30 23.47
C ARG D 67 75.66 -46.77 23.11
N GLN D 68 74.64 -47.38 23.71
CA GLN D 68 74.18 -48.77 23.46
C GLN D 68 73.55 -48.89 22.06
N LEU D 69 72.63 -47.99 21.70
CA LEU D 69 71.95 -47.99 20.37
C LEU D 69 72.95 -47.83 19.21
N LEU D 70 73.92 -46.93 19.38
CA LEU D 70 75.04 -46.63 18.44
C LEU D 70 75.98 -47.78 18.05
N SER D 71 76.14 -48.74 18.98
CA SER D 71 76.97 -49.96 18.86
C SER D 71 76.24 -51.05 18.06
N ASP D 72 74.94 -50.86 17.82
CA ASP D 72 74.09 -51.88 17.13
C ASP D 72 74.12 -51.51 15.64
N GLU D 73 75.07 -52.07 14.86
CA GLU D 73 75.27 -51.74 13.43
C GLU D 73 74.00 -52.04 12.63
N GLY D 74 73.28 -53.13 12.96
CA GLY D 74 71.99 -53.53 12.37
C GLY D 74 70.90 -52.47 12.52
N HIS D 75 70.67 -51.98 13.73
CA HIS D 75 69.70 -50.88 14.04
C HIS D 75 70.02 -49.64 13.21
N ILE D 76 71.30 -49.24 13.19
CA ILE D 76 71.80 -48.04 12.44
C ILE D 76 71.72 -48.30 10.93
N THR D 77 72.06 -49.51 10.49
CA THR D 77 71.96 -49.94 9.07
C THR D 77 70.51 -49.79 8.59
N ASN D 78 69.55 -50.26 9.38
CA ASN D 78 68.10 -50.14 9.09
C ASN D 78 67.71 -48.66 8.99
N CYS D 79 68.31 -47.81 9.83
CA CYS D 79 68.14 -46.33 9.80
C CYS D 79 68.79 -45.70 8.57
N LEU D 80 69.99 -46.12 8.20
CA LEU D 80 70.75 -45.60 7.02
C LEU D 80 69.94 -45.85 5.74
N HIS D 81 69.33 -47.02 5.62
CA HIS D 81 68.46 -47.43 4.48
C HIS D 81 67.27 -46.49 4.20
N THR D 82 66.68 -45.85 5.19
CA THR D 82 65.55 -44.90 5.00
C THR D 82 65.85 -43.65 4.19
N VAL D 83 67.15 -43.27 4.13
CA VAL D 83 67.71 -42.08 3.45
C VAL D 83 67.36 -42.22 1.97
N ARG D 84 67.30 -43.45 1.44
CA ARG D 84 67.11 -43.64 -0.01
C ARG D 84 65.77 -43.06 -0.56
N TRP D 85 64.80 -42.81 0.32
CA TRP D 85 63.46 -42.29 -0.01
C TRP D 85 63.12 -40.91 0.57
N LEU D 86 64.12 -40.12 1.01
CA LEU D 86 63.91 -38.70 1.43
C LEU D 86 63.53 -37.93 0.16
N HIS D 87 62.59 -36.97 0.21
CA HIS D 87 62.08 -36.28 -1.00
C HIS D 87 61.80 -34.79 -0.69
N THR D 88 61.59 -33.94 -1.70
CA THR D 88 61.25 -32.50 -1.53
C THR D 88 59.75 -32.33 -1.86
N HIS D 89 59.25 -33.19 -2.75
CA HIS D 89 57.85 -33.24 -3.25
C HIS D 89 57.33 -34.68 -3.08
N ASN D 90 56.08 -34.86 -2.61
CA ASN D 90 55.50 -36.19 -2.25
C ASN D 90 54.46 -36.72 -3.27
N LEU D 91 54.85 -37.59 -4.21
CA LEU D 91 54.02 -38.18 -5.29
C LEU D 91 52.86 -39.05 -4.76
N LYS D 92 52.97 -39.59 -3.54
CA LYS D 92 51.89 -40.36 -2.85
C LYS D 92 50.88 -39.54 -2.04
N TYR D 93 51.07 -38.23 -1.80
CA TYR D 93 50.20 -37.56 -0.83
C TYR D 93 48.68 -37.85 -0.85
N PRO D 94 47.95 -37.65 -1.95
CA PRO D 94 46.50 -37.79 -1.92
C PRO D 94 46.05 -39.26 -1.94
N ASP D 95 46.95 -40.20 -2.25
CA ASP D 95 46.60 -41.60 -2.53
C ASP D 95 47.80 -42.54 -2.37
N ALA D 96 47.79 -43.30 -1.29
CA ALA D 96 48.86 -44.20 -0.88
C ALA D 96 49.18 -45.30 -1.90
N ARG D 97 48.28 -45.58 -2.84
CA ARG D 97 48.44 -46.60 -3.88
C ARG D 97 49.53 -46.24 -4.89
N VAL D 98 49.94 -44.98 -5.05
CA VAL D 98 50.95 -44.64 -6.08
C VAL D 98 52.27 -45.35 -5.79
N SER D 99 52.83 -46.11 -6.74
CA SER D 99 54.10 -46.84 -6.56
C SER D 99 55.18 -46.40 -7.55
N GLY D 100 56.46 -46.36 -7.11
CA GLY D 100 57.60 -45.96 -7.95
C GLY D 100 58.67 -45.19 -7.18
N GLU D 101 59.37 -44.26 -7.84
CA GLU D 101 60.54 -43.48 -7.32
C GLU D 101 60.15 -42.16 -6.64
N ARG D 102 61.07 -41.62 -5.82
CA ARG D 102 61.01 -40.30 -5.11
C ARG D 102 61.22 -39.15 -6.11
N LEU D 103 61.03 -37.89 -5.66
CA LEU D 103 61.19 -36.67 -6.50
C LEU D 103 61.94 -35.55 -5.73
N ILE D 104 63.14 -35.13 -6.17
CA ILE D 104 63.96 -34.12 -5.48
C ILE D 104 64.28 -32.98 -6.46
N ILE D 105 63.65 -31.82 -6.30
CA ILE D 105 63.77 -30.69 -7.23
C ILE D 105 63.87 -29.36 -6.46
N ASN D 106 64.76 -28.48 -6.89
CA ASN D 106 64.89 -27.13 -6.34
C ASN D 106 63.65 -26.30 -6.72
N ALA D 107 63.17 -25.44 -5.82
CA ALA D 107 61.95 -24.66 -6.02
C ALA D 107 62.01 -23.77 -7.29
N PRO D 108 60.93 -23.70 -8.09
CA PRO D 108 60.88 -22.90 -9.30
C PRO D 108 61.16 -21.40 -9.02
N PRO D 109 61.60 -20.63 -10.02
CA PRO D 109 61.77 -19.18 -9.89
C PRO D 109 60.46 -18.49 -9.46
N LEU D 110 60.56 -17.46 -8.61
CA LEU D 110 59.40 -16.72 -8.11
C LEU D 110 58.66 -15.97 -9.24
N ILE D 111 57.34 -16.13 -9.26
CA ILE D 111 56.41 -15.41 -10.14
C ILE D 111 55.73 -14.34 -9.27
N PRO D 112 55.83 -13.04 -9.56
CA PRO D 112 55.26 -12.01 -8.68
C PRO D 112 53.79 -12.21 -8.27
N GLY D 113 52.96 -12.78 -9.14
CA GLY D 113 51.52 -12.95 -8.88
C GLY D 113 51.08 -14.30 -8.28
N VAL D 114 52.01 -15.18 -7.89
CA VAL D 114 51.70 -16.54 -7.39
C VAL D 114 52.38 -16.88 -6.07
N ILE D 115 51.62 -17.46 -5.15
CA ILE D 115 52.12 -18.06 -3.90
C ILE D 115 52.55 -19.51 -4.18
N SER D 116 53.78 -19.87 -3.86
CA SER D 116 54.38 -21.17 -4.17
C SER D 116 55.59 -21.44 -3.26
N SER D 117 56.27 -22.58 -3.43
CA SER D 117 57.50 -22.88 -2.67
C SER D 117 58.71 -22.02 -3.06
N ALA D 118 58.64 -21.20 -4.12
CA ALA D 118 59.75 -20.40 -4.61
C ALA D 118 60.37 -19.47 -3.55
N GLY D 119 59.55 -18.97 -2.61
CA GLY D 119 59.99 -18.06 -1.55
C GLY D 119 60.43 -18.74 -0.25
N LEU D 120 60.49 -20.08 -0.21
CA LEU D 120 60.79 -20.86 0.99
C LEU D 120 62.18 -21.52 0.92
N PRO D 121 62.85 -21.70 2.06
CA PRO D 121 64.09 -22.47 2.13
C PRO D 121 63.98 -23.98 1.90
N MET D 122 65.08 -24.62 1.49
CA MET D 122 65.15 -26.10 1.25
C MET D 122 64.88 -27.06 2.40
N ARG D 123 63.86 -27.94 2.33
CA ARG D 123 63.53 -28.96 3.37
C ARG D 123 63.17 -30.32 2.74
N MET D 124 63.42 -31.44 3.43
CA MET D 124 63.08 -32.81 2.97
C MET D 124 62.21 -33.56 4.01
N GLY D 125 61.42 -34.52 3.53
CA GLY D 125 60.55 -35.44 4.29
C GLY D 125 60.70 -36.92 3.93
N TRP D 126 59.97 -37.83 4.59
CA TRP D 126 60.02 -39.29 4.27
C TRP D 126 58.75 -40.13 4.13
N ALA D 127 58.63 -40.95 3.05
CA ALA D 127 57.48 -41.84 2.73
C ALA D 127 57.53 -43.14 1.90
N HIS D 128 57.90 -44.30 2.45
CA HIS D 128 58.24 -45.51 1.64
C HIS D 128 57.34 -46.72 1.93
N ASP D 129 57.48 -47.43 3.06
CA ASP D 129 56.72 -48.68 3.33
C ASP D 129 55.78 -48.65 4.55
N SER D 130 55.74 -47.54 5.31
CA SER D 130 54.91 -47.22 6.52
C SER D 130 55.44 -47.87 7.81
N SER D 131 56.59 -48.55 7.80
CA SER D 131 57.15 -49.24 9.01
C SER D 131 58.44 -48.51 9.41
N ASP D 132 58.78 -47.39 8.77
CA ASP D 132 60.02 -46.62 9.06
C ASP D 132 59.79 -45.27 9.79
N ILE D 133 58.63 -45.17 10.45
CA ILE D 133 58.20 -43.96 11.22
C ILE D 133 59.24 -43.52 12.26
N ASN D 134 59.79 -44.48 13.02
CA ASN D 134 60.78 -44.22 14.11
C ASN D 134 62.21 -44.25 13.55
N LEU D 135 62.58 -45.33 12.84
CA LEU D 135 63.93 -45.54 12.25
C LEU D 135 64.36 -44.42 11.30
N ALA D 136 63.45 -43.88 10.48
CA ALA D 136 63.67 -42.68 9.65
C ALA D 136 64.00 -41.40 10.44
N LYS D 137 63.62 -41.26 11.71
CA LYS D 137 63.85 -39.99 12.48
C LYS D 137 65.34 -39.67 12.74
N LEU D 138 66.25 -40.65 12.78
CA LEU D 138 67.69 -40.39 13.00
C LEU D 138 68.28 -39.47 11.91
N PHE D 139 68.01 -39.68 10.62
CA PHE D 139 68.68 -38.85 9.60
C PHE D 139 67.79 -37.77 8.96
N GLY D 140 66.46 -37.94 8.97
CA GLY D 140 65.53 -37.08 8.25
C GLY D 140 64.97 -35.95 9.10
N THR D 141 65.38 -35.84 10.36
CA THR D 141 64.89 -34.80 11.27
C THR D 141 65.73 -33.54 11.09
N SER D 142 65.10 -32.41 10.77
CA SER D 142 65.82 -31.16 10.52
C SER D 142 66.05 -30.36 11.81
N PHE D 143 66.96 -29.39 11.77
CA PHE D 143 67.23 -28.43 12.85
C PHE D 143 68.02 -27.23 12.32
N ARG D 144 68.06 -26.12 13.07
CA ARG D 144 68.81 -24.91 12.71
C ARG D 144 70.26 -25.02 13.21
N TYR D 145 71.24 -24.81 12.35
CA TYR D 145 72.67 -24.94 12.69
C TYR D 145 73.51 -23.97 11.88
N ARG D 146 74.48 -23.30 12.53
CA ARG D 146 75.28 -22.22 11.92
C ARG D 146 74.41 -21.12 11.26
N ASP D 147 73.22 -20.93 11.84
CA ASP D 147 72.14 -20.06 11.40
C ASP D 147 71.59 -20.37 9.99
N ASP D 148 71.40 -21.65 9.68
CA ASP D 148 70.76 -22.12 8.45
C ASP D 148 69.98 -23.43 8.70
N SER D 149 69.20 -23.90 7.73
CA SER D 149 68.40 -25.11 7.87
C SER D 149 69.12 -26.33 7.32
N THR D 150 69.35 -27.32 8.17
CA THR D 150 70.09 -28.55 7.84
C THR D 150 69.45 -29.75 8.54
N ASN D 151 70.09 -30.91 8.48
CA ASN D 151 69.72 -32.13 9.16
C ASN D 151 70.94 -33.03 9.41
N LEU D 152 70.85 -34.15 10.13
CA LEU D 152 72.03 -35.01 10.39
C LEU D 152 72.69 -35.60 9.12
N ALA D 153 71.92 -36.12 8.16
CA ALA D 153 72.48 -36.69 6.93
C ALA D 153 73.38 -35.72 6.16
N LEU D 154 72.95 -34.46 6.04
CA LEU D 154 73.70 -33.43 5.32
C LEU D 154 75.01 -33.07 6.02
N GLN D 155 75.03 -32.93 7.35
CA GLN D 155 76.25 -32.58 8.09
C GLN D 155 77.30 -33.67 8.00
N LEU D 156 76.91 -34.94 8.03
CA LEU D 156 77.85 -36.06 7.91
C LEU D 156 78.34 -36.22 6.45
N VAL D 157 77.46 -36.14 5.44
CA VAL D 157 77.87 -36.22 4.03
C VAL D 157 78.82 -35.08 3.65
N ALA D 158 78.60 -33.87 4.14
CA ALA D 158 79.46 -32.71 3.91
C ALA D 158 80.77 -32.72 4.73
N ARG D 159 81.02 -33.74 5.55
CA ARG D 159 82.20 -33.87 6.43
C ARG D 159 82.34 -32.74 7.46
N SER D 160 81.25 -32.45 8.18
CA SER D 160 81.19 -31.45 9.25
C SER D 160 81.87 -31.96 10.54
N LYS D 161 83.10 -31.49 10.80
CA LYS D 161 83.97 -32.06 11.84
C LYS D 161 83.40 -32.01 13.26
N THR D 162 82.68 -30.95 13.65
CA THR D 162 82.11 -30.83 15.00
C THR D 162 81.16 -31.98 15.33
N TRP D 163 80.29 -32.34 14.38
CA TRP D 163 79.35 -33.45 14.53
C TRP D 163 80.09 -34.79 14.56
N GLU D 164 81.10 -34.97 13.70
CA GLU D 164 81.89 -36.20 13.67
C GLU D 164 82.68 -36.41 14.96
N GLN D 165 83.26 -35.36 15.53
CA GLN D 165 84.01 -35.42 16.79
C GLN D 165 83.10 -35.84 17.97
N ALA D 166 81.90 -35.26 18.07
CA ALA D 166 80.91 -35.67 19.06
C ALA D 166 80.44 -37.12 18.86
N LEU D 167 80.22 -37.55 17.61
CA LEU D 167 79.75 -38.90 17.27
C LEU D 167 80.78 -39.99 17.59
N ILE D 168 82.06 -39.76 17.27
CA ILE D 168 83.18 -40.63 17.67
C ILE D 168 83.30 -40.65 19.21
N GLY D 169 83.19 -39.50 19.88
CA GLY D 169 83.17 -39.40 21.35
C GLY D 169 82.07 -40.22 22.03
N LEU D 170 80.90 -40.37 21.39
CA LEU D 170 79.78 -41.17 21.90
C LEU D 170 79.99 -42.70 21.69
N GLY D 171 81.11 -43.13 21.10
CA GLY D 171 81.51 -44.53 21.01
C GLY D 171 81.67 -45.10 19.60
N LEU D 172 81.47 -44.30 18.55
CA LEU D 172 81.63 -44.78 17.17
C LEU D 172 83.13 -44.92 16.79
N THR D 173 83.51 -46.05 16.20
CA THR D 173 84.88 -46.31 15.70
C THR D 173 85.18 -45.47 14.46
N GLN D 174 86.35 -44.82 14.33
CA GLN D 174 86.68 -44.03 13.13
C GLN D 174 86.42 -44.79 11.82
N GLN D 175 86.77 -46.07 11.77
CA GLN D 175 86.54 -46.95 10.62
C GLN D 175 85.04 -47.12 10.29
N GLN D 176 84.15 -47.19 11.29
CA GLN D 176 82.71 -47.26 11.05
C GLN D 176 82.22 -45.94 10.43
N LEU D 177 82.70 -44.79 10.89
CA LEU D 177 82.35 -43.48 10.32
C LEU D 177 82.87 -43.31 8.87
N ASP D 178 84.12 -43.67 8.61
CA ASP D 178 84.73 -43.61 7.27
C ASP D 178 83.93 -44.40 6.21
N ILE D 179 83.42 -45.60 6.55
CA ILE D 179 82.43 -46.31 5.73
C ILE D 179 81.02 -45.75 5.53
N TRP D 180 80.38 -45.30 6.61
CA TRP D 180 79.08 -44.61 6.57
C TRP D 180 78.95 -43.28 5.74
N CYS D 181 80.04 -42.49 5.81
CA CYS D 181 80.12 -41.20 5.11
C CYS D 181 79.89 -41.58 3.64
N GLN D 182 80.44 -42.72 3.18
CA GLN D 182 80.35 -43.13 1.78
C GLN D 182 78.97 -43.69 1.42
N LEU D 183 78.45 -44.62 2.21
CA LEU D 183 77.14 -45.22 1.98
C LEU D 183 76.01 -44.19 2.16
N LEU D 184 76.10 -43.36 3.20
CA LEU D 184 75.16 -42.27 3.46
C LEU D 184 75.14 -41.27 2.31
N ALA D 185 76.29 -40.82 1.82
CA ALA D 185 76.35 -39.95 0.64
C ALA D 185 75.76 -40.62 -0.61
N SER D 186 76.09 -41.89 -0.85
CA SER D 186 75.64 -42.64 -2.05
C SER D 186 74.11 -42.68 -2.22
N ASN D 187 73.41 -42.87 -1.09
CA ASN D 187 71.95 -42.89 -1.03
C ASN D 187 71.30 -41.57 -1.48
N LEU D 188 72.02 -40.44 -1.46
CA LEU D 188 71.51 -39.13 -1.87
C LEU D 188 72.02 -38.72 -3.28
N GLU D 189 72.75 -39.59 -3.96
CA GLU D 189 73.35 -39.28 -5.29
C GLU D 189 72.65 -39.79 -6.56
N ASN D 190 71.44 -40.34 -6.49
CA ASN D 190 70.74 -40.88 -7.68
C ASN D 190 69.26 -41.02 -7.42
N ASN D 191 68.47 -41.45 -8.43
CA ASN D 191 67.01 -41.69 -8.32
C ASN D 191 66.31 -40.43 -7.79
N THR D 192 66.51 -39.29 -8.44
CA THR D 192 65.93 -37.99 -8.00
C THR D 192 64.73 -37.66 -8.90
N PHE D 193 64.61 -38.31 -10.07
CA PHE D 193 63.45 -38.14 -10.98
C PHE D 193 62.84 -39.50 -11.37
N PRO D 194 61.51 -39.72 -11.32
CA PRO D 194 60.91 -40.99 -11.77
C PRO D 194 61.25 -41.36 -13.23
N THR D 195 61.52 -42.64 -13.51
CA THR D 195 61.77 -43.20 -14.87
C THR D 195 60.55 -43.18 -15.79
N VAL D 196 59.37 -43.55 -15.28
CA VAL D 196 58.09 -43.71 -16.04
C VAL D 196 57.00 -42.95 -15.31
N VAL D 197 55.84 -42.67 -15.93
CA VAL D 197 54.72 -42.07 -15.15
C VAL D 197 53.99 -43.22 -14.42
N SER D 198 53.82 -43.14 -13.09
CA SER D 198 53.14 -44.21 -12.35
C SER D 198 51.65 -44.34 -12.72
N PRO D 199 51.08 -45.56 -12.84
CA PRO D 199 49.71 -45.82 -13.27
C PRO D 199 48.61 -45.21 -12.40
N PHE D 200 48.88 -44.87 -11.14
CA PHE D 200 47.88 -44.24 -10.27
C PHE D 200 48.03 -42.72 -10.12
N SER D 201 48.93 -42.08 -10.88
CA SER D 201 49.10 -40.63 -10.84
C SER D 201 48.03 -39.93 -11.67
N LYS D 202 47.90 -38.62 -11.48
CA LYS D 202 46.98 -37.78 -12.26
C LYS D 202 47.63 -37.34 -13.55
N GLN D 203 46.86 -37.20 -14.65
CA GLN D 203 47.35 -36.59 -15.93
C GLN D 203 46.25 -35.66 -16.51
N VAL D 204 46.53 -34.35 -16.77
CA VAL D 204 45.62 -33.39 -17.41
C VAL D 204 46.30 -32.67 -18.55
N ARG D 205 45.63 -32.35 -19.69
CA ARG D 205 46.29 -31.67 -20.84
C ARG D 205 45.66 -30.39 -21.37
N PHE D 206 46.53 -29.43 -21.68
CA PHE D 206 46.20 -28.06 -22.13
C PHE D 206 47.13 -27.65 -23.28
N LEU D 207 46.79 -26.58 -24.01
CA LEU D 207 47.69 -25.99 -25.00
C LEU D 207 48.83 -25.18 -24.35
N TYR D 208 50.04 -25.37 -24.86
CA TYR D 208 51.29 -24.73 -24.47
C TYR D 208 52.14 -24.48 -25.72
N GLN D 209 52.53 -23.22 -25.99
CA GLN D 209 53.33 -22.86 -27.17
C GLN D 209 52.78 -23.42 -28.50
N GLY D 210 51.45 -23.36 -28.67
CA GLY D 210 50.77 -23.81 -29.88
C GLY D 210 50.43 -25.30 -29.95
N ASN D 211 50.74 -26.14 -28.97
CA ASN D 211 50.45 -27.58 -29.00
C ASN D 211 50.11 -28.13 -27.60
N TYR D 212 49.70 -29.39 -27.45
CA TYR D 212 49.27 -29.98 -26.19
C TYR D 212 50.43 -30.60 -25.39
N CYS D 213 50.34 -30.53 -24.07
CA CYS D 213 51.28 -31.11 -23.13
C CYS D 213 50.51 -31.65 -21.92
N VAL D 214 50.93 -32.79 -21.38
CA VAL D 214 50.28 -33.37 -20.21
C VAL D 214 50.99 -32.90 -18.96
N VAL D 215 50.24 -32.47 -17.96
CA VAL D 215 50.74 -31.93 -16.70
C VAL D 215 50.38 -32.86 -15.55
N THR D 216 51.32 -33.19 -14.68
CA THR D 216 51.00 -33.94 -13.46
C THR D 216 51.40 -33.12 -12.26
N PRO D 217 50.45 -32.71 -11.40
CA PRO D 217 50.76 -31.93 -10.23
C PRO D 217 51.38 -32.80 -9.13
N VAL D 218 52.08 -32.18 -8.18
CA VAL D 218 52.59 -32.83 -6.97
C VAL D 218 52.63 -31.84 -5.80
N VAL D 219 52.43 -32.31 -4.56
CA VAL D 219 52.36 -31.43 -3.39
C VAL D 219 53.76 -31.12 -2.86
N SER D 220 54.01 -29.88 -2.48
CA SER D 220 55.30 -29.47 -1.96
C SER D 220 55.36 -29.72 -0.46
N HIS D 221 56.39 -30.41 0.03
CA HIS D 221 56.55 -30.72 1.47
C HIS D 221 56.70 -29.42 2.24
N ALA D 222 57.62 -28.55 1.85
CA ALA D 222 57.95 -27.34 2.60
C ALA D 222 56.76 -26.40 2.76
N LEU D 223 56.00 -26.23 1.68
CA LEU D 223 54.84 -25.36 1.59
C LEU D 223 53.68 -25.87 2.45
N LEU D 224 53.35 -27.15 2.40
CA LEU D 224 52.28 -27.68 3.26
C LEU D 224 52.63 -27.61 4.74
N ALA D 225 53.85 -27.99 5.11
CA ALA D 225 54.27 -27.96 6.50
C ALA D 225 54.19 -26.54 7.10
N GLN D 226 54.57 -25.51 6.34
CA GLN D 226 54.46 -24.13 6.83
C GLN D 226 52.99 -23.74 7.06
N LEU D 227 52.10 -24.04 6.13
CA LEU D 227 50.68 -23.73 6.26
C LEU D 227 50.09 -24.29 7.55
N GLN D 228 50.50 -25.48 8.01
CA GLN D 228 49.96 -26.04 9.24
C GLN D 228 50.23 -25.16 10.45
N ASN D 229 51.34 -24.45 10.46
CA ASN D 229 51.70 -23.54 11.53
C ASN D 229 51.02 -22.18 11.36
N VAL D 230 51.02 -21.61 10.16
CA VAL D 230 50.48 -20.26 9.96
C VAL D 230 48.99 -20.17 10.28
N VAL D 231 48.14 -21.11 9.86
CA VAL D 231 46.70 -20.97 10.10
C VAL D 231 46.36 -20.96 11.58
N HIS D 232 47.13 -21.66 12.42
CA HIS D 232 46.86 -21.71 13.85
C HIS D 232 47.42 -20.47 14.57
N GLU D 233 48.54 -19.93 14.11
CA GLU D 233 49.16 -18.73 14.70
C GLU D 233 48.50 -17.41 14.29
N LYS D 234 48.12 -17.25 13.02
CA LYS D 234 47.52 -16.03 12.46
C LYS D 234 45.99 -16.01 12.53
N LYS D 235 45.42 -17.09 13.05
CA LYS D 235 43.98 -17.30 13.21
C LYS D 235 43.15 -17.22 11.92
N LEU D 236 43.53 -18.01 10.93
CA LEU D 236 42.91 -17.98 9.60
C LEU D 236 41.73 -18.96 9.57
N GLN D 237 40.80 -18.78 8.65
CA GLN D 237 39.66 -19.69 8.49
C GLN D 237 40.14 -21.01 7.89
N CYS D 238 39.85 -22.11 8.56
CA CYS D 238 40.36 -23.41 8.15
C CYS D 238 39.49 -24.57 8.60
N THR D 239 39.74 -25.74 8.02
CA THR D 239 39.13 -27.03 8.37
C THR D 239 40.17 -28.13 8.29
N TYR D 240 39.78 -29.38 8.46
CA TYR D 240 40.71 -30.50 8.53
C TYR D 240 40.30 -31.63 7.59
N ILE D 241 41.25 -32.25 6.92
CA ILE D 241 41.04 -33.39 6.04
C ILE D 241 41.60 -34.64 6.70
N HIS D 242 40.88 -35.77 6.75
CA HIS D 242 41.32 -37.00 7.46
C HIS D 242 42.04 -37.92 6.48
N HIS D 243 42.99 -38.72 6.96
CA HIS D 243 43.66 -39.79 6.18
C HIS D 243 43.66 -41.05 7.05
N ASP D 244 43.18 -42.17 6.51
CA ASP D 244 43.23 -43.51 7.16
C ASP D 244 44.66 -43.99 7.01
N HIS D 245 45.18 -44.79 7.95
CA HIS D 245 46.56 -45.34 7.89
C HIS D 245 47.59 -44.23 7.65
N PRO D 246 47.73 -43.20 8.50
CA PRO D 246 48.66 -42.11 8.28
C PRO D 246 50.10 -42.52 7.96
N ALA D 247 50.58 -43.62 8.54
CA ALA D 247 51.95 -44.13 8.34
C ALA D 247 52.19 -44.47 6.87
N SER D 248 51.14 -44.81 6.11
CA SER D 248 51.24 -45.18 4.67
C SER D 248 51.27 -43.96 3.74
N VAL D 249 51.04 -42.74 4.24
CA VAL D 249 51.05 -41.51 3.38
C VAL D 249 52.30 -40.65 3.59
N GLY D 250 52.81 -40.43 4.81
CA GLY D 250 54.05 -39.63 4.94
C GLY D 250 54.36 -39.09 6.33
N SER D 251 55.60 -38.66 6.53
CA SER D 251 56.16 -38.08 7.77
C SER D 251 55.18 -37.10 8.40
N LEU D 252 54.76 -36.08 7.65
CA LEU D 252 53.92 -35.02 8.19
C LEU D 252 52.52 -35.48 8.58
N VAL D 253 51.86 -36.24 7.73
CA VAL D 253 50.52 -36.76 7.97
C VAL D 253 50.50 -37.66 9.20
N GLY D 254 51.50 -38.52 9.35
CA GLY D 254 51.67 -39.33 10.56
C GLY D 254 51.84 -38.47 11.82
N ALA D 255 52.76 -37.51 11.79
CA ALA D 255 53.02 -36.63 12.92
C ALA D 255 51.76 -35.86 13.36
N LEU D 256 50.89 -35.50 12.41
CA LEU D 256 49.64 -34.79 12.63
C LEU D 256 48.47 -35.71 13.02
N GLY D 257 48.69 -37.02 13.18
CA GLY D 257 47.68 -37.99 13.59
C GLY D 257 46.61 -38.30 12.55
N GLY D 258 46.87 -38.06 11.27
CA GLY D 258 45.91 -38.25 10.18
C GLY D 258 44.96 -37.08 9.94
N LYS D 259 45.13 -35.94 10.61
CA LYS D 259 44.28 -34.75 10.44
C LYS D 259 45.14 -33.61 9.90
N VAL D 260 44.87 -33.09 8.71
CA VAL D 260 45.70 -32.03 8.09
C VAL D 260 44.85 -30.80 7.86
N ALA D 261 45.32 -29.62 8.22
CA ALA D 261 44.55 -28.40 8.09
C ALA D 261 44.68 -27.79 6.69
N VAL D 262 43.58 -27.23 6.18
CA VAL D 262 43.52 -26.48 4.92
C VAL D 262 42.75 -25.18 5.09
N LEU D 263 42.94 -24.22 4.18
CA LEU D 263 42.24 -22.93 4.20
C LEU D 263 40.79 -23.10 3.78
N ASP D 264 39.88 -22.30 4.32
CA ASP D 264 38.46 -22.34 3.99
C ASP D 264 37.91 -20.93 3.78
N TYR D 265 37.76 -20.52 2.52
CA TYR D 265 37.29 -19.20 2.15
C TYR D 265 36.17 -19.27 1.11
N PRO D 266 34.91 -19.52 1.53
CA PRO D 266 33.78 -19.61 0.63
C PRO D 266 33.38 -18.23 0.09
N PRO D 267 32.64 -18.15 -1.03
CA PRO D 267 32.13 -16.88 -1.56
C PRO D 267 30.98 -16.30 -0.69
N PRO D 268 30.77 -14.98 -0.66
CA PRO D 268 29.70 -14.31 0.11
C PRO D 268 28.32 -14.38 -0.58
N VAL D 269 27.76 -15.58 -0.75
CA VAL D 269 26.47 -15.80 -1.44
C VAL D 269 25.35 -16.20 -0.48
N TYR D 439 28.88 -12.01 -28.31
CA TYR D 439 28.78 -12.51 -26.95
C TYR D 439 27.69 -13.58 -26.80
N LEU D 440 28.02 -14.66 -26.10
CA LEU D 440 27.15 -15.82 -25.87
C LEU D 440 26.78 -15.91 -24.39
N HIS D 441 25.48 -15.82 -24.08
CA HIS D 441 24.94 -15.77 -22.72
C HIS D 441 24.26 -17.11 -22.37
N LEU D 442 24.86 -17.89 -21.46
CA LEU D 442 24.30 -19.16 -20.99
C LEU D 442 23.67 -18.98 -19.60
N SER D 443 22.35 -19.17 -19.51
CA SER D 443 21.56 -18.86 -18.32
C SER D 443 20.95 -20.08 -17.65
N GLY D 444 20.92 -20.12 -16.30
CA GLY D 444 20.17 -21.11 -15.53
C GLY D 444 20.85 -22.47 -15.30
N LEU D 445 22.14 -22.61 -15.62
CA LEU D 445 22.86 -23.87 -15.48
C LEU D 445 22.98 -24.34 -14.02
N THR D 446 22.78 -25.64 -13.81
CA THR D 446 22.79 -26.30 -12.52
C THR D 446 23.87 -27.35 -12.54
N VAL D 447 24.69 -27.41 -11.50
CA VAL D 447 25.72 -28.44 -11.36
C VAL D 447 25.51 -29.20 -10.07
N TYR D 448 25.51 -30.53 -10.14
CA TYR D 448 25.37 -31.38 -8.98
C TYR D 448 26.72 -31.97 -8.58
N ASP D 449 27.01 -32.02 -7.28
CA ASP D 449 28.22 -32.63 -6.75
C ASP D 449 29.55 -32.10 -7.32
N ALA D 450 29.73 -30.78 -7.47
CA ALA D 450 30.98 -30.22 -7.94
C ALA D 450 32.07 -30.38 -6.87
N SER D 451 33.32 -30.51 -7.26
CA SER D 451 34.42 -30.63 -6.31
C SER D 451 34.75 -29.27 -5.70
N ALA D 452 34.51 -29.12 -4.39
CA ALA D 452 34.71 -27.89 -3.65
C ALA D 452 36.15 -27.71 -3.16
N LEU D 453 36.99 -28.74 -3.29
CA LEU D 453 38.40 -28.70 -2.88
C LEU D 453 39.26 -28.43 -4.12
N ALA D 454 39.62 -27.17 -4.31
CA ALA D 454 40.31 -26.70 -5.51
C ALA D 454 41.72 -27.29 -5.67
N ASN D 455 42.50 -27.26 -4.60
CA ASN D 455 43.86 -27.79 -4.46
C ASN D 455 43.99 -28.34 -3.04
N PRO D 456 44.97 -29.20 -2.74
CA PRO D 456 45.14 -29.75 -1.41
C PRO D 456 45.30 -28.71 -0.29
N TYR D 457 45.57 -27.44 -0.61
CA TYR D 457 45.75 -26.35 0.38
C TYR D 457 44.51 -25.51 0.65
N LEU D 458 43.49 -25.52 -0.22
CA LEU D 458 42.41 -24.54 -0.19
C LEU D 458 41.03 -25.11 -0.57
N CYS D 459 40.03 -24.84 0.26
CA CYS D 459 38.63 -25.07 0.00
C CYS D 459 37.95 -23.75 -0.38
N GLY D 460 36.93 -23.78 -1.24
CA GLY D 460 36.22 -22.56 -1.61
C GLY D 460 35.63 -22.63 -3.01
N ILE D 461 35.89 -21.61 -3.82
CA ILE D 461 35.41 -21.53 -5.21
C ILE D 461 36.17 -22.59 -6.04
N PRO D 462 35.50 -23.41 -6.87
CA PRO D 462 36.14 -24.44 -7.69
C PRO D 462 37.29 -23.89 -8.55
N SER D 463 38.33 -24.69 -8.74
CA SER D 463 39.55 -24.27 -9.45
C SER D 463 39.27 -23.59 -10.79
N LEU D 464 39.84 -22.41 -11.04
CA LEU D 464 39.62 -21.71 -12.32
C LEU D 464 40.18 -22.51 -13.50
N SER D 465 41.19 -23.35 -13.29
CA SER D 465 41.81 -24.16 -14.39
C SER D 465 40.73 -25.04 -15.05
N ALA D 466 39.77 -25.50 -14.24
CA ALA D 466 38.59 -26.29 -14.67
C ALA D 466 37.59 -25.55 -15.57
N LEU D 467 37.35 -24.26 -15.34
CA LEU D 467 36.44 -23.46 -16.21
C LEU D 467 37.07 -23.17 -17.59
N ALA D 468 38.37 -22.90 -17.60
CA ALA D 468 39.12 -22.60 -18.83
C ALA D 468 38.98 -23.92 -19.59
N GLY D 469 39.17 -25.04 -18.88
CA GLY D 469 39.08 -26.38 -19.52
C GLY D 469 37.75 -26.56 -20.22
N PHE D 470 36.65 -26.34 -19.47
CA PHE D 470 35.24 -26.41 -19.93
C PHE D 470 35.05 -25.58 -21.20
N CYS D 471 35.54 -24.33 -21.26
CA CYS D 471 35.30 -23.39 -22.39
C CYS D 471 35.77 -24.05 -23.70
N HIS D 472 36.96 -24.65 -23.61
CA HIS D 472 37.65 -25.33 -24.71
C HIS D 472 37.03 -26.66 -25.20
N ASP D 473 36.62 -27.56 -24.30
CA ASP D 473 35.95 -28.79 -24.70
C ASP D 473 34.65 -28.41 -25.44
N TYR D 474 33.97 -27.35 -24.97
CA TYR D 474 32.75 -26.81 -25.60
C TYR D 474 33.02 -26.24 -27.02
N GLU D 475 34.08 -25.44 -27.15
CA GLU D 475 34.62 -24.98 -28.42
C GLU D 475 34.98 -26.05 -29.47
N ARG D 476 35.66 -27.13 -29.04
CA ARG D 476 35.99 -28.28 -29.92
C ARG D 476 34.75 -29.01 -30.42
N ARG D 477 33.78 -29.25 -29.55
CA ARG D 477 32.52 -29.89 -29.92
C ARG D 477 31.77 -29.05 -30.96
N LEU D 478 31.66 -27.74 -30.75
CA LEU D 478 31.01 -26.83 -31.70
C LEU D 478 31.74 -26.77 -33.05
N GLN D 479 33.07 -26.70 -33.03
CA GLN D 479 33.91 -26.68 -34.23
C GLN D 479 33.74 -27.93 -35.12
N SER D 480 33.49 -29.11 -34.54
CA SER D 480 33.20 -30.32 -35.31
C SER D 480 31.81 -30.31 -35.96
N LEU D 481 30.94 -29.35 -35.59
CA LEU D 481 29.58 -29.21 -36.09
C LEU D 481 29.46 -28.13 -37.19
N ILE D 482 30.15 -27.01 -37.01
CA ILE D 482 30.13 -25.83 -37.91
C ILE D 482 31.42 -25.76 -38.74
N GLY D 483 31.31 -25.74 -40.07
CA GLY D 483 32.47 -25.71 -40.96
C GLY D 483 33.40 -24.51 -40.79
N GLN D 484 32.86 -23.36 -40.36
CA GLN D 484 33.64 -22.13 -40.14
C GLN D 484 34.50 -22.19 -38.88
N SER D 485 35.67 -21.55 -38.88
CA SER D 485 36.48 -21.40 -37.68
C SER D 485 35.76 -20.57 -36.62
N VAL D 486 35.70 -21.04 -35.37
CA VAL D 486 35.11 -20.34 -34.21
C VAL D 486 36.11 -20.30 -33.06
N TYR D 487 36.36 -19.14 -32.43
CA TYR D 487 37.36 -19.02 -31.33
C TYR D 487 36.95 -18.20 -30.10
N PHE D 488 37.15 -18.72 -28.87
CA PHE D 488 36.81 -18.02 -27.60
C PHE D 488 37.87 -17.18 -26.86
N ARG D 489 37.88 -15.84 -27.04
CA ARG D 489 38.91 -14.93 -26.49
C ARG D 489 38.83 -14.94 -24.96
N GLY D 490 37.65 -14.76 -24.35
CA GLY D 490 37.49 -14.67 -22.90
C GLY D 490 36.33 -15.48 -22.32
N LEU D 491 36.24 -15.64 -20.98
CA LEU D 491 35.14 -16.35 -20.28
C LEU D 491 34.81 -15.69 -18.93
N ALA D 492 33.54 -15.37 -18.65
CA ALA D 492 33.10 -14.69 -17.41
C ALA D 492 32.34 -15.67 -16.52
N TRP D 493 32.37 -15.46 -15.19
CA TRP D 493 31.73 -16.35 -14.19
C TRP D 493 30.84 -15.55 -13.22
N TYR D 494 29.56 -15.94 -13.05
CA TYR D 494 28.59 -15.33 -12.09
C TYR D 494 28.02 -16.37 -11.11
N LEU D 495 27.99 -16.09 -9.80
CA LEU D 495 27.44 -17.01 -8.77
C LEU D 495 26.08 -16.70 -8.10
N GLY D 496 25.00 -17.44 -8.42
CA GLY D 496 23.65 -17.19 -7.89
C GLY D 496 23.30 -18.06 -6.70
N ARG D 497 23.80 -19.30 -6.64
CA ARG D 497 23.55 -20.26 -5.54
C ARG D 497 24.85 -21.02 -5.21
N TYR D 498 25.13 -21.30 -3.93
CA TYR D 498 26.33 -22.05 -3.47
C TYR D 498 25.97 -22.89 -2.24
N SER D 499 25.84 -24.23 -2.34
CA SER D 499 25.49 -25.05 -1.16
C SER D 499 26.52 -26.16 -0.88
N LEU D 500 27.06 -26.19 0.34
CA LEU D 500 28.13 -27.16 0.72
C LEU D 500 27.42 -28.48 1.06
N VAL D 501 27.92 -29.61 0.56
CA VAL D 501 27.30 -30.94 0.89
C VAL D 501 28.27 -31.66 1.82
N THR D 502 27.75 -32.22 2.93
CA THR D 502 28.58 -32.94 3.94
C THR D 502 28.77 -34.40 3.54
N GLY D 503 29.67 -35.11 4.24
CA GLY D 503 29.93 -36.53 3.98
C GLY D 503 30.90 -36.81 2.84
N LYS D 504 30.99 -38.09 2.42
CA LYS D 504 31.90 -38.53 1.34
C LYS D 504 31.36 -39.75 0.59
N HIS D 505 31.80 -39.94 -0.66
CA HIS D 505 31.27 -40.98 -1.59
C HIS D 505 31.86 -42.34 -1.21
N LEU D 506 31.10 -43.43 -1.42
CA LEU D 506 31.57 -44.82 -1.20
C LEU D 506 32.04 -45.40 -2.53
N PRO D 507 33.28 -45.93 -2.66
CA PRO D 507 33.77 -46.46 -3.94
C PRO D 507 33.06 -47.76 -4.36
N GLU D 508 32.93 -48.02 -5.67
CA GLU D 508 32.33 -49.26 -6.23
C GLU D 508 33.25 -50.43 -5.86
N PRO D 509 32.76 -51.65 -5.53
CA PRO D 509 33.65 -52.77 -5.23
C PRO D 509 34.28 -53.36 -6.50
N SER D 510 35.29 -52.68 -7.06
CA SER D 510 35.92 -53.02 -8.37
C SER D 510 37.15 -53.91 -8.17
N LYS D 511 37.48 -54.29 -6.94
CA LYS D 511 38.71 -55.06 -6.64
C LYS D 511 38.39 -56.42 -5.97
N SER D 512 38.73 -57.55 -6.60
CA SER D 512 38.55 -58.93 -6.05
C SER D 512 39.39 -59.05 -4.77
N ALA D 513 38.92 -59.78 -3.75
CA ALA D 513 39.63 -59.95 -2.46
C ALA D 513 40.96 -60.65 -2.73
N ASP D 514 40.95 -61.68 -3.59
CA ASP D 514 42.14 -62.46 -4.01
C ASP D 514 42.07 -62.60 -5.53
N PRO D 515 43.21 -62.64 -6.26
CA PRO D 515 43.18 -62.74 -7.72
C PRO D 515 42.50 -64.02 -8.25
N LYS D 516 42.73 -65.17 -7.61
CA LYS D 516 42.15 -66.47 -8.06
C LYS D 516 41.59 -67.28 -6.89
N SER D 517 40.63 -68.19 -7.19
CA SER D 517 39.96 -69.15 -6.29
C SER D 517 39.30 -68.49 -5.07
N VAL D 518 38.74 -67.28 -5.22
CA VAL D 518 38.02 -66.54 -4.14
C VAL D 518 36.77 -65.89 -4.77
N SER D 519 35.60 -65.97 -4.11
CA SER D 519 34.31 -65.41 -4.60
C SER D 519 33.83 -64.32 -3.63
N ALA D 520 34.75 -63.45 -3.21
CA ALA D 520 34.54 -62.32 -2.29
C ALA D 520 35.06 -61.04 -2.96
N ILE D 521 34.33 -59.92 -2.84
CA ILE D 521 34.70 -58.61 -3.47
C ILE D 521 35.04 -57.60 -2.38
N ARG D 522 36.16 -56.87 -2.49
CA ARG D 522 36.61 -55.87 -1.47
C ARG D 522 36.47 -54.45 -2.04
N ARG D 523 36.56 -53.45 -1.16
CA ARG D 523 36.43 -52.00 -1.46
C ARG D 523 37.85 -51.43 -1.61
N PRO D 524 38.16 -50.78 -2.75
CA PRO D 524 39.51 -50.28 -3.02
C PRO D 524 40.19 -49.44 -1.92
N GLY D 525 39.42 -48.57 -1.25
CA GLY D 525 39.85 -47.64 -0.19
C GLY D 525 38.91 -46.45 -0.11
N LEU D 526 39.11 -45.54 0.85
CA LEU D 526 38.24 -44.35 1.08
C LEU D 526 39.07 -43.06 1.08
N LEU D 527 38.52 -41.96 0.54
CA LEU D 527 39.18 -40.62 0.47
C LEU D 527 38.29 -39.60 1.21
N ASP D 528 38.87 -38.47 1.63
CA ASP D 528 38.11 -37.43 2.37
C ASP D 528 38.14 -36.18 1.49
N GLY D 529 37.02 -35.83 0.87
CA GLY D 529 36.97 -34.69 -0.07
C GLY D 529 35.85 -33.76 0.39
N ARG D 530 35.53 -32.75 -0.43
CA ARG D 530 34.47 -31.77 -0.10
C ARG D 530 33.72 -31.47 -1.41
N TYR D 531 32.39 -31.37 -1.36
CA TYR D 531 31.59 -31.19 -2.59
C TYR D 531 30.50 -30.15 -2.34
N CYS D 532 29.97 -29.58 -3.43
CA CYS D 532 28.95 -28.56 -3.39
C CYS D 532 28.07 -28.58 -4.63
N ASP D 533 26.93 -27.93 -4.54
CA ASP D 533 26.00 -27.74 -5.65
C ASP D 533 26.04 -26.27 -6.06
N LEU D 534 26.00 -26.01 -7.36
CA LEU D 534 26.14 -24.67 -7.92
C LEU D 534 24.93 -24.28 -8.73
N GLY D 535 24.70 -22.98 -8.82
CA GLY D 535 23.87 -22.40 -9.87
C GLY D 535 24.60 -21.19 -10.38
N MET D 536 24.80 -21.11 -11.69
CA MET D 536 25.71 -20.15 -12.30
C MET D 536 25.33 -19.86 -13.74
N ASP D 537 25.68 -18.66 -14.21
CA ASP D 537 25.60 -18.22 -15.61
C ASP D 537 27.02 -17.94 -16.13
N LEU D 538 27.21 -18.07 -17.45
CA LEU D 538 28.45 -17.83 -18.15
C LEU D 538 28.20 -16.85 -19.28
N ILE D 539 29.13 -15.92 -19.53
CA ILE D 539 29.10 -15.01 -20.69
C ILE D 539 30.44 -15.12 -21.42
N ILE D 540 30.40 -15.76 -22.57
CA ILE D 540 31.52 -16.19 -23.42
C ILE D 540 31.69 -15.20 -24.56
N GLU D 541 32.90 -14.71 -24.83
CA GLU D 541 33.11 -13.83 -25.97
C GLU D 541 33.53 -14.64 -27.19
N VAL D 542 32.56 -14.84 -28.09
CA VAL D 542 32.64 -15.71 -29.26
C VAL D 542 33.10 -14.90 -30.45
N HIS D 543 34.08 -15.39 -31.21
CA HIS D 543 34.56 -14.69 -32.38
C HIS D 543 34.61 -15.63 -33.58
N ILE D 544 34.19 -15.16 -34.78
CA ILE D 544 34.21 -15.94 -36.04
C ILE D 544 35.21 -15.28 -37.00
N PRO D 545 36.29 -15.97 -37.42
CA PRO D 545 37.32 -15.40 -38.31
C PRO D 545 36.83 -14.98 -39.70
N THR D 546 35.95 -15.77 -40.30
CA THR D 546 35.41 -15.56 -41.67
C THR D 546 34.57 -14.27 -41.73
N GLY D 547 34.61 -13.55 -42.86
CA GLY D 547 33.90 -12.29 -43.08
C GLY D 547 32.39 -12.49 -43.01
N GLY D 548 31.90 -13.59 -43.56
CA GLY D 548 30.47 -13.95 -43.55
C GLY D 548 30.20 -14.89 -42.40
N SER D 549 29.25 -14.53 -41.53
CA SER D 549 28.89 -15.28 -40.30
C SER D 549 27.58 -16.06 -40.48
N LEU D 550 27.31 -16.97 -39.54
CA LEU D 550 26.10 -17.81 -39.51
C LEU D 550 25.19 -17.54 -38.28
N PRO D 551 24.58 -16.34 -38.15
CA PRO D 551 23.66 -15.96 -37.07
C PRO D 551 22.26 -16.55 -37.28
N PHE D 552 22.13 -17.89 -37.25
CA PHE D 552 20.89 -18.59 -37.60
C PHE D 552 20.40 -19.57 -36.52
N THR D 553 19.11 -19.93 -36.58
CA THR D 553 18.51 -20.93 -35.67
C THR D 553 19.31 -22.24 -35.64
N THR D 554 19.78 -22.74 -36.80
CA THR D 554 20.60 -23.96 -36.91
C THR D 554 21.79 -23.94 -35.94
N CYS D 555 22.51 -22.81 -35.92
CA CYS D 555 23.66 -22.60 -35.05
C CYS D 555 23.25 -22.59 -33.57
N LEU D 556 22.10 -22.02 -33.21
CA LEU D 556 21.55 -22.09 -31.85
C LEU D 556 21.28 -23.54 -31.46
N ASP D 557 20.75 -24.39 -32.35
CA ASP D 557 20.60 -25.81 -32.02
C ASP D 557 21.97 -26.49 -31.79
N LEU D 558 22.96 -26.19 -32.62
CA LEU D 558 24.30 -26.75 -32.53
C LEU D 558 24.98 -26.27 -31.25
N LEU D 559 24.77 -25.03 -30.82
CA LEU D 559 25.24 -24.52 -29.55
C LEU D 559 24.63 -25.29 -28.36
N ARG D 560 23.38 -25.76 -28.43
CA ARG D 560 22.75 -26.61 -27.40
C ARG D 560 23.34 -28.03 -27.38
N VAL D 561 23.67 -28.61 -28.53
CA VAL D 561 24.22 -29.97 -28.72
C VAL D 561 25.67 -30.05 -28.24
N ALA D 562 26.49 -29.06 -28.59
CA ALA D 562 27.88 -29.03 -28.23
C ALA D 562 28.09 -28.93 -26.71
N LEU D 563 27.11 -28.49 -25.92
CA LEU D 563 27.26 -28.22 -24.49
C LEU D 563 27.69 -29.50 -23.74
N PRO D 564 28.88 -29.55 -23.08
CA PRO D 564 29.31 -30.73 -22.32
C PRO D 564 28.37 -31.10 -21.16
N ALA D 565 28.34 -32.38 -20.78
CA ALA D 565 27.61 -32.89 -19.62
C ALA D 565 28.38 -32.86 -18.27
N ARG D 566 29.70 -32.63 -18.28
CA ARG D 566 30.60 -32.72 -17.11
C ARG D 566 31.06 -31.32 -16.68
N PHE D 567 31.14 -30.96 -15.39
CA PHE D 567 31.72 -29.65 -15.04
C PHE D 567 32.36 -29.84 -13.67
N ALA D 568 33.61 -29.43 -13.49
CA ALA D 568 34.30 -29.46 -12.19
C ALA D 568 34.19 -30.81 -11.45
N GLY D 569 34.10 -31.91 -12.20
CA GLY D 569 33.94 -33.27 -11.67
C GLY D 569 32.50 -33.68 -11.36
N GLY D 570 31.53 -32.78 -11.48
CA GLY D 570 30.13 -33.03 -11.19
C GLY D 570 29.31 -33.13 -12.47
N CYS D 571 27.98 -33.08 -12.35
CA CYS D 571 27.09 -33.26 -13.49
C CYS D 571 26.37 -31.95 -13.81
N LEU D 572 26.38 -31.54 -15.08
CA LEU D 572 25.84 -30.28 -15.55
C LEU D 572 24.50 -30.50 -16.27
N HIS D 573 23.49 -29.71 -15.90
CA HIS D 573 22.17 -29.73 -16.55
C HIS D 573 21.69 -28.32 -16.89
N PRO D 574 21.00 -28.18 -18.04
CA PRO D 574 20.12 -27.04 -18.41
C PRO D 574 18.98 -26.77 -17.43
N PRO D 575 18.28 -25.62 -17.53
CA PRO D 575 17.12 -25.35 -16.68
C PRO D 575 16.01 -26.35 -16.98
N SER D 576 15.15 -26.65 -16.01
CA SER D 576 14.12 -27.68 -16.22
C SER D 576 13.18 -27.39 -17.37
N LEU D 577 12.83 -28.45 -18.10
CA LEU D 577 11.99 -28.43 -19.30
C LEU D 577 10.60 -27.76 -19.14
N TYR D 578 9.84 -28.09 -18.08
CA TYR D 578 8.51 -27.52 -17.85
C TYR D 578 8.48 -25.99 -17.73
N GLU D 579 9.60 -25.32 -17.48
CA GLU D 579 9.69 -23.86 -17.35
C GLU D 579 10.69 -23.24 -18.35
N GLU D 580 11.01 -23.97 -19.42
CA GLU D 580 12.03 -23.56 -20.39
C GLU D 580 11.74 -22.21 -21.08
N TYR D 581 12.81 -21.39 -21.23
CA TYR D 581 12.88 -20.10 -21.95
C TYR D 581 14.18 -20.21 -22.78
N ASN D 582 14.53 -19.16 -23.52
CA ASN D 582 15.73 -19.23 -24.35
C ASN D 582 17.01 -18.99 -23.49
N TRP D 583 17.58 -20.07 -22.96
CA TRP D 583 18.76 -20.05 -22.11
C TRP D 583 20.08 -19.88 -22.88
N CYS D 584 20.04 -19.78 -24.21
CA CYS D 584 21.22 -19.81 -25.08
C CYS D 584 21.30 -18.62 -26.07
N THR D 585 20.88 -17.41 -25.68
CA THR D 585 20.85 -16.24 -26.57
C THR D 585 22.24 -15.70 -26.95
N VAL D 586 22.27 -14.93 -28.05
CA VAL D 586 23.48 -14.31 -28.62
C VAL D 586 23.27 -12.82 -28.81
N TYR D 587 24.25 -12.01 -28.43
CA TYR D 587 24.24 -10.55 -28.54
C TYR D 587 25.41 -10.06 -29.39
N GLN D 588 25.20 -9.06 -30.23
CA GLN D 588 26.26 -8.38 -31.00
C GLN D 588 26.30 -6.89 -30.66
N ASP D 589 25.81 -6.53 -29.47
CA ASP D 589 25.73 -5.17 -28.94
C ASP D 589 26.04 -5.14 -27.43
N LYS D 590 27.07 -4.40 -27.04
CA LYS D 590 27.42 -4.19 -25.62
C LYS D 590 26.33 -3.46 -24.84
N SER D 591 25.58 -2.55 -25.45
CA SER D 591 24.57 -1.75 -24.75
C SER D 591 23.36 -2.60 -24.34
N THR D 592 22.80 -3.39 -25.26
CA THR D 592 21.70 -4.32 -24.95
C THR D 592 22.13 -5.36 -23.92
N LEU D 593 23.28 -6.00 -24.11
CA LEU D 593 23.75 -7.03 -23.18
C LEU D 593 23.98 -6.47 -21.77
N PHE D 594 24.72 -5.36 -21.62
CA PHE D 594 24.93 -4.77 -20.29
C PHE D 594 23.61 -4.38 -19.62
N THR D 595 22.70 -3.72 -20.35
CA THR D 595 21.39 -3.35 -19.80
C THR D 595 20.68 -4.57 -19.20
N VAL D 596 20.61 -5.70 -19.92
CA VAL D 596 19.98 -6.91 -19.36
C VAL D 596 20.72 -7.42 -18.13
N LEU D 597 22.06 -7.47 -18.14
CA LEU D 597 22.84 -7.94 -16.98
C LEU D 597 22.66 -7.08 -15.72
N SER D 598 22.44 -5.77 -15.82
CA SER D 598 22.22 -4.92 -14.64
C SER D 598 20.99 -5.31 -13.82
N ARG D 599 20.08 -6.15 -14.37
CA ARG D 599 18.81 -6.55 -13.74
C ARG D 599 18.91 -7.78 -12.83
N LEU D 600 20.10 -8.36 -12.68
CA LEU D 600 20.30 -9.58 -11.88
C LEU D 600 20.02 -9.38 -10.37
N PRO D 601 19.51 -10.40 -9.66
CA PRO D 601 19.24 -10.32 -8.21
C PRO D 601 20.44 -9.90 -7.36
N ARG D 602 20.19 -9.02 -6.40
CA ARG D 602 21.19 -8.41 -5.51
C ARG D 602 21.97 -9.35 -4.59
N TYR D 603 21.49 -10.56 -4.35
CA TYR D 603 22.12 -11.54 -3.44
C TYR D 603 23.18 -12.43 -4.12
N GLY D 604 23.38 -12.32 -5.44
CA GLY D 604 24.41 -13.03 -6.18
C GLY D 604 25.80 -12.35 -6.17
N CYS D 605 26.80 -12.97 -6.78
CA CYS D 605 28.18 -12.46 -6.87
C CYS D 605 28.76 -12.56 -8.29
N TRP D 606 29.44 -11.52 -8.76
CA TRP D 606 30.33 -11.53 -9.92
C TRP D 606 31.73 -11.78 -9.35
N ILE D 607 32.56 -12.56 -10.02
CA ILE D 607 33.94 -12.79 -9.58
C ILE D 607 34.88 -12.11 -10.59
N TYR D 608 35.71 -11.19 -10.12
CA TYR D 608 36.62 -10.39 -10.94
C TYR D 608 38.06 -10.80 -10.62
N PRO D 609 39.02 -10.60 -11.54
CA PRO D 609 40.45 -10.73 -11.27
C PRO D 609 40.93 -9.63 -10.31
N SER D 610 41.92 -9.96 -9.47
CA SER D 610 42.51 -9.05 -8.50
C SER D 610 43.79 -8.39 -9.06
N ASP D 611 44.24 -7.29 -8.45
CA ASP D 611 45.47 -6.60 -8.84
C ASP D 611 46.67 -6.92 -7.95
N ALA D 612 46.43 -7.22 -6.68
CA ALA D 612 47.48 -7.37 -5.66
C ALA D 612 48.45 -8.53 -5.99
N ASP D 613 49.74 -8.35 -5.76
CA ASP D 613 50.73 -9.42 -5.85
C ASP D 613 51.17 -9.91 -4.46
N LEU D 614 50.91 -11.19 -4.16
CA LEU D 614 51.20 -11.83 -2.87
C LEU D 614 52.26 -12.93 -3.06
N ARG D 615 53.24 -13.02 -2.18
CA ARG D 615 54.40 -13.93 -2.24
C ARG D 615 54.52 -14.90 -1.04
N SER D 616 53.56 -14.87 -0.12
CA SER D 616 53.53 -15.65 1.12
C SER D 616 52.12 -15.72 1.69
N PHE D 617 51.85 -16.67 2.60
CA PHE D 617 50.60 -16.70 3.36
C PHE D 617 50.47 -15.52 4.34
N GLU D 618 51.57 -15.00 4.89
CA GLU D 618 51.48 -13.86 5.80
C GLU D 618 50.97 -12.59 5.08
N GLU D 619 51.43 -12.36 3.85
CA GLU D 619 50.96 -11.25 3.02
C GLU D 619 49.48 -11.44 2.65
N LEU D 620 49.06 -12.67 2.37
CA LEU D 620 47.66 -13.01 2.17
C LEU D 620 46.82 -12.74 3.41
N SER D 621 47.31 -13.10 4.59
CA SER D 621 46.60 -12.83 5.83
C SER D 621 46.29 -11.35 5.98
N GLU D 622 47.29 -10.48 5.78
CA GLU D 622 47.05 -9.04 5.83
C GLU D 622 46.07 -8.57 4.76
N ALA D 623 46.22 -8.96 3.50
CA ALA D 623 45.29 -8.55 2.45
C ALA D 623 43.84 -8.94 2.74
N LEU D 624 43.60 -10.14 3.27
CA LEU D 624 42.29 -10.61 3.70
C LEU D 624 41.78 -9.89 4.96
N ALA D 625 42.64 -9.54 5.91
CA ALA D 625 42.21 -8.74 7.06
C ALA D 625 41.68 -7.35 6.65
N LEU D 626 42.27 -6.72 5.64
CA LEU D 626 41.95 -5.37 5.18
C LEU D 626 40.70 -5.30 4.30
N ASP D 627 40.58 -6.15 3.27
CA ASP D 627 39.40 -6.20 2.40
C ASP D 627 38.30 -7.10 2.96
N ARG D 628 37.13 -7.11 2.32
CA ARG D 628 36.03 -8.03 2.61
C ARG D 628 35.57 -8.76 1.34
N ARG D 629 35.95 -8.22 0.18
CA ARG D 629 35.69 -8.76 -1.16
C ARG D 629 36.77 -9.72 -1.69
N LEU D 630 37.91 -9.86 -1.04
CA LEU D 630 39.06 -10.64 -1.52
C LEU D 630 38.96 -12.11 -1.11
N ARG D 631 39.19 -13.04 -2.03
CA ARG D 631 39.22 -14.49 -1.76
C ARG D 631 40.41 -15.16 -2.47
N PRO D 632 41.13 -16.09 -1.83
CA PRO D 632 42.11 -16.90 -2.52
C PRO D 632 41.42 -17.88 -3.47
N VAL D 633 42.04 -18.19 -4.61
CA VAL D 633 41.56 -19.17 -5.59
C VAL D 633 42.71 -20.01 -6.14
N ALA D 634 42.43 -21.17 -6.72
CA ALA D 634 43.43 -21.89 -7.49
C ALA D 634 43.44 -21.37 -8.92
N THR D 635 44.60 -21.04 -9.48
CA THR D 635 44.72 -20.33 -10.78
C THR D 635 45.32 -21.16 -11.91
N GLY D 636 46.05 -22.22 -11.59
CA GLY D 636 46.79 -23.04 -12.56
C GLY D 636 47.98 -23.76 -11.92
N PHE D 637 49.03 -24.01 -12.71
CA PHE D 637 50.16 -24.85 -12.34
C PHE D 637 51.49 -24.12 -12.56
N VAL D 638 52.57 -24.40 -11.81
CA VAL D 638 53.93 -23.91 -12.11
C VAL D 638 54.87 -25.08 -12.39
N PHE D 639 55.57 -25.07 -13.53
CA PHE D 639 56.41 -26.20 -13.96
C PHE D 639 57.62 -26.41 -13.06
N LEU D 640 57.99 -27.67 -12.83
CA LEU D 640 59.23 -28.06 -12.13
C LEU D 640 60.40 -28.40 -13.08
N GLU D 641 60.12 -28.66 -14.35
CA GLU D 641 61.05 -29.09 -15.40
C GLU D 641 60.53 -28.70 -16.79
N GLU D 642 61.35 -28.67 -17.83
CA GLU D 642 60.87 -28.46 -19.20
C GLU D 642 60.15 -29.72 -19.74
N PRO D 643 59.11 -29.60 -20.60
CA PRO D 643 58.45 -30.74 -21.20
C PRO D 643 59.40 -31.68 -21.92
N VAL D 644 59.26 -32.97 -21.67
CA VAL D 644 60.06 -34.08 -22.28
C VAL D 644 59.16 -35.22 -22.73
N GLU D 645 59.68 -36.13 -23.54
CA GLU D 645 59.05 -37.41 -23.82
C GLU D 645 59.29 -38.37 -22.65
N ARG D 646 58.23 -39.00 -22.14
CA ARG D 646 58.29 -39.90 -20.98
C ARG D 646 57.28 -41.03 -21.11
N ALA D 647 57.69 -42.26 -20.86
CA ALA D 647 56.80 -43.42 -20.91
C ALA D 647 55.62 -43.25 -19.93
N GLY D 648 54.43 -43.66 -20.36
CA GLY D 648 53.20 -43.52 -19.59
C GLY D 648 52.37 -42.28 -19.90
N SER D 649 52.91 -41.29 -20.63
CA SER D 649 52.14 -40.10 -21.01
C SER D 649 50.95 -40.46 -21.88
N ILE D 650 49.79 -39.89 -21.60
CA ILE D 650 48.58 -40.05 -22.41
C ILE D 650 48.79 -39.51 -23.84
N GLU D 651 49.35 -38.32 -24.04
CA GLU D 651 49.49 -37.72 -25.38
C GLU D 651 50.66 -36.74 -25.45
N GLY D 652 51.66 -37.01 -26.29
CA GLY D 652 52.80 -36.11 -26.47
C GLY D 652 53.65 -35.91 -25.20
N GLN D 653 54.23 -34.73 -25.03
CA GLN D 653 55.19 -34.47 -23.96
C GLN D 653 54.57 -34.42 -22.56
N HIS D 654 55.36 -34.67 -21.52
CA HIS D 654 54.95 -34.71 -20.12
C HIS D 654 55.82 -33.77 -19.29
N VAL D 655 55.21 -33.09 -18.32
CA VAL D 655 55.88 -32.20 -17.36
C VAL D 655 55.27 -32.29 -15.97
N TYR D 656 56.11 -32.23 -14.93
CA TYR D 656 55.65 -32.10 -13.54
C TYR D 656 55.46 -30.63 -13.15
N ALA D 657 54.52 -30.35 -12.23
CA ALA D 657 54.24 -28.99 -11.78
C ALA D 657 53.73 -28.98 -10.34
N GLU D 658 53.76 -27.83 -9.69
CA GLU D 658 53.09 -27.62 -8.41
C GLU D 658 51.92 -26.62 -8.57
N SER D 659 50.87 -26.73 -7.73
CA SER D 659 49.71 -25.86 -7.83
C SER D 659 50.07 -24.40 -7.60
N ALA D 660 49.43 -23.51 -8.34
CA ALA D 660 49.60 -22.07 -8.19
C ALA D 660 48.43 -21.47 -7.40
N ILE D 661 48.70 -20.83 -6.27
CA ILE D 661 47.66 -20.20 -5.46
C ILE D 661 47.69 -18.70 -5.76
N GLY D 662 46.56 -18.16 -6.17
CA GLY D 662 46.39 -16.73 -6.45
C GLY D 662 45.12 -16.22 -5.78
N THR D 663 44.63 -15.06 -6.21
CA THR D 663 43.44 -14.43 -5.62
C THR D 663 42.43 -13.92 -6.65
N ALA D 664 41.22 -13.58 -6.19
CA ALA D 664 40.14 -12.97 -6.97
C ALA D 664 39.23 -12.11 -6.08
N LEU D 665 38.40 -11.24 -6.67
CA LEU D 665 37.48 -10.35 -5.99
C LEU D 665 36.02 -10.78 -6.19
N CYS D 666 35.18 -10.63 -5.17
CA CYS D 666 33.75 -10.86 -5.25
C CYS D 666 33.00 -9.52 -5.26
N ILE D 667 32.32 -9.20 -6.37
CA ILE D 667 31.69 -7.89 -6.64
C ILE D 667 30.16 -8.07 -6.65
N ASN D 668 29.42 -7.21 -5.95
CA ASN D 668 27.95 -7.28 -5.91
C ASN D 668 27.31 -6.74 -7.21
N PRO D 669 26.19 -7.29 -7.73
CA PRO D 669 25.47 -6.69 -8.86
C PRO D 669 25.23 -5.18 -8.72
N VAL D 670 25.01 -4.68 -7.51
CA VAL D 670 24.87 -3.23 -7.26
C VAL D 670 26.14 -2.47 -7.64
N GLU D 671 27.36 -2.97 -7.36
CA GLU D 671 28.54 -2.23 -7.80
C GLU D 671 28.79 -1.96 -9.28
N MET D 672 28.47 -2.93 -10.16
CA MET D 672 28.51 -2.71 -11.62
C MET D 672 27.35 -1.92 -12.33
N ARG D 673 26.19 -1.85 -11.64
CA ARG D 673 25.05 -1.01 -12.05
C ARG D 673 25.62 0.40 -12.02
N LEU D 674 26.50 0.71 -11.07
CA LEU D 674 27.09 2.04 -10.95
C LEU D 674 28.41 2.21 -11.72
N ALA D 675 29.28 1.20 -11.76
CA ALA D 675 30.56 1.26 -12.45
C ALA D 675 30.43 1.56 -13.97
N GLY D 676 29.39 1.06 -14.62
CA GLY D 676 29.13 1.29 -16.05
C GLY D 676 29.69 0.20 -16.98
N LYS D 677 29.14 0.11 -18.20
CA LYS D 677 29.50 -0.91 -19.21
C LYS D 677 30.99 -0.92 -19.63
N LYS D 678 31.61 0.23 -19.53
CA LYS D 678 33.02 0.49 -19.86
C LYS D 678 33.97 -0.32 -18.98
N ARG D 679 33.77 -0.23 -17.66
CA ARG D 679 34.54 -0.98 -16.67
C ARG D 679 34.17 -2.46 -16.73
N PHE D 680 32.89 -2.79 -16.88
CA PHE D 680 32.48 -4.20 -16.95
C PHE D 680 33.15 -4.95 -18.10
N PHE D 681 33.07 -4.47 -19.35
CA PHE D 681 33.69 -5.16 -20.50
C PHE D 681 35.23 -5.06 -20.55
N GLY D 682 35.88 -4.20 -19.78
CA GLY D 682 37.34 -4.14 -19.67
C GLY D 682 37.94 -5.07 -18.62
N ALA D 683 37.30 -5.17 -17.46
CA ALA D 683 37.80 -5.86 -16.29
C ALA D 683 37.04 -7.15 -16.01
N GLY D 684 35.82 -7.35 -16.53
CA GLY D 684 34.96 -8.44 -16.09
C GLY D 684 35.20 -9.79 -16.77
N PHE D 685 36.13 -9.87 -17.72
CA PHE D 685 36.41 -11.08 -18.51
C PHE D 685 37.81 -11.66 -18.25
N TRP D 686 37.88 -12.97 -18.04
CA TRP D 686 39.10 -13.75 -17.79
C TRP D 686 39.64 -14.44 -19.06
N GLN D 687 40.96 -14.71 -19.12
CA GLN D 687 41.66 -15.38 -20.23
C GLN D 687 42.88 -16.17 -19.69
N LEU D 688 43.43 -17.09 -20.48
CA LEU D 688 44.72 -17.77 -20.24
C LEU D 688 45.89 -16.90 -20.76
N ASN D 689 47.01 -16.85 -19.99
CA ASN D 689 48.26 -16.12 -20.24
C ASN D 689 48.11 -14.59 -20.07
N LEU E 3 45.84 -56.28 -25.88
CA LEU E 3 45.35 -55.00 -26.38
C LEU E 3 46.35 -53.89 -26.09
N CYS E 4 46.04 -53.01 -25.13
CA CYS E 4 46.95 -51.92 -24.81
C CYS E 4 46.86 -51.42 -23.39
N THR E 5 47.85 -50.62 -23.01
CA THR E 5 48.02 -50.15 -21.66
C THR E 5 46.84 -49.32 -21.17
N HIS E 6 46.37 -48.39 -22.00
CA HIS E 6 45.23 -47.57 -21.63
C HIS E 6 44.07 -47.61 -22.60
N LEU E 7 42.86 -47.78 -22.05
CA LEU E 7 41.57 -47.74 -22.78
C LEU E 7 40.43 -47.27 -21.86
N SER E 8 39.67 -46.19 -22.14
CA SER E 8 38.50 -46.02 -21.28
C SER E 8 37.39 -45.24 -21.91
N TYR E 9 36.20 -45.41 -21.35
CA TYR E 9 35.00 -44.77 -21.85
C TYR E 9 34.40 -43.95 -20.72
N SER E 10 33.71 -42.88 -21.04
CA SER E 10 32.92 -42.19 -20.03
C SER E 10 31.49 -42.69 -20.10
N ARG E 11 30.71 -42.33 -19.10
CA ARG E 11 29.31 -42.70 -18.98
C ARG E 11 28.40 -41.98 -19.92
N SER E 12 27.56 -42.74 -20.59
CA SER E 12 26.63 -42.22 -21.59
C SER E 12 25.22 -41.85 -21.15
N LEU E 13 24.77 -42.33 -19.99
CA LEU E 13 23.42 -42.04 -19.52
C LEU E 13 23.35 -41.44 -18.11
N SER E 14 23.21 -40.11 -17.96
CA SER E 14 23.23 -39.49 -16.60
C SER E 14 22.02 -38.72 -16.09
N PRO E 15 21.48 -39.08 -14.90
CA PRO E 15 20.31 -38.53 -14.21
C PRO E 15 20.56 -37.40 -13.21
N GLY E 16 19.52 -36.88 -12.58
CA GLY E 16 19.66 -35.78 -11.64
C GLY E 16 19.37 -36.12 -10.18
N LYS E 17 18.99 -35.15 -9.36
CA LYS E 17 18.72 -35.44 -7.95
C LYS E 17 17.21 -35.38 -7.78
N ALA E 18 16.59 -36.37 -7.14
CA ALA E 18 15.14 -36.40 -7.06
C ALA E 18 14.63 -35.74 -5.81
N VAL E 19 13.55 -34.98 -5.88
CA VAL E 19 13.07 -34.27 -4.72
C VAL E 19 11.66 -34.60 -4.36
N PHE E 20 11.36 -34.71 -3.07
CA PHE E 20 9.99 -34.96 -2.64
C PHE E 20 9.27 -33.67 -2.28
N PHE E 21 8.02 -33.50 -2.71
CA PHE E 21 7.25 -32.31 -2.34
C PHE E 21 5.75 -32.56 -2.36
N TYR E 22 4.94 -31.61 -1.87
CA TYR E 22 3.50 -31.73 -2.01
C TYR E 22 2.78 -30.40 -2.25
N LYS E 23 1.54 -30.46 -2.70
CA LYS E 23 0.81 -29.23 -2.97
C LYS E 23 -0.17 -28.91 -1.90
N THR E 24 -0.50 -27.63 -1.80
CA THR E 24 -1.48 -27.13 -0.85
C THR E 24 -2.48 -26.31 -1.66
N ALA E 25 -3.56 -25.88 -1.02
CA ALA E 25 -4.46 -24.94 -1.68
C ALA E 25 -3.89 -23.53 -1.73
N GLU E 26 -2.85 -23.24 -0.96
CA GLU E 26 -2.26 -21.91 -0.94
C GLU E 26 -1.00 -21.69 -1.80
N SER E 27 -0.24 -22.74 -2.07
CA SER E 27 1.02 -22.65 -2.82
C SER E 27 1.27 -23.93 -3.59
N ASP E 28 1.79 -23.82 -4.79
CA ASP E 28 2.13 -24.98 -5.60
C ASP E 28 3.33 -25.89 -5.25
N PHE E 29 4.30 -25.43 -4.47
CA PHE E 29 5.42 -26.30 -4.13
C PHE E 29 5.84 -26.19 -2.67
N VAL E 30 5.52 -27.20 -1.87
CA VAL E 30 5.94 -27.25 -0.46
C VAL E 30 6.83 -28.47 -0.28
N PRO E 31 8.04 -28.27 0.23
CA PRO E 31 8.98 -29.39 0.40
C PRO E 31 8.63 -30.34 1.53
N LEU E 32 9.04 -31.59 1.41
CA LEU E 32 8.89 -32.57 2.46
C LEU E 32 10.18 -32.46 3.22
N ARG E 33 10.14 -32.39 4.54
CA ARG E 33 11.37 -32.21 5.28
C ARG E 33 11.61 -33.23 6.38
N ILE E 34 12.82 -33.28 6.92
CA ILE E 34 13.20 -34.29 7.90
C ILE E 34 13.28 -33.70 9.30
N GLU E 35 13.21 -34.56 10.30
CA GLU E 35 13.21 -34.13 11.69
C GLU E 35 14.19 -35.00 12.46
N VAL E 36 14.69 -34.54 13.62
CA VAL E 36 15.64 -35.33 14.38
C VAL E 36 15.16 -35.74 15.76
N ALA E 37 15.36 -36.96 16.26
CA ALA E 37 14.89 -37.25 17.66
C ALA E 37 15.66 -38.29 18.52
N LYS E 38 15.65 -38.12 19.85
CA LYS E 38 16.24 -39.10 20.79
C LYS E 38 15.29 -40.31 21.03
N ILE E 39 15.82 -41.54 21.01
CA ILE E 39 15.05 -42.75 21.32
C ILE E 39 15.70 -43.65 22.35
N SER E 40 14.90 -44.52 22.95
CA SER E 40 15.33 -45.55 23.87
C SER E 40 15.42 -46.92 23.22
N GLY E 41 16.63 -47.39 23.01
CA GLY E 41 16.85 -48.68 22.38
C GLY E 41 16.97 -49.90 23.26
N GLN E 42 17.29 -51.02 22.65
CA GLN E 42 17.41 -52.31 23.29
C GLN E 42 18.85 -52.75 23.40
N LYS E 43 19.15 -53.60 24.39
CA LYS E 43 20.45 -54.22 24.50
C LYS E 43 20.20 -55.67 24.09
N CYS E 44 20.63 -55.96 22.88
CA CYS E 44 20.39 -57.25 22.29
C CYS E 44 21.50 -57.56 21.32
N GLY E 45 21.57 -58.81 20.91
CA GLY E 45 22.62 -59.26 20.01
C GLY E 45 23.82 -59.86 20.71
N TYR E 46 24.65 -60.54 19.92
CA TYR E 46 25.88 -61.20 20.36
C TYR E 46 26.88 -60.17 20.81
N THR E 47 27.73 -60.58 21.73
CA THR E 47 28.78 -59.79 22.43
C THR E 47 28.09 -58.95 23.47
N GLU E 48 26.78 -58.80 23.34
CA GLU E 48 26.07 -58.18 24.44
C GLU E 48 25.90 -59.17 25.56
N GLY E 49 25.71 -60.42 25.22
CA GLY E 49 25.64 -61.46 26.22
C GLY E 49 26.56 -62.64 26.11
N PHE E 50 26.97 -63.00 24.92
CA PHE E 50 27.87 -64.14 24.76
C PHE E 50 29.24 -63.67 24.38
N ASP E 51 30.24 -64.42 24.80
CA ASP E 51 31.56 -64.26 24.20
C ASP E 51 32.06 -65.45 23.36
N ALA E 52 33.26 -65.34 22.80
CA ALA E 52 33.90 -66.41 22.02
C ALA E 52 32.90 -67.10 21.13
N ASN E 53 32.87 -68.43 21.19
CA ASN E 53 31.79 -69.12 20.51
C ASN E 53 30.78 -69.66 21.49
N LEU E 54 29.71 -68.91 21.68
CA LEU E 54 28.67 -69.19 22.65
C LEU E 54 29.09 -69.47 24.09
N LYS E 55 30.07 -68.73 24.60
CA LYS E 55 30.47 -68.88 25.97
C LYS E 55 29.85 -67.70 26.70
N PRO E 56 28.87 -67.95 27.57
CA PRO E 56 28.24 -66.81 28.25
C PRO E 56 29.26 -66.02 29.01
N LYS E 57 29.14 -64.70 29.03
CA LYS E 57 30.05 -63.92 29.84
C LYS E 57 29.41 -63.57 31.17
N ASN E 58 30.22 -63.21 32.15
CA ASN E 58 29.70 -62.99 33.48
C ASN E 58 29.18 -61.59 33.82
N ILE E 59 27.86 -61.44 33.75
CA ILE E 59 27.13 -60.22 34.06
C ILE E 59 25.96 -60.60 34.98
N GLU E 60 25.37 -59.65 35.68
CA GLU E 60 24.19 -59.95 36.49
C GLU E 60 22.86 -59.85 35.71
N ARG E 61 21.82 -60.57 36.15
CA ARG E 61 20.55 -60.65 35.43
C ARG E 61 19.95 -59.30 35.06
N TYR E 62 20.07 -58.32 35.94
CA TYR E 62 19.47 -57.01 35.75
C TYR E 62 20.16 -56.12 34.71
N GLU E 63 21.40 -56.44 34.36
CA GLU E 63 22.22 -55.68 33.43
C GLU E 63 21.75 -55.60 31.99
N LEU E 64 20.89 -56.51 31.56
CA LEU E 64 20.25 -56.41 30.26
C LEU E 64 18.87 -55.76 30.21
N ALA E 65 18.38 -55.28 31.33
CA ALA E 65 17.04 -54.72 31.34
C ALA E 65 17.11 -53.23 31.19
N TYR E 66 18.34 -52.75 31.09
CA TYR E 66 18.60 -51.34 30.97
C TYR E 66 18.38 -50.97 29.51
N SER E 67 18.01 -49.72 29.24
CA SER E 67 17.88 -49.24 27.89
C SER E 67 19.19 -48.80 27.26
N ASN E 68 19.16 -48.58 25.95
CA ASN E 68 20.32 -48.18 25.20
C ASN E 68 19.92 -46.97 24.38
N PRO E 69 20.17 -45.76 24.92
CA PRO E 69 19.69 -44.68 24.07
C PRO E 69 20.47 -44.38 22.79
N GLN E 70 19.80 -43.89 21.74
CA GLN E 70 20.33 -43.51 20.41
C GLN E 70 19.66 -42.26 19.83
N THR E 71 20.29 -41.61 18.82
CA THR E 71 19.83 -40.37 18.20
C THR E 71 19.63 -40.68 16.73
N ILE E 72 18.44 -40.49 16.18
CA ILE E 72 18.25 -40.71 14.76
C ILE E 72 17.50 -39.63 14.04
N GLU E 73 17.59 -39.57 12.71
CA GLU E 73 16.81 -38.63 11.96
C GLU E 73 15.71 -39.52 11.41
N ALA E 74 14.57 -38.94 11.05
CA ALA E 74 13.45 -39.73 10.50
C ALA E 74 12.57 -38.82 9.62
N CYS E 75 11.62 -39.34 8.86
CA CYS E 75 10.80 -38.47 8.04
C CYS E 75 9.40 -38.99 7.82
N TYR E 76 8.35 -38.21 8.11
CA TYR E 76 6.99 -38.71 7.98
C TYR E 76 6.14 -37.74 7.18
N VAL E 77 5.14 -38.19 6.45
CA VAL E 77 4.19 -37.28 5.80
C VAL E 77 3.29 -36.70 6.89
N PRO E 78 3.06 -35.39 6.91
CA PRO E 78 2.19 -34.72 7.90
C PRO E 78 0.72 -35.07 7.71
N PRO E 79 -0.13 -34.85 8.73
CA PRO E 79 -1.55 -35.21 8.64
C PRO E 79 -2.27 -34.55 7.47
N ASN E 80 -3.24 -35.25 6.89
CA ASN E 80 -4.09 -34.76 5.80
C ASN E 80 -3.47 -34.34 4.48
N VAL E 81 -2.41 -34.99 4.04
CA VAL E 81 -1.90 -34.73 2.72
C VAL E 81 -2.29 -35.92 1.86
N ASP E 82 -3.11 -35.70 0.86
CA ASP E 82 -3.54 -36.77 -0.02
C ASP E 82 -2.57 -37.31 -1.06
N GLU E 83 -1.74 -36.44 -1.66
CA GLU E 83 -0.72 -36.93 -2.60
C GLU E 83 0.66 -36.38 -2.36
N LEU E 84 1.65 -37.26 -2.51
CA LEU E 84 3.06 -36.91 -2.48
C LEU E 84 3.67 -37.02 -3.86
N TYR E 85 4.50 -36.06 -4.25
CA TYR E 85 5.07 -36.04 -5.59
C TYR E 85 6.57 -36.10 -5.55
N CYS E 86 7.16 -36.74 -6.55
CA CYS E 86 8.60 -36.90 -6.63
C CYS E 86 9.01 -36.67 -8.09
N ARG E 87 10.10 -35.95 -8.35
CA ARG E 87 10.56 -35.82 -9.73
C ARG E 87 12.07 -35.71 -9.99
N PHE E 88 12.51 -36.01 -11.20
CA PHE E 88 13.93 -35.88 -11.58
C PHE E 88 14.12 -35.61 -13.08
N SER E 89 15.29 -35.16 -13.49
CA SER E 89 15.58 -34.91 -14.91
C SER E 89 16.52 -35.97 -15.48
N LEU E 90 16.49 -36.21 -16.79
CA LEU E 90 17.39 -37.19 -17.39
C LEU E 90 17.93 -36.73 -18.74
N ARG E 91 19.23 -36.87 -18.98
CA ARG E 91 19.83 -36.54 -20.27
C ARG E 91 20.50 -37.77 -20.81
N VAL E 92 20.43 -38.05 -22.10
CA VAL E 92 21.09 -39.22 -22.64
C VAL E 92 22.02 -38.87 -23.81
N GLU E 93 23.27 -39.31 -23.81
CA GLU E 93 24.12 -38.94 -24.95
C GLU E 93 24.60 -40.18 -25.68
N ALA E 94 24.83 -40.05 -26.97
CA ALA E 94 25.30 -41.17 -27.78
C ALA E 94 26.78 -41.23 -27.61
N ASN E 95 27.21 -41.55 -26.41
CA ASN E 95 28.61 -41.48 -26.11
C ASN E 95 29.42 -42.75 -25.92
N SER E 96 28.97 -43.84 -26.50
CA SER E 96 29.69 -45.08 -26.42
C SER E 96 30.29 -45.36 -27.78
N MET E 97 30.12 -44.45 -28.75
CA MET E 97 30.72 -44.66 -30.04
C MET E 97 32.22 -44.44 -30.05
N ARG E 98 32.79 -43.66 -29.13
CA ARG E 98 34.24 -43.45 -29.10
C ARG E 98 34.94 -43.44 -27.74
N PRO E 99 36.05 -44.18 -27.61
CA PRO E 99 36.92 -44.23 -26.44
C PRO E 99 37.30 -42.86 -25.93
N TYR E 100 37.23 -42.65 -24.63
CA TYR E 100 37.63 -41.38 -24.08
C TYR E 100 39.10 -41.24 -24.34
N VAL E 101 39.88 -42.25 -23.99
CA VAL E 101 41.28 -42.32 -24.35
C VAL E 101 41.64 -43.72 -24.91
N CYS E 102 42.69 -43.86 -25.71
CA CYS E 102 43.16 -45.16 -26.16
C CYS E 102 44.64 -45.04 -26.48
N SER E 103 45.51 -45.91 -26.01
CA SER E 103 46.93 -45.75 -26.29
C SER E 103 47.38 -46.49 -27.51
N ASN E 104 46.49 -47.06 -28.29
CA ASN E 104 46.92 -47.85 -29.44
C ASN E 104 46.02 -47.76 -30.66
N PRO E 105 46.51 -47.17 -31.77
CA PRO E 105 45.64 -47.02 -32.94
C PRO E 105 45.06 -48.33 -33.47
N ASP E 106 45.72 -49.46 -33.23
CA ASP E 106 45.20 -50.72 -33.76
C ASP E 106 44.05 -51.23 -32.91
N VAL E 107 44.10 -50.97 -31.61
CA VAL E 107 42.96 -51.27 -30.76
C VAL E 107 41.79 -50.37 -31.08
N LEU E 108 42.07 -49.08 -31.27
CA LEU E 108 41.04 -48.10 -31.55
C LEU E 108 40.21 -48.42 -32.78
N ARG E 109 40.83 -48.73 -33.91
CA ARG E 109 40.04 -48.94 -35.13
C ARG E 109 39.09 -50.13 -34.99
N VAL E 110 39.48 -51.12 -34.20
CA VAL E 110 38.67 -52.29 -33.94
C VAL E 110 37.47 -52.01 -33.07
N MET E 111 37.63 -51.25 -32.00
CA MET E 111 36.50 -50.94 -31.13
C MET E 111 35.47 -50.14 -31.92
N ILE E 112 35.93 -49.27 -32.82
CA ILE E 112 35.04 -48.48 -33.67
C ILE E 112 34.28 -49.37 -34.63
N GLY E 113 34.99 -50.28 -35.28
CA GLY E 113 34.38 -51.23 -36.18
C GLY E 113 33.26 -51.98 -35.50
N LEU E 114 33.51 -52.50 -34.31
CA LEU E 114 32.47 -53.19 -33.57
C LEU E 114 31.27 -52.42 -33.20
N ALA E 115 31.41 -51.21 -32.73
CA ALA E 115 30.23 -50.50 -32.38
C ALA E 115 29.37 -50.29 -33.61
N GLN E 116 29.97 -50.00 -34.76
CA GLN E 116 29.19 -49.78 -35.96
C GLN E 116 28.59 -51.06 -36.49
N ALA E 117 29.32 -52.16 -36.45
CA ALA E 117 28.79 -53.39 -36.99
C ALA E 117 27.53 -53.74 -36.25
N TYR E 118 27.54 -53.54 -34.95
CA TYR E 118 26.36 -53.76 -34.12
C TYR E 118 25.22 -52.84 -34.43
N GLN E 119 25.44 -51.54 -34.53
CA GLN E 119 24.36 -50.60 -34.74
C GLN E 119 23.41 -50.92 -35.90
N ARG E 120 23.96 -51.22 -37.07
CA ARG E 120 23.17 -51.51 -38.27
C ARG E 120 22.40 -52.84 -38.34
N LEU E 121 22.65 -53.76 -37.42
CA LEU E 121 21.94 -55.04 -37.44
C LEU E 121 20.76 -55.01 -36.49
N GLY E 122 20.64 -53.93 -35.72
CA GLY E 122 19.68 -53.88 -34.65
C GLY E 122 20.44 -54.11 -33.37
N GLY E 123 19.79 -53.90 -32.25
CA GLY E 123 20.44 -54.10 -30.99
C GLY E 123 20.40 -52.95 -30.04
N TYR E 124 20.38 -51.74 -30.56
CA TYR E 124 20.21 -50.61 -29.68
C TYR E 124 18.76 -50.64 -29.21
N ASN E 125 17.86 -51.27 -29.98
CA ASN E 125 16.46 -51.31 -29.63
C ASN E 125 16.31 -52.16 -28.38
N GLU E 126 17.17 -53.15 -28.28
CA GLU E 126 17.13 -54.12 -27.20
C GLU E 126 17.52 -53.45 -25.93
N LEU E 127 18.58 -52.66 -25.97
CA LEU E 127 19.02 -51.92 -24.81
C LEU E 127 18.00 -50.87 -24.43
N ALA E 128 17.46 -50.17 -25.42
CA ALA E 128 16.45 -49.17 -25.16
C ALA E 128 15.19 -49.75 -24.56
N ARG E 129 14.77 -50.91 -25.05
CA ARG E 129 13.59 -51.54 -24.47
C ARG E 129 13.80 -51.84 -23.00
N ARG E 130 14.93 -52.40 -22.64
CA ARG E 130 15.22 -52.68 -21.24
C ARG E 130 15.31 -51.43 -20.35
N TYR E 131 15.93 -50.36 -20.84
CA TYR E 131 16.01 -49.17 -20.02
C TYR E 131 14.66 -48.53 -19.88
N SER E 132 13.88 -48.54 -20.96
CA SER E 132 12.56 -47.93 -20.96
C SER E 132 11.63 -48.61 -20.00
N ALA E 133 11.68 -49.93 -19.96
CA ALA E 133 10.85 -50.70 -19.06
C ALA E 133 11.08 -50.32 -17.61
N ASN E 134 12.33 -50.17 -17.21
CA ASN E 134 12.66 -49.79 -15.84
C ASN E 134 12.19 -48.40 -15.45
N VAL E 135 12.09 -47.46 -16.38
CA VAL E 135 11.53 -46.16 -16.04
C VAL E 135 10.03 -46.26 -15.77
N LEU E 136 9.31 -46.96 -16.62
CA LEU E 136 7.85 -46.96 -16.57
C LEU E 136 7.33 -47.86 -15.46
N ARG E 137 8.13 -48.83 -15.04
CA ARG E 137 7.77 -49.72 -13.94
C ARG E 137 7.82 -49.01 -12.60
N GLY E 138 8.68 -48.02 -12.47
CA GLY E 138 8.83 -47.33 -11.21
C GLY E 138 9.81 -47.89 -10.20
N ILE E 139 10.65 -48.85 -10.56
CA ILE E 139 11.57 -49.42 -9.58
C ILE E 139 12.60 -48.49 -8.97
N TRP E 140 12.61 -47.22 -9.38
CA TRP E 140 13.63 -46.31 -8.91
C TRP E 140 13.20 -45.64 -7.63
N LEU E 141 12.01 -45.99 -7.13
CA LEU E 141 11.55 -45.51 -5.85
C LEU E 141 12.06 -46.39 -4.71
N TRP E 142 12.72 -47.48 -5.07
CA TRP E 142 13.29 -48.43 -4.09
C TRP E 142 12.30 -48.93 -3.07
N ARG E 143 12.48 -48.52 -1.81
CA ARG E 143 11.65 -48.96 -0.70
C ARG E 143 10.34 -48.19 -0.47
N ASN E 144 10.07 -47.20 -1.31
CA ASN E 144 8.87 -46.38 -1.27
C ASN E 144 7.81 -46.78 -2.26
N GLN E 145 7.88 -47.99 -2.79
CA GLN E 145 6.93 -48.46 -3.79
C GLN E 145 5.59 -48.91 -3.21
N TYR E 146 5.53 -49.09 -1.90
CA TYR E 146 4.35 -49.61 -1.21
C TYR E 146 3.25 -48.57 -0.96
N THR E 147 2.54 -48.18 -2.01
CA THR E 147 1.57 -47.09 -2.01
C THR E 147 0.19 -47.65 -2.23
N GLN E 148 -0.81 -46.80 -2.21
CA GLN E 148 -2.16 -47.25 -2.54
C GLN E 148 -2.45 -46.98 -4.00
N GLY E 149 -1.46 -46.56 -4.77
CA GLY E 149 -1.64 -46.20 -6.17
C GLY E 149 -0.53 -45.30 -6.66
N THR E 150 0.12 -45.63 -7.78
CA THR E 150 1.25 -44.84 -8.30
C THR E 150 1.05 -44.43 -9.74
N LYS E 151 1.18 -43.15 -10.07
CA LYS E 151 1.05 -42.71 -11.45
C LYS E 151 2.37 -42.14 -11.95
N ILE E 152 2.75 -42.43 -13.19
CA ILE E 152 4.00 -41.95 -13.77
C ILE E 152 3.79 -41.15 -15.02
N GLU E 153 4.40 -39.98 -15.11
CA GLU E 153 4.28 -39.11 -16.29
C GLU E 153 5.61 -38.63 -16.85
N ILE E 154 5.83 -38.71 -18.16
CA ILE E 154 7.09 -38.31 -18.72
C ILE E 154 6.94 -37.29 -19.85
N LYS E 155 7.70 -36.21 -19.83
CA LYS E 155 7.81 -35.32 -20.98
C LYS E 155 9.20 -35.31 -21.59
N THR E 156 9.30 -35.16 -22.91
CA THR E 156 10.59 -34.95 -23.57
C THR E 156 10.73 -33.73 -24.48
N SER E 157 11.98 -33.39 -24.77
CA SER E 157 12.37 -32.29 -25.66
C SER E 157 11.84 -32.35 -27.10
N LEU E 158 11.34 -33.51 -27.50
CA LEU E 158 10.73 -33.69 -28.83
C LEU E 158 9.22 -33.46 -28.86
N GLY E 159 8.62 -33.17 -27.71
CA GLY E 159 7.21 -32.89 -27.63
C GLY E 159 6.29 -34.01 -27.23
N SER E 160 6.82 -35.21 -27.06
CA SER E 160 5.98 -36.34 -26.68
C SER E 160 5.62 -36.30 -25.21
N THR E 161 4.56 -37.02 -24.83
CA THR E 161 4.20 -37.18 -23.43
C THR E 161 3.74 -38.61 -23.15
N TYR E 162 4.14 -39.19 -22.05
CA TYR E 162 3.68 -40.54 -21.76
C TYR E 162 3.06 -40.59 -20.39
N HIS E 163 2.12 -41.50 -20.22
CA HIS E 163 1.35 -41.58 -19.02
C HIS E 163 0.99 -43.02 -18.70
N ILE E 164 1.34 -43.46 -17.50
CA ILE E 164 1.03 -44.79 -17.04
C ILE E 164 -0.03 -44.58 -15.98
N PRO E 165 -1.25 -45.07 -16.21
CA PRO E 165 -2.30 -44.73 -15.23
C PRO E 165 -2.09 -45.39 -13.89
N ASP E 166 -1.35 -46.49 -13.83
CA ASP E 166 -1.12 -47.22 -12.59
C ASP E 166 0.05 -48.17 -12.76
N ALA E 167 1.19 -47.84 -12.15
CA ALA E 167 2.43 -48.57 -12.37
C ALA E 167 2.62 -49.80 -11.52
N ARG E 168 1.73 -50.01 -10.56
CA ARG E 168 1.96 -51.04 -9.56
C ARG E 168 2.02 -52.47 -10.09
N ARG E 169 1.43 -52.73 -11.25
CA ARG E 169 1.47 -54.07 -11.80
C ARG E 169 2.38 -54.42 -12.98
N LEU E 170 3.37 -53.58 -13.33
CA LEU E 170 4.09 -53.91 -14.55
C LEU E 170 5.30 -54.75 -14.19
N SER E 171 5.35 -55.96 -14.70
CA SER E 171 6.44 -56.87 -14.40
C SER E 171 7.60 -56.77 -15.34
N TRP E 172 8.71 -57.36 -14.93
CA TRP E 172 9.89 -57.49 -15.75
C TRP E 172 9.53 -58.47 -16.83
N SER E 173 9.02 -59.63 -16.44
CA SER E 173 8.71 -60.66 -17.41
C SER E 173 7.21 -60.77 -17.54
N GLY E 174 6.72 -60.65 -18.76
CA GLY E 174 5.30 -60.69 -19.01
C GLY E 174 4.96 -59.78 -20.16
N ASP E 175 3.67 -59.50 -20.30
CA ASP E 175 3.16 -58.68 -21.37
C ASP E 175 2.23 -57.64 -20.80
N TRP E 176 2.44 -56.40 -21.21
CA TRP E 176 1.67 -55.30 -20.65
C TRP E 176 0.34 -55.12 -21.36
N PRO E 177 -0.65 -54.64 -20.61
CA PRO E 177 -2.01 -54.23 -20.96
C PRO E 177 -1.99 -53.35 -22.16
N GLU E 178 -3.06 -53.35 -22.95
CA GLU E 178 -3.14 -52.40 -24.05
C GLU E 178 -3.23 -50.96 -23.62
N LEU E 179 -2.61 -50.13 -24.46
CA LEU E 179 -2.38 -48.69 -24.27
C LEU E 179 -1.30 -48.37 -23.24
N GLU E 180 -0.63 -49.42 -22.81
CA GLU E 180 0.59 -49.37 -22.00
C GLU E 180 1.74 -50.01 -22.80
N GLN E 181 1.49 -51.18 -23.38
CA GLN E 181 2.47 -51.87 -24.17
C GLN E 181 2.84 -50.94 -25.27
N LYS E 182 1.84 -50.25 -25.80
CA LYS E 182 2.09 -49.34 -26.92
C LYS E 182 2.99 -48.17 -26.60
N GLN E 183 2.89 -47.65 -25.39
CA GLN E 183 3.69 -46.49 -25.02
C GLN E 183 5.11 -46.94 -24.80
N LEU E 184 5.29 -48.19 -24.37
CA LEU E 184 6.61 -48.72 -24.24
C LEU E 184 7.26 -48.76 -25.60
N GLU E 185 6.54 -49.15 -26.64
CA GLU E 185 7.15 -49.16 -27.97
C GLU E 185 7.58 -47.79 -28.46
N GLN E 186 6.74 -46.79 -28.24
CA GLN E 186 7.04 -45.44 -28.68
C GLN E 186 8.23 -44.84 -27.94
N LEU E 187 8.30 -45.05 -26.64
CA LEU E 187 9.41 -44.55 -25.84
C LEU E 187 10.69 -45.24 -26.25
N THR E 188 10.63 -46.52 -26.53
CA THR E 188 11.79 -47.25 -26.96
C THR E 188 12.43 -46.60 -28.17
N SER E 189 11.61 -46.18 -29.13
CA SER E 189 12.13 -45.54 -30.33
C SER E 189 12.91 -44.25 -30.07
N GLU E 190 12.40 -43.37 -29.21
CA GLU E 190 13.14 -42.15 -28.92
C GLU E 190 14.48 -42.47 -28.30
N MET E 191 14.50 -43.41 -27.36
CA MET E 191 15.73 -43.69 -26.64
C MET E 191 16.75 -44.47 -27.46
N ALA E 192 16.28 -45.41 -28.27
CA ALA E 192 17.17 -46.22 -29.09
C ALA E 192 17.98 -45.34 -30.01
N LYS E 193 17.36 -44.28 -30.51
CA LYS E 193 18.05 -43.27 -31.31
C LYS E 193 19.02 -42.41 -30.51
N ALA E 194 18.56 -41.90 -29.38
CA ALA E 194 19.38 -41.03 -28.56
C ALA E 194 20.67 -41.70 -28.15
N LEU E 195 20.61 -42.99 -27.85
CA LEU E 195 21.76 -43.79 -27.50
C LEU E 195 22.84 -43.98 -28.55
N SER E 196 22.47 -43.94 -29.83
CA SER E 196 23.42 -44.25 -30.89
C SER E 196 23.70 -43.20 -31.96
N GLN E 197 22.78 -42.26 -32.17
CA GLN E 197 22.98 -41.26 -33.21
C GLN E 197 23.36 -39.93 -32.59
N PRO E 198 24.51 -39.39 -32.98
CA PRO E 198 24.95 -38.12 -32.43
C PRO E 198 24.23 -36.89 -33.01
N ASP E 199 24.47 -35.73 -32.39
CA ASP E 199 23.92 -34.43 -32.81
C ASP E 199 22.41 -34.28 -32.64
N ILE E 200 21.85 -35.06 -31.73
CA ILE E 200 20.44 -34.98 -31.39
C ILE E 200 20.52 -34.59 -29.94
N PHE E 201 19.84 -33.54 -29.54
CA PHE E 201 19.79 -33.19 -28.16
C PHE E 201 18.51 -33.82 -27.69
N TRP E 202 18.56 -34.50 -26.55
CA TRP E 202 17.40 -35.14 -25.99
C TRP E 202 17.44 -34.91 -24.50
N PHE E 203 16.31 -34.69 -23.87
CA PHE E 203 16.28 -34.34 -22.47
C PHE E 203 14.91 -34.76 -22.02
N ALA E 204 14.81 -35.40 -20.86
CA ALA E 204 13.54 -35.90 -20.36
C ALA E 204 13.20 -35.38 -18.97
N ASP E 205 11.92 -35.27 -18.67
CA ASP E 205 11.48 -34.85 -17.35
C ASP E 205 10.39 -35.77 -16.80
N VAL E 206 10.73 -36.54 -15.76
CA VAL E 206 9.99 -37.65 -15.19
C VAL E 206 9.45 -37.28 -13.85
N THR E 207 8.14 -37.37 -13.67
CA THR E 207 7.50 -37.00 -12.44
C THR E 207 6.68 -38.22 -12.07
N ALA E 208 6.33 -38.40 -10.81
CA ALA E 208 5.41 -39.45 -10.44
C ALA E 208 4.64 -39.02 -9.25
N SER E 209 3.46 -39.60 -9.04
CA SER E 209 2.78 -39.33 -7.79
C SER E 209 2.42 -40.50 -6.85
N LEU E 210 2.41 -40.35 -5.54
CA LEU E 210 2.29 -41.56 -4.74
C LEU E 210 1.02 -41.35 -3.95
N LYS E 211 0.01 -42.22 -3.94
CA LYS E 211 -1.08 -41.99 -2.98
C LYS E 211 -0.69 -42.73 -1.67
N THR E 212 -0.67 -41.99 -0.57
CA THR E 212 -0.21 -42.53 0.71
C THR E 212 -1.21 -42.73 1.87
N GLY E 213 -0.71 -43.30 2.96
CA GLY E 213 -1.41 -43.52 4.22
C GLY E 213 -1.50 -42.25 5.06
N PHE E 214 -2.10 -42.32 6.25
CA PHE E 214 -2.32 -41.11 7.04
C PHE E 214 -1.04 -40.38 7.46
N CYS E 215 -0.10 -41.07 8.08
CA CYS E 215 1.20 -40.49 8.34
C CYS E 215 2.24 -41.52 8.00
N GLN E 216 2.42 -41.77 6.71
CA GLN E 216 3.33 -42.79 6.24
C GLN E 216 4.77 -42.38 6.32
N GLU E 217 5.64 -43.33 6.63
CA GLU E 217 7.08 -43.07 6.72
C GLU E 217 7.67 -43.04 5.32
N ILE E 218 8.60 -42.11 5.08
CA ILE E 218 9.29 -41.95 3.79
C ILE E 218 10.78 -42.24 3.87
N PHE E 219 11.32 -42.91 2.85
CA PHE E 219 12.71 -43.35 2.88
C PHE E 219 13.63 -42.76 1.81
N PRO E 220 14.25 -41.61 2.11
CA PRO E 220 15.21 -40.88 1.29
C PRO E 220 16.59 -41.49 1.40
N SER E 221 17.56 -40.99 0.66
CA SER E 221 18.90 -41.55 0.66
C SER E 221 19.59 -41.28 1.99
N GLN E 222 20.51 -42.14 2.40
CA GLN E 222 21.22 -41.97 3.66
C GLN E 222 22.64 -41.48 3.48
N LYS E 223 23.21 -40.73 4.40
CA LYS E 223 24.57 -40.25 4.22
C LYS E 223 25.56 -41.30 4.71
N PHE E 224 26.81 -41.24 4.28
CA PHE E 224 27.84 -42.14 4.76
C PHE E 224 28.53 -41.43 5.87
N THR E 225 28.50 -41.88 7.12
CA THR E 225 29.25 -41.12 8.15
C THR E 225 30.17 -41.82 9.13
N GLU E 226 30.91 -41.00 9.85
CA GLU E 226 31.78 -41.45 10.92
C GLU E 226 30.90 -41.57 12.14
N ARG E 227 31.31 -42.39 13.10
CA ARG E 227 30.55 -42.46 14.33
C ARG E 227 30.91 -41.23 15.13
N PRO E 228 29.91 -40.44 15.52
CA PRO E 228 30.21 -39.26 16.32
C PRO E 228 30.75 -39.68 17.67
N ASP E 229 31.54 -38.84 18.29
CA ASP E 229 32.01 -39.12 19.64
C ASP E 229 31.29 -38.28 20.70
N ASP E 230 30.33 -37.48 20.26
CA ASP E 230 29.69 -36.48 21.11
C ASP E 230 28.45 -36.89 21.88
N HIS E 231 27.70 -37.81 21.28
CA HIS E 231 26.39 -38.31 21.74
C HIS E 231 25.27 -37.27 21.67
N SER E 232 25.56 -36.18 20.98
CA SER E 232 24.59 -35.13 20.72
C SER E 232 24.37 -34.99 19.21
N VAL E 233 25.00 -35.89 18.43
CA VAL E 233 24.96 -35.87 16.97
C VAL E 233 24.38 -37.17 16.45
N ALA E 234 23.46 -37.09 15.49
CA ALA E 234 22.78 -38.26 14.93
C ALA E 234 23.61 -39.40 14.32
N SER E 235 23.25 -40.65 14.63
CA SER E 235 24.00 -41.75 14.06
C SER E 235 23.51 -42.09 12.67
N ARG E 236 22.26 -41.79 12.37
CA ARG E 236 21.69 -42.04 11.05
C ARG E 236 21.19 -40.75 10.43
N GLN E 237 21.95 -40.21 9.48
CA GLN E 237 21.65 -38.91 8.90
C GLN E 237 21.16 -39.05 7.46
N LEU E 238 20.13 -38.30 7.11
CA LEU E 238 19.51 -38.43 5.81
C LEU E 238 19.89 -37.28 4.89
N ALA E 239 19.89 -37.57 3.59
CA ALA E 239 20.17 -36.63 2.51
C ALA E 239 19.04 -35.67 2.18
N THR E 240 19.38 -34.39 2.02
CA THR E 240 18.42 -33.34 1.67
C THR E 240 18.95 -32.46 0.54
N VAL E 241 18.09 -31.71 -0.13
CA VAL E 241 18.53 -30.76 -1.15
C VAL E 241 18.02 -29.35 -0.82
N GLU E 242 18.82 -28.34 -1.14
CA GLU E 242 18.46 -26.95 -0.88
C GLU E 242 17.55 -26.48 -1.98
N CYS E 243 16.44 -25.87 -1.61
CA CYS E 243 15.48 -25.39 -2.60
C CYS E 243 15.81 -23.94 -2.93
N SER E 244 15.20 -23.43 -3.99
CA SER E 244 15.48 -22.08 -4.46
C SER E 244 15.12 -21.01 -3.43
N ASP E 245 14.21 -21.34 -2.53
CA ASP E 245 13.80 -20.43 -1.45
C ASP E 245 14.65 -20.53 -0.18
N GLY E 246 15.67 -21.36 -0.18
CA GLY E 246 16.48 -21.60 1.00
C GLY E 246 16.13 -22.68 2.01
N GLN E 247 15.01 -23.36 1.83
CA GLN E 247 14.60 -24.40 2.76
C GLN E 247 15.20 -25.73 2.30
N LEU E 248 15.35 -26.70 3.19
CA LEU E 248 15.85 -28.01 2.77
C LEU E 248 14.72 -29.02 2.57
N ALA E 249 14.91 -29.95 1.64
CA ALA E 249 13.95 -31.03 1.38
C ALA E 249 14.52 -32.43 1.23
N ALA E 250 13.80 -33.51 1.56
CA ALA E 250 14.29 -34.88 1.35
C ALA E 250 14.51 -35.26 -0.14
N CYS E 251 15.56 -36.00 -0.45
CA CYS E 251 15.89 -36.29 -1.82
C CYS E 251 16.49 -37.66 -1.95
N ILE E 252 16.66 -38.09 -3.17
CA ILE E 252 17.30 -39.35 -3.47
C ILE E 252 18.50 -38.99 -4.31
N ASN E 253 19.67 -39.54 -4.03
CA ASN E 253 20.89 -39.18 -4.74
C ASN E 253 20.94 -39.61 -6.19
N PRO E 254 21.67 -38.88 -7.04
CA PRO E 254 21.71 -39.29 -8.44
C PRO E 254 22.13 -40.73 -8.64
N GLN E 255 23.25 -41.16 -8.09
CA GLN E 255 23.72 -42.50 -8.38
C GLN E 255 22.78 -43.59 -7.85
N LYS E 256 21.93 -43.28 -6.86
CA LYS E 256 20.93 -44.22 -6.40
C LYS E 256 19.80 -44.39 -7.38
N ILE E 257 19.44 -43.33 -8.10
CA ILE E 257 18.46 -43.43 -9.19
C ILE E 257 19.08 -44.19 -10.32
N GLY E 258 20.34 -43.87 -10.62
CA GLY E 258 21.07 -44.53 -11.67
C GLY E 258 21.22 -46.02 -11.52
N ALA E 259 21.61 -46.48 -10.35
CA ALA E 259 21.76 -47.91 -10.14
C ALA E 259 20.48 -48.66 -10.46
N ALA E 260 19.34 -48.05 -10.16
CA ALA E 260 18.07 -48.68 -10.48
C ALA E 260 17.79 -48.76 -11.97
N LEU E 261 18.07 -47.70 -12.71
CA LEU E 261 17.75 -47.68 -14.13
C LEU E 261 18.51 -48.68 -14.97
N GLN E 262 19.72 -49.01 -14.56
CA GLN E 262 20.56 -49.94 -15.29
C GLN E 262 20.49 -51.38 -14.82
N LYS E 263 19.51 -51.71 -14.00
CA LYS E 263 19.35 -53.08 -13.54
C LYS E 263 18.72 -53.90 -14.63
N ILE E 264 19.48 -54.33 -15.62
CA ILE E 264 18.92 -55.03 -16.76
C ILE E 264 19.55 -56.33 -17.18
N ASP E 265 20.50 -56.83 -16.41
CA ASP E 265 21.28 -57.98 -16.85
C ASP E 265 20.69 -59.27 -16.32
N ASP E 266 19.97 -59.99 -17.20
CA ASP E 266 19.41 -61.30 -16.96
C ASP E 266 19.94 -62.21 -18.04
N TRP E 267 21.16 -61.94 -18.45
CA TRP E 267 21.86 -62.78 -19.41
C TRP E 267 22.76 -63.87 -18.86
N TRP E 268 22.99 -63.87 -17.56
CA TRP E 268 23.91 -64.83 -16.94
C TRP E 268 23.39 -66.26 -16.79
N ALA E 269 24.31 -67.20 -16.95
CA ALA E 269 24.11 -68.65 -16.77
C ALA E 269 22.95 -69.30 -17.53
N ASN E 270 22.46 -68.62 -18.56
CA ASN E 270 21.34 -69.09 -19.38
C ASN E 270 20.09 -69.37 -18.56
N ASP E 271 19.93 -68.61 -17.48
CA ASP E 271 18.79 -68.73 -16.59
C ASP E 271 18.47 -67.34 -16.07
N ALA E 272 17.44 -66.72 -16.61
CA ALA E 272 17.17 -65.31 -16.31
C ALA E 272 16.95 -64.87 -14.86
N ASP E 273 16.32 -65.68 -14.01
CA ASP E 273 16.02 -65.27 -12.63
C ASP E 273 15.51 -63.81 -12.53
N LEU E 274 16.10 -63.02 -11.63
CA LEU E 274 15.98 -61.57 -11.61
C LEU E 274 17.26 -60.99 -12.19
N PRO E 275 17.17 -59.83 -12.86
CA PRO E 275 18.26 -59.06 -13.45
C PRO E 275 19.24 -58.39 -12.48
N LEU E 276 20.50 -58.27 -12.88
CA LEU E 276 21.55 -57.75 -12.01
C LEU E 276 21.90 -56.34 -12.43
N ARG E 277 22.50 -55.56 -11.53
CA ARG E 277 23.09 -54.28 -11.92
C ARG E 277 24.31 -54.64 -12.72
N VAL E 278 24.50 -54.01 -13.88
CA VAL E 278 25.61 -54.40 -14.73
C VAL E 278 26.92 -54.13 -14.03
N HIS E 279 27.81 -55.12 -14.03
CA HIS E 279 29.07 -55.05 -13.31
C HIS E 279 30.04 -55.96 -14.04
N GLU E 280 31.32 -55.61 -14.07
CA GLU E 280 32.25 -56.37 -14.89
C GLU E 280 32.38 -57.80 -14.40
N TYR E 281 32.20 -58.01 -13.10
CA TYR E 281 32.33 -59.33 -12.49
C TYR E 281 31.01 -59.97 -12.07
N GLY E 282 29.89 -59.36 -12.42
CA GLY E 282 28.61 -59.88 -12.02
C GLY E 282 28.28 -59.84 -10.54
N ALA E 283 28.67 -58.80 -9.85
CA ALA E 283 28.49 -58.72 -8.41
C ALA E 283 27.03 -58.82 -8.00
N ASN E 284 26.78 -59.58 -6.93
CA ASN E 284 25.46 -59.79 -6.38
C ASN E 284 25.48 -59.30 -4.96
N HIS E 285 24.94 -58.12 -4.72
CA HIS E 285 24.97 -57.52 -3.38
C HIS E 285 24.14 -58.17 -2.29
N GLU E 286 22.98 -58.69 -2.66
CA GLU E 286 22.13 -59.38 -1.71
C GLU E 286 22.75 -60.63 -1.11
N ALA E 287 23.42 -61.42 -1.95
CA ALA E 287 24.07 -62.64 -1.49
C ALA E 287 25.55 -62.48 -1.17
N LEU E 288 26.07 -61.27 -1.30
CA LEU E 288 27.50 -60.99 -1.15
C LEU E 288 28.46 -61.85 -1.96
N THR E 289 28.19 -62.02 -3.25
CA THR E 289 29.00 -62.88 -4.09
C THR E 289 29.17 -62.32 -5.52
N ALA E 290 29.64 -63.15 -6.44
CA ALA E 290 29.81 -62.75 -7.82
C ALA E 290 29.43 -63.84 -8.80
N LEU E 291 28.61 -63.50 -9.78
CA LEU E 291 28.08 -64.44 -10.74
C LEU E 291 28.91 -64.63 -12.00
N ARG E 292 29.88 -63.76 -12.25
CA ARG E 292 30.77 -63.94 -13.38
C ARG E 292 32.18 -63.92 -12.87
N HIS E 293 32.46 -64.82 -11.94
CA HIS E 293 33.77 -64.96 -11.33
C HIS E 293 34.78 -65.22 -12.45
N PRO E 294 35.96 -64.61 -12.38
CA PRO E 294 36.98 -64.83 -13.41
C PRO E 294 37.23 -66.30 -13.70
N ALA E 295 37.10 -67.17 -12.71
CA ALA E 295 37.34 -68.59 -12.91
C ALA E 295 36.41 -69.25 -13.92
N THR E 296 35.28 -68.62 -14.22
CA THR E 296 34.32 -69.21 -15.16
C THR E 296 34.51 -68.87 -16.63
N GLY E 297 35.28 -67.84 -16.92
CA GLY E 297 35.42 -67.33 -18.27
C GLY E 297 34.27 -66.46 -18.73
N GLN E 298 33.35 -66.15 -17.84
CA GLN E 298 32.16 -65.35 -18.18
C GLN E 298 32.22 -63.85 -17.91
N ASP E 299 33.35 -63.34 -17.46
CA ASP E 299 33.44 -61.92 -17.10
C ASP E 299 33.74 -61.00 -18.27
N PHE E 300 33.65 -59.70 -18.05
CA PHE E 300 34.01 -58.72 -19.07
C PHE E 300 35.42 -58.84 -19.64
N TYR E 301 36.42 -59.08 -18.82
CA TYR E 301 37.80 -59.01 -19.30
C TYR E 301 38.23 -60.13 -20.23
N HIS E 302 37.64 -61.30 -20.08
CA HIS E 302 37.88 -62.40 -20.98
C HIS E 302 37.24 -62.10 -22.31
N LEU E 303 35.99 -61.68 -22.24
CA LEU E 303 35.15 -61.33 -23.39
C LEU E 303 35.65 -60.15 -24.22
N LEU E 304 36.31 -59.20 -23.59
CA LEU E 304 36.88 -58.05 -24.30
C LEU E 304 37.88 -58.44 -25.36
N THR E 305 38.48 -59.62 -25.24
CA THR E 305 39.44 -60.10 -26.23
C THR E 305 38.86 -60.88 -27.42
N LYS E 306 37.56 -61.10 -27.47
CA LYS E 306 36.94 -61.85 -28.57
C LYS E 306 36.29 -60.95 -29.64
N ALA E 307 36.56 -59.65 -29.60
CA ALA E 307 35.97 -58.67 -30.54
C ALA E 307 36.21 -59.00 -32.01
N GLU E 308 37.41 -59.47 -32.31
CA GLU E 308 37.76 -59.83 -33.67
C GLU E 308 36.85 -60.94 -34.19
N GLN E 309 36.59 -61.93 -33.34
CA GLN E 309 35.64 -62.99 -33.65
C GLN E 309 34.19 -62.55 -33.74
N PHE E 310 33.79 -61.62 -32.89
CA PHE E 310 32.43 -61.08 -32.90
C PHE E 310 32.13 -60.21 -34.11
N VAL E 311 33.08 -59.35 -34.46
CA VAL E 311 32.90 -58.50 -35.61
C VAL E 311 32.76 -59.41 -36.81
N THR E 312 33.62 -60.42 -36.92
CA THR E 312 33.51 -61.35 -38.03
C THR E 312 32.15 -61.97 -38.16
N VAL E 313 31.56 -62.41 -37.05
CA VAL E 313 30.20 -62.94 -37.08
C VAL E 313 29.17 -61.89 -37.45
N LEU E 314 29.29 -60.69 -36.88
CA LEU E 314 28.30 -59.65 -37.10
C LEU E 314 28.31 -59.29 -38.56
N GLU E 315 29.50 -59.23 -39.13
CA GLU E 315 29.65 -58.92 -40.54
C GLU E 315 29.12 -60.02 -41.44
N SER E 316 29.28 -61.27 -41.04
CA SER E 316 28.77 -62.37 -41.84
C SER E 316 27.28 -62.61 -41.68
N SER E 317 26.72 -62.17 -40.57
CA SER E 317 25.30 -62.36 -40.32
C SER E 317 24.43 -61.46 -41.20
N GLU E 318 23.23 -61.94 -41.49
CA GLU E 318 22.25 -61.21 -42.26
C GLU E 318 21.66 -60.04 -41.47
N GLY E 319 21.39 -60.28 -40.19
CA GLY E 319 20.84 -59.28 -39.28
C GLY E 319 19.32 -59.18 -39.31
N GLY E 320 18.76 -58.44 -38.35
CA GLY E 320 17.33 -58.19 -38.35
C GLY E 320 16.56 -59.34 -37.71
N GLY E 321 17.31 -60.36 -37.29
CA GLY E 321 16.78 -61.57 -36.72
C GLY E 321 17.02 -61.60 -35.23
N VAL E 322 17.17 -62.81 -34.70
CA VAL E 322 17.38 -63.05 -33.27
C VAL E 322 18.75 -63.64 -32.99
N GLU E 323 19.62 -63.58 -33.99
CA GLU E 323 20.96 -64.15 -33.91
C GLU E 323 21.98 -63.54 -32.93
N LEU E 324 21.80 -62.28 -32.52
CA LEU E 324 22.82 -61.68 -31.65
C LEU E 324 22.91 -62.47 -30.37
N PRO E 325 24.12 -62.92 -30.01
CA PRO E 325 24.45 -63.71 -28.81
C PRO E 325 24.55 -62.92 -27.52
N GLY E 326 24.46 -63.61 -26.39
CA GLY E 326 24.54 -62.96 -25.11
C GLY E 326 25.85 -62.21 -24.90
N GLU E 327 26.96 -62.77 -25.37
CA GLU E 327 28.26 -62.14 -25.17
C GLU E 327 28.33 -60.77 -25.86
N VAL E 328 27.84 -60.61 -27.08
CA VAL E 328 27.83 -59.28 -27.67
C VAL E 328 26.93 -58.26 -26.96
N HIS E 329 25.73 -58.66 -26.55
CA HIS E 329 24.85 -57.75 -25.83
C HIS E 329 25.45 -57.33 -24.49
N TYR E 330 26.06 -58.26 -23.79
CA TYR E 330 26.64 -57.98 -22.51
C TYR E 330 27.69 -56.91 -22.68
N LEU E 331 28.59 -57.11 -23.62
CA LEU E 331 29.70 -56.20 -23.81
C LEU E 331 29.22 -54.80 -24.14
N MET E 332 28.20 -54.66 -24.96
CA MET E 332 27.68 -53.34 -25.30
C MET E 332 27.08 -52.68 -24.08
N ALA E 333 26.43 -53.45 -23.22
CA ALA E 333 25.87 -52.89 -21.99
C ALA E 333 26.94 -52.35 -21.07
N VAL E 334 28.08 -53.02 -21.01
CA VAL E 334 29.17 -52.53 -20.19
C VAL E 334 29.79 -51.27 -20.77
N LEU E 335 29.94 -51.19 -22.08
CA LEU E 335 30.51 -50.00 -22.69
C LEU E 335 29.63 -48.78 -22.44
N VAL E 336 28.32 -48.97 -22.41
CA VAL E 336 27.38 -47.90 -22.02
C VAL E 336 27.60 -47.37 -20.60
N LYS E 337 27.84 -48.24 -19.63
CA LYS E 337 28.22 -47.79 -18.31
C LYS E 337 29.75 -47.67 -18.37
N GLY E 338 30.28 -46.69 -19.06
CA GLY E 338 31.72 -46.62 -19.20
C GLY E 338 32.55 -46.51 -17.95
N GLY E 339 33.77 -47.01 -18.03
CA GLY E 339 34.70 -47.02 -16.91
C GLY E 339 36.10 -47.30 -17.39
N LEU E 340 36.99 -47.72 -16.51
CA LEU E 340 38.39 -47.95 -16.85
C LEU E 340 38.68 -49.40 -17.22
N PHE E 341 39.14 -49.64 -18.45
CA PHE E 341 39.35 -50.99 -18.93
C PHE E 341 40.84 -51.19 -19.22
N GLN E 342 41.71 -50.64 -18.40
CA GLN E 342 43.13 -50.66 -18.75
C GLN E 342 43.88 -51.90 -18.35
N LYS E 343 45.16 -51.91 -18.69
CA LYS E 343 46.08 -53.07 -18.57
C LYS E 343 45.62 -54.25 -19.37
N GLY E 344 45.34 -54.03 -20.65
CA GLY E 344 44.83 -55.08 -21.50
C GLY E 344 45.91 -55.44 -22.50
N LEU F 3 25.93 -70.77 12.68
CA LEU F 3 25.74 -69.34 12.44
C LEU F 3 26.73 -68.83 11.39
N CYS F 4 26.61 -67.54 11.07
CA CYS F 4 27.43 -66.95 10.04
C CYS F 4 27.69 -65.49 10.32
N THR F 5 28.52 -64.87 9.49
CA THR F 5 28.85 -63.45 9.64
C THR F 5 27.74 -62.45 9.31
N HIS F 6 27.04 -62.59 8.20
CA HIS F 6 25.96 -61.65 7.89
C HIS F 6 24.59 -62.30 7.84
N LEU F 7 23.61 -61.76 8.57
CA LEU F 7 22.23 -62.23 8.49
C LEU F 7 21.28 -61.14 8.92
N SER F 8 20.35 -60.70 8.07
CA SER F 8 19.39 -59.69 8.47
C SER F 8 18.01 -59.91 7.94
N TYR F 9 17.02 -59.49 8.72
CA TYR F 9 15.63 -59.52 8.33
C TYR F 9 15.10 -58.10 8.43
N SER F 10 14.03 -57.80 7.72
CA SER F 10 13.43 -56.47 7.82
C SER F 10 12.20 -56.55 8.69
N ARG F 11 11.66 -55.39 9.00
CA ARG F 11 10.46 -55.24 9.81
C ARG F 11 9.18 -55.41 9.04
N SER F 12 8.46 -56.48 9.32
CA SER F 12 7.29 -56.88 8.57
C SER F 12 5.95 -56.29 8.96
N LEU F 13 5.87 -55.63 10.10
CA LEU F 13 4.61 -55.06 10.60
C LEU F 13 4.80 -53.69 11.24
N SER F 14 4.15 -52.66 10.73
CA SER F 14 4.32 -51.34 11.32
C SER F 14 3.26 -50.26 11.14
N PRO F 15 2.99 -49.51 12.19
CA PRO F 15 2.16 -48.32 12.22
C PRO F 15 2.93 -47.07 11.82
N GLY F 16 2.19 -46.01 11.51
CA GLY F 16 2.68 -44.64 11.42
C GLY F 16 2.33 -44.08 12.78
N LYS F 17 2.48 -42.79 12.99
CA LYS F 17 2.06 -42.23 14.28
C LYS F 17 0.62 -41.80 14.54
N ALA F 18 0.25 -41.73 15.83
CA ALA F 18 -1.09 -41.40 16.31
C ALA F 18 -1.24 -39.96 16.75
N VAL F 19 -2.29 -39.29 16.30
CA VAL F 19 -2.58 -37.90 16.57
C VAL F 19 -3.90 -37.70 17.31
N PHE F 20 -3.90 -36.84 18.31
CA PHE F 20 -5.11 -36.50 19.06
C PHE F 20 -5.81 -35.27 18.49
N PHE F 21 -7.11 -35.34 18.30
CA PHE F 21 -7.85 -34.16 17.78
C PHE F 21 -9.32 -34.17 18.18
N TYR F 22 -10.04 -33.08 17.96
CA TYR F 22 -11.49 -33.10 18.15
C TYR F 22 -12.27 -32.31 17.11
N LYS F 23 -13.58 -32.52 17.04
CA LYS F 23 -14.36 -31.85 16.03
C LYS F 23 -15.23 -30.77 16.61
N THR F 24 -15.59 -29.83 15.76
CA THR F 24 -16.48 -28.74 16.10
C THR F 24 -17.53 -28.67 15.01
N ALA F 25 -18.51 -27.78 15.16
CA ALA F 25 -19.57 -27.71 14.17
C ALA F 25 -19.11 -27.12 12.86
N GLU F 26 -18.05 -26.31 12.88
CA GLU F 26 -17.59 -25.64 11.66
C GLU F 26 -16.48 -26.37 10.86
N SER F 27 -15.77 -27.30 11.48
CA SER F 27 -14.55 -27.89 10.91
C SER F 27 -14.37 -29.30 11.41
N ASP F 28 -13.91 -30.20 10.54
CA ASP F 28 -13.63 -31.57 10.93
C ASP F 28 -12.32 -31.97 11.62
N PHE F 29 -11.35 -31.07 11.78
CA PHE F 29 -10.09 -31.45 12.43
C PHE F 29 -9.46 -30.32 13.22
N VAL F 30 -9.64 -30.32 14.54
CA VAL F 30 -9.00 -29.35 15.42
C VAL F 30 -8.00 -30.08 16.30
N PRO F 31 -6.73 -29.69 16.23
CA PRO F 31 -5.69 -30.37 17.02
C PRO F 31 -5.73 -30.09 18.50
N LEU F 32 -5.30 -31.07 19.30
CA LEU F 32 -5.22 -30.92 20.73
C LEU F 32 -3.85 -30.37 20.94
N ARG F 33 -3.70 -29.35 21.77
CA ARG F 33 -2.38 -28.78 21.96
C ARG F 33 -1.88 -28.76 23.40
N ILE F 34 -0.60 -28.45 23.62
CA ILE F 34 0.02 -28.53 24.93
C ILE F 34 0.32 -27.16 25.48
N GLU F 35 0.51 -27.07 26.79
CA GLU F 35 0.73 -25.81 27.47
C GLU F 35 2.08 -25.87 28.18
N VAL F 36 2.71 -24.73 28.45
CA VAL F 36 3.94 -24.73 29.22
C VAL F 36 3.87 -23.96 30.53
N ALA F 37 4.29 -24.47 31.69
CA ALA F 37 4.19 -23.62 32.93
C ALA F 37 5.19 -23.84 34.09
N LYS F 38 5.46 -22.79 34.88
CA LYS F 38 6.26 -22.90 36.12
C LYS F 38 5.41 -23.37 37.32
N ILE F 39 5.92 -24.31 38.13
CA ILE F 39 5.24 -24.79 39.35
C ILE F 39 6.10 -24.74 40.60
N SER F 40 5.43 -24.79 41.75
CA SER F 40 6.07 -24.88 43.06
C SER F 40 6.01 -26.29 43.62
N GLY F 41 7.14 -26.97 43.64
CA GLY F 41 7.21 -28.33 44.12
C GLY F 41 7.61 -28.55 45.57
N GLN F 42 7.81 -29.80 45.91
CA GLN F 42 8.17 -30.24 47.25
C GLN F 42 9.64 -30.56 47.37
N LYS F 43 10.19 -30.40 48.57
CA LYS F 43 11.54 -30.86 48.87
C LYS F 43 11.33 -32.17 49.61
N CYS F 44 11.53 -33.29 48.94
CA CYS F 44 11.25 -34.57 49.56
C CYS F 44 12.06 -35.72 48.98
N GLY F 45 12.06 -36.83 49.68
CA GLY F 45 12.71 -38.04 49.22
C GLY F 45 14.06 -38.23 49.87
N TYR F 46 14.59 -39.45 49.81
CA TYR F 46 15.90 -39.73 50.38
C TYR F 46 16.97 -38.86 49.75
N THR F 47 18.01 -38.57 50.54
CA THR F 47 19.16 -37.68 50.25
C THR F 47 18.82 -36.22 50.37
N GLU F 48 17.55 -35.93 50.55
CA GLU F 48 17.10 -34.58 50.82
C GLU F 48 17.51 -34.38 52.26
N GLY F 49 17.17 -35.36 53.08
CA GLY F 49 17.55 -35.34 54.47
C GLY F 49 18.52 -36.40 54.96
N PHE F 50 19.09 -37.23 54.09
CA PHE F 50 19.96 -38.28 54.61
C PHE F 50 21.28 -38.44 53.89
N ASP F 51 22.21 -39.12 54.55
CA ASP F 51 23.47 -39.51 53.93
C ASP F 51 23.88 -40.95 54.28
N ALA F 52 23.74 -41.90 53.37
CA ALA F 52 24.05 -43.33 53.59
C ALA F 52 23.25 -43.94 54.77
N ASN F 53 22.06 -43.34 54.96
CA ASN F 53 21.13 -43.55 56.07
C ASN F 53 21.65 -43.31 57.49
N LEU F 54 22.62 -42.42 57.60
CA LEU F 54 23.20 -42.16 58.89
C LEU F 54 22.65 -40.86 59.41
N LYS F 55 23.48 -40.09 60.07
CA LYS F 55 22.96 -38.87 60.65
C LYS F 55 22.33 -38.13 59.51
N PRO F 56 21.14 -37.65 59.75
CA PRO F 56 20.48 -36.91 58.69
C PRO F 56 20.99 -35.48 58.49
N LYS F 57 22.24 -35.35 58.06
CA LYS F 57 22.92 -34.08 57.88
C LYS F 57 22.96 -33.08 59.06
N ASN F 58 23.08 -31.80 58.73
CA ASN F 58 23.04 -30.71 59.69
C ASN F 58 22.16 -29.51 59.30
N ILE F 59 20.87 -29.79 59.05
CA ILE F 59 19.87 -28.83 58.56
C ILE F 59 18.90 -28.32 59.65
N GLU F 60 18.63 -27.01 59.66
CA GLU F 60 17.76 -26.48 60.70
C GLU F 60 16.31 -26.82 60.34
N ARG F 61 15.41 -26.87 61.31
CA ARG F 61 14.05 -27.33 61.03
C ARG F 61 13.37 -26.62 59.85
N TYR F 62 13.62 -25.34 59.69
CA TYR F 62 12.94 -24.52 58.69
C TYR F 62 13.39 -24.74 57.24
N GLU F 63 14.56 -25.35 57.06
CA GLU F 63 15.19 -25.54 55.76
C GLU F 63 14.46 -26.44 54.76
N LEU F 64 13.57 -27.29 55.23
CA LEU F 64 12.74 -28.09 54.34
C LEU F 64 11.31 -27.57 54.08
N ALA F 65 10.98 -26.41 54.59
CA ALA F 65 9.63 -25.93 54.46
C ALA F 65 9.49 -25.13 53.20
N TYR F 66 10.62 -24.87 52.60
CA TYR F 66 10.70 -24.01 51.44
C TYR F 66 10.31 -24.86 50.23
N SER F 67 9.73 -24.25 49.21
CA SER F 67 9.36 -24.96 48.00
C SER F 67 10.52 -25.18 47.05
N ASN F 68 10.29 -26.02 46.05
CA ASN F 68 11.29 -26.37 45.06
C ASN F 68 10.69 -26.04 43.71
N PRO F 69 11.03 -24.86 43.16
CA PRO F 69 10.37 -24.67 41.86
C PRO F 69 10.88 -25.47 40.67
N GLN F 70 10.00 -25.81 39.71
CA GLN F 70 10.24 -26.58 38.48
C GLN F 70 9.43 -26.07 37.27
N THR F 71 9.86 -26.41 36.05
CA THR F 71 9.21 -25.99 34.79
C THR F 71 8.68 -27.26 34.15
N ILE F 72 7.39 -27.35 33.84
CA ILE F 72 6.88 -28.52 33.16
C ILE F 72 5.96 -28.25 32.00
N GLU F 73 5.68 -29.26 31.19
CA GLU F 73 4.74 -29.09 30.11
C GLU F 73 3.58 -29.96 30.57
N ALA F 74 2.38 -29.70 30.08
CA ALA F 74 1.19 -30.45 30.51
C ALA F 74 0.13 -30.44 29.41
N CYS F 75 -0.94 -31.21 29.48
CA CYS F 75 -1.93 -31.18 28.43
C CYS F 75 -3.33 -31.51 28.92
N TYR F 76 -4.32 -30.65 28.67
CA TYR F 76 -5.67 -30.89 29.19
C TYR F 76 -6.69 -30.75 28.08
N VAL F 77 -7.80 -31.46 28.14
CA VAL F 77 -8.90 -31.24 27.20
C VAL F 77 -9.60 -29.93 27.61
N PRO F 78 -9.88 -29.02 26.67
CA PRO F 78 -10.54 -27.73 26.97
C PRO F 78 -12.00 -27.91 27.37
N PRO F 79 -12.61 -26.90 28.01
CA PRO F 79 -13.99 -27.02 28.49
C PRO F 79 -15.00 -27.36 27.39
N ASN F 80 -16.04 -28.12 27.74
CA ASN F 80 -17.14 -28.47 26.84
C ASN F 80 -16.86 -29.25 25.56
N VAL F 81 -15.85 -30.11 25.55
CA VAL F 81 -15.67 -30.98 24.40
C VAL F 81 -16.08 -32.36 24.87
N ASP F 82 -17.12 -32.91 24.27
CA ASP F 82 -17.62 -34.23 24.66
C ASP F 82 -16.84 -35.47 24.23
N GLU F 83 -16.30 -35.50 23.02
CA GLU F 83 -15.49 -36.63 22.58
C GLU F 83 -14.18 -36.28 21.93
N LEU F 84 -13.15 -37.03 22.29
CA LEU F 84 -11.81 -36.88 21.75
C LEU F 84 -11.47 -38.05 20.84
N TYR F 85 -10.80 -37.79 19.73
CA TYR F 85 -10.49 -38.82 18.75
C TYR F 85 -9.00 -39.06 18.65
N CYS F 86 -8.62 -40.30 18.37
CA CYS F 86 -7.22 -40.66 18.21
C CYS F 86 -7.12 -41.48 16.92
N ARG F 87 -6.16 -41.19 16.04
CA ARG F 87 -6.10 -41.93 14.77
C ARG F 87 -4.73 -42.32 14.24
N PHE F 88 -4.62 -43.53 13.67
CA PHE F 88 -3.38 -44.00 13.03
C PHE F 88 -3.63 -45.02 11.93
N SER F 89 -2.65 -45.28 11.09
CA SER F 89 -2.79 -46.26 10.00
C SER F 89 -1.81 -47.42 10.15
N LEU F 90 -2.11 -48.58 9.59
CA LEU F 90 -1.24 -49.73 9.76
C LEU F 90 -0.99 -50.48 8.45
N ARG F 91 0.26 -50.86 8.15
CA ARG F 91 0.58 -51.60 6.95
C ARG F 91 1.18 -52.92 7.35
N VAL F 92 0.84 -54.02 6.68
CA VAL F 92 1.45 -55.29 7.04
C VAL F 92 2.10 -55.97 5.83
N GLU F 93 3.31 -56.50 5.93
CA GLU F 93 3.89 -57.11 4.74
C GLU F 93 4.26 -58.56 4.98
N ALA F 94 4.21 -59.38 3.94
CA ALA F 94 4.53 -60.78 4.06
C ALA F 94 6.02 -60.87 3.95
N ASN F 95 6.70 -60.38 4.95
CA ASN F 95 8.12 -60.19 4.85
C ASN F 95 9.07 -60.94 5.76
N SER F 96 8.65 -62.10 6.23
CA SER F 96 9.51 -62.92 7.03
C SER F 96 9.81 -64.20 6.27
N MET F 97 9.33 -64.31 5.03
CA MET F 97 9.61 -65.49 4.25
C MET F 97 11.05 -65.55 3.76
N ARG F 98 11.76 -64.43 3.63
CA ARG F 98 13.14 -64.44 3.14
C ARG F 98 14.12 -63.41 3.70
N PRO F 99 15.31 -63.86 4.12
CA PRO F 99 16.39 -63.02 4.65
C PRO F 99 16.70 -61.82 3.78
N TYR F 100 16.89 -60.66 4.38
CA TYR F 100 17.21 -59.49 3.60
C TYR F 100 18.62 -59.68 3.11
N VAL F 101 19.53 -60.07 4.01
CA VAL F 101 20.89 -60.40 3.63
C VAL F 101 21.33 -61.72 4.28
N CYS F 102 22.05 -62.59 3.57
CA CYS F 102 22.56 -63.83 4.15
C CYS F 102 23.89 -64.13 3.48
N SER F 103 24.97 -64.35 4.21
CA SER F 103 26.25 -64.65 3.54
C SER F 103 26.52 -66.12 3.38
N ASN F 104 25.59 -66.99 3.78
CA ASN F 104 25.88 -68.41 3.73
C ASN F 104 24.83 -69.27 3.05
N PRO F 105 25.11 -69.81 1.85
CA PRO F 105 24.08 -70.56 1.14
C PRO F 105 23.50 -71.72 1.92
N ASP F 106 24.22 -72.30 2.86
CA ASP F 106 23.69 -73.42 3.62
C ASP F 106 22.72 -72.94 4.69
N VAL F 107 22.97 -71.76 5.25
CA VAL F 107 22.01 -71.18 6.18
C VAL F 107 20.75 -70.76 5.47
N LEU F 108 20.90 -70.16 4.30
CA LEU F 108 19.76 -69.66 3.53
C LEU F 108 18.76 -70.73 3.16
N ARG F 109 19.20 -71.88 2.66
CA ARG F 109 18.23 -72.89 2.24
C ARG F 109 17.38 -73.39 3.41
N VAL F 110 17.97 -73.43 4.60
CA VAL F 110 17.29 -73.85 5.81
C VAL F 110 16.28 -72.85 6.32
N MET F 111 16.62 -71.58 6.34
CA MET F 111 15.70 -70.58 6.88
C MET F 111 14.46 -70.52 6.00
N ILE F 112 14.63 -70.71 4.69
CA ILE F 112 13.50 -70.72 3.76
C ILE F 112 12.64 -71.95 3.96
N GLY F 113 13.28 -73.11 4.07
CA GLY F 113 12.58 -74.36 4.27
C GLY F 113 11.74 -74.31 5.53
N LEU F 114 12.28 -73.72 6.58
CA LEU F 114 11.50 -73.55 7.80
C LEU F 114 10.35 -72.64 7.76
N ALA F 115 10.48 -71.48 7.15
CA ALA F 115 9.33 -70.64 7.09
C ALA F 115 8.24 -71.31 6.31
N GLN F 116 8.58 -72.01 5.22
CA GLN F 116 7.55 -72.68 4.43
C GLN F 116 6.95 -73.86 5.17
N ALA F 117 7.76 -74.65 5.86
CA ALA F 117 7.23 -75.80 6.55
C ALA F 117 6.19 -75.32 7.55
N TYR F 118 6.52 -74.24 8.25
CA TYR F 118 5.60 -73.63 9.19
C TYR F 118 4.34 -73.11 8.55
N GLN F 119 4.44 -72.31 7.52
CA GLN F 119 3.24 -71.73 6.89
C GLN F 119 2.11 -72.70 6.57
N ARG F 120 2.44 -73.81 5.90
CA ARG F 120 1.45 -74.82 5.50
C ARG F 120 0.86 -75.73 6.57
N LEU F 121 1.38 -75.71 7.79
CA LEU F 121 0.80 -76.51 8.86
C LEU F 121 -0.10 -75.65 9.73
N GLY F 122 -0.20 -74.36 9.41
CA GLY F 122 -0.92 -73.45 10.25
C GLY F 122 0.10 -72.73 11.10
N GLY F 123 -0.34 -71.75 11.85
CA GLY F 123 0.58 -71.01 12.67
C GLY F 123 0.64 -69.54 12.42
N TYR F 124 0.41 -69.13 11.18
CA TYR F 124 0.28 -67.72 10.92
C TYR F 124 -1.08 -67.31 11.49
N ASN F 125 -2.02 -68.25 11.59
CA ASN F 125 -3.34 -67.95 12.10
C ASN F 125 -3.23 -67.61 13.56
N GLU F 126 -2.28 -68.26 14.21
CA GLU F 126 -2.06 -68.14 15.64
C GLU F 126 -1.50 -66.78 15.93
N LEU F 127 -0.51 -66.37 15.16
CA LEU F 127 0.10 -65.07 15.33
C LEU F 127 -0.88 -63.97 14.96
N ALA F 128 -1.64 -64.18 13.90
CA ALA F 128 -2.63 -63.20 13.50
C ALA F 128 -3.69 -63.00 14.56
N ARG F 129 -4.13 -64.08 15.20
CA ARG F 129 -5.10 -63.93 16.28
C ARG F 129 -4.53 -63.11 17.43
N ARG F 130 -3.30 -63.40 17.83
CA ARG F 130 -2.68 -62.64 18.90
C ARG F 130 -2.49 -61.15 18.58
N TYR F 131 -2.14 -60.81 17.36
CA TYR F 131 -1.99 -59.41 17.02
C TYR F 131 -3.34 -58.74 16.95
N SER F 132 -4.31 -59.43 16.38
CA SER F 132 -5.63 -58.85 16.17
C SER F 132 -6.31 -58.51 17.46
N ALA F 133 -6.16 -59.36 18.46
CA ALA F 133 -6.75 -59.13 19.76
C ALA F 133 -6.26 -57.83 20.37
N ASN F 134 -4.98 -57.51 20.23
CA ASN F 134 -4.42 -56.29 20.76
C ASN F 134 -4.91 -55.02 20.09
N VAL F 135 -5.24 -55.06 18.80
CA VAL F 135 -5.84 -53.90 18.18
C VAL F 135 -7.23 -53.63 18.70
N LEU F 136 -8.04 -54.68 18.84
CA LEU F 136 -9.45 -54.51 19.19
C LEU F 136 -9.62 -54.19 20.67
N ARG F 137 -8.72 -54.67 21.51
CA ARG F 137 -8.74 -54.42 22.93
C ARG F 137 -8.46 -52.96 23.25
N GLY F 138 -7.64 -52.31 22.45
CA GLY F 138 -7.27 -50.94 22.71
C GLY F 138 -6.06 -50.67 23.60
N ILE F 139 -5.24 -51.67 23.88
CA ILE F 139 -4.09 -51.42 24.77
C ILE F 139 -3.03 -50.46 24.29
N TRP F 140 -3.20 -49.89 23.09
CA TRP F 140 -2.18 -49.04 22.53
C TRP F 140 -2.40 -47.60 22.96
N LEU F 141 -3.42 -47.36 23.76
CA LEU F 141 -3.65 -46.05 24.34
C LEU F 141 -2.86 -45.86 25.62
N TRP F 142 -2.17 -46.92 26.06
CA TRP F 142 -1.33 -46.90 27.25
C TRP F 142 -2.04 -46.43 28.50
N ARG F 143 -1.70 -45.24 28.97
CA ARG F 143 -2.27 -44.66 30.20
C ARG F 143 -3.55 -43.85 30.05
N ASN F 144 -4.07 -43.75 28.83
CA ASN F 144 -5.27 -43.01 28.48
C ASN F 144 -6.51 -43.86 28.35
N GLN F 145 -6.50 -45.05 28.92
CA GLN F 145 -7.61 -45.98 28.79
C GLN F 145 -8.76 -45.73 29.75
N TYR F 146 -8.54 -44.85 30.74
CA TYR F 146 -9.52 -44.54 31.78
C TYR F 146 -10.61 -43.56 31.36
N THR F 147 -11.54 -43.99 30.50
CA THR F 147 -12.55 -43.17 29.87
C THR F 147 -13.91 -43.53 30.40
N GLN F 148 -14.94 -42.83 29.96
CA GLN F 148 -16.29 -43.23 30.32
C GLN F 148 -16.87 -44.14 29.27
N GLY F 149 -16.07 -44.55 28.30
CA GLY F 149 -16.54 -45.37 27.18
C GLY F 149 -15.61 -45.25 25.98
N THR F 150 -15.14 -46.37 25.43
CA THR F 150 -14.20 -46.35 24.30
C THR F 150 -14.76 -47.08 23.08
N LYS F 151 -14.92 -46.40 21.96
CA LYS F 151 -15.50 -47.04 20.78
C LYS F 151 -14.46 -47.15 19.67
N ILE F 152 -14.21 -48.34 19.16
CA ILE F 152 -13.16 -48.58 18.18
C ILE F 152 -13.69 -49.00 16.82
N GLU F 153 -13.29 -48.31 15.78
CA GLU F 153 -13.72 -48.65 14.42
C GLU F 153 -12.58 -48.87 13.44
N ILE F 154 -12.62 -49.94 12.64
CA ILE F 154 -11.51 -50.24 11.74
C ILE F 154 -11.96 -50.41 10.30
N LYS F 155 -11.28 -49.79 9.35
CA LYS F 155 -11.51 -50.05 7.94
C LYS F 155 -10.28 -50.64 7.25
N THR F 156 -10.49 -51.51 6.27
CA THR F 156 -9.39 -52.04 5.45
C THR F 156 -9.50 -51.88 3.93
N SER F 157 -8.36 -52.03 3.27
CA SER F 157 -8.22 -51.92 1.81
C SER F 157 -9.00 -52.93 0.98
N LEU F 158 -9.51 -53.98 1.61
CA LEU F 158 -10.40 -54.95 0.95
C LEU F 158 -11.89 -54.64 1.08
N GLY F 159 -12.22 -53.58 1.81
CA GLY F 159 -13.60 -53.19 1.98
C GLY F 159 -14.31 -53.62 3.25
N SER F 160 -13.57 -54.21 4.18
CA SER F 160 -14.19 -54.65 5.43
C SER F 160 -14.32 -53.50 6.41
N THR F 161 -15.26 -53.61 7.33
CA THR F 161 -15.40 -52.65 8.42
C THR F 161 -15.64 -53.37 9.75
N TYR F 162 -14.97 -52.97 10.81
CA TYR F 162 -15.24 -53.63 12.08
C TYR F 162 -15.58 -52.59 13.13
N HIS F 163 -16.35 -53.02 14.11
CA HIS F 163 -16.92 -52.11 15.08
C HIS F 163 -17.03 -52.78 16.43
N ILE F 164 -16.34 -52.24 17.42
CA ILE F 164 -16.41 -52.72 18.78
C ILE F 164 -17.12 -51.62 19.53
N PRO F 165 -18.34 -51.87 20.03
CA PRO F 165 -19.07 -50.73 20.59
C PRO F 165 -18.46 -50.21 21.87
N ASP F 166 -17.74 -51.04 22.61
CA ASP F 166 -17.19 -50.66 23.91
C ASP F 166 -16.03 -51.57 24.27
N ALA F 167 -14.80 -51.07 24.16
CA ALA F 167 -13.62 -51.88 24.31
C ALA F 167 -13.07 -51.99 25.71
N ARG F 168 -13.70 -51.32 26.66
CA ARG F 168 -13.12 -51.18 27.99
C ARG F 168 -12.91 -52.48 28.76
N ARG F 169 -13.69 -53.51 28.45
CA ARG F 169 -13.57 -54.75 29.19
C ARG F 169 -13.15 -56.05 28.48
N LEU F 170 -12.29 -56.00 27.47
CA LEU F 170 -11.96 -57.29 26.83
C LEU F 170 -10.61 -57.73 27.34
N SER F 171 -10.56 -58.92 27.91
CA SER F 171 -9.33 -59.43 28.48
C SER F 171 -8.45 -60.18 27.52
N TRP F 172 -7.21 -60.36 27.93
CA TRP F 172 -6.25 -61.15 27.18
C TRP F 172 -6.74 -62.57 27.25
N SER F 173 -7.10 -63.02 28.45
CA SER F 173 -7.50 -64.40 28.63
C SER F 173 -8.96 -64.43 29.01
N GLY F 174 -9.76 -65.17 28.26
CA GLY F 174 -11.19 -65.25 28.50
C GLY F 174 -11.90 -65.49 27.20
N ASP F 175 -13.22 -65.35 27.25
CA ASP F 175 -14.06 -65.58 26.10
C ASP F 175 -14.86 -64.33 25.83
N TRP F 176 -14.68 -63.76 24.65
CA TRP F 176 -15.37 -62.55 24.28
C TRP F 176 -16.83 -62.81 23.96
N PRO F 177 -17.65 -61.85 24.33
CA PRO F 177 -19.09 -61.94 24.12
C PRO F 177 -19.44 -62.07 22.65
N GLU F 178 -20.63 -62.59 22.40
CA GLU F 178 -21.06 -62.76 21.02
C GLU F 178 -21.20 -61.48 20.25
N LEU F 179 -20.95 -61.61 18.95
CA LEU F 179 -20.91 -60.57 17.92
C LEU F 179 -19.60 -59.79 17.88
N GLU F 180 -18.80 -60.02 18.91
CA GLU F 180 -17.45 -59.49 19.04
C GLU F 180 -16.44 -60.63 18.76
N GLN F 181 -16.76 -61.83 19.22
CA GLN F 181 -15.94 -62.99 18.97
C GLN F 181 -15.93 -63.16 17.48
N LYS F 182 -17.05 -62.86 16.85
CA LYS F 182 -17.13 -63.03 15.41
C LYS F 182 -16.22 -62.13 14.61
N GLN F 183 -15.99 -60.92 15.10
CA GLN F 183 -15.21 -59.97 14.33
C GLN F 183 -13.74 -60.26 14.55
N LEU F 184 -13.41 -60.82 15.71
CA LEU F 184 -12.05 -61.23 15.93
C LEU F 184 -11.69 -62.29 14.93
N GLU F 185 -12.58 -63.25 14.66
CA GLU F 185 -12.24 -64.27 13.68
C GLU F 185 -12.07 -63.74 12.26
N GLN F 186 -12.94 -62.83 11.86
CA GLN F 186 -12.87 -62.26 10.53
C GLN F 186 -11.63 -61.42 10.31
N LEU F 187 -11.26 -60.62 11.29
CA LEU F 187 -10.06 -59.81 11.20
C LEU F 187 -8.84 -60.69 11.18
N THR F 188 -8.84 -61.76 11.96
CA THR F 188 -7.73 -62.68 11.96
C THR F 188 -7.44 -63.19 10.57
N SER F 189 -8.47 -63.56 9.83
CA SER F 189 -8.28 -64.08 8.48
C SER F 189 -7.63 -63.12 7.51
N GLU F 190 -8.01 -61.84 7.54
CA GLU F 190 -7.39 -60.88 6.64
C GLU F 190 -5.91 -60.74 6.96
N MET F 191 -5.57 -60.64 8.24
CA MET F 191 -4.18 -60.45 8.62
C MET F 191 -3.33 -61.68 8.40
N ALA F 192 -3.90 -62.87 8.61
CA ALA F 192 -3.17 -64.11 8.43
C ALA F 192 -2.64 -64.20 7.03
N LYS F 193 -3.41 -63.73 6.07
CA LYS F 193 -2.97 -63.65 4.68
C LYS F 193 -1.92 -62.58 4.43
N ALA F 194 -2.12 -61.41 5.02
CA ALA F 194 -1.19 -60.31 4.84
C ALA F 194 0.21 -60.68 5.28
N LEU F 195 0.31 -61.49 6.32
CA LEU F 195 1.58 -61.98 6.84
C LEU F 195 2.32 -63.01 6.00
N SER F 196 1.61 -63.75 5.16
CA SER F 196 2.22 -64.88 4.46
C SER F 196 2.18 -64.91 2.94
N GLN F 197 1.26 -64.18 2.32
CA GLN F 197 1.19 -64.15 0.86
C GLN F 197 1.77 -62.86 0.33
N PRO F 198 2.68 -62.97 -0.63
CA PRO F 198 3.30 -61.77 -1.20
C PRO F 198 2.41 -60.98 -2.15
N ASP F 199 2.79 -59.73 -2.43
CA ASP F 199 2.15 -58.86 -3.41
C ASP F 199 0.67 -58.59 -3.18
N ILE F 200 0.30 -58.43 -1.92
CA ILE F 200 -1.03 -58.01 -1.55
C ILE F 200 -0.74 -56.68 -0.92
N PHE F 201 -1.43 -55.61 -1.30
CA PHE F 201 -1.13 -54.33 -0.69
C PHE F 201 -2.21 -54.07 0.34
N TRP F 202 -1.99 -54.44 1.60
CA TRP F 202 -3.07 -54.41 2.56
C TRP F 202 -2.91 -53.22 3.49
N PHE F 203 -3.97 -52.46 3.83
CA PHE F 203 -3.91 -51.35 4.77
C PHE F 203 -5.03 -51.49 5.76
N ALA F 204 -4.86 -50.97 6.96
CA ALA F 204 -5.95 -50.84 7.90
C ALA F 204 -5.95 -49.40 8.35
N ASP F 205 -7.10 -48.87 8.73
CA ASP F 205 -7.15 -47.49 9.19
C ASP F 205 -7.99 -47.44 10.46
N VAL F 206 -7.35 -47.15 11.60
CA VAL F 206 -7.94 -47.36 12.91
C VAL F 206 -8.19 -46.04 13.58
N THR F 207 -9.41 -45.81 14.02
CA THR F 207 -9.78 -44.58 14.68
C THR F 207 -10.48 -45.03 15.94
N ALA F 208 -10.30 -44.35 17.05
CA ALA F 208 -11.03 -44.70 18.27
C ALA F 208 -11.62 -43.47 18.84
N SER F 209 -12.80 -43.58 19.44
CA SER F 209 -13.31 -42.44 20.17
C SER F 209 -13.28 -42.44 21.71
N LEU F 210 -12.92 -41.39 22.39
CA LEU F 210 -12.73 -41.55 23.83
C LEU F 210 -13.83 -40.72 24.45
N LYS F 211 -14.75 -41.22 25.27
CA LYS F 211 -15.65 -40.26 25.94
C LYS F 211 -14.95 -39.83 27.25
N THR F 212 -14.78 -38.52 27.42
CA THR F 212 -14.01 -37.99 28.54
C THR F 212 -14.71 -37.18 29.64
N GLY F 213 -13.91 -36.73 30.62
CA GLY F 213 -14.32 -35.90 31.74
C GLY F 213 -14.36 -34.42 31.40
N PHE F 214 -14.70 -33.56 32.37
CA PHE F 214 -14.81 -32.13 32.07
C PHE F 214 -13.54 -31.46 31.57
N CYS F 215 -12.44 -31.59 32.29
CA CYS F 215 -11.15 -31.15 31.77
C CYS F 215 -10.13 -32.20 32.14
N GLN F 216 -10.20 -33.34 31.49
CA GLN F 216 -9.35 -34.46 31.82
C GLN F 216 -7.94 -34.31 31.29
N GLU F 217 -6.96 -34.80 32.04
CA GLU F 217 -5.57 -34.73 31.63
C GLU F 217 -5.29 -35.80 30.59
N ILE F 218 -4.50 -35.46 29.57
CA ILE F 218 -4.09 -36.39 28.51
C ILE F 218 -2.61 -36.73 28.50
N PHE F 219 -2.27 -37.98 28.23
CA PHE F 219 -0.88 -38.43 28.32
C PHE F 219 -0.25 -38.90 27.01
N PRO F 220 0.35 -37.97 26.25
CA PRO F 220 1.09 -38.18 25.00
C PRO F 220 2.51 -38.64 25.30
N SER F 221 3.28 -38.96 24.27
CA SER F 221 4.64 -39.45 24.47
C SER F 221 5.53 -38.36 25.03
N GLN F 222 6.51 -38.72 25.85
CA GLN F 222 7.52 -37.76 26.31
C GLN F 222 8.78 -37.80 25.47
N LYS F 223 9.53 -36.70 25.47
CA LYS F 223 10.82 -36.68 24.82
C LYS F 223 11.87 -37.29 25.74
N PHE F 224 12.89 -37.92 25.18
CA PHE F 224 14.08 -38.28 25.91
C PHE F 224 15.05 -37.11 25.81
N THR F 225 15.29 -36.42 26.91
CA THR F 225 16.04 -35.18 26.86
C THR F 225 17.43 -35.26 27.49
N GLU F 226 18.24 -34.27 27.15
CA GLU F 226 19.57 -34.08 27.73
C GLU F 226 19.45 -33.46 29.10
N ARG F 227 20.43 -33.70 29.96
CA ARG F 227 20.41 -33.12 31.30
C ARG F 227 20.41 -31.60 31.19
N PRO F 228 19.48 -30.94 31.88
CA PRO F 228 19.43 -29.47 31.92
C PRO F 228 20.44 -28.87 32.87
N ASP F 229 20.86 -27.65 32.58
CA ASP F 229 21.70 -26.88 33.50
C ASP F 229 21.51 -25.38 33.33
N ASP F 230 20.48 -24.98 32.60
CA ASP F 230 20.27 -23.58 32.26
C ASP F 230 19.12 -22.96 33.03
N HIS F 231 18.48 -23.77 33.85
CA HIS F 231 17.29 -23.41 34.65
C HIS F 231 16.15 -22.80 33.83
N SER F 232 16.20 -23.00 32.52
CA SER F 232 15.31 -22.31 31.60
C SER F 232 14.57 -23.30 30.73
N VAL F 233 15.13 -24.48 30.56
CA VAL F 233 14.52 -25.51 29.74
C VAL F 233 13.67 -26.39 30.64
N ALA F 234 12.51 -26.82 30.13
CA ALA F 234 11.61 -27.63 30.91
C ALA F 234 12.26 -28.94 31.28
N SER F 235 11.95 -29.44 32.47
CA SER F 235 12.50 -30.71 32.90
C SER F 235 11.73 -31.87 32.31
N ARG F 236 10.51 -31.63 31.87
CA ARG F 236 9.69 -32.65 31.23
C ARG F 236 9.00 -32.09 29.99
N GLN F 237 9.25 -32.72 28.84
CA GLN F 237 8.83 -32.18 27.56
C GLN F 237 7.99 -33.19 26.79
N LEU F 238 6.94 -32.73 26.13
CA LEU F 238 6.05 -33.62 25.41
C LEU F 238 6.28 -33.54 23.91
N ALA F 239 6.01 -34.66 23.25
CA ALA F 239 6.07 -34.81 21.78
C ALA F 239 4.84 -34.33 21.03
N THR F 240 5.07 -33.61 19.92
CA THR F 240 4.00 -33.08 19.07
C THR F 240 4.31 -33.29 17.60
N VAL F 241 3.35 -33.09 16.71
CA VAL F 241 3.62 -33.06 15.27
C VAL F 241 3.21 -31.70 14.70
N GLU F 242 3.80 -31.35 13.55
CA GLU F 242 3.50 -30.10 12.88
C GLU F 242 2.42 -30.35 11.85
N CYS F 243 1.37 -29.54 11.89
CA CYS F 243 0.28 -29.70 10.94
C CYS F 243 0.61 -28.91 9.67
N SER F 244 -0.11 -29.19 8.60
CA SER F 244 0.13 -28.53 7.33
C SER F 244 -0.10 -27.03 7.38
N ASP F 245 -0.89 -26.58 8.36
CA ASP F 245 -1.15 -25.16 8.57
C ASP F 245 -0.24 -24.47 9.57
N GLY F 246 0.76 -25.18 10.07
CA GLY F 246 1.66 -24.63 11.08
C GLY F 246 1.37 -24.80 12.58
N GLN F 247 0.25 -25.40 12.93
CA GLN F 247 -0.09 -25.61 14.33
C GLN F 247 0.62 -26.86 14.82
N LEU F 248 0.92 -26.95 16.11
CA LEU F 248 1.43 -28.22 16.66
C LEU F 248 0.33 -29.02 17.36
N ALA F 249 0.42 -30.34 17.31
CA ALA F 249 -0.55 -31.24 17.94
C ALA F 249 0.04 -32.38 18.76
N ALA F 250 -0.58 -32.84 19.85
CA ALA F 250 -0.08 -33.98 20.65
C ALA F 250 -0.14 -35.35 19.90
N CYS F 251 0.82 -36.23 20.13
CA CYS F 251 0.91 -37.45 19.37
C CYS F 251 1.51 -38.53 20.20
N ILE F 252 1.48 -39.74 19.69
CA ILE F 252 2.13 -40.87 20.30
C ILE F 252 3.09 -41.38 19.24
N ASN F 253 4.33 -41.67 19.60
CA ASN F 253 5.33 -42.07 18.63
C ASN F 253 5.07 -43.41 17.93
N PRO F 254 5.59 -43.59 16.71
CA PRO F 254 5.36 -44.87 16.06
C PRO F 254 5.79 -46.07 16.89
N GLN F 255 7.02 -46.11 17.36
CA GLN F 255 7.45 -47.30 18.07
C GLN F 255 6.73 -47.47 19.41
N LYS F 256 6.15 -46.41 19.98
CA LYS F 256 5.33 -46.54 21.18
C LYS F 256 4.03 -47.26 20.93
N ILE F 257 3.45 -47.06 19.75
CA ILE F 257 2.26 -47.82 19.34
C ILE F 257 2.66 -49.26 19.10
N GLY F 258 3.76 -49.45 18.40
CA GLY F 258 4.27 -50.76 18.10
C GLY F 258 4.64 -51.59 19.30
N ALA F 259 5.21 -50.97 20.32
CA ALA F 259 5.55 -51.71 21.51
C ALA F 259 4.33 -52.37 22.12
N ALA F 260 3.18 -51.73 22.02
CA ALA F 260 1.95 -52.31 22.52
C ALA F 260 1.40 -53.42 21.63
N LEU F 261 1.38 -53.21 20.32
CA LEU F 261 0.80 -54.20 19.41
C LEU F 261 1.50 -55.54 19.43
N GLN F 262 2.80 -55.54 19.60
CA GLN F 262 3.59 -56.76 19.56
C GLN F 262 3.81 -57.39 20.91
N LYS F 263 3.09 -56.96 21.92
CA LYS F 263 3.19 -57.57 23.22
C LYS F 263 2.48 -58.89 23.37
N ILE F 264 3.01 -59.94 22.74
CA ILE F 264 2.36 -61.23 22.73
C ILE F 264 3.41 -62.27 22.97
N ASP F 265 3.86 -62.45 24.21
CA ASP F 265 4.79 -63.52 24.54
C ASP F 265 4.51 -64.05 25.90
N ASP F 266 3.79 -65.15 25.96
CA ASP F 266 3.60 -65.86 27.21
C ASP F 266 3.97 -67.34 27.09
N TRP F 267 5.03 -67.65 26.38
CA TRP F 267 5.45 -69.03 26.20
C TRP F 267 6.49 -69.57 27.16
N TRP F 268 6.94 -68.76 28.10
CA TRP F 268 7.96 -69.17 29.07
C TRP F 268 7.44 -69.73 30.39
N ALA F 269 8.26 -70.57 31.01
CA ALA F 269 8.07 -71.14 32.35
C ALA F 269 6.82 -71.99 32.59
N ASN F 270 6.13 -72.35 31.51
CA ASN F 270 4.94 -73.21 31.55
C ASN F 270 3.85 -72.63 32.43
N ASP F 271 3.84 -71.32 32.52
CA ASP F 271 2.84 -70.59 33.29
C ASP F 271 2.63 -69.23 32.64
N ALA F 272 1.57 -69.09 31.86
CA ALA F 272 1.39 -67.91 31.04
C ALA F 272 1.36 -66.51 31.68
N ASP F 273 0.74 -66.34 32.85
CA ASP F 273 0.67 -65.03 33.50
C ASP F 273 0.31 -63.89 32.51
N LEU F 274 1.10 -62.82 32.54
CA LEU F 274 0.98 -61.70 31.59
C LEU F 274 2.09 -61.85 30.56
N PRO F 275 1.83 -61.44 29.30
CA PRO F 275 2.75 -61.43 28.17
C PRO F 275 3.87 -60.38 28.19
N LEU F 276 5.02 -60.70 27.60
CA LEU F 276 6.13 -59.77 27.53
C LEU F 276 6.20 -59.19 26.12
N ARG F 277 6.91 -58.08 25.95
CA ARG F 277 7.20 -57.57 24.63
C ARG F 277 8.25 -58.48 24.06
N VAL F 278 8.11 -58.92 22.83
CA VAL F 278 9.06 -59.87 22.28
C VAL F 278 10.46 -59.30 22.30
N HIS F 279 11.40 -60.07 22.84
CA HIS F 279 12.75 -59.60 23.09
C HIS F 279 13.66 -60.81 23.05
N GLU F 280 14.86 -60.69 22.50
CA GLU F 280 15.70 -61.85 22.32
C GLU F 280 16.10 -62.47 23.65
N TYR F 281 16.13 -61.67 24.70
CA TYR F 281 16.50 -62.13 26.03
C TYR F 281 15.36 -62.11 27.05
N GLY F 282 14.15 -61.88 26.60
CA GLY F 282 13.01 -61.88 27.49
C GLY F 282 12.96 -60.80 28.55
N ALA F 283 13.38 -59.60 28.21
CA ALA F 283 13.44 -58.50 29.16
C ALA F 283 12.08 -58.16 29.75
N ASN F 284 12.06 -57.85 31.04
CA ASN F 284 10.87 -57.47 31.76
C ASN F 284 11.14 -56.13 32.40
N HIS F 285 10.56 -55.06 31.86
CA HIS F 285 10.81 -53.71 32.37
C HIS F 285 10.22 -53.36 33.72
N GLU F 286 9.10 -53.96 34.07
CA GLU F 286 8.47 -53.69 35.35
C GLU F 286 9.32 -54.11 36.55
N ALA F 287 9.94 -55.27 36.48
CA ALA F 287 10.78 -55.77 37.56
C ALA F 287 12.27 -55.61 37.33
N LEU F 288 12.64 -54.93 36.26
CA LEU F 288 14.04 -54.79 35.83
C LEU F 288 14.85 -56.09 35.75
N THR F 289 14.31 -57.11 35.09
CA THR F 289 14.98 -58.39 34.98
C THR F 289 14.90 -58.99 33.57
N ALA F 290 15.37 -60.22 33.42
CA ALA F 290 15.34 -60.90 32.13
C ALA F 290 14.99 -62.38 32.25
N LEU F 291 13.90 -62.76 31.60
CA LEU F 291 13.36 -64.10 31.70
C LEU F 291 14.08 -65.17 30.89
N ARG F 292 14.70 -64.79 29.78
CA ARG F 292 15.38 -65.76 28.96
C ARG F 292 16.85 -65.43 28.95
N HIS F 293 17.43 -65.35 30.14
CA HIS F 293 18.84 -65.12 30.34
C HIS F 293 19.60 -66.23 29.62
N PRO F 294 20.73 -65.91 28.98
CA PRO F 294 21.52 -66.92 28.32
C PRO F 294 21.83 -68.12 29.20
N ALA F 295 21.98 -67.92 30.51
CA ALA F 295 22.26 -69.02 31.41
C ALA F 295 21.19 -70.10 31.47
N THR F 296 19.98 -69.80 31.00
CA THR F 296 18.89 -70.78 31.02
C THR F 296 18.77 -71.69 29.81
N GLY F 297 19.39 -71.32 28.70
CA GLY F 297 19.22 -72.02 27.44
C GLY F 297 17.93 -71.68 26.71
N GLN F 298 17.18 -70.72 27.23
CA GLN F 298 15.89 -70.34 26.65
C GLN F 298 15.86 -69.16 25.70
N ASP F 299 17.01 -68.56 25.39
CA ASP F 299 17.03 -67.36 24.58
C ASP F 299 16.97 -67.62 23.08
N PHE F 300 16.87 -66.56 22.28
CA PHE F 300 16.89 -66.69 20.82
C PHE F 300 18.13 -67.34 20.24
N TYR F 301 19.32 -67.02 20.73
CA TYR F 301 20.54 -67.50 20.08
C TYR F 301 20.82 -68.98 20.24
N HIS F 302 20.40 -69.56 21.35
CA HIS F 302 20.54 -70.99 21.55
C HIS F 302 19.62 -71.71 20.61
N LEU F 303 18.38 -71.23 20.54
CA LEU F 303 17.33 -71.74 19.67
C LEU F 303 17.60 -71.59 18.18
N LEU F 304 18.20 -70.49 17.77
CA LEU F 304 18.55 -70.27 16.37
C LEU F 304 19.43 -71.36 15.79
N THR F 305 20.26 -71.98 16.62
CA THR F 305 21.14 -73.06 16.15
C THR F 305 20.51 -74.46 16.02
N LYS F 306 19.24 -74.62 16.39
CA LYS F 306 18.58 -75.91 16.29
C LYS F 306 17.62 -76.04 15.11
N ALA F 307 17.65 -75.08 14.18
CA ALA F 307 16.68 -75.01 13.07
C ALA F 307 16.58 -76.28 12.24
N GLU F 308 17.72 -76.94 12.05
CA GLU F 308 17.75 -78.19 11.30
C GLU F 308 16.87 -79.24 11.98
N GLN F 309 16.87 -79.25 13.30
CA GLN F 309 16.06 -80.19 14.09
C GLN F 309 14.57 -79.87 14.12
N PHE F 310 14.23 -78.59 14.11
CA PHE F 310 12.84 -78.15 14.05
C PHE F 310 12.17 -78.44 12.71
N VAL F 311 12.90 -78.24 11.64
CA VAL F 311 12.38 -78.54 10.33
C VAL F 311 12.11 -80.03 10.30
N THR F 312 13.05 -80.84 10.78
CA THR F 312 12.84 -82.28 10.80
C THR F 312 11.58 -82.69 11.55
N VAL F 313 11.34 -82.10 12.71
CA VAL F 313 10.13 -82.39 13.45
C VAL F 313 8.86 -81.97 12.72
N LEU F 314 8.86 -80.77 12.17
CA LEU F 314 7.67 -80.25 11.52
C LEU F 314 7.31 -81.14 10.38
N GLU F 315 8.32 -81.58 9.65
CA GLU F 315 8.11 -82.46 8.51
C GLU F 315 7.56 -83.80 8.92
N SER F 316 7.96 -84.30 10.07
CA SER F 316 7.41 -85.56 10.55
C SER F 316 6.02 -85.44 11.17
N SER F 317 5.65 -84.23 11.57
CA SER F 317 4.36 -84.02 12.19
C SER F 317 3.22 -83.97 11.18
N GLU F 318 2.00 -84.07 11.69
CA GLU F 318 0.79 -83.95 10.89
C GLU F 318 0.41 -82.49 10.65
N GLY F 319 0.23 -81.73 11.73
CA GLY F 319 -0.12 -80.33 11.68
C GLY F 319 -1.61 -80.06 11.51
N GLY F 320 -1.97 -78.78 11.47
CA GLY F 320 -3.37 -78.41 11.32
C GLY F 320 -4.08 -78.40 12.66
N GLY F 321 -3.36 -78.84 13.70
CA GLY F 321 -3.87 -78.98 15.04
C GLY F 321 -3.15 -78.05 15.98
N VAL F 322 -2.88 -78.54 17.18
CA VAL F 322 -2.27 -77.77 18.26
C VAL F 322 -0.89 -78.29 18.61
N GLU F 323 -0.33 -79.10 17.72
CA GLU F 323 0.97 -79.73 17.94
C GLU F 323 2.23 -78.84 17.92
N LEU F 324 2.17 -77.62 17.39
CA LEU F 324 3.40 -76.83 17.32
C LEU F 324 3.81 -76.44 18.73
N PRO F 325 5.10 -76.64 19.06
CA PRO F 325 5.73 -76.30 20.34
C PRO F 325 6.03 -74.84 20.55
N GLY F 326 6.21 -74.43 21.79
CA GLY F 326 6.48 -73.05 22.11
C GLY F 326 7.76 -72.53 21.46
N GLU F 327 8.79 -73.36 21.38
CA GLU F 327 10.04 -72.95 20.81
C GLU F 327 9.90 -72.54 19.33
N VAL F 328 9.11 -73.25 18.54
CA VAL F 328 8.88 -72.76 17.17
C VAL F 328 8.11 -71.44 17.07
N HIS F 329 7.09 -71.24 17.89
CA HIS F 329 6.34 -69.99 17.86
C HIS F 329 7.21 -68.81 18.24
N TYR F 330 8.06 -68.97 19.24
CA TYR F 330 8.90 -67.91 19.70
C TYR F 330 9.79 -67.47 18.58
N LEU F 331 10.43 -68.43 17.93
CA LEU F 331 11.36 -68.11 16.85
C LEU F 331 10.70 -67.33 15.74
N MET F 332 9.50 -67.74 15.33
CA MET F 332 8.82 -67.04 14.24
C MET F 332 8.46 -65.63 14.67
N ALA F 333 8.08 -65.44 15.92
CA ALA F 333 7.74 -64.12 16.40
C ALA F 333 8.91 -63.17 16.34
N VAL F 334 10.10 -63.67 16.63
CA VAL F 334 11.29 -62.84 16.55
C VAL F 334 11.62 -62.47 15.11
N LEU F 335 11.45 -63.40 14.17
CA LEU F 335 11.78 -63.11 12.78
C LEU F 335 10.84 -62.04 12.22
N VAL F 336 9.60 -62.01 12.69
CA VAL F 336 8.66 -60.93 12.37
C VAL F 336 9.14 -59.54 12.80
N LYS F 337 9.69 -59.40 13.99
CA LYS F 337 10.30 -58.15 14.39
C LYS F 337 11.75 -58.27 13.93
N GLY F 338 12.02 -58.16 12.65
CA GLY F 338 13.37 -58.37 12.18
C GLY F 338 14.44 -57.40 12.64
N GLY F 339 15.67 -57.87 12.69
CA GLY F 339 16.82 -57.08 13.10
C GLY F 339 18.09 -57.76 12.66
N LEU F 340 19.18 -57.54 13.39
CA LEU F 340 20.48 -58.11 13.04
C LEU F 340 20.83 -59.34 13.86
N PHE F 341 21.26 -60.42 13.21
CA PHE F 341 21.57 -61.66 13.90
C PHE F 341 22.95 -62.14 13.45
N GLN F 342 24.01 -61.52 13.94
CA GLN F 342 25.28 -61.63 13.23
C GLN F 342 26.46 -62.01 14.09
N LYS F 343 27.63 -62.06 13.43
CA LYS F 343 28.93 -62.34 14.04
C LYS F 343 29.00 -63.67 14.75
N GLY F 344 28.51 -64.70 14.09
CA GLY F 344 28.61 -66.04 14.61
C GLY F 344 30.05 -66.44 14.63
N LEU G 3 15.99 -50.93 51.71
CA LEU G 3 15.31 -50.50 50.49
C LEU G 3 15.96 -51.10 49.25
N CYS G 4 15.73 -50.46 48.11
CA CYS G 4 16.26 -50.96 46.86
C CYS G 4 16.41 -49.83 45.86
N THR G 5 17.02 -50.14 44.73
CA THR G 5 17.22 -49.16 43.65
C THR G 5 15.98 -48.61 42.96
N HIS G 6 14.97 -49.44 42.68
CA HIS G 6 13.74 -48.90 42.11
C HIS G 6 12.50 -49.20 42.92
N LEU G 7 11.71 -48.18 43.26
CA LEU G 7 10.43 -48.40 43.93
C LEU G 7 9.51 -47.22 43.68
N SER G 8 8.39 -47.40 42.98
CA SER G 8 7.49 -46.30 42.72
C SER G 8 6.02 -46.66 42.81
N TYR G 9 5.22 -45.69 43.20
CA TYR G 9 3.79 -45.81 43.22
C TYR G 9 3.22 -44.69 42.36
N SER G 10 2.02 -44.87 41.82
CA SER G 10 1.41 -43.83 41.03
C SER G 10 0.42 -43.06 41.89
N ARG G 11 -0.10 -41.99 41.33
CA ARG G 11 -1.10 -41.14 41.96
C ARG G 11 -2.51 -41.64 41.80
N SER G 12 -3.08 -42.08 42.91
CA SER G 12 -4.36 -42.76 42.92
C SER G 12 -5.63 -41.91 42.99
N LEU G 13 -5.50 -40.63 43.28
CA LEU G 13 -6.65 -39.73 43.42
C LEU G 13 -6.39 -38.37 42.79
N SER G 14 -7.18 -37.98 41.79
CA SER G 14 -6.92 -36.72 41.11
C SER G 14 -8.04 -35.97 40.41
N PRO G 15 -8.04 -34.65 40.55
CA PRO G 15 -8.90 -33.70 39.85
C PRO G 15 -8.32 -33.29 38.52
N GLY G 16 -9.14 -32.63 37.71
CA GLY G 16 -8.74 -31.86 36.54
C GLY G 16 -8.76 -30.44 37.07
N LYS G 17 -9.05 -29.46 36.26
CA LYS G 17 -9.14 -28.10 36.77
C LYS G 17 -10.47 -27.36 36.88
N ALA G 18 -10.52 -26.36 37.78
CA ALA G 18 -11.72 -25.59 38.13
C ALA G 18 -11.82 -24.28 37.40
N VAL G 19 -12.95 -24.02 36.76
CA VAL G 19 -13.22 -22.83 35.96
C VAL G 19 -14.39 -22.03 36.48
N PHE G 20 -14.24 -20.71 36.52
CA PHE G 20 -15.31 -19.80 36.96
C PHE G 20 -16.15 -19.31 35.80
N PHE G 21 -17.46 -19.32 35.94
CA PHE G 21 -18.34 -18.80 34.87
C PHE G 21 -19.69 -18.32 35.39
N TYR G 22 -20.47 -17.63 34.57
CA TYR G 22 -21.84 -17.30 34.97
C TYR G 22 -22.87 -17.44 33.84
N LYS G 23 -24.14 -17.49 34.20
CA LYS G 23 -25.16 -17.66 33.19
C LYS G 23 -25.83 -16.36 32.83
N THR G 24 -26.39 -16.33 31.65
CA THR G 24 -27.17 -15.20 31.17
C THR G 24 -28.53 -15.75 30.76
N ALA G 25 -29.49 -14.89 30.48
CA ALA G 25 -30.76 -15.35 29.98
C ALA G 25 -30.67 -16.02 28.62
N GLU G 26 -29.73 -15.58 27.79
CA GLU G 26 -29.62 -16.11 26.42
C GLU G 26 -28.54 -17.18 26.18
N SER G 27 -27.50 -17.22 27.02
CA SER G 27 -26.36 -18.14 26.83
C SER G 27 -25.99 -18.78 28.15
N ASP G 28 -25.89 -20.09 28.16
CA ASP G 28 -25.49 -20.82 29.37
C ASP G 28 -24.05 -20.77 29.91
N PHE G 29 -23.04 -20.57 29.07
CA PHE G 29 -21.67 -20.56 29.58
C PHE G 29 -20.91 -19.30 29.18
N VAL G 30 -20.82 -18.32 30.08
CA VAL G 30 -20.04 -17.11 29.86
C VAL G 30 -18.88 -17.09 30.85
N PRO G 31 -17.65 -17.05 30.37
CA PRO G 31 -16.49 -17.09 31.25
C PRO G 31 -16.22 -15.82 32.01
N LEU G 32 -15.63 -15.93 33.20
CA LEU G 32 -15.24 -14.79 33.99
C LEU G 32 -13.85 -14.49 33.51
N ARG G 33 -13.54 -13.23 33.26
CA ARG G 33 -12.21 -12.93 32.76
C ARG G 33 -11.44 -11.86 33.54
N ILE G 34 -10.16 -11.69 33.24
CA ILE G 34 -9.28 -10.87 34.07
C ILE G 34 -8.88 -9.60 33.34
N GLU G 35 -8.36 -8.63 34.09
CA GLU G 35 -8.04 -7.32 33.55
C GLU G 35 -6.65 -6.92 34.06
N VAL G 36 -5.98 -6.00 33.39
CA VAL G 36 -4.66 -5.56 33.85
C VAL G 36 -4.57 -4.08 34.16
N ALA G 37 -3.92 -3.62 35.25
CA ALA G 37 -3.84 -2.13 35.45
C ALA G 37 -2.64 -1.54 36.23
N LYS G 38 -2.29 -0.27 35.95
CA LYS G 38 -1.26 0.47 36.71
C LYS G 38 -1.81 1.05 38.04
N ILE G 39 -1.07 0.93 39.15
CA ILE G 39 -1.41 1.55 40.42
C ILE G 39 -0.29 2.36 41.05
N SER G 40 -0.66 3.25 41.96
CA SER G 40 0.25 4.07 42.74
C SER G 40 0.38 3.61 44.17
N GLY G 41 1.51 3.01 44.51
CA GLY G 41 1.73 2.47 45.84
C GLY G 41 2.47 3.34 46.83
N GLN G 42 2.84 2.74 47.95
CA GLN G 42 3.52 3.38 49.05
C GLN G 42 4.98 3.01 49.12
N LYS G 43 5.81 3.92 49.63
CA LYS G 43 7.20 3.61 49.96
C LYS G 43 7.15 3.29 51.44
N CYS G 44 7.27 2.02 51.80
CA CYS G 44 7.14 1.63 53.20
C CYS G 44 7.83 0.33 53.54
N GLY G 45 7.97 0.08 54.82
CA GLY G 45 8.54 -1.15 55.31
C GLY G 45 10.00 -0.97 55.71
N TYR G 46 10.54 -1.93 56.45
CA TYR G 46 11.93 -1.85 56.89
C TYR G 46 12.86 -1.83 55.69
N THR G 47 13.99 -1.13 55.86
CA THR G 47 15.07 -0.87 54.88
C THR G 47 14.69 0.16 53.85
N GLU G 48 13.44 0.60 53.91
CA GLU G 48 12.99 1.72 53.12
C GLU G 48 13.61 2.90 53.85
N GLY G 49 13.50 2.86 55.16
CA GLY G 49 14.13 3.85 56.00
C GLY G 49 15.17 3.39 57.01
N PHE G 50 15.58 2.13 56.99
CA PHE G 50 16.53 1.70 58.02
C PHE G 50 17.73 0.93 57.52
N ASP G 51 18.74 0.84 58.38
CA ASP G 51 19.91 0.01 58.12
C ASP G 51 20.43 -0.71 59.37
N ALA G 52 20.20 -2.01 59.50
CA ALA G 52 20.60 -2.82 60.68
C ALA G 52 20.00 -2.28 62.00
N ASN G 53 18.85 -1.62 61.84
CA ASN G 53 18.09 -0.88 62.84
C ASN G 53 18.80 0.27 63.54
N LEU G 54 19.74 0.88 62.84
CA LEU G 54 20.50 1.96 63.44
C LEU G 54 19.93 3.26 62.96
N LYS G 55 20.77 4.27 62.84
CA LYS G 55 20.26 5.53 62.37
C LYS G 55 19.58 5.22 61.07
N PRO G 56 18.41 5.79 60.89
CA PRO G 56 17.71 5.54 59.65
C PRO G 56 18.26 6.28 58.44
N LYS G 57 19.49 5.93 58.03
CA LYS G 57 20.18 6.56 56.92
C LYS G 57 20.32 8.10 56.88
N ASN G 58 20.39 8.64 55.67
CA ASN G 58 20.43 10.08 55.44
C ASN G 58 19.34 10.64 54.50
N ILE G 59 18.11 10.12 54.68
CA ILE G 59 16.92 10.47 53.88
C ILE G 59 16.26 11.80 54.29
N GLU G 60 15.99 12.68 53.31
CA GLU G 60 15.40 13.96 53.66
C GLU G 60 13.90 13.73 53.91
N ARG G 61 13.28 14.52 54.77
CA ARG G 61 11.89 14.25 55.16
C ARG G 61 10.93 14.07 53.99
N TYR G 62 11.09 14.89 52.95
CA TYR G 62 10.19 14.86 51.80
C TYR G 62 10.34 13.62 50.89
N GLU G 63 11.48 12.95 50.97
CA GLU G 63 11.82 11.81 50.12
C GLU G 63 10.99 10.55 50.27
N LEU G 64 10.33 10.38 51.40
CA LEU G 64 9.40 9.27 51.58
C LEU G 64 7.92 9.55 51.32
N ALA G 65 7.60 10.73 50.82
CA ALA G 65 6.21 11.05 50.59
C ALA G 65 5.86 10.78 49.15
N TYR G 66 6.84 10.29 48.43
CA TYR G 66 6.69 10.02 47.03
C TYR G 66 5.99 8.68 46.91
N SER G 67 5.26 8.45 45.82
CA SER G 67 4.62 7.18 45.57
C SER G 67 5.54 6.16 44.92
N ASN G 68 5.08 4.92 44.85
CA ASN G 68 5.81 3.81 44.30
C ASN G 68 4.91 3.14 43.29
N PRO G 69 5.04 3.49 42.00
CA PRO G 69 4.09 2.79 41.14
C PRO G 69 4.35 1.31 40.88
N GLN G 70 3.30 0.50 40.63
CA GLN G 70 3.29 -0.94 40.34
C GLN G 70 2.25 -1.34 39.28
N THR G 71 2.42 -2.51 38.65
CA THR G 71 1.55 -3.02 37.57
C THR G 71 0.97 -4.32 38.08
N ILE G 72 -0.35 -4.47 38.13
CA ILE G 72 -0.92 -5.74 38.55
C ILE G 72 -2.05 -6.26 37.69
N GLU G 73 -2.33 -7.55 37.74
CA GLU G 73 -3.47 -8.07 37.07
C GLU G 73 -4.46 -8.20 38.22
N ALA G 74 -5.76 -8.18 37.93
CA ALA G 74 -6.78 -8.28 38.99
C ALA G 74 -8.07 -8.89 38.41
N CYS G 75 -9.08 -9.23 39.21
CA CYS G 75 -10.29 -9.80 38.63
C CYS G 75 -11.53 -9.49 39.45
N TYR G 76 -12.59 -8.94 38.84
CA TYR G 76 -13.77 -8.57 39.60
C TYR G 76 -15.01 -9.12 38.94
N VAL G 77 -16.06 -9.43 39.68
CA VAL G 77 -17.34 -9.82 39.09
C VAL G 77 -17.97 -8.55 38.51
N PRO G 78 -18.49 -8.59 37.27
CA PRO G 78 -19.15 -7.44 36.63
C PRO G 78 -20.47 -7.07 37.29
N PRO G 79 -20.94 -5.83 37.15
CA PRO G 79 -22.18 -5.39 37.80
C PRO G 79 -23.39 -6.25 37.44
N ASN G 80 -24.31 -6.41 38.38
CA ASN G 80 -25.58 -7.14 38.20
C ASN G 80 -25.57 -8.62 37.85
N VAL G 81 -24.57 -9.37 38.31
CA VAL G 81 -24.65 -10.81 38.17
C VAL G 81 -24.97 -11.35 39.54
N ASP G 82 -26.10 -12.05 39.66
CA ASP G 82 -26.54 -12.55 40.95
C ASP G 82 -25.79 -13.73 41.58
N GLU G 83 -25.32 -14.68 40.79
CA GLU G 83 -24.48 -15.75 41.33
C GLU G 83 -23.44 -16.30 40.37
N LEU G 84 -22.34 -16.77 40.93
CA LEU G 84 -21.20 -17.26 40.20
C LEU G 84 -21.07 -18.77 40.35
N TYR G 85 -20.70 -19.48 39.29
CA TYR G 85 -20.56 -20.92 39.35
C TYR G 85 -19.13 -21.35 39.17
N CYS G 86 -18.76 -22.44 39.82
CA CYS G 86 -17.42 -22.99 39.71
C CYS G 86 -17.56 -24.51 39.50
N ARG G 87 -16.87 -25.11 38.54
CA ARG G 87 -16.96 -26.56 38.37
C ARG G 87 -15.69 -27.33 38.06
N PHE G 88 -15.59 -28.57 38.54
CA PHE G 88 -14.46 -29.47 38.22
C PHE G 88 -14.85 -30.94 38.24
N SER G 89 -14.02 -31.80 37.68
CA SER G 89 -14.31 -33.26 37.67
C SER G 89 -13.31 -34.02 38.56
N LEU G 90 -13.69 -35.18 39.07
CA LEU G 90 -12.78 -35.97 39.89
C LEU G 90 -12.82 -37.46 39.55
N ARG G 91 -11.67 -38.11 39.40
CA ARG G 91 -11.60 -39.54 39.15
C ARG G 91 -10.85 -40.20 40.27
N VAL G 92 -11.26 -41.36 40.74
CA VAL G 92 -10.51 -42.04 41.78
C VAL G 92 -10.15 -43.47 41.39
N GLU G 93 -8.93 -43.92 41.56
CA GLU G 93 -8.62 -45.28 41.11
C GLU G 93 -8.12 -46.13 42.26
N ALA G 94 -8.38 -47.43 42.21
CA ALA G 94 -7.96 -48.33 43.26
C ALA G 94 -6.54 -48.66 42.98
N ASN G 95 -5.67 -47.70 43.18
CA ASN G 95 -4.32 -47.83 42.74
C ASN G 95 -3.16 -47.75 43.72
N SER G 96 -3.40 -48.16 44.94
CA SER G 96 -2.34 -48.20 45.93
C SER G 96 -2.12 -49.64 46.32
N MET G 97 -2.85 -50.60 45.72
CA MET G 97 -2.66 -51.98 46.06
C MET G 97 -1.35 -52.55 45.53
N ARG G 98 -0.78 -52.01 44.45
CA ARG G 98 0.45 -52.58 43.88
C ARG G 98 1.49 -51.60 43.31
N PRO G 99 2.76 -51.77 43.67
CA PRO G 99 3.89 -50.98 43.21
C PRO G 99 3.94 -50.81 41.71
N TYR G 100 4.19 -49.61 41.23
CA TYR G 100 4.27 -49.40 39.80
C TYR G 100 5.54 -50.06 39.33
N VAL G 101 6.64 -49.80 40.01
CA VAL G 101 7.90 -50.47 39.74
C VAL G 101 8.56 -50.95 41.05
N CYS G 102 9.13 -52.15 41.08
CA CYS G 102 9.84 -52.63 42.27
C CYS G 102 10.97 -53.52 41.79
N SER G 103 12.22 -53.28 42.16
CA SER G 103 13.31 -54.14 41.68
C SER G 103 13.65 -55.25 42.63
N ASN G 104 12.85 -55.50 43.66
CA ASN G 104 13.21 -56.55 44.60
C ASN G 104 12.06 -57.45 45.02
N PRO G 105 12.07 -58.73 44.58
CA PRO G 105 10.93 -59.59 44.88
C PRO G 105 10.62 -59.73 46.37
N ASP G 106 11.59 -59.55 47.26
CA ASP G 106 11.32 -59.70 48.68
C ASP G 106 10.63 -58.46 49.23
N VAL G 107 10.95 -57.30 48.69
CA VAL G 107 10.22 -56.09 49.06
C VAL G 107 8.80 -56.13 48.57
N LEU G 108 8.61 -56.60 47.34
CA LEU G 108 7.30 -56.65 46.72
C LEU G 108 6.29 -57.48 47.48
N ARG G 109 6.64 -58.69 47.90
CA ARG G 109 5.65 -59.53 48.57
C ARG G 109 5.17 -58.90 49.88
N VAL G 110 6.03 -58.13 50.53
CA VAL G 110 5.69 -57.44 51.76
C VAL G 110 4.76 -56.27 51.56
N MET G 111 5.00 -55.44 50.55
CA MET G 111 4.14 -54.30 50.32
C MET G 111 2.74 -54.78 49.97
N ILE G 112 2.64 -55.89 49.24
CA ILE G 112 1.35 -56.48 48.89
C ILE G 112 0.66 -57.04 50.13
N GLY G 113 1.41 -57.78 50.94
CA GLY G 113 0.89 -58.32 52.18
C GLY G 113 0.29 -57.23 53.04
N LEU G 114 1.04 -56.16 53.24
CA LEU G 114 0.53 -55.05 54.04
C LEU G 114 -0.69 -54.37 53.56
N ALA G 115 -0.78 -54.07 52.29
CA ALA G 115 -1.97 -53.41 51.84
C ALA G 115 -3.17 -54.30 52.08
N GLN G 116 -3.05 -55.59 51.83
CA GLN G 116 -4.17 -56.49 52.02
C GLN G 116 -4.50 -56.69 53.48
N ALA G 117 -3.52 -56.78 54.35
CA ALA G 117 -3.80 -56.96 55.75
C ALA G 117 -4.62 -55.80 56.24
N TYR G 118 -4.23 -54.61 55.83
CA TYR G 118 -4.95 -53.39 56.18
C TYR G 118 -6.36 -53.36 55.63
N GLN G 119 -6.55 -53.63 54.35
CA GLN G 119 -7.89 -53.56 53.77
C GLN G 119 -8.98 -54.36 54.47
N ARG G 120 -8.68 -55.61 54.83
CA ARG G 120 -9.64 -56.50 55.49
C ARG G 120 -9.93 -56.28 56.98
N LEU G 121 -9.19 -55.40 57.65
CA LEU G 121 -9.49 -55.09 59.05
C LEU G 121 -10.34 -53.85 59.14
N GLY G 122 -10.57 -53.18 58.01
CA GLY G 122 -11.17 -51.88 58.03
C GLY G 122 -10.05 -50.87 57.95
N GLY G 123 -10.34 -49.73 57.36
CA GLY G 123 -9.30 -48.75 57.19
C GLY G 123 -9.45 -47.85 56.01
N TYR G 124 -9.90 -48.37 54.90
CA TYR G 124 -10.12 -47.53 53.75
C TYR G 124 -11.32 -46.65 54.09
N ASN G 125 -12.19 -47.09 55.00
CA ASN G 125 -13.38 -46.35 55.35
C ASN G 125 -12.96 -45.06 56.01
N GLU G 126 -11.88 -45.15 56.78
CA GLU G 126 -11.39 -44.06 57.58
C GLU G 126 -10.81 -43.02 56.68
N LEU G 127 -10.01 -43.44 55.71
CA LEU G 127 -9.43 -42.52 54.76
C LEU G 127 -10.49 -41.92 53.86
N ALA G 128 -11.45 -42.73 53.43
CA ALA G 128 -12.54 -42.23 52.61
C ALA G 128 -13.38 -41.20 53.34
N ARG G 129 -13.64 -41.41 54.61
CA ARG G 129 -14.39 -40.43 55.36
C ARG G 129 -13.68 -39.10 55.42
N ARG G 130 -12.37 -39.11 55.69
CA ARG G 130 -11.61 -37.89 55.72
C ARG G 130 -11.55 -37.14 54.38
N TYR G 131 -11.41 -37.86 53.26
CA TYR G 131 -11.42 -37.18 51.99
C TYR G 131 -12.80 -36.65 51.69
N SER G 132 -13.82 -37.41 52.01
CA SER G 132 -15.19 -37.04 51.69
C SER G 132 -15.61 -35.79 52.41
N ALA G 133 -15.21 -35.65 53.67
CA ALA G 133 -15.53 -34.48 54.46
C ALA G 133 -15.00 -33.21 53.82
N ASN G 134 -13.78 -33.25 53.30
CA ASN G 134 -13.19 -32.10 52.63
C ASN G 134 -13.87 -31.68 51.35
N VAL G 135 -14.45 -32.63 50.60
CA VAL G 135 -15.20 -32.24 49.41
C VAL G 135 -16.46 -31.50 49.77
N LEU G 136 -17.21 -32.00 50.74
CA LEU G 136 -18.52 -31.45 51.07
C LEU G 136 -18.42 -30.11 51.78
N ARG G 137 -17.38 -29.93 52.58
CA ARG G 137 -17.14 -28.70 53.31
C ARG G 137 -16.91 -27.52 52.40
N GLY G 138 -16.27 -27.77 51.27
CA GLY G 138 -15.90 -26.69 50.37
C GLY G 138 -14.56 -26.02 50.56
N ILE G 139 -13.66 -26.56 51.37
CA ILE G 139 -12.37 -25.90 51.57
C ILE G 139 -11.45 -25.79 50.38
N TRP G 140 -11.88 -26.24 49.22
CA TRP G 140 -11.04 -26.19 48.04
C TRP G 140 -11.22 -24.87 47.31
N LEU G 141 -12.11 -24.03 47.81
CA LEU G 141 -12.29 -22.70 47.26
C LEU G 141 -11.27 -21.72 47.83
N TRP G 142 -10.46 -22.19 48.77
CA TRP G 142 -9.40 -21.40 49.39
C TRP G 142 -9.86 -20.07 49.95
N ARG G 143 -9.42 -18.98 49.35
CA ARG G 143 -9.74 -17.63 49.81
C ARG G 143 -11.06 -17.02 49.31
N ASN G 144 -11.82 -17.78 48.55
CA ASN G 144 -13.11 -17.39 47.99
C ASN G 144 -14.30 -17.91 48.76
N GLN G 145 -14.10 -18.35 49.99
CA GLN G 145 -15.17 -18.93 50.79
C GLN G 145 -16.11 -17.90 51.39
N TYR G 146 -15.68 -16.65 51.49
CA TYR G 146 -16.41 -15.58 52.16
C TYR G 146 -17.53 -14.96 51.33
N THR G 147 -18.67 -15.65 51.22
CA THR G 147 -19.78 -15.30 50.37
C THR G 147 -21.03 -15.16 51.20
N GLN G 148 -22.15 -14.86 50.56
CA GLN G 148 -23.38 -14.70 51.29
C GLN G 148 -24.12 -16.02 51.38
N GLY G 149 -23.54 -17.08 50.83
CA GLY G 149 -24.17 -18.40 50.81
C GLY G 149 -23.48 -19.33 49.83
N THR G 150 -23.15 -20.56 50.24
CA THR G 150 -22.43 -21.51 49.38
C THR G 150 -23.20 -22.80 49.17
N LYS G 151 -23.59 -23.12 47.95
CA LYS G 151 -24.37 -24.33 47.71
C LYS G 151 -23.56 -25.34 46.90
N ILE G 152 -23.46 -26.57 47.37
CA ILE G 152 -22.62 -27.58 46.72
C ILE G 152 -23.42 -28.77 46.24
N GLU G 153 -23.24 -29.16 44.99
CA GLU G 153 -23.97 -30.31 44.42
C GLU G 153 -23.08 -31.32 43.72
N ILE G 154 -23.24 -32.61 43.98
CA ILE G 154 -22.37 -33.62 43.40
C ILE G 154 -23.13 -34.72 42.70
N LYS G 155 -22.71 -35.11 41.50
CA LYS G 155 -23.27 -36.29 40.84
C LYS G 155 -22.20 -37.33 40.51
N THR G 156 -22.53 -38.61 40.65
CA THR G 156 -21.59 -39.68 40.30
C THR G 156 -22.05 -40.71 39.26
N SER G 157 -21.08 -41.42 38.71
CA SER G 157 -21.28 -42.46 37.69
C SER G 157 -22.11 -43.66 38.09
N LEU G 158 -22.37 -43.82 39.38
CA LEU G 158 -23.25 -44.87 39.89
C LEU G 158 -24.71 -44.44 40.06
N GLY G 159 -25.01 -43.20 39.73
CA GLY G 159 -26.37 -42.70 39.81
C GLY G 159 -26.78 -41.96 41.07
N SER G 160 -25.84 -41.67 41.93
CA SER G 160 -26.15 -40.97 43.17
C SER G 160 -26.16 -39.46 42.96
N THR G 161 -26.85 -38.74 43.83
CA THR G 161 -26.80 -37.27 43.84
C THR G 161 -26.66 -36.75 45.26
N TYR G 162 -25.83 -35.75 45.49
CA TYR G 162 -25.74 -35.20 46.83
C TYR G 162 -25.92 -33.70 46.78
N HIS G 163 -26.45 -33.16 47.85
CA HIS G 163 -26.84 -31.77 47.89
C HIS G 163 -26.68 -31.20 49.28
N ILE G 164 -25.80 -30.21 49.42
CA ILE G 164 -25.59 -29.54 50.67
C ILE G 164 -26.15 -28.14 50.45
N PRO G 165 -27.26 -27.79 51.11
CA PRO G 165 -27.86 -26.50 50.75
C PRO G 165 -27.01 -25.32 51.15
N ASP G 166 -26.16 -25.47 52.16
CA ASP G 166 -25.37 -24.36 52.69
C ASP G 166 -24.17 -24.89 53.45
N ALA G 167 -22.98 -24.77 52.86
CA ALA G 167 -21.78 -25.39 53.39
C ALA G 167 -20.92 -24.49 54.23
N ARG G 168 -21.35 -23.28 54.47
CA ARG G 168 -20.49 -22.27 55.09
C ARG G 168 -20.00 -22.59 56.50
N ARG G 169 -20.75 -23.41 57.23
CA ARG G 169 -20.34 -23.72 58.60
C ARG G 169 -20.04 -25.16 59.03
N LEU G 170 -19.38 -25.98 58.21
CA LEU G 170 -19.18 -27.35 58.68
C LEU G 170 -17.72 -27.51 59.06
N SER G 171 -17.48 -27.97 60.28
CA SER G 171 -16.13 -28.03 60.80
C SER G 171 -15.43 -29.33 60.55
N TRP G 172 -14.11 -29.31 60.71
CA TRP G 172 -13.29 -30.49 60.63
C TRP G 172 -13.69 -31.35 61.80
N SER G 173 -13.88 -30.73 62.96
CA SER G 173 -14.17 -31.49 64.15
C SER G 173 -15.48 -31.03 64.72
N GLY G 174 -16.43 -31.95 64.87
CA GLY G 174 -17.73 -31.63 65.38
C GLY G 174 -18.76 -32.58 64.79
N ASP G 175 -20.01 -32.33 65.15
CA ASP G 175 -21.11 -33.17 64.71
C ASP G 175 -21.96 -32.38 63.75
N TRP G 176 -22.05 -32.87 62.52
CA TRP G 176 -22.81 -32.18 61.50
C TRP G 176 -24.30 -32.30 61.73
N PRO G 177 -25.03 -31.26 61.32
CA PRO G 177 -26.48 -31.15 61.43
C PRO G 177 -27.16 -32.28 60.71
N GLU G 178 -28.36 -32.56 61.15
CA GLU G 178 -29.09 -33.66 60.54
C GLU G 178 -29.44 -33.45 59.09
N LEU G 179 -29.45 -34.58 58.38
CA LEU G 179 -29.68 -34.73 56.94
C LEU G 179 -28.51 -34.29 56.07
N GLU G 180 -27.43 -33.94 56.76
CA GLU G 180 -26.11 -33.69 56.17
C GLU G 180 -25.14 -34.77 56.65
N GLN G 181 -25.27 -35.20 57.90
CA GLN G 181 -24.46 -36.24 58.44
C GLN G 181 -24.73 -37.45 57.59
N LYS G 182 -25.97 -37.61 57.19
CA LYS G 182 -26.36 -38.78 56.40
C LYS G 182 -25.71 -38.86 55.04
N GLN G 183 -25.51 -37.72 54.41
CA GLN G 183 -24.97 -37.73 53.06
C GLN G 183 -23.48 -37.97 53.13
N LEU G 184 -22.86 -37.56 54.22
CA LEU G 184 -21.47 -37.86 54.42
C LEU G 184 -21.31 -39.35 54.50
N GLU G 185 -22.20 -40.05 55.19
CA GLU G 185 -22.04 -41.50 55.26
C GLU G 185 -22.17 -42.22 53.93
N GLN G 186 -23.13 -41.80 53.13
CA GLN G 186 -23.36 -42.44 51.84
C GLN G 186 -22.22 -42.22 50.86
N LEU G 187 -21.67 -41.01 50.84
CA LEU G 187 -20.56 -40.70 49.97
C LEU G 187 -19.32 -41.48 50.37
N THR G 188 -19.12 -41.64 51.67
CA THR G 188 -17.99 -42.40 52.15
C THR G 188 -17.99 -43.80 51.59
N SER G 189 -19.14 -44.45 51.56
CA SER G 189 -19.23 -45.80 51.05
C SER G 189 -18.84 -45.96 49.58
N GLU G 190 -19.28 -45.06 48.72
CA GLU G 190 -18.90 -45.16 47.31
C GLU G 190 -17.40 -45.02 47.16
N MET G 191 -16.81 -44.05 47.85
CA MET G 191 -15.39 -43.79 47.68
C MET G 191 -14.52 -44.89 48.30
N ALA G 192 -14.97 -45.48 49.40
CA ALA G 192 -14.22 -46.54 50.04
C ALA G 192 -14.02 -47.69 49.09
N LYS G 193 -15.02 -47.96 48.27
CA LYS G 193 -14.90 -48.94 47.19
C LYS G 193 -14.00 -48.49 46.06
N ALA G 194 -14.11 -47.24 45.65
CA ALA G 194 -13.29 -46.72 44.58
C ALA G 194 -11.82 -46.83 44.87
N LEU G 195 -11.45 -46.65 46.14
CA LEU G 195 -10.09 -46.79 46.61
C LEU G 195 -9.57 -48.21 46.79
N SER G 196 -10.45 -49.20 46.85
CA SER G 196 -10.03 -50.55 47.22
C SER G 196 -10.33 -51.70 46.27
N GLN G 197 -11.23 -51.51 45.32
CA GLN G 197 -11.56 -52.59 44.39
C GLN G 197 -11.21 -52.19 42.98
N PRO G 198 -10.61 -53.09 42.22
CA PRO G 198 -10.25 -52.77 40.84
C PRO G 198 -11.43 -52.80 39.85
N ASP G 199 -11.23 -52.20 38.69
CA ASP G 199 -12.16 -52.25 37.55
C ASP G 199 -13.54 -51.67 37.81
N ILE G 200 -13.59 -50.67 38.68
CA ILE G 200 -14.78 -49.86 38.88
C ILE G 200 -14.35 -48.56 38.28
N PHE G 201 -15.07 -48.01 37.31
CA PHE G 201 -14.62 -46.76 36.73
C PHE G 201 -15.45 -45.66 37.36
N TRP G 202 -14.96 -45.02 38.42
CA TRP G 202 -15.81 -44.16 39.21
C TRP G 202 -15.52 -42.70 38.88
N PHE G 203 -16.52 -41.88 38.54
CA PHE G 203 -16.33 -40.46 38.27
C PHE G 203 -17.25 -39.66 39.16
N ALA G 204 -16.87 -38.45 39.52
CA ALA G 204 -17.74 -37.55 40.25
C ALA G 204 -17.71 -36.25 39.50
N ASP G 205 -18.79 -35.48 39.52
CA ASP G 205 -18.78 -34.18 38.91
C ASP G 205 -19.29 -33.14 39.93
N VAL G 206 -18.41 -32.23 40.33
CA VAL G 206 -18.66 -31.36 41.47
C VAL G 206 -18.83 -29.94 41.01
N THR G 207 -19.94 -29.32 41.37
CA THR G 207 -20.23 -27.97 40.96
C THR G 207 -20.57 -27.26 42.25
N ALA G 208 -20.34 -25.96 42.35
CA ALA G 208 -20.78 -25.21 43.52
C ALA G 208 -21.26 -23.88 43.09
N SER G 209 -22.21 -23.30 43.81
CA SER G 209 -22.57 -21.94 43.51
C SER G 209 -22.26 -20.83 44.54
N LEU G 210 -21.84 -19.65 44.16
CA LEU G 210 -21.38 -18.74 45.20
C LEU G 210 -22.35 -17.59 45.15
N LYS G 211 -23.06 -17.19 46.20
CA LYS G 211 -23.85 -15.95 46.06
C LYS G 211 -22.94 -14.78 46.53
N THR G 212 -22.71 -13.82 45.64
CA THR G 212 -21.76 -12.73 45.90
C THR G 212 -22.25 -11.29 46.09
N GLY G 213 -21.31 -10.41 46.41
CA GLY G 213 -21.50 -8.97 46.56
C GLY G 213 -21.61 -8.26 45.22
N PHE G 214 -21.80 -6.94 45.23
CA PHE G 214 -22.05 -6.22 43.97
C PHE G 214 -20.92 -6.27 42.95
N CYS G 215 -19.70 -5.96 43.36
CA CYS G 215 -18.56 -6.16 42.47
C CYS G 215 -17.45 -6.75 43.30
N GLN G 216 -17.68 -7.95 43.82
CA GLN G 216 -16.72 -8.62 44.68
C GLN G 216 -15.51 -9.10 43.93
N GLU G 217 -14.35 -9.02 44.57
CA GLU G 217 -13.11 -9.46 43.96
C GLU G 217 -13.02 -10.97 44.00
N ILE G 218 -12.46 -11.58 42.95
CA ILE G 218 -12.26 -13.03 42.86
C ILE G 218 -10.80 -13.45 42.84
N PHE G 219 -10.47 -14.55 43.52
CA PHE G 219 -9.09 -14.98 43.68
C PHE G 219 -8.72 -16.31 43.04
N PRO G 220 -8.30 -16.29 41.77
CA PRO G 220 -7.82 -17.41 40.96
C PRO G 220 -6.37 -17.70 41.27
N SER G 221 -5.80 -18.76 40.71
CA SER G 221 -4.43 -19.14 40.99
C SER G 221 -3.46 -18.14 40.38
N GLN G 222 -2.31 -17.93 40.99
CA GLN G 222 -1.27 -17.09 40.42
C GLN G 222 -0.18 -17.89 39.73
N LYS G 223 0.54 -17.27 38.81
CA LYS G 223 1.68 -17.91 38.20
C LYS G 223 2.92 -17.70 39.06
N PHE G 224 3.89 -18.59 38.94
CA PHE G 224 5.16 -18.45 39.63
C PHE G 224 6.09 -17.70 38.71
N THR G 225 6.50 -16.50 39.09
CA THR G 225 7.39 -15.71 38.24
C THR G 225 8.62 -15.18 38.94
N GLU G 226 9.56 -14.71 38.14
CA GLU G 226 10.80 -14.10 38.60
C GLU G 226 10.66 -12.59 38.60
N ARG G 227 11.50 -11.89 39.36
CA ARG G 227 11.44 -10.45 39.41
C ARG G 227 11.73 -9.88 38.03
N PRO G 228 10.81 -9.10 37.46
CA PRO G 228 11.04 -8.41 36.19
C PRO G 228 11.79 -7.11 36.35
N ASP G 229 12.41 -6.66 35.27
CA ASP G 229 13.13 -5.39 35.26
C ASP G 229 12.84 -4.56 34.03
N ASP G 230 11.77 -4.90 33.32
CA ASP G 230 11.38 -4.17 32.12
C ASP G 230 10.37 -3.06 32.42
N HIS G 231 9.79 -3.13 33.61
CA HIS G 231 8.75 -2.19 34.09
C HIS G 231 7.50 -2.14 33.22
N SER G 232 7.31 -3.18 32.41
CA SER G 232 6.21 -3.23 31.45
C SER G 232 5.35 -4.45 31.68
N VAL G 233 5.92 -5.45 32.34
CA VAL G 233 5.21 -6.69 32.59
C VAL G 233 4.66 -6.65 34.01
N ALA G 234 3.47 -7.21 34.21
CA ALA G 234 2.84 -7.20 35.51
C ALA G 234 3.68 -7.97 36.50
N SER G 235 3.70 -7.51 37.75
CA SER G 235 4.41 -8.21 38.78
C SER G 235 3.58 -9.35 39.36
N ARG G 236 2.26 -9.27 39.19
CA ARG G 236 1.37 -10.33 39.63
C ARG G 236 0.51 -10.81 38.47
N GLN G 237 0.72 -12.06 38.05
CA GLN G 237 0.08 -12.59 36.86
C GLN G 237 -0.83 -13.77 37.21
N LEU G 238 -2.03 -13.79 36.65
CA LEU G 238 -3.02 -14.79 37.01
C LEU G 238 -3.13 -15.86 35.96
N ALA G 239 -3.51 -17.06 36.41
CA ALA G 239 -3.75 -18.24 35.58
C ALA G 239 -5.14 -18.33 34.97
N THR G 240 -5.20 -18.61 33.67
CA THR G 240 -6.45 -18.69 32.91
C THR G 240 -6.47 -19.91 32.02
N VAL G 241 -7.61 -20.25 31.42
CA VAL G 241 -7.67 -21.26 30.37
C VAL G 241 -8.23 -20.65 29.09
N GLU G 242 -8.05 -21.36 27.97
CA GLU G 242 -8.56 -20.93 26.68
C GLU G 242 -9.76 -21.77 26.32
N CYS G 243 -10.82 -21.13 25.88
CA CYS G 243 -12.03 -21.85 25.50
C CYS G 243 -11.90 -22.27 24.04
N SER G 244 -12.73 -23.21 23.63
CA SER G 244 -12.71 -23.71 22.26
C SER G 244 -13.02 -22.64 21.23
N ASP G 245 -13.68 -21.57 21.67
CA ASP G 245 -14.00 -20.43 20.80
C ASP G 245 -13.01 -19.27 20.88
N GLY G 246 -11.91 -19.45 21.61
CA GLY G 246 -10.93 -18.39 21.78
C GLY G 246 -10.99 -17.43 22.97
N GLN G 247 -12.06 -17.48 23.76
CA GLN G 247 -12.17 -16.61 24.91
C GLN G 247 -11.29 -17.15 26.03
N LEU G 248 -10.80 -16.29 26.92
CA LEU G 248 -10.07 -16.78 28.08
C LEU G 248 -10.92 -16.77 29.36
N ALA G 249 -10.60 -17.62 30.31
CA ALA G 249 -11.29 -17.69 31.61
C ALA G 249 -10.41 -17.93 32.82
N ALA G 250 -10.71 -17.39 34.01
CA ALA G 250 -9.92 -17.66 35.23
C ALA G 250 -10.14 -19.07 35.83
N CYS G 251 -9.11 -19.68 36.38
CA CYS G 251 -9.20 -21.05 36.85
C CYS G 251 -8.35 -21.24 38.06
N ILE G 252 -8.46 -22.42 38.66
CA ILE G 252 -7.65 -22.80 39.77
C ILE G 252 -6.89 -24.03 39.30
N ASN G 253 -5.59 -24.08 39.53
CA ASN G 253 -4.78 -25.19 39.03
C ASN G 253 -5.10 -26.56 39.60
N PRO G 254 -4.94 -27.63 38.80
CA PRO G 254 -5.27 -28.94 39.34
C PRO G 254 -4.58 -29.24 40.67
N GLN G 255 -3.30 -28.94 40.81
CA GLN G 255 -2.63 -29.28 42.05
C GLN G 255 -3.03 -28.39 43.21
N LYS G 256 -3.69 -27.26 42.96
CA LYS G 256 -4.19 -26.41 44.04
C LYS G 256 -5.52 -26.87 44.58
N ILE G 257 -6.32 -27.54 43.76
CA ILE G 257 -7.52 -28.22 44.25
C ILE G 257 -7.10 -29.43 45.05
N GLY G 258 -6.17 -30.19 44.51
CA GLY G 258 -5.63 -31.37 45.17
C GLY G 258 -4.95 -31.09 46.48
N ALA G 259 -4.20 -30.00 46.57
CA ALA G 259 -3.56 -29.67 47.82
C ALA G 259 -4.57 -29.53 48.94
N ALA G 260 -5.77 -29.06 48.63
CA ALA G 260 -6.81 -28.96 49.64
C ALA G 260 -7.46 -30.29 49.99
N LEU G 261 -7.79 -31.10 48.98
CA LEU G 261 -8.51 -32.34 49.24
C LEU G 261 -7.76 -33.33 50.09
N GLN G 262 -6.45 -33.39 49.93
CA GLN G 262 -5.61 -34.34 50.65
C GLN G 262 -5.09 -33.82 51.97
N LYS G 263 -5.59 -32.69 52.43
CA LYS G 263 -5.16 -32.15 53.70
C LYS G 263 -5.74 -32.85 54.91
N ILE G 264 -5.35 -34.09 55.15
CA ILE G 264 -5.92 -34.88 56.21
C ILE G 264 -4.80 -35.52 56.96
N ASP G 265 -4.15 -34.81 57.87
CA ASP G 265 -3.09 -35.38 58.70
C ASP G 265 -3.02 -34.68 60.01
N ASP G 266 -3.74 -35.20 60.98
CA ASP G 266 -3.60 -34.75 62.35
C ASP G 266 -3.16 -35.88 63.28
N TRP G 267 -2.26 -36.74 62.82
CA TRP G 267 -1.79 -37.85 63.63
C TRP G 267 -0.50 -37.65 64.41
N TRP G 268 0.04 -36.45 64.38
CA TRP G 268 1.28 -36.15 65.10
C TRP G 268 1.11 -35.58 66.52
N ALA G 269 2.10 -35.85 67.35
CA ALA G 269 2.25 -35.31 68.72
C ALA G 269 1.12 -35.56 69.71
N ASN G 270 0.24 -36.51 69.37
CA ASN G 270 -0.87 -36.94 70.23
C ASN G 270 -1.79 -35.78 70.61
N ASP G 271 -1.84 -34.79 69.72
CA ASP G 271 -2.64 -33.60 69.92
C ASP G 271 -3.12 -33.12 68.56
N ALA G 272 -4.37 -33.42 68.22
CA ALA G 272 -4.85 -33.18 66.87
C ALA G 272 -4.79 -31.77 66.26
N ASP G 273 -5.04 -30.71 67.03
CA ASP G 273 -4.99 -29.34 66.49
C ASP G 273 -5.67 -29.23 65.11
N LEU G 274 -4.95 -28.63 64.16
CA LEU G 274 -5.35 -28.58 62.75
C LEU G 274 -4.44 -29.53 61.98
N PRO G 275 -4.96 -30.16 60.91
CA PRO G 275 -4.26 -31.06 59.99
C PRO G 275 -3.26 -30.44 59.02
N LEU G 276 -2.29 -31.21 58.55
CA LEU G 276 -1.30 -30.74 57.61
C LEU G 276 -1.50 -31.44 56.28
N ARG G 277 -0.92 -30.91 55.21
CA ARG G 277 -0.97 -31.56 53.92
C ARG G 277 -0.03 -32.73 54.04
N VAL G 278 -0.42 -33.91 53.56
CA VAL G 278 0.43 -35.07 53.72
C VAL G 278 1.76 -34.84 53.05
N HIS G 279 2.85 -35.09 53.79
CA HIS G 279 4.19 -34.77 53.35
C HIS G 279 5.14 -35.71 54.07
N GLU G 280 6.19 -36.17 53.40
CA GLU G 280 7.03 -37.20 54.01
C GLU G 280 7.74 -36.68 55.24
N TYR G 281 7.93 -35.37 55.33
CA TYR G 281 8.60 -34.74 56.46
C TYR G 281 7.69 -33.84 57.30
N GLY G 282 6.41 -33.87 57.05
CA GLY G 282 5.48 -33.06 57.81
C GLY G 282 5.62 -31.56 57.70
N ALA G 283 5.94 -31.06 56.53
CA ALA G 283 6.17 -29.64 56.34
C ALA G 283 4.97 -28.79 56.70
N ASN G 284 5.21 -27.71 57.44
CA ASN G 284 4.18 -26.81 57.94
C ASN G 284 4.36 -25.50 57.21
N HIS G 285 3.50 -25.23 56.25
CA HIS G 285 3.65 -24.02 55.41
C HIS G 285 3.34 -22.68 56.05
N GLU G 286 2.54 -22.70 57.11
CA GLU G 286 2.22 -21.46 57.81
C GLU G 286 3.32 -20.98 58.74
N ALA G 287 3.96 -21.90 59.47
CA ALA G 287 5.01 -21.55 60.40
C ALA G 287 6.41 -21.66 59.84
N LEU G 288 6.53 -22.05 58.57
CA LEU G 288 7.81 -22.31 57.92
C LEU G 288 8.72 -23.33 58.62
N THR G 289 8.20 -24.49 58.97
CA THR G 289 8.97 -25.51 59.67
C THR G 289 8.57 -26.93 59.25
N ALA G 290 9.05 -27.92 60.00
CA ALA G 290 8.72 -29.31 59.71
C ALA G 290 8.54 -30.14 60.97
N LEU G 291 7.40 -30.80 61.08
CA LEU G 291 6.98 -31.50 62.28
C LEU G 291 7.36 -32.97 62.34
N ARG G 292 7.90 -33.52 61.27
CA ARG G 292 8.40 -34.88 61.32
C ARG G 292 9.82 -34.86 60.81
N HIS G 293 10.62 -34.01 61.40
CA HIS G 293 12.04 -33.89 61.09
C HIS G 293 12.67 -35.25 61.31
N PRO G 294 13.62 -35.64 60.45
CA PRO G 294 14.30 -36.93 60.60
C PRO G 294 14.83 -37.14 62.01
N ALA G 295 15.24 -36.08 62.71
CA ALA G 295 15.76 -36.22 64.05
C ALA G 295 14.77 -36.79 65.06
N THR G 296 13.48 -36.75 64.76
CA THR G 296 12.46 -37.27 65.68
C THR G 296 12.12 -38.75 65.54
N GLY G 297 12.49 -39.36 64.42
CA GLY G 297 12.10 -40.73 64.12
C GLY G 297 10.68 -40.87 63.61
N GLN G 298 10.00 -39.76 63.36
CA GLN G 298 8.60 -39.77 62.94
C GLN G 298 8.32 -39.66 61.44
N ASP G 299 9.36 -39.62 60.61
CA ASP G 299 9.15 -39.40 59.17
C ASP G 299 8.80 -40.68 58.41
N PHE G 300 8.44 -40.55 57.14
CA PHE G 300 8.13 -41.69 56.30
C PHE G 300 9.23 -42.74 56.18
N TYR G 301 10.49 -42.34 56.07
CA TYR G 301 11.55 -43.31 55.79
C TYR G 301 11.93 -44.20 56.94
N HIS G 302 11.85 -43.70 58.15
CA HIS G 302 12.10 -44.51 59.33
C HIS G 302 11.02 -45.54 59.47
N LEU G 303 9.78 -45.08 59.31
CA LEU G 303 8.57 -45.89 59.39
C LEU G 303 8.44 -46.96 58.30
N LEU G 304 8.85 -46.66 57.08
CA LEU G 304 8.84 -47.63 56.00
C LEU G 304 9.65 -48.87 56.29
N THR G 305 10.79 -48.73 56.94
CA THR G 305 11.63 -49.87 57.30
C THR G 305 11.08 -50.83 58.38
N LYS G 306 9.98 -50.48 59.04
CA LYS G 306 9.38 -51.36 60.03
C LYS G 306 8.18 -52.15 59.52
N ALA G 307 7.91 -52.09 58.22
CA ALA G 307 6.75 -52.75 57.60
C ALA G 307 6.57 -54.21 57.98
N GLU G 308 7.69 -54.91 58.13
CA GLU G 308 7.65 -56.31 58.52
C GLU G 308 6.95 -56.47 59.87
N GLN G 309 7.22 -55.56 60.79
CA GLN G 309 6.62 -55.58 62.12
C GLN G 309 5.15 -55.19 62.17
N PHE G 310 4.75 -54.24 61.33
CA PHE G 310 3.36 -53.82 61.23
C PHE G 310 2.44 -54.90 60.68
N VAL G 311 2.92 -55.62 59.68
CA VAL G 311 2.14 -56.67 59.10
C VAL G 311 1.88 -57.70 60.19
N THR G 312 2.92 -58.07 60.93
CA THR G 312 2.75 -59.02 62.02
C THR G 312 1.66 -58.63 62.99
N VAL G 313 1.64 -57.37 63.41
CA VAL G 313 0.58 -56.89 64.29
C VAL G 313 -0.80 -56.93 63.64
N LEU G 314 -0.89 -56.50 62.40
CA LEU G 314 -2.18 -56.44 61.72
C LEU G 314 -2.73 -57.82 61.58
N GLU G 315 -1.85 -58.76 61.27
CA GLU G 315 -2.25 -60.13 61.07
C GLU G 315 -2.69 -60.80 62.36
N SER G 316 -2.07 -60.44 63.47
CA SER G 316 -2.48 -61.01 64.75
C SER G 316 -3.71 -60.35 65.34
N SER G 317 -3.94 -59.09 65.01
CA SER G 317 -5.07 -58.36 65.57
C SER G 317 -6.40 -58.82 65.01
N GLU G 318 -7.45 -58.62 65.78
CA GLU G 318 -8.81 -58.97 65.40
C GLU G 318 -9.37 -58.01 64.34
N GLY G 319 -9.19 -56.72 64.57
CA GLY G 319 -9.68 -55.67 63.68
C GLY G 319 -11.15 -55.32 63.86
N GLY G 320 -11.64 -54.39 63.06
CA GLY G 320 -13.05 -54.05 63.07
C GLY G 320 -13.34 -52.94 64.07
N GLY G 321 -12.34 -52.62 64.89
CA GLY G 321 -12.43 -51.63 65.94
C GLY G 321 -11.64 -50.40 65.56
N VAL G 322 -11.15 -49.70 66.59
CA VAL G 322 -10.38 -48.47 66.44
C VAL G 322 -8.94 -48.65 66.90
N GLU G 323 -8.52 -49.91 67.03
CA GLU G 323 -7.17 -50.24 67.47
C GLU G 323 -5.98 -49.90 66.57
N LEU G 324 -6.19 -49.61 65.28
CA LEU G 324 -5.04 -49.34 64.43
C LEU G 324 -4.36 -48.07 64.89
N PRO G 325 -3.02 -48.10 64.97
CA PRO G 325 -2.14 -46.99 65.35
C PRO G 325 -1.95 -45.91 64.31
N GLY G 326 -1.58 -44.71 64.74
CA GLY G 326 -1.36 -43.62 63.82
C GLY G 326 -0.31 -43.92 62.78
N GLU G 327 0.73 -44.67 63.15
CA GLU G 327 1.80 -44.98 62.23
C GLU G 327 1.30 -45.78 61.01
N VAL G 328 0.43 -46.77 61.20
CA VAL G 328 -0.13 -47.42 60.01
C VAL G 328 -1.01 -46.54 59.12
N HIS G 329 -1.84 -45.70 59.71
CA HIS G 329 -2.67 -44.78 58.91
C HIS G 329 -1.82 -43.81 58.12
N TYR G 330 -0.76 -43.29 58.72
CA TYR G 330 0.09 -42.33 58.08
C TYR G 330 0.67 -42.96 56.84
N LEU G 331 1.23 -44.14 56.99
CA LEU G 331 1.90 -44.80 55.88
C LEU G 331 0.99 -45.02 54.70
N MET G 332 -0.24 -45.44 54.94
CA MET G 332 -1.17 -45.68 53.85
C MET G 332 -1.51 -44.37 53.16
N ALA G 333 -1.61 -43.29 53.90
CA ALA G 333 -1.90 -42.00 53.31
C ALA G 333 -0.81 -41.55 52.36
N VAL G 334 0.43 -41.85 52.69
CA VAL G 334 1.54 -41.51 51.80
C VAL G 334 1.52 -42.36 50.55
N LEU G 335 1.20 -43.65 50.66
CA LEU G 335 1.18 -44.51 49.50
C LEU G 335 0.11 -44.09 48.51
N VAL G 336 -1.00 -43.56 49.01
CA VAL G 336 -2.03 -42.94 48.16
C VAL G 336 -1.53 -41.75 47.33
N LYS G 337 -0.74 -40.86 47.92
CA LYS G 337 -0.12 -39.80 47.16
C LYS G 337 1.21 -40.39 46.69
N GLY G 338 1.21 -41.28 45.73
CA GLY G 338 2.44 -41.94 45.36
C GLY G 338 3.55 -41.09 44.78
N GLY G 339 4.77 -41.59 44.86
CA GLY G 339 5.95 -40.90 44.37
C GLY G 339 7.13 -41.86 44.36
N LEU G 340 8.34 -41.33 44.42
CA LEU G 340 9.56 -42.14 44.35
C LEU G 340 10.17 -42.40 45.72
N PHE G 341 10.37 -43.66 46.07
CA PHE G 341 10.83 -44.02 47.41
C PHE G 341 12.05 -44.93 47.27
N GLN G 342 13.18 -44.41 46.82
CA GLN G 342 14.34 -45.25 46.55
C GLN G 342 15.69 -44.90 47.17
N LYS G 343 16.71 -45.54 46.61
CA LYS G 343 18.13 -45.38 46.97
C LYS G 343 18.55 -45.69 48.38
N GLY G 344 17.97 -46.72 48.97
CA GLY G 344 18.33 -47.10 50.32
C GLY G 344 19.81 -47.44 50.38
N LEU H 3 12.83 -8.55 66.36
CA LEU H 3 11.96 -8.97 65.28
C LEU H 3 12.39 -10.33 64.72
N CYS H 4 11.89 -10.66 63.54
CA CYS H 4 12.14 -11.95 62.94
C CYS H 4 12.06 -11.88 61.44
N THR H 5 12.38 -12.98 60.78
CA THR H 5 12.36 -13.06 59.32
C THR H 5 11.00 -12.97 58.63
N HIS H 6 10.01 -13.73 59.07
CA HIS H 6 8.70 -13.63 58.44
C HIS H 6 7.61 -13.10 59.38
N LEU H 7 6.83 -12.12 58.94
CA LEU H 7 5.67 -11.66 59.69
C LEU H 7 4.69 -10.95 58.76
N SER H 8 3.47 -11.44 58.63
CA SER H 8 2.49 -10.77 57.78
C SER H 8 1.08 -10.80 58.32
N TYR H 9 0.34 -9.76 58.00
CA TYR H 9 -1.07 -9.65 58.32
C TYR H 9 -1.83 -9.43 57.04
N SER H 10 -3.10 -9.79 57.01
CA SER H 10 -3.90 -9.57 55.81
C SER H 10 -4.74 -8.33 55.98
N ARG H 11 -5.42 -7.94 54.91
CA ARG H 11 -6.28 -6.79 54.88
C ARG H 11 -7.67 -7.05 55.36
N SER H 12 -7.99 -6.51 56.52
CA SER H 12 -9.22 -6.80 57.23
C SER H 12 -10.48 -6.01 56.87
N LEU H 13 -10.33 -4.94 56.11
CA LEU H 13 -11.46 -4.10 55.70
C LEU H 13 -11.36 -3.67 54.24
N SER H 14 -12.34 -4.00 53.43
CA SER H 14 -12.27 -3.64 52.01
C SER H 14 -13.53 -3.52 51.18
N PRO H 15 -13.60 -2.47 50.37
CA PRO H 15 -14.63 -2.22 49.36
C PRO H 15 -14.29 -2.88 48.04
N GLY H 16 -15.30 -3.00 47.18
CA GLY H 16 -15.18 -3.31 45.77
C GLY H 16 -15.24 -1.94 45.13
N LYS H 17 -15.40 -1.85 43.83
CA LYS H 17 -15.53 -0.54 43.20
C LYS H 17 -16.88 0.16 43.06
N ALA H 18 -16.83 1.49 42.91
CA ALA H 18 -18.02 2.37 42.79
C ALA H 18 -18.32 2.77 41.37
N VAL H 19 -19.57 2.61 40.96
CA VAL H 19 -20.05 2.88 39.60
C VAL H 19 -21.16 3.90 39.56
N PHE H 20 -21.11 4.81 38.59
CA PHE H 20 -22.11 5.85 38.43
C PHE H 20 -23.21 5.44 37.44
N PHE H 21 -24.46 5.71 37.76
CA PHE H 21 -25.55 5.39 36.82
C PHE H 21 -26.80 6.24 37.04
N TYR H 22 -27.76 6.20 36.14
CA TYR H 22 -29.03 6.88 36.39
C TYR H 22 -30.26 6.13 35.89
N LYS H 23 -31.44 6.51 36.34
CA LYS H 23 -32.63 5.79 35.96
C LYS H 23 -33.41 6.49 34.90
N THR H 24 -34.19 5.72 34.17
CA THR H 24 -35.10 6.24 33.16
C THR H 24 -36.48 5.70 33.51
N ALA H 25 -37.52 6.22 32.87
CA ALA H 25 -38.85 5.69 33.10
C ALA H 25 -39.01 4.25 32.62
N GLU H 26 -38.30 3.88 31.56
CA GLU H 26 -38.45 2.53 30.99
C GLU H 26 -37.42 1.48 31.43
N SER H 27 -36.22 1.91 31.84
CA SER H 27 -35.13 1.00 32.19
C SER H 27 -34.48 1.43 33.49
N ASP H 28 -34.38 0.52 34.44
CA ASP H 28 -33.79 0.83 35.74
C ASP H 28 -32.28 1.08 35.89
N PHE H 29 -31.44 0.62 34.98
CA PHE H 29 -30.00 0.87 35.14
C PHE H 29 -29.34 1.33 33.83
N VAL H 30 -29.05 2.62 33.74
CA VAL H 30 -28.35 3.18 32.57
C VAL H 30 -27.02 3.73 33.03
N PRO H 31 -25.91 3.27 32.46
CA PRO H 31 -24.59 3.73 32.88
C PRO H 31 -24.23 5.14 32.45
N LEU H 32 -23.41 5.82 33.22
CA LEU H 32 -22.91 7.13 32.87
C LEU H 32 -21.67 6.82 32.07
N ARG H 33 -21.51 7.43 30.91
CA ARG H 33 -20.33 7.15 30.13
C ARG H 33 -19.50 8.36 29.74
N ILE H 34 -18.30 8.15 29.17
CA ILE H 34 -17.35 9.21 28.94
C ILE H 34 -17.21 9.50 27.46
N GLU H 35 -16.63 10.64 27.13
CA GLU H 35 -16.45 11.06 25.74
C GLU H 35 -15.01 11.54 25.58
N VAL H 36 -14.50 11.55 24.35
CA VAL H 36 -13.13 12.00 24.12
C VAL H 36 -13.02 13.22 23.22
N ALA H 37 -12.21 14.25 23.50
CA ALA H 37 -12.14 15.40 22.53
C ALA H 37 -10.83 16.20 22.40
N LYS H 38 -10.60 16.83 21.23
CA LYS H 38 -9.39 17.65 20.98
C LYS H 38 -9.62 19.14 21.31
N ILE H 39 -8.71 19.77 22.06
CA ILE H 39 -8.84 21.18 22.48
C ILE H 39 -7.61 22.02 22.19
N SER H 40 -7.81 23.33 22.20
CA SER H 40 -6.76 24.33 22.01
C SER H 40 -6.34 24.96 23.32
N GLY H 41 -5.16 24.59 23.80
CA GLY H 41 -4.62 25.13 25.04
C GLY H 41 -3.77 26.37 24.96
N GLN H 42 -3.17 26.73 26.08
CA GLN H 42 -2.33 27.90 26.23
C GLN H 42 -0.87 27.56 26.25
N LYS H 43 -0.03 28.48 25.78
CA LYS H 43 1.42 28.35 25.93
C LYS H 43 1.75 29.25 27.11
N CYS H 44 1.96 28.65 28.27
CA CYS H 44 2.17 29.45 29.47
C CYS H 44 2.91 28.70 30.57
N GLY H 45 3.39 29.46 31.55
CA GLY H 45 4.05 28.89 32.70
C GLY H 45 5.55 29.01 32.61
N TYR H 46 6.24 28.74 33.70
CA TYR H 46 7.70 28.85 33.72
C TYR H 46 8.31 27.88 32.72
N THR H 47 9.46 28.28 32.16
CA THR H 47 10.26 27.60 31.13
C THR H 47 9.66 27.68 29.74
N GLU H 48 8.48 28.26 29.66
CA GLU H 48 7.85 28.56 28.40
C GLU H 48 8.63 29.76 27.91
N GLY H 49 8.85 30.69 28.84
CA GLY H 49 9.63 31.86 28.56
C GLY H 49 10.93 32.07 29.32
N PHE H 50 11.42 31.08 30.05
CA PHE H 50 12.62 31.35 30.84
C PHE H 50 13.68 30.27 30.78
N ASP H 51 14.88 30.63 31.19
CA ASP H 51 15.97 29.68 31.39
C ASP H 51 16.75 29.92 32.69
N ALA H 52 16.49 29.14 33.74
CA ALA H 52 17.12 29.30 35.07
C ALA H 52 16.94 30.72 35.66
N ASN H 53 15.80 31.29 35.31
CA ASN H 53 15.37 32.67 35.55
C ASN H 53 16.27 33.79 35.07
N LEU H 54 16.97 33.53 33.98
CA LEU H 54 17.86 34.54 33.45
C LEU H 54 17.18 35.19 32.28
N LYS H 55 17.95 35.55 31.27
CA LYS H 55 17.34 36.19 30.13
C LYS H 55 16.25 35.27 29.69
N PRO H 56 15.09 35.83 29.43
CA PRO H 56 14.00 34.97 28.99
C PRO H 56 14.09 34.54 27.52
N LYS H 57 15.12 33.75 27.21
CA LYS H 57 15.41 33.29 25.85
C LYS H 57 15.47 34.32 24.71
N ASN H 58 15.11 33.87 23.51
CA ASN H 58 15.04 34.71 22.32
C ASN H 58 13.72 34.62 21.53
N ILE H 59 12.59 34.63 22.25
CA ILE H 59 11.24 34.47 21.72
C ILE H 59 10.65 35.76 21.10
N GLU H 60 10.15 35.67 19.86
CA GLU H 60 9.59 36.86 19.23
C GLU H 60 8.19 37.09 19.79
N ARG H 61 7.71 38.32 19.82
CA ARG H 61 6.43 38.61 20.48
C ARG H 61 5.27 37.73 20.02
N TYR H 62 5.22 37.42 18.73
CA TYR H 62 4.13 36.66 18.14
C TYR H 62 4.12 35.16 18.49
N GLU H 63 5.26 34.62 18.89
CA GLU H 63 5.46 33.20 19.17
C GLU H 63 4.74 32.63 20.39
N LEU H 64 4.30 33.49 21.30
CA LEU H 64 3.42 33.06 22.38
C LEU H 64 1.92 33.34 22.20
N ALA H 65 1.51 33.76 21.02
CA ALA H 65 0.10 34.01 20.80
C ALA H 65 -0.52 32.79 20.18
N TYR H 66 0.30 31.79 19.95
CA TYR H 66 -0.13 30.58 19.32
C TYR H 66 -0.76 29.71 20.41
N SER H 67 -1.71 28.86 20.05
CA SER H 67 -2.26 27.88 20.97
C SER H 67 -1.44 26.60 21.04
N ASN H 68 -1.78 25.75 22.00
CA ASN H 68 -1.08 24.51 22.23
C ASN H 68 -2.12 23.41 22.19
N PRO H 69 -2.29 22.75 21.04
CA PRO H 69 -3.34 21.76 21.12
C PRO H 69 -3.08 20.50 21.94
N GLN H 70 -4.12 19.91 22.57
CA GLN H 70 -4.12 18.69 23.39
C GLN H 70 -5.36 17.82 23.18
N THR H 71 -5.29 16.52 23.54
CA THR H 71 -6.38 15.54 23.39
C THR H 71 -6.75 15.12 24.80
N ILE H 72 -8.00 15.31 25.22
CA ILE H 72 -8.37 14.87 26.55
C ILE H 72 -9.67 14.10 26.63
N GLU H 73 -9.94 13.43 27.74
CA GLU H 73 -11.17 12.71 27.88
C GLU H 73 -11.91 13.57 28.90
N ALA H 74 -13.23 13.51 28.92
CA ALA H 74 -14.03 14.32 29.86
C ALA H 74 -15.35 13.62 30.17
N CYS H 75 -16.12 14.02 31.17
CA CYS H 75 -17.39 13.35 31.42
C CYS H 75 -18.47 14.29 31.94
N TYR H 76 -19.64 14.33 31.31
CA TYR H 76 -20.66 15.29 31.71
C TYR H 76 -21.99 14.59 31.91
N VAL H 77 -22.83 15.05 32.82
CA VAL H 77 -24.18 14.52 32.94
C VAL H 77 -25.00 15.04 31.76
N PRO H 78 -25.74 14.18 31.04
CA PRO H 78 -26.56 14.58 29.89
C PRO H 78 -27.75 15.46 30.29
N PRO H 79 -28.32 16.21 29.35
CA PRO H 79 -29.46 17.09 29.65
C PRO H 79 -30.66 16.35 30.26
N ASN H 80 -31.41 17.02 31.12
CA ASN H 80 -32.62 16.49 31.75
C ASN H 80 -32.54 15.28 32.66
N VAL H 81 -31.41 15.06 33.33
CA VAL H 81 -31.37 14.02 34.34
C VAL H 81 -31.30 14.73 35.67
N ASP H 82 -32.31 14.54 36.50
CA ASP H 82 -32.36 15.20 37.80
C ASP H 82 -31.45 14.69 38.91
N GLU H 83 -31.19 13.38 38.98
CA GLU H 83 -30.29 12.86 39.99
C GLU H 83 -29.43 11.69 39.53
N LEU H 84 -28.21 11.65 40.06
CA LEU H 84 -27.22 10.64 39.74
C LEU H 84 -26.99 9.72 40.91
N TYR H 85 -26.83 8.42 40.66
CA TYR H 85 -26.62 7.46 41.73
C TYR H 85 -25.24 6.87 41.68
N CYS H 86 -24.68 6.57 42.85
CA CYS H 86 -23.38 5.96 42.95
C CYS H 86 -23.48 4.79 43.92
N ARG H 87 -22.99 3.60 43.58
CA ARG H 87 -23.08 2.49 44.53
C ARG H 87 -21.87 1.57 44.68
N PHE H 88 -21.62 1.07 45.89
CA PHE H 88 -20.56 0.10 46.15
C PHE H 88 -20.87 -0.84 47.31
N SER H 89 -20.14 -1.94 47.44
CA SER H 89 -20.35 -2.88 48.56
C SER H 89 -19.14 -2.92 49.49
N LEU H 90 -19.33 -3.25 50.75
CA LEU H 90 -18.21 -3.27 51.70
C LEU H 90 -18.22 -4.53 52.58
N ARG H 91 -17.07 -5.19 52.75
CA ARG H 91 -16.97 -6.38 53.58
C ARG H 91 -16.07 -6.10 54.73
N VAL H 92 -16.34 -6.60 55.92
CA VAL H 92 -15.40 -6.43 57.02
C VAL H 92 -15.09 -7.76 57.73
N GLU H 93 -13.85 -8.08 58.01
CA GLU H 93 -13.60 -9.36 58.66
C GLU H 93 -12.75 -9.19 59.90
N ALA H 94 -12.95 -10.06 60.89
CA ALA H 94 -12.24 -9.94 62.15
C ALA H 94 -10.90 -10.55 61.95
N ASN H 95 -10.09 -9.90 61.14
CA ASN H 95 -8.84 -10.49 60.74
C ASN H 95 -7.52 -9.91 61.21
N SER H 96 -7.55 -9.19 62.31
CA SER H 96 -6.32 -8.69 62.88
C SER H 96 -6.08 -9.42 64.18
N MET H 97 -6.90 -10.40 64.54
CA MET H 97 -6.64 -11.17 65.72
C MET H 97 -5.49 -12.15 65.55
N ARG H 98 -5.12 -12.53 64.34
CA ARG H 98 -4.00 -13.47 64.15
C ARG H 98 -3.14 -13.30 62.89
N PRO H 99 -1.80 -13.32 63.05
CA PRO H 99 -0.82 -13.22 61.98
C PRO H 99 -1.08 -14.18 60.84
N TYR H 100 -0.96 -13.72 59.61
CA TYR H 100 -1.14 -14.59 58.48
C TYR H 100 0.02 -15.55 58.46
N VAL H 101 1.23 -15.02 58.60
CA VAL H 101 2.43 -15.85 58.73
C VAL H 101 3.34 -15.31 59.85
N CYS H 102 3.96 -16.16 60.65
CA CYS H 102 4.95 -15.72 61.64
C CYS H 102 5.99 -16.83 61.78
N SER H 103 7.28 -16.53 61.72
CA SER H 103 8.27 -17.61 61.88
C SER H 103 8.78 -17.77 63.28
N ASN H 104 8.23 -17.06 64.25
CA ASN H 104 8.78 -17.12 65.59
C ASN H 104 7.76 -17.32 66.70
N PRO H 105 7.72 -18.52 67.32
CA PRO H 105 6.69 -18.77 68.33
C PRO H 105 6.67 -17.78 69.48
N ASP H 106 7.79 -17.12 69.79
CA ASP H 106 7.81 -16.18 70.91
C ASP H 106 7.19 -14.85 70.48
N VAL H 107 7.39 -14.45 69.24
CA VAL H 107 6.70 -13.28 68.72
C VAL H 107 5.20 -13.53 68.63
N LEU H 108 4.82 -14.70 68.14
CA LEU H 108 3.42 -15.04 67.96
C LEU H 108 2.61 -14.99 69.23
N ARG H 109 3.10 -15.57 70.33
CA ARG H 109 2.28 -15.58 71.55
C ARG H 109 2.00 -14.17 72.07
N VAL H 110 2.94 -13.26 71.84
CA VAL H 110 2.79 -11.87 72.26
C VAL H 110 1.83 -11.07 71.42
N MET H 111 1.89 -11.22 70.10
CA MET H 111 0.99 -10.46 69.24
C MET H 111 -0.45 -10.87 69.52
N ILE H 112 -0.67 -12.15 69.83
CA ILE H 112 -2.00 -12.65 70.18
C ILE H 112 -2.44 -12.12 71.53
N GLY H 113 -1.55 -12.19 72.51
CA GLY H 113 -1.82 -11.68 73.84
C GLY H 113 -2.21 -10.23 73.80
N LEU H 114 -1.54 -9.44 72.98
CA LEU H 114 -1.92 -8.06 72.80
C LEU H 114 -3.20 -7.77 72.15
N ALA H 115 -3.54 -8.46 71.08
CA ALA H 115 -4.80 -8.19 70.48
C ALA H 115 -5.91 -8.49 71.45
N GLN H 116 -5.80 -9.57 72.21
CA GLN H 116 -6.83 -9.90 73.18
C GLN H 116 -6.86 -8.95 74.35
N ALA H 117 -5.70 -8.50 74.82
CA ALA H 117 -5.68 -7.59 75.94
C ALA H 117 -6.44 -6.35 75.58
N TYR H 118 -6.22 -5.87 74.35
CA TYR H 118 -6.92 -4.70 73.84
C TYR H 118 -8.40 -4.92 73.66
N GLN H 119 -8.81 -6.00 73.02
CA GLN H 119 -10.24 -6.23 72.78
C GLN H 119 -11.16 -6.08 73.98
N ARG H 120 -10.81 -6.70 75.11
CA ARG H 120 -11.61 -6.64 76.34
C ARG H 120 -11.60 -5.35 77.15
N LEU H 121 -10.73 -4.40 76.83
CA LEU H 121 -10.72 -3.13 77.55
C LEU H 121 -11.55 -2.09 76.83
N GLY H 122 -12.06 -2.44 75.66
CA GLY H 122 -12.67 -1.46 74.79
C GLY H 122 -11.62 -1.03 73.81
N GLY H 123 -12.02 -0.22 72.85
CA GLY H 123 -11.07 0.21 71.86
C GLY H 123 -11.40 -0.15 70.45
N TYR H 124 -12.06 -1.27 70.26
CA TYR H 124 -12.56 -1.57 68.93
C TYR H 124 -13.73 -0.60 68.69
N ASN H 125 -14.37 -0.12 69.75
CA ASN H 125 -15.48 0.80 69.61
C ASN H 125 -14.96 2.10 69.07
N GLU H 126 -13.73 2.41 69.44
CA GLU H 126 -13.07 3.66 69.09
C GLU H 126 -12.77 3.65 67.62
N LEU H 127 -12.17 2.57 67.16
CA LEU H 127 -11.84 2.44 65.75
C LEU H 127 -13.10 2.35 64.90
N ALA H 128 -14.08 1.63 65.38
CA ALA H 128 -15.35 1.52 64.67
C ALA H 128 -16.05 2.86 64.58
N ARG H 129 -16.02 3.65 65.64
CA ARG H 129 -16.62 4.96 65.57
C ARG H 129 -15.98 5.82 64.50
N ARG H 130 -14.65 5.82 64.42
CA ARG H 130 -13.96 6.58 63.39
C ARG H 130 -14.23 6.10 61.96
N TYR H 131 -14.26 4.80 61.74
CA TYR H 131 -14.56 4.32 60.40
C TYR H 131 -15.97 4.64 60.02
N SER H 132 -16.89 4.46 60.96
CA SER H 132 -18.31 4.66 60.69
C SER H 132 -18.61 6.09 60.33
N ALA H 133 -17.98 7.02 61.02
CA ALA H 133 -18.17 8.44 60.75
C ALA H 133 -17.81 8.79 59.33
N ASN H 134 -16.73 8.25 58.80
CA ASN H 134 -16.30 8.50 57.44
C ASN H 134 -17.25 7.98 56.37
N VAL H 135 -17.95 6.89 56.63
CA VAL H 135 -18.95 6.43 55.66
C VAL H 135 -20.12 7.37 55.58
N LEU H 136 -20.63 7.81 56.73
CA LEU H 136 -21.87 8.58 56.77
C LEU H 136 -21.64 10.02 56.34
N ARG H 137 -20.45 10.54 56.51
CA ARG H 137 -20.07 11.88 56.10
C ARG H 137 -20.06 12.01 54.59
N GLY H 138 -19.77 10.93 53.88
CA GLY H 138 -19.66 10.99 52.45
C GLY H 138 -18.33 11.37 51.84
N ILE H 139 -17.25 11.41 52.60
CA ILE H 139 -15.97 11.85 52.03
C ILE H 139 -15.35 10.99 50.95
N TRP H 140 -16.00 9.89 50.59
CA TRP H 140 -15.43 8.97 49.64
C TRP H 140 -15.80 9.37 48.23
N LEU H 141 -16.54 10.46 48.08
CA LEU H 141 -16.86 10.99 46.77
C LEU H 141 -15.77 11.91 46.27
N TRP H 142 -14.77 12.17 47.12
CA TRP H 142 -13.63 13.04 46.78
C TRP H 142 -14.02 14.41 46.28
N ARG H 143 -13.77 14.68 45.01
CA ARG H 143 -14.04 15.98 44.38
C ARG H 143 -15.47 16.20 43.89
N ASN H 144 -16.33 15.21 44.02
CA ASN H 144 -17.73 15.24 43.60
C ASN H 144 -18.70 15.55 44.71
N GLN H 145 -18.23 16.09 45.82
CA GLN H 145 -19.08 16.42 46.95
C GLN H 145 -19.93 17.67 46.76
N TYR H 146 -19.59 18.48 45.78
CA TYR H 146 -20.26 19.76 45.53
C TYR H 146 -21.58 19.66 44.77
N THR H 147 -22.64 19.23 45.45
CA THR H 147 -23.95 18.97 44.89
C THR H 147 -24.94 19.93 45.46
N GLN H 148 -26.19 19.86 45.04
CA GLN H 148 -27.23 20.67 45.63
C GLN H 148 -27.89 19.91 46.77
N GLY H 149 -27.38 18.73 47.10
CA GLY H 149 -27.98 17.88 48.13
C GLY H 149 -27.54 16.43 47.99
N THR H 150 -27.04 15.81 49.04
CA THR H 150 -26.53 14.43 48.99
C THR H 150 -27.23 13.52 49.97
N LYS H 151 -27.86 12.45 49.50
CA LYS H 151 -28.58 11.56 50.40
C LYS H 151 -27.93 10.19 50.47
N ILE H 152 -27.68 9.67 51.66
CA ILE H 152 -26.96 8.41 51.83
C ILE H 152 -27.79 7.36 52.55
N GLU H 153 -27.88 6.17 51.97
CA GLU H 153 -28.59 5.05 52.60
C GLU H 153 -27.79 3.76 52.69
N ILE H 154 -27.85 3.06 53.82
CA ILE H 154 -27.09 1.83 53.97
C ILE H 154 -27.94 0.66 54.42
N LYS H 155 -27.83 -0.49 53.78
CA LYS H 155 -28.56 -1.68 54.19
C LYS H 155 -27.63 -2.86 54.47
N THR H 156 -27.48 -3.25 55.73
CA THR H 156 -26.61 -4.37 56.09
C THR H 156 -27.25 -5.76 56.17
N SER H 157 -26.39 -6.77 56.13
CA SER H 157 -26.76 -8.18 56.15
C SER H 157 -27.49 -8.68 57.39
N LEU H 158 -27.48 -7.89 58.46
CA LEU H 158 -28.19 -8.22 59.70
C LEU H 158 -29.59 -7.63 59.79
N GLY H 159 -30.02 -6.90 58.75
CA GLY H 159 -31.36 -6.38 58.69
C GLY H 159 -31.58 -4.94 59.11
N SER H 160 -30.51 -4.21 59.35
CA SER H 160 -30.63 -2.81 59.72
C SER H 160 -30.76 -1.92 58.49
N THR H 161 -31.25 -0.70 58.68
CA THR H 161 -31.24 0.30 57.62
C THR H 161 -30.80 1.66 58.18
N TYR H 162 -29.94 2.38 57.47
CA TYR H 162 -29.59 3.70 57.96
C TYR H 162 -29.85 4.72 56.88
N HIS H 163 -30.14 5.94 57.32
CA HIS H 163 -30.59 6.97 56.41
C HIS H 163 -30.15 8.33 56.90
N ILE H 164 -29.34 9.01 56.09
CA ILE H 164 -28.91 10.36 56.38
C ILE H 164 -29.58 11.20 55.33
N PRO H 165 -30.54 12.06 55.72
CA PRO H 165 -31.28 12.74 54.66
C PRO H 165 -30.44 13.74 53.88
N ASP H 166 -29.37 14.26 54.48
CA ASP H 166 -28.53 15.25 53.82
C ASP H 166 -27.17 15.28 54.49
N ALA H 167 -26.14 14.80 53.78
CA ALA H 167 -24.81 14.63 54.35
C ALA H 167 -23.86 15.79 54.12
N ARG H 168 -24.33 16.84 53.49
CA ARG H 168 -23.45 17.92 53.06
C ARG H 168 -22.67 18.62 54.18
N ARG H 169 -23.24 18.67 55.37
CA ARG H 169 -22.54 19.35 56.46
C ARG H 169 -22.14 18.61 57.73
N LEU H 170 -21.68 17.36 57.66
CA LEU H 170 -21.29 16.72 58.91
C LEU H 170 -19.78 16.77 59.03
N SER H 171 -19.29 17.38 60.09
CA SER H 171 -17.86 17.56 60.26
C SER H 171 -17.18 16.42 60.95
N TRP H 172 -15.86 16.41 60.82
CA TRP H 172 -15.02 15.46 61.52
C TRP H 172 -15.11 15.82 62.98
N SER H 173 -14.93 17.10 63.29
CA SER H 173 -14.95 17.53 64.67
C SER H 173 -16.20 18.34 64.91
N GLY H 174 -17.01 17.90 65.86
CA GLY H 174 -18.24 18.59 66.18
C GLY H 174 -19.25 17.60 66.71
N ASP H 175 -20.46 18.09 66.95
CA ASP H 175 -21.53 17.29 67.51
C ASP H 175 -22.65 17.24 66.52
N TRP H 176 -22.95 16.04 66.03
CA TRP H 176 -23.95 15.88 65.00
C TRP H 176 -25.35 16.13 65.54
N PRO H 177 -26.19 16.73 64.70
CA PRO H 177 -27.59 17.08 64.92
C PRO H 177 -28.37 15.86 65.34
N GLU H 178 -29.39 16.04 66.17
CA GLU H 178 -30.16 14.93 66.67
C GLU H 178 -30.87 14.14 65.62
N LEU H 179 -31.02 12.85 65.94
CA LEU H 179 -31.59 11.78 65.12
C LEU H 179 -30.71 11.36 63.95
N GLU H 180 -29.49 11.89 63.96
CA GLU H 180 -28.37 11.43 63.16
C GLU H 180 -27.29 10.86 64.10
N GLN H 181 -27.09 11.51 65.24
CA GLN H 181 -26.16 11.05 66.23
C GLN H 181 -26.58 9.65 66.56
N LYS H 182 -27.88 9.43 66.61
CA LYS H 182 -28.40 8.11 66.97
C LYS H 182 -27.98 7.00 66.04
N GLN H 183 -27.77 7.31 64.77
CA GLN H 183 -27.51 6.28 63.80
C GLN H 183 -26.02 6.00 63.78
N LEU H 184 -25.23 7.00 64.11
CA LEU H 184 -23.81 6.78 64.26
C LEU H 184 -23.59 5.82 65.41
N GLU H 185 -24.36 5.92 66.48
CA GLU H 185 -24.16 4.98 67.57
C GLU H 185 -24.50 3.54 67.23
N GLN H 186 -25.60 3.34 66.52
CA GLN H 186 -26.04 2.00 66.16
C GLN H 186 -25.11 1.34 65.15
N LEU H 187 -24.65 2.09 64.16
CA LEU H 187 -23.74 1.57 63.16
C LEU H 187 -22.42 1.21 63.78
N THR H 188 -21.94 2.01 64.72
CA THR H 188 -20.70 1.71 65.41
C THR H 188 -20.76 0.35 66.03
N SER H 189 -21.86 0.01 66.68
CA SER H 189 -21.98 -1.29 67.33
C SER H 189 -21.92 -2.48 66.40
N GLU H 190 -22.56 -2.41 65.24
CA GLU H 190 -22.48 -3.53 64.30
C GLU H 190 -21.06 -3.72 63.82
N MET H 191 -20.37 -2.62 63.52
CA MET H 191 -19.03 -2.73 62.98
C MET H 191 -18.00 -3.10 64.04
N ALA H 192 -18.15 -2.59 65.24
CA ALA H 192 -17.21 -2.88 66.32
C ALA H 192 -17.14 -4.36 66.57
N LYS H 193 -18.29 -5.02 66.48
CA LYS H 193 -18.36 -6.48 66.56
C LYS H 193 -17.73 -7.18 65.38
N ALA H 194 -18.06 -6.74 64.18
CA ALA H 194 -17.55 -7.37 62.97
C ALA H 194 -16.04 -7.41 62.94
N LEU H 195 -15.42 -6.35 63.44
CA LEU H 195 -13.97 -6.22 63.52
C LEU H 195 -13.24 -7.17 64.46
N SER H 196 -13.91 -7.65 65.50
CA SER H 196 -13.25 -8.48 66.50
C SER H 196 -13.79 -9.88 66.77
N GLN H 197 -15.04 -10.15 66.44
CA GLN H 197 -15.61 -11.48 66.67
C GLN H 197 -15.59 -12.28 65.39
N PRO H 198 -15.02 -13.47 65.44
CA PRO H 198 -14.91 -14.28 64.21
C PRO H 198 -16.21 -14.97 63.78
N ASP H 199 -16.24 -15.44 62.54
CA ASP H 199 -17.34 -16.22 61.96
C ASP H 199 -18.67 -15.50 61.88
N ILE H 200 -18.61 -14.20 61.60
CA ILE H 200 -19.79 -13.40 61.36
C ILE H 200 -19.56 -13.01 59.92
N PHE H 201 -20.53 -13.16 59.03
CA PHE H 201 -20.30 -12.76 57.66
C PHE H 201 -21.05 -11.44 57.47
N TRP H 202 -20.37 -10.31 57.60
CA TRP H 202 -21.08 -9.04 57.63
C TRP H 202 -20.92 -8.30 56.31
N PHE H 203 -21.99 -7.79 55.69
CA PHE H 203 -21.90 -7.03 54.45
C PHE H 203 -22.62 -5.72 54.63
N ALA H 204 -22.18 -4.68 53.93
CA ALA H 204 -22.89 -3.43 53.90
C ALA H 204 -23.14 -3.13 52.44
N ASP H 205 -24.20 -2.40 52.12
CA ASP H 205 -24.44 -2.02 50.75
C ASP H 205 -24.82 -0.53 50.71
N VAL H 206 -23.92 0.29 50.16
CA VAL H 206 -24.01 1.74 50.33
C VAL H 206 -24.36 2.39 49.03
N THR H 207 -25.44 3.16 49.00
CA THR H 207 -25.90 3.81 47.81
C THR H 207 -26.02 5.27 48.20
N ALA H 208 -25.64 6.21 47.34
CA ALA H 208 -25.83 7.61 47.64
C ALA H 208 -26.47 8.27 46.48
N SER H 209 -27.31 9.27 46.72
CA SER H 209 -27.79 10.05 45.60
C SER H 209 -27.28 11.47 45.38
N LEU H 210 -26.96 11.92 44.19
CA LEU H 210 -26.33 13.23 44.11
C LEU H 210 -27.35 14.10 43.40
N LYS H 211 -27.87 15.19 43.93
CA LYS H 211 -28.71 16.03 43.07
C LYS H 211 -27.77 17.07 42.40
N THR H 212 -27.81 17.13 41.07
CA THR H 212 -26.88 17.95 40.30
C THR H 212 -27.41 19.15 39.49
N GLY H 213 -26.46 19.88 38.90
CA GLY H 213 -26.70 21.02 38.02
C GLY H 213 -27.12 20.61 36.62
N PHE H 214 -27.34 21.56 35.72
CA PHE H 214 -27.90 21.23 34.40
C PHE H 214 -27.06 20.27 33.57
N CYS H 215 -25.79 20.55 33.38
CA CYS H 215 -24.90 19.58 32.76
C CYS H 215 -23.60 19.59 33.54
N GLN H 216 -23.64 19.11 34.76
CA GLN H 216 -22.50 19.16 35.65
C GLN H 216 -21.41 18.19 35.26
N GLU H 217 -20.16 18.59 35.47
CA GLU H 217 -19.03 17.73 35.15
C GLU H 217 -18.80 16.74 36.28
N ILE H 218 -18.45 15.50 35.95
CA ILE H 218 -18.18 14.44 36.91
C ILE H 218 -16.74 13.97 36.93
N PHE H 219 -16.19 13.69 38.11
CA PHE H 219 -14.77 13.36 38.25
C PHE H 219 -14.46 11.95 38.76
N PRO H 220 -14.37 10.98 37.85
CA PRO H 220 -14.02 9.58 38.08
C PRO H 220 -12.52 9.42 38.19
N SER H 221 -12.04 8.21 38.48
CA SER H 221 -10.63 7.97 38.66
C SER H 221 -9.88 8.13 37.35
N GLN H 222 -8.64 8.60 37.39
CA GLN H 222 -7.80 8.65 36.19
C GLN H 222 -6.88 7.43 36.09
N LYS H 223 -6.45 7.12 34.88
CA LYS H 223 -5.48 6.06 34.69
C LYS H 223 -4.08 6.61 34.89
N PHE H 224 -3.15 5.75 35.30
CA PHE H 224 -1.75 6.12 35.41
C PHE H 224 -1.07 5.74 34.12
N THR H 225 -0.66 6.72 33.33
CA THR H 225 -0.03 6.44 32.05
C THR H 225 1.29 7.16 31.83
N GLU H 226 2.03 6.65 30.85
CA GLU H 226 3.31 7.21 30.45
C GLU H 226 3.10 8.27 29.38
N ARG H 227 4.08 9.14 29.19
CA ARG H 227 3.97 10.18 28.18
C ARG H 227 3.69 9.53 26.82
N PRO H 228 2.66 10.02 26.11
CA PRO H 228 2.36 9.56 24.76
C PRO H 228 3.28 10.16 23.72
N ASP H 229 3.44 9.46 22.60
CA ASP H 229 4.35 9.87 21.54
C ASP H 229 3.78 9.61 20.16
N ASP H 230 2.49 9.30 20.08
CA ASP H 230 1.82 9.04 18.80
C ASP H 230 0.95 10.21 18.37
N HIS H 231 0.86 11.20 19.23
CA HIS H 231 0.06 12.44 19.01
C HIS H 231 -1.42 12.20 18.75
N SER H 232 -1.88 10.99 19.05
CA SER H 232 -3.25 10.60 18.76
C SER H 232 -3.96 10.17 20.04
N VAL H 233 -3.23 9.47 20.90
CA VAL H 233 -3.81 8.91 22.10
C VAL H 233 -4.02 10.03 23.11
N ALA H 234 -5.13 9.99 23.84
CA ALA H 234 -5.44 11.03 24.81
C ALA H 234 -4.35 11.13 25.84
N SER H 235 -4.01 12.35 26.23
CA SER H 235 -3.04 12.55 27.28
C SER H 235 -3.60 12.18 28.63
N ARG H 236 -4.84 12.56 28.89
CA ARG H 236 -5.52 12.21 30.14
C ARG H 236 -6.63 11.21 29.87
N GLN H 237 -6.63 10.11 30.62
CA GLN H 237 -7.55 9.01 30.37
C GLN H 237 -8.29 8.62 31.63
N LEU H 238 -9.57 8.29 31.49
CA LEU H 238 -10.40 7.95 32.65
C LEU H 238 -10.70 6.47 32.71
N ALA H 239 -10.85 5.98 33.93
CA ALA H 239 -11.21 4.59 34.25
C ALA H 239 -12.70 4.26 34.11
N THR H 240 -13.00 3.12 33.49
CA THR H 240 -14.36 2.66 33.26
C THR H 240 -14.50 1.18 33.56
N VAL H 241 -15.72 0.66 33.67
CA VAL H 241 -15.94 -0.79 33.75
C VAL H 241 -16.84 -1.23 32.60
N GLU H 242 -16.81 -2.53 32.29
CA GLU H 242 -17.58 -3.11 31.21
C GLU H 242 -18.80 -3.78 31.79
N CYS H 243 -19.97 -3.49 31.25
CA CYS H 243 -21.20 -4.05 31.78
C CYS H 243 -21.45 -5.40 31.14
N SER H 244 -22.45 -6.11 31.64
CA SER H 244 -22.74 -7.46 31.17
C SER H 244 -23.06 -7.51 29.68
N ASP H 245 -23.59 -6.42 29.15
CA ASP H 245 -23.92 -6.32 27.73
C ASP H 245 -22.89 -5.61 26.87
N GLY H 246 -21.71 -5.37 27.40
CA GLY H 246 -20.65 -4.71 26.67
C GLY H 246 -20.50 -3.19 26.65
N GLN H 247 -21.34 -2.49 27.40
CA GLN H 247 -21.26 -1.03 27.45
C GLN H 247 -20.23 -0.64 28.50
N LEU H 248 -19.62 0.55 28.36
CA LEU H 248 -18.67 0.99 29.39
C LEU H 248 -19.29 2.04 30.32
N ALA H 249 -18.86 2.06 31.57
CA ALA H 249 -19.34 3.03 32.57
C ALA H 249 -18.27 3.65 33.46
N ALA H 250 -18.39 4.90 33.91
CA ALA H 250 -17.38 5.53 34.80
C ALA H 250 -17.38 4.96 36.25
N CYS H 251 -16.23 4.93 36.89
CA CYS H 251 -16.13 4.32 38.20
C CYS H 251 -15.03 4.96 39.00
N ILE H 252 -14.97 4.60 40.27
CA ILE H 252 -13.91 5.04 41.13
C ILE H 252 -13.24 3.75 41.58
N ASN H 253 -11.91 3.69 41.53
CA ASN H 253 -11.20 2.45 41.85
C ASN H 253 -11.33 1.96 43.27
N PRO H 254 -11.19 0.66 43.51
CA PRO H 254 -11.32 0.18 44.88
C PRO H 254 -10.40 0.89 45.86
N GLN H 255 -9.10 0.92 45.62
CA GLN H 255 -8.22 1.50 46.62
C GLN H 255 -8.42 2.99 46.80
N LYS H 256 -9.03 3.68 45.83
CA LYS H 256 -9.36 5.09 46.01
C LYS H 256 -10.52 5.32 46.93
N ILE H 257 -11.49 4.42 46.94
CA ILE H 257 -12.58 4.45 47.92
C ILE H 257 -12.01 4.14 49.28
N GLY H 258 -11.17 3.12 49.34
CA GLY H 258 -10.53 2.71 50.57
C GLY H 258 -9.63 3.75 51.18
N ALA H 259 -8.86 4.46 50.37
CA ALA H 259 -8.00 5.49 50.91
C ALA H 259 -8.77 6.51 51.70
N ALA H 260 -9.99 6.83 51.27
CA ALA H 260 -10.82 7.76 52.01
C ALA H 260 -11.36 7.18 53.31
N LEU H 261 -11.84 5.94 53.30
CA LEU H 261 -12.45 5.36 54.48
C LEU H 261 -11.52 5.21 55.66
N GLN H 262 -10.26 4.91 55.39
CA GLN H 262 -9.28 4.71 56.43
C GLN H 262 -8.54 5.95 56.85
N LYS H 263 -8.98 7.11 56.42
CA LYS H 263 -8.33 8.34 56.78
C LYS H 263 -8.61 8.81 58.19
N ILE H 264 -8.09 8.11 59.18
CA ILE H 264 -8.40 8.41 60.57
C ILE H 264 -7.11 8.33 61.34
N ASP H 265 -6.28 9.37 61.31
CA ASP H 265 -5.08 9.44 62.13
C ASP H 265 -4.79 10.84 62.53
N ASP H 266 -5.19 11.19 63.72
CA ASP H 266 -4.82 12.48 64.29
C ASP H 266 -4.22 12.33 65.70
N TRP H 267 -3.38 11.32 65.88
CA TRP H 267 -2.77 11.09 67.19
C TRP H 267 -1.38 11.69 67.41
N TRP H 268 -0.82 12.33 66.40
CA TRP H 268 0.51 12.92 66.51
C TRP H 268 0.57 14.38 66.95
N ALA H 269 1.71 14.73 67.54
CA ALA H 269 2.06 16.08 68.00
C ALA H 269 1.17 16.73 69.06
N ASN H 270 0.28 15.93 69.66
CA ASN H 270 -0.67 16.38 70.68
C ASN H 270 -1.53 17.53 70.21
N ASP H 271 -1.78 17.56 68.91
CA ASP H 271 -2.57 18.60 68.29
C ASP H 271 -3.30 17.98 67.09
N ALA H 272 -4.57 17.67 67.27
CA ALA H 272 -5.30 16.91 66.26
C ALA H 272 -5.39 17.42 64.81
N ASP H 273 -5.50 18.73 64.59
CA ASP H 273 -5.61 19.26 63.22
C ASP H 273 -6.58 18.46 62.34
N LEU H 274 -6.15 18.10 61.13
CA LEU H 274 -6.86 17.18 60.26
C LEU H 274 -6.11 15.85 60.27
N PRO H 275 -6.83 14.74 60.08
CA PRO H 275 -6.33 13.35 60.03
C PRO H 275 -5.53 12.97 58.79
N LEU H 276 -4.58 12.06 58.94
CA LEU H 276 -3.77 11.56 57.84
C LEU H 276 -4.25 10.17 57.46
N ARG H 277 -3.93 9.72 56.25
CA ARG H 277 -4.20 8.34 55.85
C ARG H 277 -3.18 7.52 56.59
N VAL H 278 -3.60 6.43 57.22
CA VAL H 278 -2.67 5.67 58.05
C VAL H 278 -1.50 5.20 57.22
N HIS H 279 -0.30 5.44 57.72
CA HIS H 279 0.93 5.18 56.98
C HIS H 279 2.02 4.93 57.99
N GLU H 280 2.94 4.02 57.70
CA GLU H 280 3.91 3.63 58.72
C GLU H 280 4.83 4.77 59.09
N TYR H 281 4.99 5.72 58.17
CA TYR H 281 5.86 6.89 58.37
C TYR H 281 5.12 8.22 58.48
N GLY H 282 3.81 8.18 58.56
CA GLY H 282 3.04 9.40 58.68
C GLY H 282 3.05 10.34 57.50
N ALA H 283 3.05 9.81 56.29
CA ALA H 283 3.14 10.62 55.09
C ALA H 283 2.02 11.63 54.97
N ASN H 284 2.36 12.83 54.50
CA ASN H 284 1.41 13.92 54.28
C ASN H 284 1.53 14.33 52.83
N HIS H 285 0.60 13.93 52.00
CA HIS H 285 0.68 14.22 50.56
C HIS H 285 0.45 15.65 50.11
N GLU H 286 -0.37 16.38 50.84
CA GLU H 286 -0.61 17.77 50.52
C GLU H 286 0.62 18.66 50.68
N ALA H 287 1.38 18.45 51.75
CA ALA H 287 2.60 19.22 51.98
C ALA H 287 3.87 18.52 51.53
N LEU H 288 3.73 17.35 50.92
CA LEU H 288 4.87 16.51 50.52
C LEU H 288 5.92 16.24 51.59
N THR H 289 5.50 15.80 52.77
CA THR H 289 6.41 15.54 53.87
C THR H 289 6.02 14.31 54.70
N ALA H 290 6.64 14.14 55.86
CA ALA H 290 6.33 13.03 56.74
C ALA H 290 6.37 13.40 58.20
N LEU H 291 5.31 13.05 58.92
CA LEU H 291 5.12 13.42 60.31
C LEU H 291 5.69 12.45 61.33
N ARG H 292 5.94 11.21 60.93
CA ARG H 292 6.49 10.23 61.85
C ARG H 292 7.76 9.72 61.28
N HIS H 293 8.61 10.62 60.84
CA HIS H 293 9.92 10.32 60.30
C HIS H 293 10.67 9.49 61.34
N PRO H 294 11.43 8.49 60.91
CA PRO H 294 12.18 7.65 61.84
C PRO H 294 12.99 8.46 62.83
N ALA H 295 13.50 9.61 62.44
CA ALA H 295 14.31 10.43 63.34
C ALA H 295 13.56 10.93 64.58
N THR H 296 12.23 10.85 64.58
CA THR H 296 11.46 11.30 65.74
C THR H 296 11.16 10.24 66.80
N GLY H 297 11.33 8.97 66.46
CA GLY H 297 10.94 7.87 67.32
C GLY H 297 9.45 7.56 67.32
N GLN H 298 8.70 8.21 66.43
CA GLN H 298 7.25 8.04 66.38
C GLN H 298 6.69 7.12 65.30
N ASP H 299 7.54 6.41 64.58
CA ASP H 299 7.06 5.54 63.50
C ASP H 299 6.59 4.18 63.97
N PHE H 300 6.00 3.41 63.07
CA PHE H 300 5.58 2.04 63.38
C PHE H 300 6.69 1.11 63.88
N TYR H 301 7.87 1.14 63.28
CA TYR H 301 8.87 0.12 63.60
C TYR H 301 9.50 0.24 64.97
N HIS H 302 9.59 1.45 65.48
CA HIS H 302 10.10 1.66 66.83
C HIS H 302 9.10 1.14 67.83
N LEU H 303 7.84 1.51 67.59
CA LEU H 303 6.70 1.10 68.40
C LEU H 303 6.39 -0.39 68.39
N LEU H 304 6.59 -1.06 67.26
CA LEU H 304 6.43 -2.50 67.17
C LEU H 304 7.25 -3.27 68.18
N THR H 305 8.42 -2.75 68.54
CA THR H 305 9.29 -3.41 69.51
C THR H 305 8.96 -3.17 71.00
N LYS H 306 7.93 -2.39 71.32
CA LYS H 306 7.57 -2.12 72.70
C LYS H 306 6.41 -2.96 73.24
N ALA H 307 5.97 -3.95 72.48
CA ALA H 307 4.75 -4.71 72.77
C ALA H 307 4.71 -5.34 74.17
N GLU H 308 5.87 -5.78 74.63
CA GLU H 308 5.97 -6.38 75.94
C GLU H 308 5.55 -5.39 77.03
N GLN H 309 5.94 -4.13 76.86
CA GLN H 309 5.59 -3.06 77.78
C GLN H 309 4.15 -2.57 77.68
N PHE H 310 3.58 -2.61 76.50
CA PHE H 310 2.17 -2.26 76.28
C PHE H 310 1.20 -3.28 76.85
N VAL H 311 1.52 -4.55 76.69
CA VAL H 311 0.70 -5.59 77.24
C VAL H 311 0.70 -5.41 78.75
N THR H 312 1.87 -5.17 79.33
CA THR H 312 1.96 -4.95 80.77
C THR H 312 1.06 -3.84 81.25
N VAL H 313 1.07 -2.70 80.57
CA VAL H 313 0.20 -1.59 80.94
C VAL H 313 -1.28 -1.91 80.73
N LEU H 314 -1.61 -2.47 79.58
CA LEU H 314 -3.00 -2.75 79.27
C LEU H 314 -3.55 -3.74 80.26
N GLU H 315 -2.72 -4.71 80.60
CA GLU H 315 -3.11 -5.74 81.54
C GLU H 315 -3.28 -5.21 82.95
N SER H 316 -2.45 -4.26 83.34
CA SER H 316 -2.54 -3.72 84.69
C SER H 316 -3.70 -2.75 84.90
N SER H 317 -4.15 -2.12 83.82
CA SER H 317 -5.28 -1.22 83.91
C SER H 317 -6.61 -1.95 84.08
N GLU H 318 -7.58 -1.24 84.61
CA GLU H 318 -8.92 -1.75 84.84
C GLU H 318 -9.71 -1.90 83.54
N GLY H 319 -9.59 -0.90 82.66
CA GLY H 319 -10.29 -0.86 81.40
C GLY H 319 -11.59 -0.07 81.41
N GLY H 320 -12.04 0.35 80.23
CA GLY H 320 -13.32 1.04 80.12
C GLY H 320 -13.19 2.50 80.50
N GLY H 321 -11.94 2.93 80.73
CA GLY H 321 -11.61 4.26 81.16
C GLY H 321 -10.97 5.04 80.03
N VAL H 322 -10.06 5.92 80.40
CA VAL H 322 -9.36 6.80 79.46
C VAL H 322 -7.89 6.46 79.34
N GLU H 323 -7.53 5.30 79.85
CA GLU H 323 -6.13 4.85 79.90
C GLU H 323 -5.42 4.51 78.58
N LEU H 324 -6.15 4.26 77.48
CA LEU H 324 -5.46 3.84 76.27
C LEU H 324 -4.76 5.04 75.66
N PRO H 325 -3.44 4.93 75.47
CA PRO H 325 -2.56 5.95 74.86
C PRO H 325 -2.58 5.99 73.34
N GLY H 326 -2.09 7.08 72.76
CA GLY H 326 -2.03 7.21 71.33
C GLY H 326 -1.20 6.13 70.67
N GLU H 327 -0.12 5.70 71.32
CA GLU H 327 0.75 4.69 70.74
C GLU H 327 0.03 3.34 70.57
N VAL H 328 -0.77 2.89 71.53
CA VAL H 328 -1.53 1.66 71.30
C VAL H 328 -2.58 1.75 70.19
N HIS H 329 -3.33 2.85 70.12
CA HIS H 329 -4.33 3.01 69.06
C HIS H 329 -3.68 3.02 67.69
N TYR H 330 -2.55 3.70 67.55
CA TYR H 330 -1.88 3.81 66.29
C TYR H 330 -1.52 2.43 65.81
N LEU H 331 -0.90 1.64 66.68
CA LEU H 331 -0.45 0.32 66.30
C LEU H 331 -1.59 -0.55 65.83
N MET H 332 -2.73 -0.52 66.51
CA MET H 332 -3.85 -1.34 66.11
C MET H 332 -4.37 -0.93 64.75
N ALA H 333 -4.35 0.37 64.45
CA ALA H 333 -4.78 0.84 63.15
C ALA H 333 -3.91 0.33 62.03
N VAL H 334 -2.62 0.21 62.28
CA VAL H 334 -1.71 -0.31 61.27
C VAL H 334 -1.93 -1.81 61.07
N LEU H 335 -2.19 -2.56 62.13
CA LEU H 335 -2.42 -3.99 61.99
C LEU H 335 -3.69 -4.26 61.19
N VAL H 336 -4.70 -3.40 61.34
CA VAL H 336 -5.90 -3.47 60.50
C VAL H 336 -5.64 -3.31 59.00
N LYS H 337 -4.79 -2.37 58.62
CA LYS H 337 -4.37 -2.27 57.24
C LYS H 337 -3.16 -3.18 57.13
N GLY H 338 -3.35 -4.49 57.13
CA GLY H 338 -2.21 -5.38 57.11
C GLY H 338 -1.31 -5.35 55.91
N GLY H 339 -0.06 -5.72 56.10
CA GLY H 339 0.95 -5.76 55.06
C GLY H 339 2.14 -6.57 55.50
N LEU H 340 3.31 -6.30 54.94
CA LEU H 340 4.52 -7.05 55.25
C LEU H 340 5.42 -6.34 56.25
N PHE H 341 5.75 -7.00 57.35
CA PHE H 341 6.58 -6.39 58.38
C PHE H 341 7.81 -7.25 58.60
N GLN H 342 8.64 -7.43 57.57
CA GLN H 342 9.58 -8.55 57.60
C GLN H 342 11.02 -8.17 57.48
N LYS H 343 11.87 -9.20 57.49
CA LYS H 343 13.33 -9.12 57.33
C LYS H 343 13.99 -8.24 58.36
N GLY H 344 13.59 -8.41 59.61
CA GLY H 344 14.15 -7.63 60.69
C GLY H 344 15.52 -8.15 60.99
N LEU I 3 10.88 30.85 44.42
CA LEU I 3 9.82 29.86 44.28
C LEU I 3 10.26 28.48 44.76
N CYS I 4 9.51 27.45 44.41
CA CYS I 4 9.74 26.13 44.94
C CYS I 4 9.34 25.07 43.95
N THR I 5 9.58 23.82 44.30
CA THR I 5 9.28 22.68 43.42
C THR I 5 7.80 22.37 43.17
N HIS I 6 6.96 22.40 44.19
CA HIS I 6 5.53 22.19 43.95
C HIS I 6 4.67 23.36 44.38
N LEU I 7 3.85 23.89 43.47
CA LEU I 7 2.90 24.95 43.82
C LEU I 7 1.77 24.99 42.82
N SER I 8 0.52 24.83 43.25
CA SER I 8 -0.60 24.93 42.32
C SER I 8 -1.89 25.34 42.97
N TYR I 9 -2.77 25.92 42.16
CA TYR I 9 -4.09 26.32 42.60
C TYR I 9 -5.09 25.64 41.70
N SER I 10 -6.29 25.40 42.18
CA SER I 10 -7.32 24.82 41.34
C SER I 10 -8.22 25.92 40.82
N ARG I 11 -9.14 25.53 39.95
CA ARG I 11 -10.05 26.44 39.28
C ARG I 11 -11.28 26.77 40.08
N SER I 12 -11.38 28.03 40.47
CA SER I 12 -12.40 28.50 41.39
C SER I 12 -13.75 28.94 40.82
N LEU I 13 -13.84 29.10 39.51
CA LEU I 13 -15.07 29.57 38.86
C LEU I 13 -15.32 28.89 37.53
N SER I 14 -16.43 28.17 37.40
CA SER I 14 -16.67 27.45 36.16
C SER I 14 -18.08 27.05 35.76
N PRO I 15 -18.39 27.19 34.48
CA PRO I 15 -19.61 26.75 33.82
C PRO I 15 -19.52 25.31 33.37
N GLY I 16 -20.66 24.73 33.04
CA GLY I 16 -20.80 23.47 32.32
C GLY I 16 -21.11 23.93 30.91
N LYS I 17 -21.54 23.06 30.03
CA LYS I 17 -21.89 23.51 28.69
C LYS I 17 -23.27 24.05 28.34
N ALA I 18 -23.36 24.81 27.24
CA ALA I 18 -24.58 25.45 26.74
C ALA I 18 -25.19 24.75 25.56
N VAL I 19 -26.49 24.52 25.59
CA VAL I 19 -27.26 23.81 24.57
C VAL I 19 -28.36 24.66 23.97
N PHE I 20 -28.52 24.60 22.65
CA PHE I 20 -29.57 25.31 21.94
C PHE I 20 -30.82 24.46 21.77
N PHE I 21 -32.00 25.02 22.00
CA PHE I 21 -33.25 24.27 21.80
C PHE I 21 -34.45 25.18 21.54
N TYR I 22 -35.58 24.62 21.15
CA TYR I 22 -36.81 25.41 21.07
C TYR I 22 -38.06 24.67 21.53
N LYS I 23 -39.12 25.41 21.82
CA LYS I 23 -40.32 24.79 22.32
C LYS I 23 -41.38 24.64 21.27
N THR I 24 -42.24 23.66 21.47
CA THR I 24 -43.37 23.41 20.60
C THR I 24 -44.62 23.50 21.47
N ALA I 25 -45.80 23.50 20.86
CA ALA I 25 -47.02 23.47 21.64
C ALA I 25 -47.27 22.12 22.28
N GLU I 26 -46.71 21.06 21.72
CA GLU I 26 -46.93 19.71 22.27
C GLU I 26 -45.80 19.12 23.14
N SER I 27 -44.57 19.60 22.97
CA SER I 27 -43.41 19.08 23.70
C SER I 27 -42.52 20.22 24.16
N ASP I 28 -42.17 20.24 25.42
CA ASP I 28 -41.30 21.29 25.95
C ASP I 28 -39.81 21.37 25.59
N PHE I 29 -39.18 20.29 25.12
CA PHE I 29 -37.76 20.37 24.77
C PHE I 29 -37.45 19.69 23.44
N VAL I 30 -37.22 20.50 22.39
CA VAL I 30 -36.80 19.98 21.09
C VAL I 30 -35.45 20.59 20.75
N PRO I 31 -34.43 19.75 20.53
CA PRO I 31 -33.09 20.25 20.23
C PRO I 31 -32.92 20.83 18.85
N LEU I 32 -32.00 21.77 18.69
CA LEU I 32 -31.66 22.33 17.40
C LEU I 32 -30.61 21.40 16.89
N ARG I 33 -30.70 20.99 15.64
CA ARG I 33 -29.72 20.05 15.14
C ARG I 33 -29.02 20.46 13.84
N ILE I 34 -27.96 19.75 13.47
CA ILE I 34 -27.12 20.17 12.35
C ILE I 34 -27.39 19.31 11.12
N GLU I 35 -26.99 19.82 9.96
CA GLU I 35 -27.20 19.12 8.70
C GLU I 35 -25.85 19.04 7.97
N VAL I 36 -25.69 18.10 7.05
CA VAL I 36 -24.43 17.99 6.32
C VAL I 36 -24.56 18.20 4.83
N ALA I 37 -23.72 19.00 4.15
CA ALA I 37 -23.90 19.14 2.66
C ALA I 37 -22.66 19.38 1.77
N LYS I 38 -22.73 18.95 0.51
CA LYS I 38 -21.66 19.21 -0.50
C LYS I 38 -21.94 20.49 -1.32
N ILE I 39 -20.97 21.43 -1.38
CA ILE I 39 -21.12 22.70 -2.10
C ILE I 39 -20.00 22.98 -3.09
N SER I 40 -20.28 23.90 -4.01
CA SER I 40 -19.35 24.33 -5.04
C SER I 40 -18.68 25.65 -4.71
N GLY I 41 -17.41 25.60 -4.35
CA GLY I 41 -16.64 26.79 -4.03
C GLY I 41 -15.90 27.48 -5.15
N GLN I 42 -15.20 28.55 -4.79
CA GLN I 42 -14.40 29.35 -5.70
C GLN I 42 -12.97 28.90 -5.74
N LYS I 43 -12.32 29.11 -6.89
CA LYS I 43 -10.88 28.91 -7.00
C LYS I 43 -10.31 30.31 -6.86
N CYS I 44 -9.80 30.64 -5.68
CA CYS I 44 -9.37 32.01 -5.43
C CYS I 44 -8.36 32.14 -4.30
N GLY I 45 -7.69 33.27 -4.26
CA GLY I 45 -6.75 33.57 -3.21
C GLY I 45 -5.31 33.41 -3.67
N TYR I 46 -4.37 33.92 -2.88
CA TYR I 46 -2.96 33.82 -3.24
C TYR I 46 -2.52 32.36 -3.31
N THR I 47 -1.58 32.10 -4.23
CA THR I 47 -1.01 30.78 -4.59
C THR I 47 -1.96 29.93 -5.41
N GLU I 48 -3.13 30.48 -5.68
CA GLU I 48 -4.06 29.87 -6.61
C GLU I 48 -3.40 30.13 -7.94
N GLY I 49 -2.82 31.32 -8.04
CA GLY I 49 -2.17 31.73 -9.26
C GLY I 49 -0.80 32.38 -9.17
N PHE I 50 -0.07 32.21 -8.07
CA PHE I 50 1.24 32.85 -8.02
C PHE I 50 2.37 31.97 -7.52
N ASP I 51 3.57 32.21 -8.04
CA ASP I 51 4.80 31.72 -7.43
C ASP I 51 5.65 32.83 -6.80
N ALA I 52 5.62 32.98 -5.48
CA ALA I 52 6.41 33.98 -4.73
C ALA I 52 6.26 35.41 -5.29
N ASN I 53 5.00 35.73 -5.58
CA ASN I 53 4.55 36.98 -6.20
C ASN I 53 5.40 37.39 -7.35
N LEU I 54 6.24 36.47 -7.79
CA LEU I 54 7.11 36.71 -8.91
C LEU I 54 6.36 36.22 -10.11
N LYS I 55 6.80 35.11 -10.68
CA LYS I 55 6.14 34.66 -11.87
C LYS I 55 4.72 34.25 -11.54
N PRO I 56 3.78 34.78 -12.33
CA PRO I 56 2.44 34.28 -12.13
C PRO I 56 2.49 32.90 -12.77
N LYS I 57 1.81 31.93 -12.20
CA LYS I 57 1.89 30.57 -12.70
C LYS I 57 1.36 30.36 -14.11
N ASN I 58 1.79 29.28 -14.72
CA ASN I 58 1.47 28.99 -16.12
C ASN I 58 0.00 28.80 -16.52
N ILE I 59 -0.87 28.48 -15.56
CA ILE I 59 -2.32 28.31 -15.72
C ILE I 59 -3.00 29.00 -16.91
N GLU I 60 -3.67 28.22 -17.75
CA GLU I 60 -4.35 28.72 -18.94
C GLU I 60 -5.66 29.40 -18.49
N ARG I 61 -6.17 30.35 -19.26
CA ARG I 61 -7.34 31.12 -18.80
C ARG I 61 -8.50 30.27 -18.32
N TYR I 62 -8.92 29.29 -19.12
CA TYR I 62 -10.10 28.49 -18.83
C TYR I 62 -10.02 27.64 -17.55
N GLU I 63 -8.81 27.33 -17.11
CA GLU I 63 -8.55 26.49 -15.94
C GLU I 63 -8.93 27.07 -14.58
N LEU I 64 -9.17 28.36 -14.50
CA LEU I 64 -9.71 28.96 -13.28
C LEU I 64 -11.22 29.23 -13.26
N ALA I 65 -11.93 28.78 -14.27
CA ALA I 65 -13.36 29.02 -14.30
C ALA I 65 -14.07 27.86 -13.66
N TYR I 66 -13.28 26.88 -13.25
CA TYR I 66 -13.80 25.66 -12.69
C TYR I 66 -14.11 25.94 -11.23
N SER I 67 -15.11 25.26 -10.67
CA SER I 67 -15.39 25.34 -9.25
C SER I 67 -14.52 24.42 -8.41
N ASN I 68 -14.60 24.60 -7.10
CA ASN I 68 -13.81 23.84 -6.14
C ASN I 68 -14.79 23.21 -5.17
N PRO I 69 -15.22 21.97 -5.45
CA PRO I 69 -16.17 21.50 -4.45
C PRO I 69 -15.63 21.14 -3.07
N GLN I 70 -16.44 21.30 -2.00
CA GLN I 70 -16.15 21.03 -0.59
C GLN I 70 -17.35 20.40 0.16
N THR I 71 -17.09 19.72 1.29
CA THR I 71 -18.12 19.07 2.14
C THR I 71 -18.14 19.85 3.43
N ILE I 72 -19.27 20.43 3.82
CA ILE I 72 -19.32 21.13 5.09
C ILE I 72 -20.53 20.83 5.95
N GLU I 73 -20.45 21.08 7.25
CA GLU I 73 -21.58 20.87 8.10
C GLU I 73 -22.10 22.29 8.25
N ALA I 74 -23.39 22.46 8.53
CA ALA I 74 -23.97 23.79 8.71
C ALA I 74 -25.21 23.71 9.63
N CYS I 75 -25.76 24.81 10.11
CA CYS I 75 -26.93 24.69 10.97
C CYS I 75 -27.87 25.89 10.86
N TYR I 76 -29.16 25.68 10.61
CA TYR I 76 -30.08 26.80 10.42
C TYR I 76 -31.30 26.62 11.28
N VAL I 77 -31.94 27.70 11.72
CA VAL I 77 -33.23 27.59 12.42
C VAL I 77 -34.29 27.21 11.39
N PRO I 78 -35.14 26.21 11.66
CA PRO I 78 -36.19 25.77 10.73
C PRO I 78 -37.31 26.81 10.59
N PRO I 79 -38.12 26.74 9.52
CA PRO I 79 -39.17 27.72 9.28
C PRO I 79 -40.19 27.81 10.41
N ASN I 80 -40.74 28.99 10.64
CA ASN I 80 -41.80 29.25 11.63
C ASN I 80 -41.55 29.02 13.11
N VAL I 81 -40.31 29.12 13.56
CA VAL I 81 -40.06 29.08 14.99
C VAL I 81 -39.98 30.54 15.43
N ASP I 82 -40.74 30.89 16.46
CA ASP I 82 -40.70 32.24 17.00
C ASP I 82 -39.50 32.67 17.83
N GLU I 83 -38.98 31.79 18.69
CA GLU I 83 -37.75 32.10 19.42
C GLU I 83 -36.89 30.90 19.77
N LEU I 84 -35.59 31.16 19.90
CA LEU I 84 -34.60 30.15 20.22
C LEU I 84 -34.09 30.35 21.64
N TYR I 85 -33.88 29.26 22.38
CA TYR I 85 -33.40 29.34 23.73
C TYR I 85 -32.03 28.74 23.88
N CYS I 86 -31.25 29.26 24.82
CA CYS I 86 -29.92 28.76 25.11
C CYS I 86 -29.77 28.69 26.62
N ARG I 87 -29.29 27.59 27.19
CA ARG I 87 -29.12 27.53 28.64
C ARG I 87 -27.86 26.85 29.19
N PHE I 88 -27.34 27.35 30.31
CA PHE I 88 -26.21 26.72 31.01
C PHE I 88 -26.23 26.97 32.51
N SER I 89 -25.42 26.23 33.27
CA SER I 89 -25.37 26.41 34.73
C SER I 89 -23.99 26.90 35.18
N LEU I 90 -23.90 27.58 36.32
CA LEU I 90 -22.61 28.08 36.79
C LEU I 90 -22.41 27.86 38.29
N ARG I 91 -21.26 27.35 38.70
CA ARG I 91 -20.95 27.15 40.11
C ARG I 91 -19.78 28.01 40.48
N VAL I 92 -19.76 28.61 41.66
CA VAL I 92 -18.61 29.41 42.05
C VAL I 92 -18.02 28.97 43.38
N GLU I 93 -16.72 28.76 43.51
CA GLU I 93 -16.21 28.30 44.80
C GLU I 93 -15.22 29.27 45.38
N ALA I 94 -15.17 29.37 46.71
CA ALA I 94 -14.25 30.27 47.37
C ALA I 94 -12.96 29.56 47.48
N ASN I 95 -12.33 29.30 46.35
CA ASN I 95 -11.16 28.49 46.34
C ASN I 95 -9.80 29.06 45.96
N SER I 96 -9.64 30.35 46.14
CA SER I 96 -8.37 30.98 45.88
C SER I 96 -7.72 31.33 47.19
N MET I 97 -8.37 31.01 48.32
CA MET I 97 -7.79 31.32 49.61
C MET I 97 -6.60 30.44 49.96
N ARG I 98 -6.51 29.23 49.43
CA ARG I 98 -5.40 28.33 49.80
C ARG I 98 -4.84 27.41 48.70
N PRO I 99 -3.51 27.34 48.58
CA PRO I 99 -2.77 26.50 47.64
C PRO I 99 -3.25 25.07 47.62
N TYR I 100 -3.46 24.50 46.45
CA TYR I 100 -3.89 23.13 46.38
C TYR I 100 -2.74 22.27 46.83
N VAL I 101 -1.56 22.54 46.29
CA VAL I 101 -0.34 21.90 46.75
C VAL I 101 0.78 22.94 46.97
N CYS I 102 1.58 22.83 48.02
CA CYS I 102 2.71 23.74 48.24
C CYS I 102 3.79 22.96 48.95
N SER I 103 5.03 22.94 48.47
CA SER I 103 6.08 22.21 49.19
C SER I 103 6.95 23.10 50.04
N ASN I 104 6.57 24.34 50.27
CA ASN I 104 7.42 25.21 51.07
C ASN I 104 6.69 25.98 52.18
N PRO I 105 6.99 25.71 53.45
CA PRO I 105 6.23 26.34 54.53
C PRO I 105 6.24 27.85 54.49
N ASP I 106 7.29 28.49 53.96
CA ASP I 106 7.36 29.94 54.00
C ASP I 106 6.58 30.54 52.83
N VAL I 107 6.58 29.88 51.69
CA VAL I 107 5.74 30.31 50.58
C VAL I 107 4.27 30.23 50.95
N LEU I 108 3.88 29.15 51.63
CA LEU I 108 2.52 28.96 52.06
C LEU I 108 2.00 30.04 53.00
N ARG I 109 2.76 30.39 54.03
CA ARG I 109 2.24 31.36 55.01
C ARG I 109 2.10 32.76 54.39
N VAL I 110 2.97 33.08 53.45
CA VAL I 110 2.88 34.33 52.71
C VAL I 110 1.70 34.41 51.78
N MET I 111 1.43 33.36 51.01
CA MET I 111 0.32 33.40 50.08
C MET I 111 -0.99 33.52 50.85
N ILE I 112 -1.07 32.87 52.01
CA ILE I 112 -2.25 32.95 52.87
C ILE I 112 -2.41 34.34 53.45
N GLY I 113 -1.32 34.90 53.95
CA GLY I 113 -1.31 36.24 54.50
C GLY I 113 -1.77 37.24 53.47
N LEU I 114 -1.32 37.10 52.24
CA LEU I 114 -1.77 37.96 51.17
C LEU I 114 -3.18 37.86 50.76
N ALA I 115 -3.70 36.67 50.59
CA ALA I 115 -5.08 36.60 50.20
C ALA I 115 -5.95 37.21 51.26
N GLN I 116 -5.63 37.01 52.53
CA GLN I 116 -6.41 37.59 53.60
C GLN I 116 -6.24 39.09 53.68
N ALA I 117 -5.03 39.59 53.48
CA ALA I 117 -4.83 41.03 53.56
C ALA I 117 -5.71 41.71 52.53
N TYR I 118 -5.76 41.14 51.34
CA TYR I 118 -6.61 41.63 50.27
C TYR I 118 -8.09 41.55 50.61
N GLN I 119 -8.58 40.40 51.03
CA GLN I 119 -10.01 40.27 51.32
C GLN I 119 -10.62 41.33 52.21
N ARG I 120 -9.97 41.64 53.33
CA ARG I 120 -10.45 42.64 54.29
C ARG I 120 -10.34 44.12 53.91
N LEU I 121 -9.67 44.45 52.81
CA LEU I 121 -9.60 45.84 52.36
C LEU I 121 -10.62 46.08 51.28
N GLY I 122 -11.32 45.04 50.86
CA GLY I 122 -12.17 45.13 49.70
C GLY I 122 -11.40 44.56 48.54
N GLY I 123 -12.01 44.54 47.38
CA GLY I 123 -11.34 44.00 46.23
C GLY I 123 -11.97 42.80 45.61
N TYR I 124 -12.63 41.99 46.41
CA TYR I 124 -13.41 40.92 45.83
C TYR I 124 -14.62 41.58 45.16
N ASN I 125 -15.04 42.75 45.66
CA ASN I 125 -16.20 43.43 45.13
C ASN I 125 -15.88 43.90 43.73
N GLU I 126 -14.61 44.23 43.52
CA GLU I 126 -14.13 44.76 42.27
C GLU I 126 -14.16 43.67 41.24
N LEU I 127 -13.64 42.51 41.58
CA LEU I 127 -13.64 41.38 40.67
C LEU I 127 -15.06 40.89 40.43
N ALA I 128 -15.86 40.82 41.46
CA ALA I 128 -17.25 40.40 41.32
C ALA I 128 -18.03 41.32 40.42
N ARG I 129 -17.81 42.62 40.53
CA ARG I 129 -18.50 43.54 39.65
C ARG I 129 -18.14 43.26 38.19
N ARG I 130 -16.86 43.08 37.90
CA ARG I 130 -16.45 42.79 36.53
C ARG I 130 -16.97 41.45 35.99
N TYR I 131 -17.00 40.41 36.80
CA TYR I 131 -17.55 39.16 36.32
C TYR I 131 -19.03 39.29 36.07
N SER I 132 -19.73 39.95 36.98
CA SER I 132 -21.17 40.08 36.89
C SER I 132 -21.60 40.84 35.66
N ALA I 133 -20.85 41.88 35.32
CA ALA I 133 -21.13 42.66 34.13
C ALA I 133 -21.07 41.81 32.87
N ASN I 134 -20.08 40.93 32.77
CA ASN I 134 -19.96 40.04 31.62
C ASN I 134 -21.08 39.04 31.49
N VAL I 135 -21.66 38.57 32.58
CA VAL I 135 -22.82 37.67 32.47
C VAL I 135 -24.04 38.40 31.93
N LEU I 136 -24.32 39.57 32.48
CA LEU I 136 -25.55 40.27 32.17
C LEU I 136 -25.54 40.84 30.75
N ARG I 137 -24.37 41.24 30.28
CA ARG I 137 -24.21 41.81 28.94
C ARG I 137 -24.56 40.82 27.85
N GLY I 138 -24.30 39.55 28.10
CA GLY I 138 -24.49 38.53 27.08
C GLY I 138 -23.33 38.21 26.17
N ILE I 139 -22.12 38.67 26.46
CA ILE I 139 -21.01 38.40 25.53
C ILE I 139 -20.60 36.95 25.34
N TRP I 140 -21.26 36.03 26.02
CA TRP I 140 -20.87 34.64 25.95
C TRP I 140 -21.55 33.94 24.79
N LEU I 141 -22.36 34.69 24.04
CA LEU I 141 -22.98 34.16 22.85
C LEU I 141 -22.08 34.29 21.64
N TRP I 142 -20.92 34.92 21.83
CA TRP I 142 -19.91 35.11 20.79
C TRP I 142 -20.45 35.74 19.53
N ARG I 143 -20.50 34.97 18.44
CA ARG I 143 -20.94 35.45 17.13
C ARG I 143 -22.45 35.42 16.87
N ASN I 144 -23.24 35.00 17.86
CA ASN I 144 -24.68 34.92 17.81
C ASN I 144 -25.41 36.05 18.49
N GLN I 145 -24.73 37.16 18.73
CA GLN I 145 -25.31 38.29 19.44
C GLN I 145 -26.22 39.15 18.58
N TYR I 146 -26.14 39.00 17.26
CA TYR I 146 -26.86 39.83 16.30
C TYR I 146 -28.33 39.42 16.07
N THR I 147 -29.19 39.69 17.04
CA THR I 147 -30.57 39.25 17.07
C THR I 147 -31.48 40.43 16.91
N GLN I 148 -32.78 40.20 16.91
CA GLN I 148 -33.72 41.30 16.89
C GLN I 148 -34.09 41.72 18.29
N GLY I 149 -33.46 41.10 19.29
CA GLY I 149 -33.79 41.34 20.70
C GLY I 149 -33.34 40.20 21.58
N THR I 150 -32.52 40.46 22.59
CA THR I 150 -31.96 39.41 23.46
C THR I 150 -32.40 39.55 24.90
N LYS I 151 -33.09 38.57 25.46
CA LYS I 151 -33.59 38.70 26.83
C LYS I 151 -32.91 37.69 27.74
N ILE I 152 -32.37 38.14 28.87
CA ILE I 152 -31.57 37.29 29.76
C ILE I 152 -32.16 37.20 31.15
N GLU I 153 -32.31 35.98 31.66
CA GLU I 153 -32.83 35.77 33.02
C GLU I 153 -31.94 34.90 33.89
N ILE I 154 -31.71 35.28 35.15
CA ILE I 154 -30.82 34.52 36.01
C ILE I 154 -31.48 34.08 37.30
N LYS I 155 -31.35 32.83 37.68
CA LYS I 155 -31.81 32.37 39.00
C LYS I 155 -30.67 31.82 39.84
N THR I 156 -30.71 32.04 41.15
CA THR I 156 -29.74 31.45 42.07
C THR I 156 -30.28 30.62 43.24
N SER I 157 -29.42 29.79 43.79
CA SER I 157 -29.70 28.93 44.94
C SER I 157 -30.09 29.62 46.25
N LEU I 158 -29.88 30.93 46.32
CA LEU I 158 -30.31 31.74 47.46
C LEU I 158 -31.69 32.35 47.31
N GLY I 159 -32.35 32.12 46.18
CA GLY I 159 -33.69 32.61 45.95
C GLY I 159 -33.85 33.90 45.20
N SER I 160 -32.77 34.42 44.62
CA SER I 160 -32.85 35.66 43.87
C SER I 160 -33.21 35.41 42.42
N THR I 161 -33.75 36.42 41.76
CA THR I 161 -34.00 36.35 40.32
C THR I 161 -33.58 37.67 39.64
N TYR I 162 -32.94 37.61 38.49
CA TYR I 162 -32.59 38.84 37.82
C TYR I 162 -33.06 38.79 36.38
N HIS I 163 -33.39 39.95 35.85
CA HIS I 163 -34.07 40.03 34.58
C HIS I 163 -33.65 41.28 33.83
N ILE I 164 -33.09 41.08 32.65
CA ILE I 164 -32.66 42.17 31.80
C ILE I 164 -33.57 42.10 30.59
N PRO I 165 -34.44 43.08 30.39
CA PRO I 165 -35.40 42.89 29.29
C PRO I 165 -34.75 42.90 27.92
N ASP I 166 -33.60 43.56 27.78
CA ASP I 166 -32.93 43.67 26.49
C ASP I 166 -31.46 44.01 26.70
N ALA I 167 -30.58 43.05 26.44
CA ALA I 167 -29.16 43.23 26.71
C ALA I 167 -28.34 43.74 25.56
N ARG I 168 -28.96 44.03 24.45
CA ARG I 168 -28.23 44.34 23.23
C ARG I 168 -27.28 45.55 23.31
N ARG I 169 -27.57 46.49 24.20
CA ARG I 169 -26.71 47.65 24.30
C ARG I 169 -25.99 47.99 25.61
N LEU I 170 -25.51 47.01 26.38
CA LEU I 170 -24.82 47.42 27.60
C LEU I 170 -23.33 47.34 27.36
N SER I 171 -22.65 48.47 27.49
CA SER I 171 -21.22 48.52 27.23
C SER I 171 -20.37 48.16 28.40
N TRP I 172 -19.09 47.91 28.11
CA TRP I 172 -18.10 47.66 29.13
C TRP I 172 -17.95 48.94 29.89
N SER I 173 -17.83 50.06 29.18
CA SER I 173 -17.62 51.33 29.83
C SER I 173 -18.77 52.25 29.50
N GLY I 174 -19.40 52.79 30.53
CA GLY I 174 -20.56 53.64 30.36
C GLY I 174 -21.45 53.54 31.56
N ASP I 175 -22.61 54.18 31.47
CA ASP I 175 -23.56 54.21 32.56
C ASP I 175 -24.80 53.46 32.13
N TRP I 176 -25.08 52.36 32.82
CA TRP I 176 -26.25 51.56 32.51
C TRP I 176 -27.53 52.25 32.93
N PRO I 177 -28.58 52.03 32.14
CA PRO I 177 -29.98 52.41 32.28
C PRO I 177 -30.47 52.13 33.68
N GLU I 178 -31.33 52.98 34.21
CA GLU I 178 -31.86 52.70 35.53
C GLU I 178 -32.72 51.47 35.60
N LEU I 179 -32.66 50.86 36.78
CA LEU I 179 -33.30 49.59 37.17
C LEU I 179 -32.63 48.36 36.57
N GLU I 180 -31.52 48.61 35.89
CA GLU I 180 -30.55 47.61 35.45
C GLU I 180 -29.23 47.82 36.21
N GLN I 181 -28.86 49.06 36.43
CA GLN I 181 -27.68 49.39 37.17
C GLN I 181 -27.86 48.78 38.52
N LYS I 182 -29.08 48.84 39.02
CA LYS I 182 -29.36 48.30 40.35
C LYS I 182 -29.17 46.81 40.47
N GLN I 183 -29.47 46.06 39.42
CA GLN I 183 -29.40 44.62 39.50
C GLN I 183 -27.93 44.22 39.44
N LEU I 184 -27.12 45.02 38.77
CA LEU I 184 -25.72 44.76 38.75
C LEU I 184 -25.18 44.84 40.16
N GLU I 185 -25.63 45.78 40.96
CA GLU I 185 -25.16 45.84 42.34
C GLU I 185 -25.58 44.64 43.18
N GLN I 186 -26.81 44.19 43.01
CA GLN I 186 -27.31 43.07 43.77
C GLN I 186 -26.62 41.76 43.42
N LEU I 187 -26.40 41.52 42.13
CA LEU I 187 -25.71 40.33 41.69
C LEU I 187 -24.26 40.36 42.12
N THR I 188 -23.65 41.53 42.08
CA THR I 188 -22.28 41.66 42.53
C THR I 188 -22.14 41.20 43.98
N SER I 189 -23.08 41.59 44.83
CA SER I 189 -23.03 41.18 46.23
C SER I 189 -23.10 39.69 46.47
N GLU I 190 -23.96 38.99 45.76
CA GLU I 190 -24.04 37.54 45.94
C GLU I 190 -22.74 36.89 45.54
N MET I 191 -22.16 37.32 44.43
CA MET I 191 -20.94 36.70 43.94
C MET I 191 -19.72 37.07 44.76
N ALA I 192 -19.63 38.32 45.19
CA ALA I 192 -18.50 38.77 45.99
C ALA I 192 -18.38 37.95 47.24
N LYS I 193 -19.51 37.58 47.81
CA LYS I 193 -19.56 36.65 48.93
C LYS I 193 -19.17 35.23 48.57
N ALA I 194 -19.73 34.73 47.47
CA ALA I 194 -19.46 33.37 47.05
C ALA I 194 -18.00 33.10 46.85
N LEU I 195 -17.29 34.10 46.33
CA LEU I 195 -15.84 34.05 46.13
C LEU I 195 -14.96 34.01 47.36
N SER I 196 -15.43 34.55 48.47
CA SER I 196 -14.59 34.68 49.66
C SER I 196 -14.97 33.92 50.92
N GLN I 197 -16.22 33.50 51.05
CA GLN I 197 -16.64 32.73 52.22
C GLN I 197 -16.78 31.26 51.87
N PRO I 198 -16.14 30.40 52.64
CA PRO I 198 -16.23 28.96 52.35
C PRO I 198 -17.55 28.31 52.76
N ASP I 199 -17.80 27.10 52.25
CA ASP I 199 -18.95 26.27 52.59
C ASP I 199 -20.32 26.88 52.28
N ILE I 200 -20.37 27.63 51.21
CA ILE I 200 -21.62 28.15 50.69
C ILE I 200 -21.70 27.42 49.38
N PHE I 201 -22.81 26.75 49.08
CA PHE I 201 -22.86 26.05 47.81
C PHE I 201 -23.69 26.91 46.88
N TRP I 202 -23.06 27.74 46.05
CA TRP I 202 -23.79 28.75 45.31
C TRP I 202 -23.94 28.33 43.86
N PHE I 203 -25.15 28.19 43.31
CA PHE I 203 -25.37 27.84 41.91
C PHE I 203 -26.13 28.95 41.25
N ALA I 204 -25.91 29.17 39.96
CA ALA I 204 -26.68 30.13 39.20
C ALA I 204 -27.22 29.36 38.01
N ASP I 205 -28.36 29.76 37.47
CA ASP I 205 -28.87 29.12 36.29
C ASP I 205 -29.26 30.20 35.26
N VAL I 206 -28.56 30.22 34.13
CA VAL I 206 -28.65 31.33 33.18
C VAL I 206 -29.31 30.89 31.91
N THR I 207 -30.40 31.52 31.54
CA THR I 207 -31.15 31.15 30.37
C THR I 207 -31.25 32.44 29.57
N ALA I 208 -31.17 32.37 28.25
CA ALA I 208 -31.36 33.56 27.44
C ALA I 208 -32.29 33.25 26.32
N SER I 209 -33.08 34.22 25.89
CA SER I 209 -33.80 34.01 24.66
C SER I 209 -33.39 34.79 23.40
N LEU I 210 -33.35 34.21 22.21
CA LEU I 210 -32.79 34.98 21.12
C LEU I 210 -33.95 35.22 20.18
N LYS I 211 -34.39 36.43 19.84
CA LYS I 211 -35.42 36.52 18.79
C LYS I 211 -34.67 36.62 17.43
N THR I 212 -34.95 35.70 16.53
CA THR I 212 -34.27 35.65 15.23
C THR I 212 -35.05 35.90 13.94
N GLY I 213 -34.33 35.91 12.83
CA GLY I 213 -34.83 36.07 11.47
C GLY I 213 -35.52 34.82 10.95
N PHE I 214 -36.07 34.85 9.74
CA PHE I 214 -36.87 33.72 9.26
C PHE I 214 -36.15 32.38 9.23
N CYS I 215 -34.96 32.32 8.66
CA CYS I 215 -34.16 31.10 8.73
C CYS I 215 -32.73 31.51 9.00
N GLN I 216 -32.50 32.17 10.11
CA GLN I 216 -31.18 32.68 10.45
C GLN I 216 -30.21 31.58 10.80
N GLU I 217 -28.95 31.75 10.39
CA GLU I 217 -27.93 30.76 10.64
C GLU I 217 -27.46 30.86 12.08
N ILE I 218 -27.13 29.72 12.69
CA ILE I 218 -26.60 29.65 14.06
C ILE I 218 -25.16 29.16 14.13
N PHE I 219 -24.36 29.74 15.03
CA PHE I 219 -22.96 29.43 15.12
C PHE I 219 -22.48 28.76 16.41
N PRO I 220 -22.55 27.43 16.47
CA PRO I 220 -22.09 26.56 17.57
C PRO I 220 -20.60 26.36 17.49
N SER I 221 -20.01 25.71 18.48
CA SER I 221 -18.57 25.51 18.52
C SER I 221 -18.13 24.58 17.41
N GLN I 222 -16.93 24.77 16.86
CA GLN I 222 -16.35 23.84 15.90
C GLN I 222 -15.44 22.82 16.55
N LYS I 223 -15.27 21.68 15.90
CA LYS I 223 -14.32 20.69 16.35
C LYS I 223 -12.94 21.03 15.82
N PHE I 224 -11.90 20.67 16.57
CA PHE I 224 -10.54 20.78 16.09
C PHE I 224 -10.16 19.42 15.51
N THR I 225 -10.04 19.34 14.20
CA THR I 225 -9.83 18.06 13.55
C THR I 225 -8.66 18.00 12.59
N GLU I 226 -8.30 16.79 12.21
CA GLU I 226 -7.33 16.52 11.17
C GLU I 226 -8.02 16.53 9.82
N ARG I 227 -7.26 16.81 8.75
CA ARG I 227 -7.85 16.87 7.42
C ARG I 227 -8.04 15.46 6.89
N PRO I 228 -9.28 15.10 6.53
CA PRO I 228 -9.57 13.82 5.87
C PRO I 228 -9.23 13.84 4.39
N ASP I 229 -9.04 12.66 3.83
CA ASP I 229 -8.74 12.52 2.41
C ASP I 229 -9.63 11.49 1.72
N ASP I 230 -10.74 11.14 2.35
CA ASP I 230 -11.71 10.21 1.77
C ASP I 230 -12.84 10.94 1.05
N HIS I 231 -12.79 12.26 1.11
CA HIS I 231 -13.75 13.16 0.44
C HIS I 231 -15.20 13.00 0.91
N SER I 232 -15.38 12.24 1.99
CA SER I 232 -16.70 11.99 2.55
C SER I 232 -16.85 12.69 3.89
N VAL I 233 -15.77 12.74 4.65
CA VAL I 233 -15.78 13.39 5.94
C VAL I 233 -15.68 14.89 5.72
N ALA I 234 -16.51 15.65 6.42
CA ALA I 234 -16.58 17.09 6.21
C ALA I 234 -15.26 17.72 6.59
N SER I 235 -14.90 18.80 5.91
CA SER I 235 -13.71 19.54 6.26
C SER I 235 -13.94 20.42 7.47
N ARG I 236 -15.19 20.79 7.72
CA ARG I 236 -15.55 21.61 8.87
C ARG I 236 -16.67 20.97 9.65
N GLN I 237 -16.39 20.58 10.90
CA GLN I 237 -17.31 19.79 11.69
C GLN I 237 -17.75 20.54 12.93
N LEU I 238 -19.01 20.39 13.33
CA LEU I 238 -19.55 21.11 14.46
C LEU I 238 -19.73 20.21 15.65
N ALA I 239 -19.66 20.81 16.84
CA ALA I 239 -19.84 20.17 18.14
C ALA I 239 -21.29 20.03 18.59
N THR I 240 -21.66 18.83 19.02
CA THR I 240 -23.02 18.50 19.43
C THR I 240 -23.03 17.67 20.71
N VAL I 241 -24.18 17.53 21.36
CA VAL I 241 -24.31 16.61 22.49
C VAL I 241 -25.43 15.61 22.24
N GLU I 242 -25.41 14.50 22.97
CA GLU I 242 -26.45 13.47 22.88
C GLU I 242 -27.49 13.75 23.94
N CYS I 243 -28.75 13.55 23.60
CA CYS I 243 -29.80 13.63 24.60
C CYS I 243 -29.99 12.25 25.22
N SER I 244 -30.71 12.20 26.33
CA SER I 244 -30.94 10.94 27.04
C SER I 244 -31.69 9.91 26.19
N ASP I 245 -32.37 10.38 25.16
CA ASP I 245 -33.07 9.50 24.22
C ASP I 245 -32.33 9.24 22.92
N GLY I 246 -31.09 9.71 22.82
CA GLY I 246 -30.30 9.53 21.60
C GLY I 246 -30.28 10.58 20.50
N GLN I 247 -31.09 11.63 20.63
CA GLN I 247 -31.11 12.68 19.62
C GLN I 247 -29.85 13.54 19.78
N LEU I 248 -29.38 14.16 18.71
CA LEU I 248 -28.24 15.06 18.84
C LEU I 248 -28.67 16.54 18.91
N ALA I 249 -27.87 17.36 19.58
CA ALA I 249 -28.11 18.81 19.68
C ALA I 249 -26.88 19.69 19.56
N ALA I 250 -26.96 20.89 18.97
CA ALA I 250 -25.81 21.82 18.91
C ALA I 250 -25.47 22.51 20.26
N CYS I 251 -24.20 22.71 20.56
CA CYS I 251 -23.81 23.23 21.85
C CYS I 251 -22.63 24.13 21.73
N ILE I 252 -22.28 24.78 22.82
CA ILE I 252 -21.11 25.60 22.89
C ILE I 252 -20.27 24.95 23.98
N ASN I 253 -18.97 24.77 23.77
CA ASN I 253 -18.12 24.07 24.72
C ASN I 253 -17.95 24.76 26.07
N PRO I 254 -17.69 24.00 27.13
CA PRO I 254 -17.50 24.67 28.42
C PRO I 254 -16.45 25.75 28.39
N GLN I 255 -15.23 25.47 27.95
CA GLN I 255 -14.19 26.48 28.04
C GLN I 255 -14.45 27.67 27.10
N LYS I 256 -15.28 27.48 26.06
CA LYS I 256 -15.67 28.61 25.21
C LYS I 256 -16.58 29.59 25.90
N ILE I 257 -17.47 29.10 26.76
CA ILE I 257 -18.27 29.98 27.61
C ILE I 257 -17.37 30.64 28.62
N GLY I 258 -16.48 29.86 29.21
CA GLY I 258 -15.54 30.34 30.18
C GLY I 258 -14.63 31.44 29.68
N ALA I 259 -14.06 31.26 28.51
CA ALA I 259 -13.17 32.29 27.99
C ALA I 259 -13.87 33.63 27.91
N ALA I 260 -15.15 33.63 27.57
CA ALA I 260 -15.90 34.87 27.51
C ALA I 260 -16.12 35.50 28.89
N LEU I 261 -16.50 34.70 29.88
CA LEU I 261 -16.77 35.25 31.21
C LEU I 261 -15.58 35.86 31.90
N GLN I 262 -14.40 35.31 31.66
CA GLN I 262 -13.18 35.79 32.29
C GLN I 262 -12.41 36.78 31.46
N LYS I 263 -13.01 37.32 30.43
CA LYS I 263 -12.35 38.34 29.63
C LYS I 263 -12.20 39.68 30.31
N ILE I 264 -11.42 39.74 31.38
CA ILE I 264 -11.38 40.91 32.23
C ILE I 264 -9.93 41.24 32.47
N ASP I 265 -9.37 42.19 31.74
CA ASP I 265 -8.03 42.70 32.01
C ASP I 265 -7.74 43.91 31.19
N ASP I 266 -7.99 45.06 31.77
CA ASP I 266 -7.56 46.31 31.16
C ASP I 266 -6.59 47.09 32.06
N TRP I 267 -5.72 46.39 32.76
CA TRP I 267 -4.76 47.03 33.65
C TRP I 267 -3.38 47.34 33.08
N TRP I 268 -3.14 46.97 31.83
CA TRP I 268 -1.86 47.24 31.19
C TRP I 268 -1.75 48.58 30.45
N ALA I 269 -0.51 49.06 30.35
CA ALA I 269 -0.11 50.28 29.62
C ALA I 269 -0.78 51.58 30.03
N ASN I 270 -1.49 51.58 31.16
CA ASN I 270 -2.18 52.76 31.70
C ASN I 270 -3.15 53.37 30.71
N ASP I 271 -3.73 52.50 29.88
CA ASP I 271 -4.69 52.91 28.87
C ASP I 271 -5.64 51.73 28.63
N ALA I 272 -6.85 51.83 29.17
CA ALA I 272 -7.75 50.68 29.19
C ALA I 272 -8.13 49.97 27.87
N ASP I 273 -8.30 50.71 26.76
CA ASP I 273 -8.69 50.06 25.49
C ASP I 273 -9.81 49.02 25.66
N LEU I 274 -9.60 47.84 25.06
CA LEU I 274 -10.44 46.67 25.29
C LEU I 274 -9.66 45.71 26.20
N PRO I 275 -10.37 44.96 27.05
CA PRO I 275 -9.84 43.92 27.96
C PRO I 275 -9.34 42.63 27.31
N LEU I 276 -8.33 42.01 27.90
CA LEU I 276 -7.76 40.78 27.39
C LEU I 276 -8.23 39.62 28.24
N ARG I 277 -8.15 38.39 27.71
CA ARG I 277 -8.42 37.21 28.50
C ARG I 277 -7.24 37.07 29.43
N VAL I 278 -7.48 36.80 30.71
CA VAL I 278 -6.37 36.74 31.64
C VAL I 278 -5.38 35.67 31.22
N HIS I 279 -4.10 36.04 31.16
CA HIS I 279 -3.06 35.19 30.63
C HIS I 279 -1.76 35.59 31.30
N GLU I 280 -0.90 34.64 31.61
CA GLU I 280 0.29 34.97 32.39
C GLU I 280 1.23 35.87 31.61
N TYR I 281 1.16 35.82 30.30
CA TYR I 281 2.00 36.64 29.42
C TYR I 281 1.25 37.71 28.65
N GLY I 282 -0.01 37.94 28.97
CA GLY I 282 -0.78 38.96 28.30
C GLY I 282 -1.06 38.76 26.83
N ALA I 283 -1.30 37.53 26.42
CA ALA I 283 -1.52 37.22 25.01
C ALA I 283 -2.72 37.95 24.42
N ASN I 284 -2.58 38.38 23.18
CA ASN I 284 -3.64 39.05 22.44
C ASN I 284 -3.78 38.33 21.12
N HIS I 285 -4.79 37.48 21.00
CA HIS I 285 -4.99 36.71 19.77
C HIS I 285 -5.36 37.46 18.51
N GLU I 286 -6.23 38.45 18.63
CA GLU I 286 -6.66 39.22 17.48
C GLU I 286 -5.50 39.90 16.74
N ALA I 287 -4.52 40.40 17.48
CA ALA I 287 -3.34 41.00 16.89
C ALA I 287 -2.15 40.08 16.77
N LEU I 288 -2.32 38.82 17.15
CA LEU I 288 -1.24 37.84 17.22
C LEU I 288 0.02 38.29 17.95
N THR I 289 -0.13 38.85 19.15
CA THR I 289 1.01 39.37 19.91
C THR I 289 0.87 39.13 21.42
N ALA I 290 1.72 39.79 22.20
CA ALA I 290 1.67 39.66 23.64
C ALA I 290 2.02 40.95 24.36
N LEU I 291 1.21 41.33 25.32
CA LEU I 291 1.30 42.62 26.00
C LEU I 291 2.09 42.62 27.29
N ARG I 292 2.39 41.45 27.84
CA ARG I 292 3.19 41.38 29.05
C ARG I 292 4.32 40.43 28.80
N HIS I 293 5.09 40.70 27.75
CA HIS I 293 6.25 39.92 27.38
C HIS I 293 7.22 39.95 28.55
N PRO I 294 7.88 38.82 28.85
CA PRO I 294 8.84 38.78 29.95
C PRO I 294 9.86 39.88 29.88
N ALA I 295 10.23 40.33 28.69
CA ALA I 295 11.21 41.41 28.56
C ALA I 295 10.80 42.73 29.20
N THR I 296 9.51 42.91 29.48
CA THR I 296 9.04 44.15 30.08
C THR I 296 9.05 44.21 31.61
N GLY I 297 9.17 43.06 32.26
CA GLY I 297 9.03 42.97 33.69
C GLY I 297 7.61 42.99 34.21
N GLN I 298 6.64 43.00 33.29
CA GLN I 298 5.22 43.10 33.65
C GLN I 298 4.40 41.81 33.65
N ASP I 299 5.04 40.66 33.52
CA ASP I 299 4.32 39.40 33.50
C ASP I 299 4.02 38.84 34.89
N PHE I 300 3.28 37.73 34.96
CA PHE I 300 3.01 37.07 36.23
C PHE I 300 4.24 36.63 37.02
N TYR I 301 5.24 36.06 36.37
CA TYR I 301 6.36 35.48 37.12
C TYR I 301 7.26 36.47 37.82
N HIS I 302 7.42 37.64 37.25
CA HIS I 302 8.20 38.69 37.87
C HIS I 302 7.50 39.15 39.13
N LEU I 303 6.21 39.42 38.98
CA LEU I 303 5.33 39.87 40.04
C LEU I 303 5.12 38.86 41.17
N LEU I 304 5.05 37.59 40.85
CA LEU I 304 4.91 36.54 41.85
C LEU I 304 6.01 36.56 42.90
N THR I 305 7.20 37.00 42.53
CA THR I 305 8.32 37.07 43.47
C THR I 305 8.39 38.31 44.38
N LYS I 306 7.46 39.25 44.25
CA LYS I 306 7.45 40.43 45.09
C LYS I 306 6.39 40.41 46.20
N ALA I 307 5.77 39.26 46.43
CA ALA I 307 4.62 39.13 47.36
C ALA I 307 4.87 39.68 48.75
N GLU I 308 6.09 39.50 49.24
CA GLU I 308 6.45 39.99 50.56
C GLU I 308 6.31 41.51 50.63
N GLN I 309 6.69 42.18 49.54
CA GLN I 309 6.59 43.63 49.45
C GLN I 309 5.18 44.18 49.33
N PHE I 310 4.32 43.46 48.61
CA PHE I 310 2.91 43.83 48.49
C PHE I 310 2.14 43.73 49.81
N VAL I 311 2.39 42.67 50.55
CA VAL I 311 1.73 42.50 51.81
C VAL I 311 2.13 43.66 52.69
N THR I 312 3.43 43.99 52.72
CA THR I 312 3.89 45.12 53.51
C THR I 312 3.14 46.41 53.19
N VAL I 313 2.95 46.70 51.91
CA VAL I 313 2.19 47.87 51.53
C VAL I 313 0.73 47.81 51.95
N LEU I 314 0.09 46.67 51.75
CA LEU I 314 -1.33 46.54 52.03
C LEU I 314 -1.55 46.76 53.50
N GLU I 315 -0.62 46.28 54.30
CA GLU I 315 -0.70 46.46 55.73
C GLU I 315 -0.58 47.91 56.16
N SER I 316 0.17 48.70 55.40
CA SER I 316 0.24 50.13 55.68
C SER I 316 -0.95 50.93 55.17
N SER I 317 -1.66 50.37 54.21
CA SER I 317 -2.88 51.01 53.72
C SER I 317 -4.06 50.84 54.66
N GLU I 318 -5.13 51.56 54.37
CA GLU I 318 -6.33 51.56 55.18
C GLU I 318 -7.45 50.74 54.55
N GLY I 319 -7.59 50.83 53.24
CA GLY I 319 -8.62 50.13 52.48
C GLY I 319 -9.97 50.82 52.45
N GLY I 320 -10.91 50.24 51.71
CA GLY I 320 -12.24 50.81 51.61
C GLY I 320 -12.28 51.93 50.58
N GLY I 321 -11.12 52.21 50.00
CA GLY I 321 -10.92 53.29 49.05
C GLY I 321 -10.37 52.75 47.75
N VAL I 322 -9.51 53.52 47.12
CA VAL I 322 -8.94 53.23 45.81
C VAL I 322 -7.45 52.95 45.90
N GLU I 323 -6.99 52.61 47.09
CA GLU I 323 -5.57 52.34 47.34
C GLU I 323 -4.93 51.12 46.69
N LEU I 324 -5.69 50.10 46.30
CA LEU I 324 -5.04 48.91 45.75
C LEU I 324 -4.51 49.23 44.36
N PRO I 325 -3.24 48.88 44.11
CA PRO I 325 -2.54 49.03 42.82
C PRO I 325 -2.90 47.99 41.78
N GLY I 326 -2.63 48.29 40.51
CA GLY I 326 -2.94 47.39 39.43
C GLY I 326 -2.25 46.05 39.56
N GLU I 327 -1.02 46.03 40.07
CA GLU I 327 -0.28 44.79 40.21
C GLU I 327 -0.96 43.82 41.19
N VAL I 328 -1.48 44.28 42.32
CA VAL I 328 -2.24 43.36 43.18
C VAL I 328 -3.50 42.79 42.55
N HIS I 329 -4.28 43.59 41.83
CA HIS I 329 -5.46 43.09 41.15
C HIS I 329 -5.11 42.03 40.12
N TYR I 330 -4.06 42.25 39.36
CA TYR I 330 -3.68 41.34 38.32
C TYR I 330 -3.38 40.00 38.94
N LEU I 331 -2.57 40.00 39.98
CA LEU I 331 -2.16 38.76 40.62
C LEU I 331 -3.35 37.97 41.14
N MET I 332 -4.31 38.64 41.74
CA MET I 332 -5.47 37.94 42.27
C MET I 332 -6.28 37.32 41.15
N ALA I 333 -6.36 38.00 40.01
CA ALA I 333 -7.08 37.45 38.88
C ALA I 333 -6.47 36.17 38.37
N VAL I 334 -5.15 36.07 38.39
CA VAL I 334 -4.49 34.85 37.97
C VAL I 334 -4.71 33.73 38.98
N LEU I 335 -4.70 34.02 40.27
CA LEU I 335 -4.91 32.99 41.27
C LEU I 335 -6.30 32.39 41.16
N VAL I 336 -7.29 33.20 40.79
CA VAL I 336 -8.64 32.71 40.49
C VAL I 336 -8.70 31.71 39.33
N LYS I 337 -7.99 31.97 38.23
CA LYS I 337 -7.89 31.01 37.16
C LYS I 337 -6.67 30.16 37.51
N GLY I 338 -6.78 29.26 38.47
CA GLY I 338 -5.60 28.53 38.89
C GLY I 338 -4.97 27.59 37.90
N GLY I 339 -3.70 27.26 38.14
CA GLY I 339 -2.93 26.38 37.29
C GLY I 339 -1.63 26.01 37.98
N LEU I 340 -0.62 25.64 37.21
CA LEU I 340 0.67 25.23 37.77
C LEU I 340 1.70 26.35 37.76
N PHE I 341 2.29 26.65 38.91
CA PHE I 341 3.22 27.77 39.03
C PHE I 341 4.52 27.26 39.64
N GLN I 342 5.24 26.40 38.94
CA GLN I 342 6.29 25.64 39.61
C GLN I 342 7.66 25.74 39.00
N LYS I 343 8.50 24.75 39.32
CA LYS I 343 9.88 24.61 38.84
C LYS I 343 10.77 25.77 39.22
N GLY I 344 10.69 26.17 40.47
CA GLY I 344 11.55 27.21 40.98
C GLY I 344 12.97 26.71 40.94
N LEU J 3 2.85 43.55 2.23
CA LEU J 3 1.85 42.66 2.79
C LEU J 3 2.30 42.04 4.10
N CYS J 4 1.58 41.02 4.56
CA CYS J 4 1.93 40.35 5.79
C CYS J 4 1.39 38.94 5.79
N THR J 5 1.77 38.17 6.80
CA THR J 5 1.32 36.79 6.95
C THR J 5 -0.15 36.56 7.30
N HIS J 6 -0.71 37.27 8.27
CA HIS J 6 -2.12 37.09 8.57
C HIS J 6 -2.98 38.30 8.25
N LEU J 7 -4.03 38.12 7.45
CA LEU J 7 -4.97 39.20 7.17
C LEU J 7 -6.33 38.62 6.80
N SER J 8 -7.39 38.96 7.52
CA SER J 8 -8.72 38.46 7.17
C SER J 8 -9.83 39.45 7.40
N TYR J 9 -10.84 39.35 6.56
CA TYR J 9 -12.08 40.08 6.73
C TYR J 9 -13.20 39.07 6.79
N SER J 10 -14.27 39.38 7.51
CA SER J 10 -15.46 38.56 7.45
C SER J 10 -16.48 39.23 6.55
N ARG J 11 -17.53 38.50 6.21
CA ARG J 11 -18.60 38.95 5.35
C ARG J 11 -19.46 40.02 5.97
N SER J 12 -19.72 41.06 5.19
CA SER J 12 -20.57 42.17 5.60
C SER J 12 -22.02 42.19 5.12
N LEU J 13 -22.42 41.21 4.33
CA LEU J 13 -23.78 41.15 3.78
C LEU J 13 -24.22 39.73 3.50
N SER J 14 -25.29 39.27 4.14
CA SER J 14 -25.74 37.91 3.90
C SER J 14 -27.19 37.53 4.13
N PRO J 15 -27.75 36.74 3.22
CA PRO J 15 -29.06 36.12 3.29
C PRO J 15 -29.04 34.80 4.01
N GLY J 16 -30.20 34.35 4.44
CA GLY J 16 -30.48 32.99 4.89
C GLY J 16 -31.08 32.35 3.66
N LYS J 17 -31.64 31.17 3.76
CA LYS J 17 -32.27 30.57 2.58
C LYS J 17 -33.71 30.87 2.19
N ALA J 18 -34.06 30.62 0.93
CA ALA J 18 -35.38 30.84 0.33
C ALA J 18 -36.22 29.61 0.22
N VAL J 19 -37.48 29.69 0.63
CA VAL J 19 -38.44 28.59 0.64
C VAL J 19 -39.68 28.89 -0.16
N PHE J 20 -40.16 27.91 -0.93
CA PHE J 20 -41.35 28.04 -1.75
C PHE J 20 -42.59 27.50 -1.05
N PHE J 21 -43.69 28.22 -1.09
CA PHE J 21 -44.93 27.75 -0.45
C PHE J 21 -46.19 28.37 -1.05
N TYR J 22 -47.37 27.87 -0.68
CA TYR J 22 -48.59 28.54 -1.10
C TYR J 22 -49.68 28.57 -0.03
N LYS J 23 -50.67 29.44 -0.20
CA LYS J 23 -51.71 29.55 0.81
C LYS J 23 -52.96 28.81 0.40
N THR J 24 -53.72 28.41 1.41
CA THR J 24 -54.99 27.75 1.23
C THR J 24 -56.01 28.52 2.05
N ALA J 25 -57.29 28.19 1.91
CA ALA J 25 -58.27 28.73 2.83
C ALA J 25 -58.16 28.16 4.23
N GLU J 26 -57.56 26.99 4.37
CA GLU J 26 -57.46 26.35 5.70
C GLU J 26 -56.21 26.70 6.55
N SER J 27 -55.08 27.01 5.90
CA SER J 27 -53.83 27.30 6.60
C SER J 27 -52.98 28.23 5.77
N ASP J 28 -52.28 29.15 6.42
CA ASP J 28 -51.37 30.05 5.73
C ASP J 28 -50.03 29.54 5.14
N PHE J 29 -49.42 28.49 5.68
CA PHE J 29 -48.18 28.00 5.11
C PHE J 29 -48.25 26.53 4.71
N VAL J 30 -48.44 26.25 3.42
CA VAL J 30 -48.39 24.89 2.89
C VAL J 30 -47.20 24.79 1.95
N PRO J 31 -46.27 23.89 2.23
CA PRO J 31 -45.05 23.78 1.42
C PRO J 31 -45.25 23.18 0.05
N LEU J 32 -44.42 23.58 -0.90
CA LEU J 32 -44.40 22.99 -2.22
C LEU J 32 -43.48 21.81 -2.06
N ARG J 33 -43.97 20.62 -2.42
CA ARG J 33 -43.24 19.35 -2.26
C ARG J 33 -42.74 18.65 -3.53
N ILE J 34 -41.79 17.75 -3.37
CA ILE J 34 -41.15 17.03 -4.45
C ILE J 34 -41.39 15.53 -4.46
N GLU J 35 -41.76 14.98 -5.60
CA GLU J 35 -42.06 13.55 -5.73
C GLU J 35 -40.92 12.71 -6.32
N VAL J 36 -40.67 11.58 -5.69
CA VAL J 36 -39.52 10.76 -6.03
C VAL J 36 -39.93 9.31 -6.30
N ALA J 37 -39.41 8.74 -7.39
CA ALA J 37 -39.60 7.32 -7.75
C ALA J 37 -38.24 6.63 -7.76
N LYS J 38 -38.09 5.60 -6.94
CA LYS J 38 -36.82 4.88 -6.85
C LYS J 38 -36.24 4.11 -8.04
N ILE J 39 -37.11 3.69 -8.97
CA ILE J 39 -36.76 3.16 -10.31
C ILE J 39 -35.77 2.00 -10.22
N PRO J 69 -31.11 6.07 -5.00
CA PRO J 69 -30.65 4.89 -5.74
C PRO J 69 -30.20 5.27 -7.14
N GLN J 70 -31.09 5.05 -8.11
CA GLN J 70 -31.05 5.78 -9.37
C GLN J 70 -32.46 6.20 -9.69
N THR J 71 -32.78 7.44 -9.37
CA THR J 71 -34.19 7.83 -9.26
C THR J 71 -34.57 8.87 -10.29
N ILE J 72 -35.85 9.16 -10.38
CA ILE J 72 -36.29 10.27 -11.19
C ILE J 72 -37.20 11.01 -10.24
N GLU J 73 -37.33 12.33 -10.40
CA GLU J 73 -38.18 13.11 -9.53
C GLU J 73 -38.69 14.36 -10.20
N ALA J 74 -39.77 14.93 -9.68
CA ALA J 74 -40.39 16.07 -10.32
C ALA J 74 -41.01 17.01 -9.32
N CYS J 75 -41.21 18.26 -9.73
CA CYS J 75 -41.84 19.30 -8.93
C CYS J 75 -42.52 20.35 -9.78
N TYR J 76 -43.80 20.60 -9.53
CA TYR J 76 -44.55 21.56 -10.34
C TYR J 76 -45.67 22.15 -9.51
N VAL J 77 -46.25 23.28 -9.88
CA VAL J 77 -47.30 23.82 -9.03
C VAL J 77 -48.47 22.93 -9.28
N PRO J 78 -49.15 22.44 -8.23
CA PRO J 78 -50.32 21.57 -8.41
C PRO J 78 -51.59 22.24 -8.94
N PRO J 79 -52.55 21.45 -9.42
CA PRO J 79 -53.74 22.12 -9.95
C PRO J 79 -54.44 23.01 -8.93
N ASN J 80 -55.14 24.04 -9.40
CA ASN J 80 -55.88 25.00 -8.57
C ASN J 80 -55.15 25.94 -7.64
N VAL J 81 -53.83 26.01 -7.72
CA VAL J 81 -53.12 27.04 -6.98
C VAL J 81 -52.79 28.13 -7.99
N ASP J 82 -53.35 29.32 -7.81
CA ASP J 82 -53.07 30.42 -8.71
C ASP J 82 -51.73 31.15 -8.59
N GLU J 83 -51.18 31.26 -7.38
CA GLU J 83 -49.86 31.89 -7.22
C GLU J 83 -48.97 31.25 -6.18
N LEU J 84 -47.68 31.31 -6.43
CA LEU J 84 -46.66 30.70 -5.59
C LEU J 84 -45.88 31.79 -4.85
N TYR J 85 -45.55 31.55 -3.58
CA TYR J 85 -44.79 32.52 -2.80
C TYR J 85 -43.38 32.05 -2.57
N CYS J 86 -42.45 32.99 -2.49
CA CYS J 86 -41.07 32.70 -2.19
C CYS J 86 -40.60 33.69 -1.13
N ARG J 87 -39.98 33.24 -0.05
CA ARG J 87 -39.49 34.20 0.95
C ARG J 87 -38.09 33.97 1.54
N PHE J 88 -37.37 35.05 1.84
CA PHE J 88 -36.08 34.97 2.52
C PHE J 88 -35.78 36.20 3.38
N SER J 89 -34.82 36.11 4.29
CA SER J 89 -34.46 37.25 5.15
C SER J 89 -33.04 37.75 4.82
N LEU J 90 -32.76 39.02 5.07
CA LEU J 90 -31.42 39.55 4.82
C LEU J 90 -30.92 40.44 5.97
N ARG J 91 -29.69 40.22 6.45
CA ARG J 91 -29.08 41.09 7.44
C ARG J 91 -27.95 41.84 6.80
N VAL J 92 -27.77 43.11 7.08
CA VAL J 92 -26.60 43.82 6.56
C VAL J 92 -25.74 44.41 7.68
N GLU J 93 -24.43 44.29 7.65
CA GLU J 93 -23.66 44.75 8.80
C GLU J 93 -22.47 45.59 8.38
N ALA J 94 -22.18 46.64 9.13
CA ALA J 94 -21.11 47.54 8.78
C ALA J 94 -19.85 46.93 9.23
N ASN J 95 -19.46 45.85 8.57
CA ASN J 95 -18.29 45.13 8.98
C ASN J 95 -17.05 45.11 8.11
N SER J 96 -16.94 46.07 7.21
CA SER J 96 -15.79 46.14 6.35
C SER J 96 -14.93 47.30 6.80
N MET J 97 -15.32 48.00 7.86
CA MET J 97 -14.51 49.08 8.36
C MET J 97 -13.23 48.60 9.04
N ARG J 98 -13.18 47.37 9.54
CA ARG J 98 -11.97 46.88 10.23
C ARG J 98 -11.61 45.41 10.06
N PRO J 99 -10.32 45.12 9.78
CA PRO J 99 -9.75 43.78 9.65
C PRO J 99 -10.13 42.85 10.79
N TYR J 100 -10.54 41.64 10.49
CA TYR J 100 -10.89 40.71 11.53
C TYR J 100 -9.60 40.31 12.21
N VAL J 101 -8.59 39.97 11.42
CA VAL J 101 -7.26 39.69 11.94
C VAL J 101 -6.19 40.42 11.10
N CYS J 102 -5.15 40.98 11.71
CA CYS J 102 -4.05 41.60 10.97
C CYS J 102 -2.80 41.44 11.80
N SER J 103 -1.71 40.88 11.26
CA SER J 103 -0.51 40.73 12.07
C SER J 103 0.49 41.85 11.89
N ASN J 104 0.14 42.91 11.19
CA ASN J 104 1.13 43.96 10.94
C ASN J 104 0.64 45.37 11.24
N PRO J 105 1.22 46.04 12.25
CA PRO J 105 0.70 47.35 12.62
C PRO J 105 0.70 48.37 11.48
N ASP J 106 1.58 48.25 10.49
CA ASP J 106 1.62 49.24 9.42
C ASP J 106 0.56 48.94 8.38
N VAL J 107 0.31 47.67 8.13
CA VAL J 107 -0.78 47.29 7.24
C VAL J 107 -2.12 47.74 7.79
N LEU J 108 -2.32 47.54 9.08
CA LEU J 108 -3.53 47.98 9.75
C LEU J 108 -3.73 49.48 9.74
N ARG J 109 -2.70 50.27 10.01
CA ARG J 109 -2.88 51.72 9.99
C ARG J 109 -3.44 52.20 8.65
N VAL J 110 -2.91 51.68 7.55
CA VAL J 110 -3.31 52.06 6.21
C VAL J 110 -4.72 51.62 5.86
N MET J 111 -5.09 50.39 6.19
CA MET J 111 -6.39 49.88 5.78
C MET J 111 -7.49 50.68 6.49
N ILE J 112 -7.23 51.09 7.72
CA ILE J 112 -8.18 51.89 8.49
C ILE J 112 -8.34 53.28 7.89
N GLY J 113 -7.22 53.91 7.57
CA GLY J 113 -7.24 55.22 6.95
C GLY J 113 -7.96 55.20 5.63
N LEU J 114 -7.74 54.16 4.85
CA LEU J 114 -8.45 54.02 3.59
C LEU J 114 -9.91 53.83 3.64
N ALA J 115 -10.40 53.00 4.52
CA ALA J 115 -11.83 52.83 4.56
C ALA J 115 -12.49 54.14 4.92
N GLN J 116 -11.94 54.89 5.86
CA GLN J 116 -12.54 56.15 6.24
C GLN J 116 -12.36 57.22 5.17
N ALA J 117 -11.23 57.23 4.50
CA ALA J 117 -11.02 58.23 3.46
C ALA J 117 -12.09 58.08 2.42
N TYR J 118 -12.43 56.85 2.10
CA TYR J 118 -13.52 56.56 1.18
C TYR J 118 -14.88 56.87 1.75
N GLN J 119 -15.20 56.40 2.94
CA GLN J 119 -16.54 56.62 3.51
C GLN J 119 -17.06 58.05 3.48
N ARG J 120 -16.23 59.00 3.88
CA ARG J 120 -16.58 60.43 3.89
C ARG J 120 -16.70 61.15 2.55
N LEU J 121 -16.33 60.52 1.45
CA LEU J 121 -16.52 61.14 0.14
C LEU J 121 -17.75 60.56 -0.54
N GLY J 122 -18.43 59.64 0.13
CA GLY J 122 -19.52 58.93 -0.49
C GLY J 122 -18.94 57.68 -1.09
N GLY J 123 -19.66 57.10 -2.03
CA GLY J 123 -19.23 55.83 -2.56
C GLY J 123 -19.92 54.64 -1.98
N TYR J 124 -20.31 54.72 -0.72
CA TYR J 124 -21.13 53.66 -0.17
C TYR J 124 -22.50 53.79 -0.85
N ASN J 125 -22.87 54.98 -1.33
CA ASN J 125 -24.14 55.18 -1.96
C ASN J 125 -24.18 54.41 -3.24
N GLU J 126 -23.03 54.35 -3.89
CA GLU J 126 -22.88 53.74 -5.19
C GLU J 126 -22.99 52.25 -5.04
N LEU J 127 -22.32 51.71 -4.04
CA LEU J 127 -22.40 50.29 -3.75
C LEU J 127 -23.80 49.92 -3.30
N ALA J 128 -24.39 50.73 -2.44
CA ALA J 128 -25.76 50.51 -2.01
C ALA J 128 -26.73 50.61 -3.15
N ARG J 129 -26.52 51.54 -4.07
CA ARG J 129 -27.38 51.63 -5.23
C ARG J 129 -27.32 50.35 -6.05
N ARG J 130 -26.13 49.83 -6.30
CA ARG J 130 -25.99 48.59 -7.04
C ARG J 130 -26.60 47.37 -6.34
N TYR J 131 -26.41 47.23 -5.05
CA TYR J 131 -27.00 46.08 -4.36
C TYR J 131 -28.50 46.21 -4.35
N SER J 132 -29.00 47.41 -4.09
CA SER J 132 -30.43 47.63 -3.95
C SER J 132 -31.16 47.37 -5.23
N ALA J 133 -30.56 47.76 -6.35
CA ALA J 133 -31.17 47.56 -7.65
C ALA J 133 -31.42 46.09 -7.92
N ASN J 134 -30.48 45.22 -7.58
CA ASN J 134 -30.63 43.79 -7.78
C ASN J 134 -31.74 43.15 -6.96
N VAL J 135 -31.94 43.59 -5.72
CA VAL J 135 -33.05 43.04 -4.94
C VAL J 135 -34.39 43.36 -5.56
N LEU J 136 -34.56 44.60 -6.02
CA LEU J 136 -35.84 45.05 -6.53
C LEU J 136 -36.14 44.46 -7.91
N ARG J 137 -35.11 44.21 -8.69
CA ARG J 137 -35.23 43.61 -10.01
C ARG J 137 -35.70 42.18 -9.93
N GLY J 138 -35.24 41.43 -8.93
CA GLY J 138 -35.66 40.06 -8.78
C GLY J 138 -34.80 38.97 -9.38
N ILE J 139 -33.58 39.27 -9.82
CA ILE J 139 -32.76 38.22 -10.43
C ILE J 139 -32.38 37.04 -9.55
N TRP J 140 -32.66 37.12 -8.27
CA TRP J 140 -32.32 36.03 -7.36
C TRP J 140 -33.26 34.87 -7.55
N LEU J 141 -34.27 35.04 -8.42
CA LEU J 141 -35.17 33.96 -8.74
C LEU J 141 -34.61 33.06 -9.83
N TRP J 142 -33.43 33.42 -10.35
CA TRP J 142 -32.71 32.63 -11.35
C TRP J 142 -33.56 32.22 -12.53
N ARG J 143 -33.81 30.92 -12.66
CA ARG J 143 -34.54 30.34 -13.79
C ARG J 143 -36.06 30.41 -13.72
N ASN J 144 -36.61 30.93 -12.63
CA ASN J 144 -38.03 31.01 -12.35
C ASN J 144 -38.62 32.39 -12.56
N GLN J 145 -37.97 33.24 -13.32
CA GLN J 145 -38.44 34.59 -13.56
C GLN J 145 -39.58 34.68 -14.56
N TYR J 146 -39.81 33.62 -15.31
CA TYR J 146 -40.77 33.60 -16.41
C TYR J 146 -42.22 33.37 -15.99
N THR J 147 -42.88 34.39 -15.45
CA THR J 147 -44.19 34.32 -14.84
C THR J 147 -45.15 35.14 -15.65
N GLN J 148 -46.42 35.19 -15.25
CA GLN J 148 -47.37 36.06 -15.88
C GLN J 148 -47.38 37.40 -15.20
N GLY J 149 -46.49 37.62 -14.24
CA GLY J 149 -46.46 38.84 -13.44
C GLY J 149 -45.87 38.60 -12.07
N THR J 150 -44.73 39.22 -11.74
CA THR J 150 -44.07 39.01 -10.45
C THR J 150 -44.12 40.24 -9.56
N LYS J 151 -44.62 40.12 -8.35
CA LYS J 151 -44.70 41.28 -7.45
C LYS J 151 -43.76 41.10 -6.27
N ILE J 152 -42.96 42.12 -5.95
CA ILE J 152 -41.99 42.05 -4.86
C ILE J 152 -42.28 43.02 -3.75
N GLU J 153 -42.34 42.54 -2.52
CA GLU J 153 -42.57 43.40 -1.36
C GLU J 153 -41.48 43.33 -0.29
N ILE J 154 -41.00 44.46 0.21
CA ILE J 154 -39.92 44.45 1.18
C ILE J 154 -40.29 45.15 2.47
N LYS J 155 -40.04 44.53 3.62
CA LYS J 155 -40.18 45.20 4.90
C LYS J 155 -38.86 45.28 5.66
N THR J 156 -38.63 46.38 6.38
CA THR J 156 -37.44 46.51 7.22
C THR J 156 -37.66 46.86 8.70
N SER J 157 -36.64 46.56 9.51
CA SER J 157 -36.62 46.79 10.94
C SER J 157 -36.74 48.25 11.41
N LEU J 158 -36.61 49.18 10.48
CA LEU J 158 -36.82 50.61 10.77
C LEU J 158 -38.22 51.11 10.47
N GLY J 159 -39.09 50.23 9.98
CA GLY J 159 -40.48 50.57 9.73
C GLY J 159 -40.86 50.95 8.32
N SER J 160 -39.99 50.69 7.36
CA SER J 160 -40.30 51.02 5.98
C SER J 160 -40.96 49.85 5.25
N THR J 161 -41.71 50.14 4.20
CA THR J 161 -42.23 49.11 3.31
C THR J 161 -42.03 49.51 1.85
N TYR J 162 -41.58 48.60 1.00
CA TYR J 162 -41.42 48.97 -0.39
C TYR J 162 -42.17 48.00 -1.26
N HIS J 163 -42.62 48.49 -2.40
CA HIS J 163 -43.52 47.75 -3.25
C HIS J 163 -43.19 47.97 -4.70
N ILE J 164 -42.83 46.90 -5.39
CA ILE J 164 -42.59 46.92 -6.82
C ILE J 164 -43.76 46.17 -7.42
N PRO J 165 -44.67 46.86 -8.11
CA PRO J 165 -45.86 46.13 -8.52
C PRO J 165 -45.58 45.07 -9.58
N ASP J 166 -44.50 45.22 -10.34
CA ASP J 166 -44.19 44.31 -11.44
C ASP J 166 -42.71 44.36 -11.74
N ALA J 167 -41.99 43.29 -11.40
CA ALA J 167 -40.53 43.26 -11.51
C ALA J 167 -39.99 42.87 -12.85
N ARG J 168 -40.85 42.57 -13.80
CA ARG J 168 -40.42 42.07 -15.09
C ARG J 168 -39.78 43.10 -16.02
N ARG J 169 -39.94 44.39 -15.71
CA ARG J 169 -39.40 45.40 -16.60
C ARG J 169 -38.22 46.29 -16.18
N LEU J 170 -37.36 45.85 -15.26
CA LEU J 170 -36.35 46.80 -14.81
C LEU J 170 -34.99 46.31 -15.24
N SER J 171 -34.29 47.12 -16.03
CA SER J 171 -33.01 46.73 -16.56
C SER J 171 -31.84 47.13 -15.72
N TRP J 172 -30.69 46.55 -16.05
CA TRP J 172 -29.44 46.90 -15.42
C TRP J 172 -29.15 48.33 -15.79
N SER J 173 -29.35 48.67 -17.06
CA SER J 173 -29.03 50.00 -17.53
C SER J 173 -30.26 50.61 -18.12
N GLY J 174 -30.61 51.80 -17.66
CA GLY J 174 -31.80 52.48 -18.13
C GLY J 174 -32.43 53.24 -16.97
N ASP J 175 -33.37 54.10 -17.32
CA ASP J 175 -34.08 54.91 -16.35
C ASP J 175 -35.36 54.20 -15.96
N TRP J 176 -35.52 53.99 -14.67
CA TRP J 176 -36.72 53.36 -14.17
C TRP J 176 -37.89 54.31 -14.15
N PRO J 177 -39.09 53.78 -14.38
CA PRO J 177 -40.34 54.51 -14.41
C PRO J 177 -40.58 55.21 -13.09
N GLU J 178 -41.38 56.25 -13.16
CA GLU J 178 -41.64 57.03 -11.96
C GLU J 178 -42.33 56.27 -10.86
N LEU J 179 -41.98 56.70 -9.64
CA LEU J 179 -42.42 56.15 -8.35
C LEU J 179 -41.67 54.89 -7.94
N GLU J 180 -41.00 54.30 -8.91
CA GLU J 180 -40.13 53.14 -8.76
C GLU J 180 -38.68 53.60 -8.61
N GLN J 181 -38.30 54.62 -9.38
CA GLN J 181 -37.00 55.21 -9.28
C GLN J 181 -36.89 55.73 -7.87
N LYS J 182 -37.99 56.23 -7.36
CA LYS J 182 -37.98 56.84 -6.03
C LYS J 182 -37.72 55.87 -4.91
N GLN J 183 -38.24 54.66 -5.02
CA GLN J 183 -38.10 53.69 -3.95
C GLN J 183 -36.70 53.13 -3.99
N LEU J 184 -36.09 53.13 -5.16
CA LEU J 184 -34.72 52.75 -5.26
C LEU J 184 -33.88 53.73 -4.47
N GLU J 185 -34.16 55.02 -4.55
CA GLU J 185 -33.40 55.96 -3.74
C GLU J 185 -33.59 55.79 -2.25
N GLN J 186 -34.82 55.55 -1.82
CA GLN J 186 -35.12 55.38 -0.42
C GLN J 186 -34.47 54.14 0.17
N LEU J 187 -34.53 53.04 -0.55
CA LEU J 187 -33.89 51.81 -0.12
C LEU J 187 -32.39 51.96 -0.12
N THR J 188 -31.85 52.64 -1.12
CA THR J 188 -30.43 52.89 -1.16
C THR J 188 -29.97 53.59 0.09
N SER J 189 -30.71 54.57 0.57
CA SER J 189 -30.33 55.28 1.78
C SER J 189 -30.30 54.44 3.04
N GLU J 190 -31.29 53.59 3.26
CA GLU J 190 -31.27 52.74 4.44
C GLU J 190 -30.07 51.81 4.41
N MET J 191 -29.80 51.22 3.25
CA MET J 191 -28.69 50.30 3.14
C MET J 191 -27.33 50.99 3.21
N ALA J 192 -27.24 52.20 2.69
CA ALA J 192 -26.01 52.96 2.75
C ALA J 192 -25.57 53.14 4.19
N LYS J 193 -26.53 53.35 5.07
CA LYS J 193 -26.27 53.42 6.50
C LYS J 193 -25.91 52.09 7.13
N ALA J 194 -26.63 51.04 6.77
CA ALA J 194 -26.39 49.72 7.30
C ALA J 194 -24.98 49.25 7.03
N LEU J 195 -24.46 49.60 5.87
CA LEU J 195 -23.10 49.28 5.46
C LEU J 195 -21.98 50.11 6.09
N SER J 196 -22.30 51.28 6.62
CA SER J 196 -21.26 52.22 7.04
C SER J 196 -21.22 52.66 8.48
N GLN J 197 -22.30 52.54 9.23
CA GLN J 197 -22.29 52.94 10.63
C GLN J 197 -22.58 51.76 11.53
N PRO J 198 -21.78 51.60 12.56
CA PRO J 198 -21.98 50.45 13.47
C PRO J 198 -23.16 50.62 14.45
N ASP J 199 -23.53 49.53 15.10
CA ASP J 199 -24.61 49.47 16.09
C ASP J 199 -25.99 49.87 15.58
N ILE J 200 -26.25 49.54 14.33
CA ILE J 200 -27.58 49.68 13.75
C ILE J 200 -27.88 48.24 13.42
N PHE J 201 -29.02 47.70 13.85
CA PHE J 201 -29.27 46.31 13.56
C PHE J 201 -30.32 46.29 12.45
N TRP J 202 -29.92 46.13 11.19
CA TRP J 202 -30.83 46.35 10.09
C TRP J 202 -31.24 45.03 9.47
N PHE J 203 -32.52 44.66 9.44
CA PHE J 203 -32.99 43.43 8.81
C PHE J 203 -33.98 43.78 7.72
N ALA J 204 -34.06 42.98 6.67
CA ALA J 204 -35.04 43.17 5.64
C ALA J 204 -35.78 41.85 5.52
N ASP J 205 -37.03 41.86 5.14
CA ASP J 205 -37.74 40.62 4.91
C ASP J 205 -38.40 40.68 3.52
N VAL J 206 -37.94 39.81 2.61
CA VAL J 206 -38.27 39.91 1.20
C VAL J 206 -39.16 38.78 0.78
N THR J 207 -40.34 39.08 0.28
CA THR J 207 -41.28 38.07 -0.13
C THR J 207 -41.63 38.44 -1.55
N ALA J 208 -41.77 37.49 -2.45
CA ALA J 208 -42.19 37.80 -3.81
C ALA J 208 -43.32 36.92 -4.18
N SER J 209 -44.24 37.42 -5.00
CA SER J 209 -45.25 36.53 -5.51
C SER J 209 -45.22 36.11 -6.99
N LEU J 210 -45.33 34.84 -7.35
CA LEU J 210 -45.10 34.53 -8.75
C LEU J 210 -46.48 34.22 -9.30
N LYS J 211 -47.10 34.99 -10.19
CA LYS J 211 -48.37 34.50 -10.75
C LYS J 211 -48.00 33.46 -11.83
N THR J 212 -48.53 32.25 -11.70
CA THR J 212 -48.12 31.13 -12.54
C THR J 212 -49.09 30.56 -13.59
N GLY J 213 -48.60 29.56 -14.33
CA GLY J 213 -49.31 28.87 -15.40
C GLY J 213 -50.14 27.71 -14.89
N PHE J 214 -50.71 26.90 -15.79
CA PHE J 214 -51.61 25.83 -15.36
C PHE J 214 -50.97 24.77 -14.46
N CYS J 215 -49.85 24.21 -14.85
CA CYS J 215 -49.10 23.35 -13.95
C CYS J 215 -47.63 23.61 -14.20
N GLN J 216 -47.17 24.80 -13.89
CA GLN J 216 -45.86 25.26 -14.26
C GLN J 216 -44.76 24.58 -13.47
N GLU J 217 -43.69 24.18 -14.16
CA GLU J 217 -42.59 23.50 -13.51
C GLU J 217 -41.79 24.49 -12.70
N ILE J 218 -41.31 24.07 -11.52
CA ILE J 218 -40.48 24.89 -10.63
C ILE J 218 -39.03 24.40 -10.51
N PHE J 219 -38.08 25.33 -10.53
CA PHE J 219 -36.67 24.98 -10.48
C PHE J 219 -35.91 25.39 -9.23
N PRO J 220 -35.88 24.52 -8.22
CA PRO J 220 -35.18 24.66 -6.94
C PRO J 220 -33.72 24.29 -7.09
N SER J 221 -32.92 24.49 -6.05
CA SER J 221 -31.50 24.16 -6.09
C SER J 221 -31.32 22.66 -6.25
N GLN J 222 -30.30 22.24 -7.00
CA GLN J 222 -29.94 20.83 -7.07
C GLN J 222 -28.87 20.46 -6.06
N LYS J 223 -28.87 19.17 -5.74
CA LYS J 223 -27.89 18.51 -4.89
C LYS J 223 -26.65 18.18 -5.69
N PHE J 224 -25.49 18.39 -5.10
CA PHE J 224 -24.23 18.02 -5.70
C PHE J 224 -23.85 16.64 -5.20
N THR J 225 -23.60 15.72 -6.11
CA THR J 225 -23.27 14.34 -5.72
C THR J 225 -22.02 13.82 -6.41
N GLU J 226 -21.44 12.76 -5.86
CA GLU J 226 -20.36 12.07 -6.54
C GLU J 226 -21.03 10.98 -7.37
N SER J 235 -28.32 9.45 -11.55
CA SER J 235 -29.12 10.65 -11.82
C SER J 235 -29.08 11.66 -10.68
N ARG J 236 -29.57 12.86 -10.98
CA ARG J 236 -29.60 13.98 -10.04
C ARG J 236 -30.73 14.00 -9.00
N GLN J 237 -30.52 14.76 -7.92
CA GLN J 237 -31.50 14.92 -6.85
C GLN J 237 -31.68 16.39 -6.55
N LEU J 238 -32.88 16.77 -6.09
CA LEU J 238 -33.16 18.12 -5.65
C LEU J 238 -33.07 18.36 -4.14
N ALA J 239 -32.78 19.60 -3.76
CA ALA J 239 -32.68 20.06 -2.37
C ALA J 239 -33.98 20.52 -1.73
N THR J 240 -34.21 20.13 -0.48
CA THR J 240 -35.39 20.52 0.28
C THR J 240 -35.01 20.90 1.70
N VAL J 241 -35.94 21.47 2.47
CA VAL J 241 -35.73 21.67 3.91
C VAL J 241 -36.87 21.00 4.69
N GLU J 242 -36.62 20.74 5.97
CA GLU J 242 -37.61 20.13 6.85
C GLU J 242 -38.40 21.23 7.51
N CYS J 243 -39.70 21.02 7.66
CA CYS J 243 -40.52 21.94 8.43
C CYS J 243 -40.59 21.46 9.87
N SER J 244 -40.98 22.34 10.77
CA SER J 244 -41.10 22.01 12.18
C SER J 244 -42.12 20.90 12.46
N ASP J 245 -43.04 20.70 11.51
CA ASP J 245 -44.03 19.63 11.60
C ASP J 245 -43.66 18.35 10.86
N GLY J 246 -42.45 18.28 10.33
CA GLY J 246 -42.02 17.12 9.54
C GLY J 246 -42.19 17.06 8.04
N GLN J 247 -42.87 18.05 7.45
CA GLN J 247 -43.07 18.07 6.01
C GLN J 247 -41.79 18.54 5.34
N LEU J 248 -41.54 18.14 4.09
CA LEU J 248 -40.42 18.74 3.35
C LEU J 248 -40.88 19.87 2.42
N ALA J 249 -39.99 20.80 2.12
CA ALA J 249 -40.26 21.89 1.17
C ALA J 249 -39.14 22.20 0.18
N ALA J 250 -39.42 22.63 -1.06
CA ALA J 250 -38.36 23.09 -2.00
C ALA J 250 -37.70 24.43 -1.59
N CYS J 251 -36.43 24.61 -1.91
CA CYS J 251 -35.70 25.76 -1.45
C CYS J 251 -34.63 26.15 -2.42
N ILE J 252 -34.03 27.30 -2.20
CA ILE J 252 -32.89 27.74 -2.94
C ILE J 252 -31.81 27.94 -1.89
N ASN J 253 -30.60 27.46 -2.12
CA ASN J 253 -29.53 27.57 -1.13
C ASN J 253 -29.12 28.99 -0.77
N PRO J 254 -28.60 29.20 0.44
CA PRO J 254 -28.16 30.55 0.77
C PRO J 254 -27.20 31.15 -0.23
N GLN J 255 -26.08 30.49 -0.53
CA GLN J 255 -25.10 31.13 -1.38
C GLN J 255 -25.60 31.33 -2.80
N LYS J 256 -26.60 30.57 -3.24
CA LYS J 256 -27.19 30.79 -4.56
C LYS J 256 -27.98 32.07 -4.65
N ILE J 257 -28.62 32.46 -3.56
CA ILE J 257 -29.26 33.78 -3.48
C ILE J 257 -28.18 34.84 -3.44
N GLY J 258 -27.16 34.60 -2.63
CA GLY J 258 -26.06 35.52 -2.48
C GLY J 258 -25.29 35.77 -3.75
N ALA J 259 -25.00 34.75 -4.52
CA ALA J 259 -24.27 34.94 -5.76
C ALA J 259 -24.99 35.90 -6.68
N ALA J 260 -26.32 35.83 -6.71
CA ALA J 260 -27.09 36.75 -7.52
C ALA J 260 -27.01 38.19 -7.06
N LEU J 261 -27.05 38.43 -5.76
CA LEU J 261 -27.08 39.81 -5.26
C LEU J 261 -25.81 40.59 -5.52
N GLN J 262 -24.67 39.92 -5.44
CA GLN J 262 -23.38 40.59 -5.52
C GLN J 262 -22.83 40.68 -6.91
N LYS J 263 -23.62 40.37 -7.92
CA LYS J 263 -23.16 40.47 -9.29
C LYS J 263 -23.20 41.87 -9.87
N ILE J 264 -22.20 42.68 -9.55
CA ILE J 264 -22.25 44.09 -9.84
C ILE J 264 -20.85 44.54 -10.18
N ASP J 265 -20.08 43.72 -10.88
CA ASP J 265 -18.75 44.12 -11.34
C ASP J 265 -18.75 44.36 -12.82
N ASP J 266 -18.82 45.61 -13.18
CA ASP J 266 -18.64 46.00 -14.58
C ASP J 266 -17.63 47.14 -14.74
N TRP J 267 -16.55 47.10 -13.99
CA TRP J 267 -15.53 48.14 -14.09
C TRP J 267 -14.33 47.86 -14.96
N TRP J 268 -14.35 46.77 -15.70
CA TRP J 268 -13.22 46.40 -16.57
C TRP J 268 -13.38 46.73 -18.05
N ALA J 269 -12.24 46.99 -18.68
CA ALA J 269 -12.10 47.17 -20.14
C ALA J 269 -12.90 48.27 -20.80
N ASN J 270 -13.45 49.18 -20.00
CA ASN J 270 -14.23 50.32 -20.47
C ASN J 270 -15.40 49.89 -21.36
N ASP J 271 -15.95 48.73 -21.04
CA ASP J 271 -17.07 48.17 -21.77
C ASP J 271 -18.01 47.52 -20.77
N ALA J 272 -19.08 48.22 -20.40
CA ALA J 272 -19.97 47.72 -19.37
C ALA J 272 -20.70 46.37 -19.56
N ASP J 273 -21.12 46.02 -20.77
CA ASP J 273 -21.82 44.75 -20.99
C ASP J 273 -22.83 44.41 -19.87
N LEU J 274 -22.75 43.18 -19.37
CA LEU J 274 -23.36 42.78 -18.10
C LEU J 274 -22.24 42.60 -17.08
N PRO J 275 -22.54 42.82 -15.79
CA PRO J 275 -21.64 42.67 -14.64
C PRO J 275 -21.25 41.24 -14.26
N LEU J 276 -20.08 41.08 -13.64
CA LEU J 276 -19.60 39.79 -13.21
C LEU J 276 -19.83 39.61 -11.72
N ARG J 277 -19.85 38.39 -11.24
CA ARG J 277 -19.90 38.13 -9.81
C ARG J 277 -18.54 38.52 -9.30
N VAL J 278 -18.46 39.30 -8.23
CA VAL J 278 -17.17 39.79 -7.77
C VAL J 278 -16.25 38.62 -7.45
N HIS J 279 -15.04 38.66 -7.99
CA HIS J 279 -14.09 37.58 -7.89
C HIS J 279 -12.70 38.18 -7.97
N GLU J 280 -11.73 37.64 -7.24
CA GLU J 280 -10.44 38.28 -7.20
C GLU J 280 -9.74 38.26 -8.55
N TYR J 281 -10.11 37.30 -9.39
CA TYR J 281 -9.52 37.15 -10.72
C TYR J 281 -10.46 37.48 -11.87
N GLY J 282 -11.64 37.97 -11.58
CA GLY J 282 -12.61 38.29 -12.60
C GLY J 282 -13.16 37.13 -13.40
N ALA J 283 -13.40 36.00 -12.76
CA ALA J 283 -13.84 34.80 -13.44
C ALA J 283 -15.16 34.97 -14.17
N ASN J 284 -15.29 34.35 -15.33
CA ASN J 284 -16.51 34.35 -16.13
C ASN J 284 -16.82 32.91 -16.47
N HIS J 285 -17.78 32.32 -15.80
CA HIS J 285 -18.13 30.91 -16.03
C HIS J 285 -18.75 30.56 -17.35
N GLU J 286 -19.57 31.44 -17.89
CA GLU J 286 -20.23 31.18 -19.16
C GLU J 286 -19.25 31.02 -20.32
N ALA J 287 -18.26 31.88 -20.40
CA ALA J 287 -17.27 31.82 -21.47
C ALA J 287 -16.03 31.02 -21.14
N LEU J 288 -15.99 30.46 -19.93
CA LEU J 288 -14.79 29.77 -19.41
C LEU J 288 -13.49 30.56 -19.43
N THR J 289 -13.52 31.81 -18.99
CA THR J 289 -12.35 32.68 -19.03
C THR J 289 -12.18 33.50 -17.75
N ALA J 290 -11.24 34.44 -17.78
CA ALA J 290 -11.01 35.33 -16.65
C ALA J 290 -10.59 36.73 -17.07
N LEU J 291 -11.38 37.72 -16.69
CA LEU J 291 -11.23 39.09 -17.13
C LEU J 291 -10.12 39.88 -16.44
N ARG J 292 -9.78 39.51 -15.22
CA ARG J 292 -8.75 40.23 -14.50
C ARG J 292 -7.63 39.28 -14.20
N HIS J 293 -7.21 38.54 -15.21
CA HIS J 293 -6.15 37.55 -15.12
C HIS J 293 -4.92 38.26 -14.56
N PRO J 294 -4.19 37.61 -13.66
CA PRO J 294 -2.99 38.21 -13.09
C PRO J 294 -2.04 38.74 -14.14
N ALA J 295 -1.99 38.14 -15.33
CA ALA J 295 -1.10 38.61 -16.38
C ALA J 295 -1.32 40.05 -16.81
N THR J 296 -2.51 40.60 -16.53
CA THR J 296 -2.81 41.97 -16.93
C THR J 296 -2.46 43.06 -15.92
N GLY J 297 -2.19 42.67 -14.68
CA GLY J 297 -2.00 43.62 -13.59
C GLY J 297 -3.28 44.19 -13.03
N GLN J 298 -4.43 43.67 -13.47
CA GLN J 298 -5.73 44.17 -13.03
C GLN J 298 -6.46 43.38 -11.95
N ASP J 299 -5.79 42.41 -11.33
CA ASP J 299 -6.45 41.63 -10.29
C ASP J 299 -6.39 42.27 -8.90
N PHE J 300 -7.07 41.68 -7.93
CA PHE J 300 -7.03 42.16 -6.56
C PHE J 300 -5.65 42.27 -5.93
N TYR J 301 -4.77 41.29 -6.14
CA TYR J 301 -3.52 41.26 -5.38
C TYR J 301 -2.50 42.31 -5.77
N HIS J 302 -2.51 42.73 -7.02
CA HIS J 302 -1.65 43.80 -7.47
C HIS J 302 -2.12 45.10 -6.87
N LEU J 303 -3.43 45.31 -6.97
CA LEU J 303 -4.12 46.47 -6.42
C LEU J 303 -4.06 46.63 -4.91
N LEU J 304 -4.11 45.53 -4.18
CA LEU J 304 -3.96 45.56 -2.73
C LEU J 304 -2.69 46.21 -2.25
N THR J 305 -1.62 46.11 -3.03
CA THR J 305 -0.33 46.69 -2.65
C THR J 305 -0.13 48.18 -2.93
N LYS J 306 -1.11 48.85 -3.55
CA LYS J 306 -0.99 50.28 -3.85
C LYS J 306 -1.76 51.19 -2.89
N ALA J 307 -2.24 50.65 -1.78
CA ALA J 307 -3.11 51.37 -0.83
C ALA J 307 -2.56 52.72 -0.39
N GLU J 308 -1.25 52.79 -0.22
CA GLU J 308 -0.61 54.03 0.19
C GLU J 308 -0.87 55.14 -0.83
N GLN J 309 -0.84 54.78 -2.11
CA GLN J 309 -1.09 55.71 -3.20
C GLN J 309 -2.54 56.17 -3.35
N PHE J 310 -3.47 55.24 -3.13
CA PHE J 310 -4.90 55.56 -3.17
C PHE J 310 -5.34 56.52 -2.08
N VAL J 311 -4.83 56.30 -0.88
CA VAL J 311 -5.17 57.17 0.22
C VAL J 311 -4.66 58.56 -0.13
N THR J 312 -3.44 58.66 -0.65
CA THR J 312 -2.92 59.95 -1.06
C THR J 312 -3.81 60.66 -2.06
N VAL J 313 -4.29 59.93 -3.06
CA VAL J 313 -5.22 60.52 -4.02
C VAL J 313 -6.53 60.97 -3.39
N LEU J 314 -7.10 60.15 -2.52
CA LEU J 314 -8.37 60.47 -1.91
C LEU J 314 -8.25 61.75 -1.13
N GLU J 315 -7.10 61.92 -0.51
CA GLU J 315 -6.81 63.15 0.21
C GLU J 315 -6.74 64.36 -0.71
N SER J 316 -6.28 64.15 -1.94
CA SER J 316 -6.25 65.25 -2.89
C SER J 316 -7.59 65.54 -3.56
N SER J 317 -8.51 64.60 -3.46
CA SER J 317 -9.84 64.79 -4.05
C SER J 317 -10.64 65.86 -3.33
N GLU J 323 -15.20 61.79 -9.12
CA GLU J 323 -13.77 61.46 -9.20
C GLU J 323 -13.31 60.06 -8.77
N LEU J 324 -14.01 59.39 -7.85
CA LEU J 324 -13.52 58.08 -7.42
C LEU J 324 -13.41 57.16 -8.63
N PRO J 325 -12.21 56.61 -8.85
CA PRO J 325 -11.85 55.71 -9.96
C PRO J 325 -12.30 54.27 -9.80
N GLY J 326 -12.35 53.54 -10.89
CA GLY J 326 -12.73 52.14 -10.85
C GLY J 326 -11.85 51.31 -9.94
N GLU J 327 -10.59 51.67 -9.81
CA GLU J 327 -9.64 50.89 -9.02
C GLU J 327 -10.05 50.84 -7.55
N VAL J 328 -10.47 51.95 -6.94
CA VAL J 328 -10.92 51.87 -5.56
C VAL J 328 -12.31 51.28 -5.35
N HIS J 329 -13.19 51.41 -6.33
CA HIS J 329 -14.49 50.73 -6.26
C HIS J 329 -14.34 49.22 -6.23
N TYR J 330 -13.44 48.67 -7.03
CA TYR J 330 -13.22 47.26 -7.08
C TYR J 330 -12.74 46.81 -5.73
N LEU J 331 -11.74 47.49 -5.20
CA LEU J 331 -11.16 47.09 -3.93
C LEU J 331 -12.17 47.07 -2.81
N MET J 332 -13.03 48.07 -2.73
CA MET J 332 -14.03 48.11 -1.66
C MET J 332 -15.00 46.97 -1.81
N ALA J 333 -15.38 46.63 -3.03
CA ALA J 333 -16.32 45.54 -3.24
C ALA J 333 -15.76 44.22 -2.77
N VAL J 334 -14.47 43.99 -2.96
CA VAL J 334 -13.85 42.76 -2.51
C VAL J 334 -13.77 42.70 -0.99
N LEU J 335 -13.48 43.82 -0.34
CA LEU J 335 -13.38 43.83 1.11
C LEU J 335 -14.72 43.49 1.76
N VAL J 336 -15.82 43.94 1.15
CA VAL J 336 -17.16 43.54 1.58
C VAL J 336 -17.45 42.04 1.48
N LYS J 337 -17.02 41.40 0.41
CA LYS J 337 -17.13 39.96 0.32
C LYS J 337 -15.84 39.43 0.96
N GLY J 338 -15.68 39.55 2.25
CA GLY J 338 -14.42 39.20 2.86
C GLY J 338 -13.98 37.76 2.81
N GLY J 339 -12.68 37.54 2.99
CA GLY J 339 -12.10 36.21 2.97
C GLY J 339 -10.64 36.28 3.40
N LEU J 340 -9.85 35.26 3.06
CA LEU J 340 -8.45 35.23 3.43
C LEU J 340 -7.56 35.96 2.43
N PHE J 341 -6.71 36.87 2.91
CA PHE J 341 -5.81 37.61 2.03
C PHE J 341 -4.39 37.44 2.55
N GLN J 342 -3.84 36.24 2.49
CA GLN J 342 -2.67 35.94 3.31
C GLN J 342 -1.46 35.45 2.56
N LYS J 343 -0.42 35.13 3.32
CA LYS J 343 0.86 34.59 2.85
C LYS J 343 1.59 35.51 1.91
N GLY J 344 1.61 36.78 2.25
CA GLY J 344 2.31 37.76 1.45
C GLY J 344 3.78 37.56 1.65
N ASN K 4 -36.99 -23.82 -37.01
CA ASN K 4 -38.22 -23.11 -37.33
C ASN K 4 -38.05 -21.60 -37.28
N ARG K 5 -36.83 -21.16 -37.02
CA ARG K 5 -36.54 -19.75 -36.82
C ARG K 5 -35.21 -19.34 -37.45
N TYR K 6 -35.18 -18.16 -38.05
CA TYR K 6 -33.96 -17.64 -38.68
C TYR K 6 -33.62 -16.26 -38.13
N PHE K 7 -32.35 -15.93 -38.16
CA PHE K 7 -31.88 -14.64 -37.67
C PHE K 7 -30.64 -14.15 -38.42
N PHE K 8 -30.33 -12.86 -38.28
CA PHE K 8 -29.00 -12.36 -38.62
C PHE K 8 -28.68 -11.19 -37.70
N ALA K 9 -27.39 -10.87 -37.59
CA ALA K 9 -26.96 -9.87 -36.60
C ALA K 9 -26.11 -8.76 -37.20
N ILE K 10 -26.15 -7.58 -36.59
CA ILE K 10 -25.29 -6.47 -36.99
C ILE K 10 -24.48 -5.94 -35.81
N ARG K 11 -23.18 -5.71 -36.01
CA ARG K 11 -22.35 -5.09 -34.98
C ARG K 11 -21.74 -3.75 -35.42
N TYR K 12 -21.58 -2.85 -34.47
CA TYR K 12 -21.01 -1.52 -34.74
C TYR K 12 -19.49 -1.54 -34.63
N LEU K 13 -18.80 -1.04 -35.64
CA LEU K 13 -17.34 -1.13 -35.64
C LEU K 13 -16.66 0.02 -34.91
N SER K 14 -17.30 1.18 -34.88
CA SER K 14 -16.67 2.36 -34.32
C SER K 14 -16.80 2.48 -32.79
N ASP K 15 -15.69 2.79 -32.14
CA ASP K 15 -15.60 2.81 -30.68
C ASP K 15 -16.38 3.96 -30.07
N ASP K 16 -16.62 5.00 -30.87
CA ASP K 16 -17.33 6.19 -30.42
C ASP K 16 -18.80 6.21 -30.80
N VAL K 17 -19.32 5.08 -31.27
CA VAL K 17 -20.72 5.00 -31.70
C VAL K 17 -21.65 5.21 -30.50
N ASP K 18 -22.67 6.05 -30.72
CA ASP K 18 -23.75 6.23 -29.75
C ASP K 18 -24.91 5.28 -29.98
N CYS K 19 -25.01 4.28 -29.11
CA CYS K 19 -25.93 3.17 -29.31
C CYS K 19 -27.39 3.61 -29.35
N GLY K 20 -27.77 4.50 -28.45
CA GLY K 20 -29.14 4.97 -28.40
C GLY K 20 -29.59 5.74 -29.62
N LEU K 21 -28.68 6.54 -30.19
CA LEU K 21 -29.02 7.28 -31.40
C LEU K 21 -29.17 6.34 -32.59
N LEU K 22 -28.19 5.45 -32.74
CA LEU K 22 -28.07 4.62 -33.93
C LEU K 22 -29.10 3.51 -34.00
N ALA K 23 -29.37 2.88 -32.86
CA ALA K 23 -30.35 1.80 -32.81
C ALA K 23 -31.70 2.25 -33.32
N GLY K 24 -32.02 3.52 -33.09
CA GLY K 24 -33.30 4.07 -33.50
C GLY K 24 -33.56 4.02 -34.99
N ARG K 25 -32.50 4.07 -35.79
CA ARG K 25 -32.63 4.03 -37.24
C ARG K 25 -33.00 2.65 -37.78
N CYS K 26 -32.46 1.61 -37.15
CA CYS K 26 -32.77 0.24 -37.54
C CYS K 26 -34.24 -0.09 -37.31
N ILE K 27 -34.77 0.40 -36.19
CA ILE K 27 -36.19 0.21 -35.88
C ILE K 27 -37.06 0.95 -36.88
N SER K 28 -36.66 2.15 -37.26
CA SER K 28 -37.40 2.95 -38.22
C SER K 28 -37.49 2.22 -39.57
N ILE K 29 -36.41 1.57 -39.96
CA ILE K 29 -36.39 0.79 -41.19
C ILE K 29 -37.36 -0.38 -41.10
N LEU K 30 -37.32 -1.08 -39.96
CA LEU K 30 -38.19 -2.22 -39.74
C LEU K 30 -39.64 -1.78 -39.89
N HIS K 31 -39.95 -0.61 -39.34
CA HIS K 31 -41.29 -0.07 -39.40
C HIS K 31 -41.70 0.18 -40.84
N GLY K 32 -40.82 0.82 -41.61
CA GLY K 32 -41.11 1.13 -43.00
C GLY K 32 -41.39 -0.13 -43.78
N PHE K 33 -40.60 -1.17 -43.51
CA PHE K 33 -40.79 -2.46 -44.15
C PHE K 33 -42.14 -3.05 -43.77
N ARG K 34 -42.49 -2.95 -42.49
CA ARG K 34 -43.77 -3.44 -42.00
C ARG K 34 -44.94 -2.78 -42.72
N GLN K 35 -44.82 -1.48 -42.99
CA GLN K 35 -45.83 -0.78 -43.77
C GLN K 35 -45.95 -1.30 -45.20
N ALA K 36 -44.87 -1.72 -45.83
CA ALA K 36 -44.99 -2.26 -47.19
C ALA K 36 -45.70 -3.61 -47.25
N HIS K 37 -45.50 -4.43 -46.23
CA HIS K 37 -46.02 -5.77 -46.25
C HIS K 37 -46.66 -6.01 -44.92
N PRO K 38 -47.88 -5.52 -44.73
CA PRO K 38 -48.55 -5.69 -43.44
C PRO K 38 -48.60 -7.09 -42.80
N GLY K 39 -48.77 -8.15 -43.56
CA GLY K 39 -48.91 -9.45 -42.92
C GLY K 39 -47.66 -10.23 -42.56
N ILE K 40 -46.73 -9.59 -41.86
CA ILE K 40 -45.44 -10.21 -41.60
C ILE K 40 -45.16 -10.11 -40.12
N GLN K 41 -44.24 -10.92 -39.60
CA GLN K 41 -43.85 -10.79 -38.21
C GLN K 41 -42.35 -10.90 -38.07
N ILE K 42 -41.69 -9.83 -37.63
CA ILE K 42 -40.24 -9.87 -37.35
C ILE K 42 -39.93 -9.29 -35.98
N GLY K 43 -39.23 -10.01 -35.14
CA GLY K 43 -38.92 -9.52 -33.80
C GLY K 43 -37.54 -8.92 -33.64
N VAL K 44 -37.43 -7.99 -32.70
CA VAL K 44 -36.14 -7.37 -32.37
C VAL K 44 -35.56 -7.91 -31.07
N ALA K 45 -34.28 -8.25 -31.10
CA ALA K 45 -33.58 -8.81 -29.95
C ALA K 45 -32.32 -8.01 -29.67
N PHE K 46 -31.91 -7.96 -28.41
CA PHE K 46 -30.63 -7.38 -28.06
C PHE K 46 -29.67 -8.38 -27.41
N PRO K 47 -28.86 -9.07 -28.24
CA PRO K 47 -28.02 -10.18 -27.79
C PRO K 47 -26.84 -9.73 -26.93
N GLU K 48 -26.63 -8.42 -26.86
CA GLU K 48 -25.54 -7.85 -26.07
C GLU K 48 -26.08 -7.01 -24.92
N TRP K 49 -27.35 -7.24 -24.60
CA TRP K 49 -28.03 -6.53 -23.51
C TRP K 49 -27.28 -6.67 -22.18
N SER K 50 -27.19 -5.59 -21.44
CA SER K 50 -26.58 -5.58 -20.12
C SER K 50 -27.40 -4.74 -19.16
N ASP K 51 -27.07 -4.80 -17.87
CA ASP K 51 -27.83 -4.00 -16.91
C ASP K 51 -27.30 -2.56 -16.91
N ARG K 52 -26.04 -2.39 -17.29
CA ARG K 52 -25.41 -1.08 -17.31
C ARG K 52 -25.63 -0.32 -18.61
N ASP K 53 -25.67 -1.04 -19.73
CA ASP K 53 -25.82 -0.41 -21.03
C ASP K 53 -26.69 -1.23 -21.98
N LEU K 54 -26.95 -0.68 -23.15
CA LEU K 54 -27.75 -1.35 -24.17
C LEU K 54 -26.94 -2.34 -25.01
N GLY K 55 -25.66 -2.03 -25.22
CA GLY K 55 -24.79 -2.88 -26.01
C GLY K 55 -24.60 -2.37 -27.43
N ARG K 56 -23.50 -2.78 -28.05
CA ARG K 56 -23.16 -2.33 -29.39
C ARG K 56 -23.60 -3.27 -30.52
N SER K 57 -24.68 -4.01 -30.32
CA SER K 57 -25.16 -4.86 -31.39
C SER K 57 -26.67 -5.13 -31.37
N ILE K 58 -27.22 -5.47 -32.52
CA ILE K 58 -28.65 -5.71 -32.69
C ILE K 58 -28.87 -6.94 -33.55
N ALA K 59 -29.97 -7.65 -33.31
CA ALA K 59 -30.32 -8.81 -34.14
C ALA K 59 -31.81 -8.87 -34.45
N PHE K 60 -32.15 -9.48 -35.58
CA PHE K 60 -33.55 -9.67 -35.97
C PHE K 60 -33.88 -11.15 -36.06
N VAL K 61 -35.08 -11.52 -35.62
CA VAL K 61 -35.50 -12.91 -35.63
C VAL K 61 -36.89 -13.10 -36.25
N SER K 62 -37.01 -14.08 -37.11
CA SER K 62 -38.32 -14.47 -37.66
C SER K 62 -38.41 -15.94 -38.05
N THR K 63 -39.49 -16.29 -38.72
CA THR K 63 -39.79 -17.67 -39.11
C THR K 63 -39.71 -17.95 -40.62
N ASN K 64 -39.83 -16.90 -41.43
CA ASN K 64 -39.78 -17.03 -42.89
C ASN K 64 -38.45 -16.63 -43.53
N LYS K 65 -37.66 -17.63 -43.87
CA LYS K 65 -36.32 -17.41 -44.42
C LYS K 65 -36.26 -16.46 -45.61
N SER K 66 -37.14 -16.71 -46.59
CA SER K 66 -37.14 -15.95 -47.83
C SER K 66 -37.50 -14.48 -47.62
N LEU K 67 -38.36 -14.22 -46.64
CA LEU K 67 -38.74 -12.86 -46.31
C LEU K 67 -37.61 -12.12 -45.60
N LEU K 68 -36.97 -12.81 -44.65
CA LEU K 68 -35.87 -12.22 -43.93
C LEU K 68 -34.71 -11.82 -44.84
N GLU K 69 -34.49 -12.61 -45.91
CA GLU K 69 -33.48 -12.28 -46.90
C GLU K 69 -33.79 -10.95 -47.58
N ARG K 70 -35.06 -10.75 -47.92
CA ARG K 70 -35.50 -9.49 -48.53
C ARG K 70 -35.23 -8.29 -47.63
N PHE K 71 -35.41 -8.46 -46.32
CA PHE K 71 -35.16 -7.39 -45.38
C PHE K 71 -33.68 -7.05 -45.37
N ARG K 72 -32.85 -8.08 -45.36
CA ARG K 72 -31.39 -7.92 -45.32
C ARG K 72 -30.87 -7.14 -46.51
N GLU K 73 -31.60 -7.23 -47.63
CA GLU K 73 -31.24 -6.55 -48.88
C GLU K 73 -31.58 -5.06 -48.93
N ARG K 74 -32.23 -4.55 -47.88
CA ARG K 74 -32.57 -3.13 -47.82
C ARG K 74 -31.32 -2.27 -47.92
N SER K 75 -31.41 -1.24 -48.75
CA SER K 75 -30.26 -0.42 -49.15
C SER K 75 -29.47 0.22 -48.01
N TYR K 76 -30.15 0.64 -46.96
CA TYR K 76 -29.45 1.27 -45.84
C TYR K 76 -28.36 0.35 -45.29
N PHE K 77 -28.70 -0.91 -45.06
CA PHE K 77 -27.75 -1.83 -44.46
C PHE K 77 -26.57 -2.04 -45.38
N GLN K 78 -26.85 -2.12 -46.69
CA GLN K 78 -25.83 -2.35 -47.70
C GLN K 78 -24.82 -1.22 -47.80
N VAL K 79 -25.29 0.01 -47.63
CA VAL K 79 -24.44 1.20 -47.63
C VAL K 79 -23.54 1.26 -46.41
N MET K 80 -24.11 1.01 -45.24
CA MET K 80 -23.37 1.06 -44.00
C MET K 80 -22.29 0.03 -43.90
N GLN K 81 -22.51 -1.12 -44.52
CA GLN K 81 -21.46 -2.13 -44.66
C GLN K 81 -20.34 -1.74 -45.60
N ALA K 82 -20.71 -1.21 -46.75
CA ALA K 82 -19.75 -0.76 -47.76
C ALA K 82 -18.75 0.28 -47.27
N ASP K 83 -19.20 1.17 -46.38
CA ASP K 83 -18.34 2.18 -45.79
C ASP K 83 -17.66 1.78 -44.51
N ASN K 84 -17.75 0.51 -44.17
CA ASN K 84 -17.14 -0.06 -42.99
C ASN K 84 -17.57 0.55 -41.69
N PHE K 85 -18.88 0.71 -41.55
CA PHE K 85 -19.50 1.11 -40.30
C PHE K 85 -20.07 -0.13 -39.62
N PHE K 86 -20.74 -0.98 -40.41
CA PHE K 86 -21.36 -2.22 -39.96
C PHE K 86 -20.61 -3.48 -40.34
N ALA K 87 -20.71 -4.47 -39.48
CA ALA K 87 -20.31 -5.83 -39.75
C ALA K 87 -21.64 -6.59 -39.81
N LEU K 88 -21.91 -7.23 -40.93
CA LEU K 88 -23.11 -8.04 -41.12
C LEU K 88 -22.83 -9.54 -41.12
N SER K 89 -23.76 -10.31 -40.58
CA SER K 89 -23.75 -11.76 -40.68
C SER K 89 -24.67 -12.20 -41.83
N LEU K 90 -24.62 -13.49 -42.15
CA LEU K 90 -25.60 -14.09 -43.05
C LEU K 90 -26.80 -14.63 -42.27
N VAL K 91 -27.88 -14.86 -43.00
CA VAL K 91 -29.05 -15.55 -42.47
C VAL K 91 -28.79 -17.03 -42.24
N LEU K 92 -29.10 -17.51 -41.03
CA LEU K 92 -28.91 -18.90 -40.66
C LEU K 92 -29.99 -19.30 -39.67
N GLU K 93 -30.10 -20.60 -39.42
CA GLU K 93 -31.07 -21.14 -38.47
C GLU K 93 -30.73 -20.85 -37.01
N VAL K 94 -31.75 -20.50 -36.24
CA VAL K 94 -31.62 -20.35 -34.79
C VAL K 94 -31.39 -21.67 -34.06
N PRO K 95 -30.32 -21.73 -33.26
CA PRO K 95 -29.98 -22.90 -32.43
C PRO K 95 -31.15 -23.36 -31.56
N ASP K 96 -31.27 -24.68 -31.38
CA ASP K 96 -32.38 -25.26 -30.65
C ASP K 96 -32.09 -25.44 -29.16
N THR K 97 -31.00 -24.86 -28.68
CA THR K 97 -30.60 -25.00 -27.28
C THR K 97 -30.42 -23.66 -26.58
N CYS K 98 -31.55 -23.00 -26.30
CA CYS K 98 -31.54 -21.68 -25.70
C CYS K 98 -32.84 -21.40 -24.96
N GLN K 99 -32.92 -20.22 -24.34
CA GLN K 99 -34.13 -19.79 -23.61
C GLN K 99 -34.65 -18.46 -24.18
N ASN K 100 -35.95 -18.24 -23.99
CA ASN K 100 -36.63 -17.03 -24.45
C ASN K 100 -36.80 -15.87 -23.48
N VAL K 101 -36.87 -14.67 -24.05
CA VAL K 101 -37.11 -13.45 -23.30
C VAL K 101 -38.15 -12.64 -24.07
N ARG K 102 -38.76 -11.66 -23.40
CA ARG K 102 -39.85 -10.88 -24.00
C ARG K 102 -39.42 -9.62 -24.74
N PHE K 103 -38.56 -8.82 -24.09
CA PHE K 103 -38.33 -7.42 -24.46
C PHE K 103 -39.61 -6.58 -24.55
N ILE K 104 -40.38 -6.57 -23.47
CA ILE K 104 -41.53 -5.68 -23.35
C ILE K 104 -41.17 -4.21 -23.14
N ARG K 105 -41.95 -3.33 -23.74
CA ARG K 105 -41.76 -1.90 -23.59
C ARG K 105 -42.83 -1.36 -22.66
N ASN K 106 -42.48 -0.35 -21.87
CA ASN K 106 -43.38 0.14 -20.84
C ASN K 106 -43.65 1.64 -20.98
N GLN K 107 -44.89 1.96 -21.34
CA GLN K 107 -45.31 3.35 -21.52
C GLN K 107 -45.72 3.98 -20.19
N ASN K 108 -45.87 3.14 -19.17
CA ASN K 108 -46.25 3.62 -17.84
C ASN K 108 -45.19 4.57 -17.29
N LEU K 109 -43.96 4.40 -17.73
CA LEU K 109 -42.82 5.18 -17.26
C LEU K 109 -42.92 6.63 -17.71
N ALA K 110 -43.80 6.90 -18.66
CA ALA K 110 -44.01 8.25 -19.14
C ALA K 110 -44.49 9.12 -17.97
N LYS K 111 -45.21 8.50 -17.05
CA LYS K 111 -45.85 9.21 -15.95
C LYS K 111 -44.84 9.71 -14.91
N LEU K 112 -43.57 9.38 -15.10
CA LEU K 112 -42.52 9.85 -14.22
C LEU K 112 -42.10 11.28 -14.56
N PHE K 113 -42.51 11.77 -15.72
CA PHE K 113 -42.08 13.08 -16.19
C PHE K 113 -43.21 14.11 -16.22
N VAL K 114 -42.88 15.35 -15.89
CA VAL K 114 -43.87 16.40 -15.73
C VAL K 114 -44.76 16.60 -16.95
N GLY K 115 -44.17 16.53 -18.13
CA GLY K 115 -44.92 16.76 -19.36
C GLY K 115 -46.10 15.84 -19.50
N GLU K 116 -45.96 14.61 -19.01
CA GLU K 116 -47.03 13.63 -19.13
C GLU K 116 -48.18 13.94 -18.18
N ARG K 117 -47.84 14.33 -16.95
CA ARG K 117 -48.85 14.68 -15.97
C ARG K 117 -49.67 15.89 -16.40
N ARG K 118 -49.01 16.86 -17.02
CA ARG K 118 -49.70 18.05 -17.52
C ARG K 118 -50.76 17.67 -18.56
N ARG K 119 -50.38 16.83 -19.51
CA ARG K 119 -51.30 16.42 -20.57
C ARG K 119 -52.48 15.63 -20.03
N ARG K 120 -52.20 14.74 -19.07
CA ARG K 120 -53.24 13.90 -18.48
C ARG K 120 -54.31 14.74 -17.80
N LEU K 121 -53.88 15.75 -17.04
CA LEU K 121 -54.81 16.62 -16.33
C LEU K 121 -55.56 17.55 -17.28
N ALA K 122 -54.89 18.07 -18.31
CA ALA K 122 -55.59 18.96 -19.21
C ALA K 122 -56.76 18.23 -19.85
N ARG K 123 -56.54 16.98 -20.22
CA ARG K 123 -57.60 16.22 -20.81
C ARG K 123 -58.68 15.94 -19.79
N ALA K 124 -58.29 15.56 -18.58
CA ALA K 124 -59.27 15.32 -17.52
C ALA K 124 -60.18 16.49 -17.18
N LYS K 125 -59.65 17.71 -17.21
CA LYS K 125 -60.48 18.88 -16.96
C LYS K 125 -61.52 19.00 -18.03
N ARG K 126 -61.09 18.97 -19.27
CA ARG K 126 -62.00 19.14 -20.39
C ARG K 126 -63.07 18.06 -20.41
N ARG K 127 -62.66 16.83 -20.10
CA ARG K 127 -63.56 15.69 -20.07
C ARG K 127 -64.68 15.82 -19.06
N ALA K 128 -64.49 16.64 -18.04
CA ALA K 128 -65.53 16.78 -17.02
C ALA K 128 -66.72 17.59 -17.48
N LYS K 129 -66.55 18.37 -18.53
CA LYS K 129 -67.64 19.25 -18.95
C LYS K 129 -68.83 18.42 -19.38
N ALA K 130 -68.55 17.27 -19.97
CA ALA K 130 -69.63 16.40 -20.41
C ALA K 130 -70.42 15.93 -19.21
N ARG K 131 -69.74 15.74 -18.08
CA ARG K 131 -70.40 15.26 -16.87
C ARG K 131 -71.09 16.41 -16.15
N GLY K 132 -70.56 17.61 -16.31
CA GLY K 132 -71.13 18.80 -15.69
C GLY K 132 -70.74 19.00 -14.25
N GLU K 133 -69.78 18.22 -13.77
CA GLU K 133 -69.38 18.30 -12.39
C GLU K 133 -68.20 19.24 -12.36
N ALA K 134 -67.91 19.81 -11.20
CA ALA K 134 -66.74 20.67 -11.08
C ALA K 134 -65.52 19.77 -11.23
N PHE K 135 -64.46 20.32 -11.81
CA PHE K 135 -63.17 19.62 -11.90
C PHE K 135 -62.45 19.49 -10.59
N GLN K 136 -62.39 18.26 -10.09
CA GLN K 136 -61.87 18.01 -8.76
C GLN K 136 -60.92 16.86 -8.84
N PRO K 137 -59.70 17.11 -9.28
CA PRO K 137 -58.72 16.03 -9.40
C PRO K 137 -58.19 15.53 -8.06
N HIS K 138 -57.77 14.27 -7.98
CA HIS K 138 -57.22 13.68 -6.74
C HIS K 138 -55.87 12.96 -6.86
N MET K 139 -54.80 13.55 -6.35
CA MET K 139 -53.45 13.02 -6.51
C MET K 139 -53.05 11.88 -5.58
N PRO K 140 -52.16 10.98 -6.08
CA PRO K 140 -51.54 9.77 -5.51
C PRO K 140 -50.41 10.06 -4.54
N ASP K 141 -49.83 9.05 -3.90
CA ASP K 141 -48.78 9.36 -2.93
C ASP K 141 -47.41 9.63 -3.53
N GLU K 142 -46.44 9.93 -2.66
CA GLU K 142 -45.11 10.36 -3.07
C GLU K 142 -44.09 9.30 -3.52
N THR K 143 -44.30 8.01 -3.26
CA THR K 143 -43.29 7.00 -3.62
C THR K 143 -43.68 5.87 -4.59
N LYS K 144 -42.85 5.67 -5.62
CA LYS K 144 -43.07 4.62 -6.58
C LYS K 144 -41.79 3.82 -6.71
N VAL K 145 -41.92 2.57 -7.12
CA VAL K 145 -40.80 1.68 -7.43
C VAL K 145 -40.92 1.12 -8.84
N VAL K 146 -39.87 1.28 -9.64
CA VAL K 146 -39.85 0.76 -11.01
C VAL K 146 -38.62 -0.08 -11.31
N GLY K 147 -38.69 -0.86 -12.39
CA GLY K 147 -37.57 -1.70 -12.80
C GLY K 147 -36.56 -0.96 -13.66
N VAL K 148 -35.51 -1.66 -14.08
CA VAL K 148 -34.48 -1.04 -14.91
C VAL K 148 -34.91 -0.97 -16.36
N PHE K 149 -34.62 0.16 -17.00
CA PHE K 149 -34.93 0.34 -18.42
C PHE K 149 -33.86 1.13 -19.17
N HIS K 150 -33.79 0.94 -20.48
CA HIS K 150 -32.87 1.72 -21.30
C HIS K 150 -33.66 2.54 -22.32
N SER K 151 -33.03 3.59 -22.85
CA SER K 151 -33.70 4.45 -23.82
C SER K 151 -33.21 4.25 -25.24
N VAL K 152 -34.14 4.40 -26.20
CA VAL K 152 -33.80 4.47 -27.61
C VAL K 152 -34.40 5.74 -28.21
N PHE K 153 -33.60 6.47 -28.97
CA PHE K 153 -34.05 7.76 -29.52
C PHE K 153 -34.85 7.57 -30.80
N MET K 154 -36.05 8.14 -30.85
CA MET K 154 -36.94 7.91 -32.00
C MET K 154 -37.48 9.19 -32.63
N GLN K 155 -37.55 9.20 -33.96
CA GLN K 155 -38.19 10.28 -34.69
C GLN K 155 -39.65 9.94 -34.98
N SER K 156 -40.50 10.97 -35.03
CA SER K 156 -41.91 10.77 -35.36
C SER K 156 -42.09 10.39 -36.83
N ALA K 157 -43.20 9.72 -37.12
CA ALA K 157 -43.61 9.38 -38.47
C ALA K 157 -44.48 10.42 -39.19
N SER K 158 -43.89 11.08 -40.18
CA SER K 158 -44.48 12.20 -40.90
C SER K 158 -44.97 13.37 -40.05
N SER K 159 -44.22 13.73 -39.02
CA SER K 159 -44.59 14.88 -38.18
C SER K 159 -43.37 15.64 -37.67
N GLY K 160 -43.61 16.56 -36.75
CA GLY K 160 -42.60 17.48 -36.27
C GLY K 160 -42.00 17.16 -34.91
N GLN K 161 -42.23 15.93 -34.46
CA GLN K 161 -41.86 15.50 -33.12
C GLN K 161 -40.78 14.43 -33.04
N SER K 162 -40.13 14.36 -31.88
CA SER K 162 -39.27 13.24 -31.51
C SER K 162 -39.54 12.83 -30.07
N TYR K 163 -39.23 11.58 -29.73
CA TYR K 163 -39.53 11.04 -28.42
C TYR K 163 -38.67 9.82 -28.07
N ILE K 164 -38.86 9.27 -26.89
CA ILE K 164 -38.03 8.17 -26.42
C ILE K 164 -38.82 6.87 -26.23
N LEU K 165 -38.23 5.75 -26.61
CA LEU K 165 -38.77 4.43 -26.28
C LEU K 165 -38.07 3.87 -25.04
N HIS K 166 -38.86 3.33 -24.11
CA HIS K 166 -38.32 2.82 -22.84
C HIS K 166 -38.42 1.30 -22.78
N ILE K 167 -37.28 0.64 -22.81
CA ILE K 167 -37.26 -0.80 -22.95
C ILE K 167 -36.87 -1.55 -21.69
N GLN K 168 -37.66 -2.54 -21.32
CA GLN K 168 -37.40 -3.38 -20.19
C GLN K 168 -37.16 -4.78 -20.71
N LYS K 169 -36.49 -5.63 -19.93
CA LYS K 169 -36.31 -7.03 -20.31
C LYS K 169 -36.98 -8.04 -19.38
N HIS K 170 -38.00 -8.73 -19.84
CA HIS K 170 -38.62 -9.75 -18.99
C HIS K 170 -38.33 -11.14 -19.46
N ARG K 171 -38.27 -12.07 -18.51
CA ARG K 171 -38.04 -13.48 -18.77
C ARG K 171 -39.38 -14.02 -19.24
N TYR K 172 -39.26 -14.91 -20.21
CA TYR K 172 -40.35 -15.68 -20.80
C TYR K 172 -41.02 -16.75 -19.99
N GLU K 173 -42.33 -16.79 -20.17
CA GLU K 173 -43.18 -17.81 -19.61
C GLU K 173 -44.17 -18.14 -20.71
N ARG K 174 -44.40 -19.42 -20.97
CA ARG K 174 -45.19 -19.79 -22.14
C ARG K 174 -46.68 -20.00 -22.02
N SER K 175 -47.41 -19.30 -22.89
CA SER K 175 -48.85 -19.39 -22.99
C SER K 175 -49.39 -18.81 -24.28
N GLU K 176 -50.64 -19.12 -24.56
CA GLU K 176 -51.38 -18.55 -25.70
C GLU K 176 -50.82 -18.66 -27.12
N ASP K 177 -50.87 -17.54 -27.83
CA ASP K 177 -50.42 -17.41 -29.22
C ASP K 177 -49.73 -16.06 -29.34
N SER K 178 -49.00 -15.87 -30.43
CA SER K 178 -48.25 -14.62 -30.54
C SER K 178 -48.63 -13.55 -31.55
N GLY K 179 -48.01 -12.41 -31.33
CA GLY K 179 -48.01 -11.24 -32.16
C GLY K 179 -47.00 -10.19 -31.71
N TYR K 180 -46.42 -9.47 -32.66
CA TYR K 180 -45.43 -8.43 -32.36
C TYR K 180 -46.00 -7.06 -32.69
N SER K 181 -45.53 -6.05 -31.98
CA SER K 181 -45.94 -4.67 -32.26
C SER K 181 -45.23 -4.14 -33.49
N SER K 182 -45.58 -2.93 -33.89
CA SER K 182 -45.10 -2.36 -35.15
C SER K 182 -43.58 -2.19 -35.11
N TYR K 183 -43.00 -2.21 -33.91
CA TYR K 183 -41.56 -2.05 -33.72
C TYR K 183 -40.87 -3.39 -33.40
N GLY K 184 -41.67 -4.44 -33.45
CA GLY K 184 -41.17 -5.77 -33.22
C GLY K 184 -40.94 -5.89 -31.73
N LEU K 185 -41.63 -5.08 -30.95
CA LEU K 185 -41.43 -5.11 -29.52
C LEU K 185 -42.60 -5.81 -28.92
N ALA K 186 -42.48 -6.27 -27.68
CA ALA K 186 -43.65 -6.83 -26.99
C ALA K 186 -44.42 -5.83 -26.14
N SER K 187 -45.70 -6.08 -25.90
CA SER K 187 -46.43 -5.17 -25.03
C SER K 187 -46.75 -5.89 -23.75
N ASN K 188 -47.13 -5.15 -22.73
CA ASN K 188 -47.46 -5.78 -21.47
C ASN K 188 -48.67 -6.68 -21.62
N ASP K 189 -49.68 -6.19 -22.33
CA ASP K 189 -50.87 -7.00 -22.52
C ASP K 189 -51.37 -6.93 -23.95
N LEU K 190 -51.92 -8.06 -24.40
CA LEU K 190 -52.46 -8.23 -25.73
C LEU K 190 -51.52 -7.97 -26.88
N TYR K 191 -50.30 -8.45 -26.73
CA TYR K 191 -49.23 -8.40 -27.71
C TYR K 191 -48.17 -9.31 -27.16
N THR K 192 -48.36 -10.60 -27.43
CA THR K 192 -47.51 -11.66 -26.95
C THR K 192 -46.57 -12.20 -28.01
N GLY K 193 -45.31 -12.30 -27.66
CA GLY K 193 -44.28 -12.78 -28.54
C GLY K 193 -43.02 -12.91 -27.74
N TYR K 194 -41.98 -13.45 -28.34
CA TYR K 194 -40.77 -13.66 -27.60
C TYR K 194 -39.67 -13.82 -28.58
N VAL K 195 -38.44 -13.70 -28.11
CA VAL K 195 -37.31 -13.96 -28.94
C VAL K 195 -36.37 -14.82 -28.14
N PRO K 196 -35.54 -15.62 -28.81
CA PRO K 196 -34.48 -16.40 -28.18
C PRO K 196 -33.40 -15.53 -27.63
N ASP K 197 -32.85 -15.76 -26.45
CA ASP K 197 -31.79 -14.83 -26.02
C ASP K 197 -30.41 -15.21 -26.50
N LEU K 198 -30.14 -14.88 -27.75
CA LEU K 198 -28.97 -15.35 -28.46
C LEU K 198 -27.73 -14.60 -28.06
N GLY K 199 -27.37 -14.63 -26.79
CA GLY K 199 -26.09 -14.09 -26.34
C GLY K 199 -25.01 -15.12 -26.61
N ALA K 200 -25.45 -16.32 -26.95
CA ALA K 200 -24.60 -17.44 -27.34
C ALA K 200 -24.07 -17.22 -28.75
N ILE K 201 -23.04 -17.98 -29.12
CA ILE K 201 -22.44 -17.97 -30.48
C ILE K 201 -22.37 -16.57 -31.04
N PHE K 202 -21.87 -15.62 -30.27
CA PHE K 202 -21.74 -14.30 -30.80
C PHE K 202 -20.34 -14.06 -31.35
N SER K 203 -19.52 -15.09 -31.30
CA SER K 203 -18.14 -15.01 -31.77
C SER K 203 -18.11 -14.89 -33.29
N THR K 204 -19.27 -15.05 -33.92
CA THR K 204 -19.43 -14.96 -35.37
C THR K 204 -19.29 -13.57 -36.01
N LEU K 205 -19.31 -12.51 -35.21
CA LEU K 205 -19.08 -11.16 -35.71
C LEU K 205 -17.95 -10.47 -34.96
N PRO L 7 22.47 46.18 -76.69
CA PRO L 7 21.13 45.68 -76.99
C PRO L 7 20.19 46.25 -75.96
N GLU L 8 19.02 46.74 -76.36
CA GLU L 8 18.03 47.09 -75.35
C GLU L 8 17.12 45.91 -75.02
N PRO L 9 16.64 45.85 -73.78
CA PRO L 9 15.73 44.79 -73.36
C PRO L 9 14.38 45.01 -73.99
N PHE L 10 13.62 43.95 -74.18
CA PHE L 10 12.22 44.14 -74.56
C PHE L 10 11.37 44.18 -73.30
N ALA L 11 10.24 44.88 -73.39
CA ALA L 11 9.28 45.02 -72.29
C ALA L 11 8.78 43.72 -71.71
N ASP L 12 8.68 42.72 -72.58
CA ASP L 12 8.31 41.33 -72.30
C ASP L 12 9.40 40.26 -72.42
N GLU L 13 10.66 40.64 -72.31
CA GLU L 13 11.78 39.71 -72.46
C GLU L 13 12.23 38.97 -71.20
N ALA L 14 12.62 37.71 -71.38
CA ALA L 14 13.15 36.88 -70.30
C ALA L 14 14.56 37.28 -70.00
N LEU L 15 15.01 37.06 -68.78
CA LEU L 15 16.35 37.44 -68.43
C LEU L 15 17.38 36.71 -69.27
N GLU L 16 17.19 35.41 -69.47
CA GLU L 16 18.13 34.62 -70.28
C GLU L 16 18.22 35.03 -71.73
N SER L 17 17.11 35.45 -72.31
CA SER L 17 17.09 35.95 -73.68
C SER L 17 17.98 37.16 -73.86
N TYR L 18 17.88 38.11 -72.96
CA TYR L 18 18.68 39.33 -73.04
C TYR L 18 20.15 39.01 -72.96
N PHE L 19 20.52 38.16 -72.01
CA PHE L 19 21.92 37.80 -71.87
C PHE L 19 22.45 37.05 -73.07
N LEU L 20 21.66 36.17 -73.63
CA LEU L 20 22.13 35.48 -74.81
C LEU L 20 22.37 36.47 -75.93
N ARG L 21 21.42 37.37 -76.14
CA ARG L 21 21.62 38.37 -77.17
C ARG L 21 22.84 39.22 -76.93
N LEU L 22 23.08 39.62 -75.69
CA LEU L 22 24.20 40.47 -75.35
C LEU L 22 25.54 39.84 -75.70
N SER L 23 25.70 38.56 -75.36
CA SER L 23 26.95 37.87 -75.61
C SER L 23 27.18 37.87 -77.10
N GLN L 24 26.14 37.53 -77.83
CA GLN L 24 26.23 37.36 -79.27
C GLN L 24 26.47 38.70 -79.94
N GLU L 25 25.82 39.74 -79.41
CA GLU L 25 25.94 41.07 -80.02
C GLU L 25 27.39 41.52 -79.99
N ASN L 26 28.12 41.13 -78.93
CA ASN L 26 29.51 41.54 -78.80
C ASN L 26 30.41 40.53 -79.50
N GLY L 27 29.82 39.57 -80.20
CA GLY L 27 30.62 38.56 -80.88
C GLY L 27 31.11 37.36 -80.09
N PHE L 28 30.64 37.26 -78.86
CA PHE L 28 31.06 36.27 -77.90
C PHE L 28 30.09 35.13 -78.20
N GLU L 29 30.30 34.51 -79.36
CA GLU L 29 29.44 33.44 -79.84
C GLU L 29 29.78 32.03 -79.33
N ARG L 30 31.06 31.75 -79.17
CA ARG L 30 31.48 30.39 -78.80
C ARG L 30 31.42 30.08 -77.31
N TYR L 31 31.43 28.79 -76.99
CA TYR L 31 31.32 28.36 -75.62
C TYR L 31 32.41 29.00 -74.82
N ARG L 32 33.64 28.89 -75.33
CA ARG L 32 34.78 29.24 -74.52
C ARG L 32 34.75 30.73 -74.23
N ILE L 33 34.40 31.53 -75.22
CA ILE L 33 34.27 32.95 -74.93
C ILE L 33 33.01 33.29 -74.13
N PHE L 34 31.97 32.48 -74.26
CA PHE L 34 30.84 32.64 -73.33
C PHE L 34 31.29 32.37 -71.91
N SER L 35 32.13 31.35 -71.71
CA SER L 35 32.56 31.12 -70.37
C SER L 35 33.33 32.34 -69.96
N GLY L 36 34.30 32.70 -70.80
CA GLY L 36 35.20 33.83 -70.57
C GLY L 36 34.76 35.27 -70.38
N SER L 37 34.05 35.75 -71.40
CA SER L 37 33.53 37.11 -71.47
C SER L 37 32.54 37.30 -70.35
N VAL L 38 32.01 36.20 -69.85
CA VAL L 38 31.11 36.24 -68.71
C VAL L 38 31.89 36.05 -67.38
N GLN L 39 32.31 34.83 -67.11
CA GLN L 39 32.76 34.39 -65.79
C GLN L 39 34.11 34.91 -65.31
N ASP L 40 35.06 35.01 -66.23
CA ASP L 40 36.42 35.43 -65.96
C ASP L 40 36.44 36.91 -65.76
N TRP L 41 35.69 37.66 -66.56
CA TRP L 41 35.61 39.10 -66.35
C TRP L 41 35.05 39.33 -64.95
N LEU L 42 33.97 38.61 -64.61
CA LEU L 42 33.33 38.78 -63.31
C LEU L 42 34.34 38.47 -62.20
N HIS L 43 35.12 37.42 -62.39
CA HIS L 43 36.08 37.00 -61.39
C HIS L 43 37.10 38.10 -61.11
N THR L 44 37.54 38.74 -62.19
CA THR L 44 38.50 39.82 -62.15
C THR L 44 37.94 41.13 -61.64
N THR L 45 36.62 41.29 -61.60
CA THR L 45 36.04 42.41 -60.86
C THR L 45 36.20 42.11 -59.39
N ASP L 46 35.57 41.02 -58.98
CA ASP L 46 35.70 40.47 -57.65
C ASP L 46 35.39 38.98 -57.72
N HIS L 47 35.94 38.22 -56.78
CA HIS L 47 35.86 36.77 -56.77
C HIS L 47 34.44 36.21 -56.50
N ALA L 48 33.65 36.94 -55.73
CA ALA L 48 32.27 36.57 -55.39
C ALA L 48 31.25 36.57 -56.54
N ALA L 49 31.40 37.52 -57.46
CA ALA L 49 30.55 37.60 -58.63
C ALA L 49 30.61 36.38 -59.55
N ALA L 50 31.78 35.74 -59.58
CA ALA L 50 32.03 34.45 -60.28
C ALA L 50 31.70 33.16 -59.52
N GLY L 51 32.03 33.11 -58.23
CA GLY L 51 31.73 31.95 -57.40
C GLY L 51 30.25 31.66 -57.31
N ALA L 52 29.45 32.71 -57.38
CA ALA L 52 28.00 32.57 -57.37
C ALA L 52 27.42 32.36 -58.76
N PHE L 53 28.28 32.28 -59.77
CA PHE L 53 27.84 32.30 -61.16
C PHE L 53 28.21 31.10 -62.03
N PRO L 54 27.38 30.06 -62.02
CA PRO L 54 27.64 28.91 -62.86
C PRO L 54 27.36 29.35 -64.27
N LEU L 55 27.92 28.65 -65.24
CA LEU L 55 27.80 29.06 -66.63
C LEU L 55 26.53 28.60 -67.35
N GLU L 56 26.10 27.37 -67.11
CA GLU L 56 25.00 26.84 -67.90
C GLU L 56 23.80 27.77 -67.80
N LEU L 57 23.14 28.02 -68.92
CA LEU L 57 22.03 28.96 -68.92
C LEU L 57 20.84 28.68 -68.01
N SER L 58 20.39 27.43 -67.92
CA SER L 58 19.22 27.17 -67.10
C SER L 58 19.45 27.56 -65.64
N ARG L 59 20.67 27.28 -65.17
CA ARG L 59 21.12 27.55 -63.82
C ARG L 59 21.23 29.01 -63.40
N LEU L 60 21.27 29.93 -64.35
CA LEU L 60 21.49 31.34 -64.07
C LEU L 60 20.40 32.09 -63.30
N ASN L 61 19.13 31.74 -63.48
CA ASN L 61 18.04 32.43 -62.79
C ASN L 61 17.85 32.17 -61.31
N ILE L 62 17.38 33.19 -60.61
CA ILE L 62 17.24 33.12 -59.15
C ILE L 62 16.43 31.99 -58.54
N PHE L 63 15.33 31.60 -59.16
CA PHE L 63 14.46 30.59 -58.57
C PHE L 63 14.99 29.19 -58.75
N HIS L 64 16.16 29.11 -59.36
CA HIS L 64 16.93 27.89 -59.51
C HIS L 64 18.02 27.86 -58.44
N ALA L 65 18.23 29.01 -57.83
CA ALA L 65 19.33 29.21 -56.91
C ALA L 65 19.05 28.77 -55.50
N SER L 66 20.14 28.58 -54.75
CA SER L 66 20.09 28.36 -53.32
C SER L 66 20.18 29.65 -52.48
N ARG L 67 20.91 29.56 -51.38
CA ARG L 67 21.05 30.66 -50.42
C ARG L 67 21.85 31.91 -50.81
N SER L 68 22.94 31.76 -51.56
CA SER L 68 23.80 32.89 -51.87
C SER L 68 23.32 33.78 -53.01
N SER L 69 22.07 34.22 -52.92
CA SER L 69 21.45 35.02 -53.97
C SER L 69 22.05 36.41 -54.08
N GLY L 70 22.36 37.02 -52.94
CA GLY L 70 22.90 38.36 -52.92
C GLY L 70 24.18 38.49 -53.71
N LEU L 71 24.99 37.44 -53.73
CA LEU L 71 26.24 37.44 -54.45
C LEU L 71 25.94 37.34 -55.93
N ARG L 72 24.91 36.57 -56.31
CA ARG L 72 24.52 36.51 -57.70
C ARG L 72 24.01 37.86 -58.16
N VAL L 73 23.30 38.55 -57.28
CA VAL L 73 22.80 39.88 -57.58
C VAL L 73 23.95 40.84 -57.82
N ARG L 74 24.98 40.73 -57.00
CA ARG L 74 26.13 41.59 -57.20
C ARG L 74 26.63 41.46 -58.62
N ALA L 75 26.64 40.23 -59.14
CA ALA L 75 27.02 40.03 -60.51
C ALA L 75 26.09 40.74 -61.46
N LEU L 76 24.80 40.78 -61.16
CA LEU L 76 23.90 41.51 -62.04
C LEU L 76 24.21 43.01 -62.00
N GLN L 77 24.57 43.49 -60.82
CA GLN L 77 24.97 44.88 -60.63
C GLN L 77 26.24 45.30 -61.36
N LEU L 78 27.20 44.39 -61.48
CA LEU L 78 28.38 44.65 -62.29
C LEU L 78 28.03 44.85 -63.77
N VAL L 79 27.09 44.05 -64.27
CA VAL L 79 26.60 44.17 -65.63
C VAL L 79 25.89 45.51 -65.84
N ASP L 80 25.09 45.91 -64.84
CA ASP L 80 24.38 47.19 -64.85
C ASP L 80 25.35 48.33 -65.00
N ARG L 81 26.51 48.24 -64.35
CA ARG L 81 27.52 49.27 -64.67
C ARG L 81 28.18 49.16 -66.05
N LEU L 82 28.59 47.94 -66.42
CA LEU L 82 29.27 47.74 -67.69
C LEU L 82 28.43 48.13 -68.88
N THR L 83 27.13 47.88 -68.78
CA THR L 83 26.21 48.10 -69.90
C THR L 83 25.48 49.42 -69.86
N ASP L 84 25.94 50.35 -69.03
CA ASP L 84 25.36 51.69 -68.87
C ASP L 84 23.90 51.57 -68.45
N GLY L 85 23.64 50.84 -67.37
CA GLY L 85 22.26 50.73 -66.91
C GLY L 85 21.76 51.52 -65.72
N ALA L 86 20.84 50.88 -65.02
CA ALA L 86 20.16 51.40 -63.84
C ALA L 86 20.12 50.26 -62.82
N PRO L 87 20.19 50.58 -61.53
CA PRO L 87 20.25 49.45 -60.60
C PRO L 87 19.15 48.38 -60.67
N PHE L 88 17.96 48.67 -61.19
CA PHE L 88 16.92 47.64 -61.23
C PHE L 88 16.45 47.26 -62.63
N ARG L 89 17.26 47.61 -63.61
CA ARG L 89 16.91 47.38 -65.00
C ARG L 89 16.79 45.89 -65.28
N LEU L 90 17.65 45.10 -64.67
CA LEU L 90 17.58 43.65 -64.86
C LEU L 90 16.74 42.99 -63.79
N LEU L 91 16.75 43.57 -62.61
CA LEU L 91 16.03 42.97 -61.51
C LEU L 91 14.53 43.03 -61.71
N GLN L 92 14.03 43.99 -62.47
CA GLN L 92 12.63 43.94 -62.83
C GLN L 92 12.30 42.72 -63.70
N LEU L 93 13.29 42.12 -64.34
CA LEU L 93 12.98 40.93 -65.14
C LEU L 93 13.11 39.53 -64.49
N ALA L 94 14.00 39.39 -63.51
CA ALA L 94 14.24 38.10 -62.81
C ALA L 94 13.11 37.48 -61.98
N LEU L 95 13.08 36.13 -61.95
CA LEU L 95 12.10 35.33 -61.21
C LEU L 95 12.62 34.87 -59.86
N CYS L 96 12.07 35.41 -58.77
CA CYS L 96 12.61 35.12 -57.44
C CYS L 96 11.68 34.36 -56.51
N HIS L 97 12.14 34.05 -55.30
CA HIS L 97 11.33 33.30 -54.33
C HIS L 97 10.28 34.19 -53.74
N SER L 98 9.02 33.81 -53.86
CA SER L 98 7.97 34.63 -53.29
C SER L 98 7.98 34.61 -51.78
N ALA L 99 7.55 35.69 -51.16
CA ALA L 99 7.47 35.68 -49.73
C ALA L 99 6.13 35.05 -49.36
N ILE L 100 5.28 34.82 -50.36
CA ILE L 100 3.95 34.26 -50.13
C ILE L 100 3.77 32.75 -50.46
N SER L 101 3.37 31.96 -49.47
CA SER L 101 3.27 30.51 -49.59
C SER L 101 2.34 29.95 -50.63
N PHE L 102 1.34 30.73 -51.03
CA PHE L 102 0.27 30.36 -52.01
C PHE L 102 -0.51 29.11 -51.60
N GLY L 103 -0.65 28.89 -50.30
CA GLY L 103 -1.41 27.77 -49.76
C GLY L 103 -0.63 26.50 -49.52
N ASN L 104 -0.91 25.85 -48.40
CA ASN L 104 -0.35 24.53 -48.03
C ASN L 104 1.19 24.42 -48.10
N HIS L 105 1.93 25.50 -47.85
CA HIS L 105 3.40 25.64 -47.99
C HIS L 105 3.93 25.34 -49.43
N TYR L 106 3.19 25.63 -50.51
CA TYR L 106 3.71 25.38 -51.86
C TYR L 106 4.83 26.34 -52.17
N LYS L 107 5.79 25.97 -53.00
CA LYS L 107 6.71 26.99 -53.47
C LYS L 107 6.04 27.84 -54.56
N ALA L 108 6.22 29.15 -54.52
CA ALA L 108 5.67 29.99 -55.58
C ALA L 108 6.72 30.99 -56.07
N VAL L 109 6.70 31.34 -57.35
CA VAL L 109 7.74 32.25 -57.84
C VAL L 109 7.33 33.65 -58.28
N HIS L 110 8.03 34.68 -57.81
CA HIS L 110 7.65 36.09 -58.00
C HIS L 110 8.37 36.94 -59.06
N ARG L 111 7.65 37.45 -60.05
CA ARG L 111 8.26 38.35 -61.04
C ARG L 111 7.56 39.73 -61.15
N SER L 112 8.13 40.76 -60.52
CA SER L 112 7.61 42.11 -60.57
C SER L 112 6.13 42.19 -60.46
N GLY L 113 5.57 41.66 -59.38
CA GLY L 113 4.14 41.80 -59.17
C GLY L 113 3.20 40.63 -59.44
N VAL L 114 3.66 39.62 -60.14
CA VAL L 114 2.82 38.47 -60.40
C VAL L 114 3.50 37.26 -59.82
N ASP L 115 2.79 36.52 -58.98
CA ASP L 115 3.33 35.28 -58.46
C ASP L 115 2.69 34.08 -59.10
N ILE L 116 3.52 33.16 -59.59
CA ILE L 116 3.04 31.99 -60.29
C ILE L 116 3.59 30.79 -59.56
N PRO L 117 2.72 29.86 -59.16
CA PRO L 117 3.10 28.62 -58.51
C PRO L 117 4.17 27.86 -59.24
N LEU L 118 5.08 27.21 -58.51
CA LEU L 118 6.22 26.49 -59.11
C LEU L 118 5.78 25.56 -60.22
N SER L 119 4.65 24.91 -60.04
CA SER L 119 4.23 23.88 -60.97
C SER L 119 3.85 24.38 -62.35
N PHE L 120 3.67 25.68 -62.53
CA PHE L 120 3.21 26.14 -63.83
C PHE L 120 4.37 26.65 -64.69
N ILE L 121 5.58 26.50 -64.18
CA ILE L 121 6.75 26.93 -64.90
C ILE L 121 7.12 25.83 -65.88
N ARG L 122 7.13 26.17 -67.16
CA ARG L 122 7.41 25.20 -68.22
C ARG L 122 8.88 24.98 -68.32
N VAL L 123 9.45 24.20 -67.42
CA VAL L 123 10.89 24.08 -67.36
C VAL L 123 11.52 23.51 -68.62
N HIS L 124 10.90 22.52 -69.24
CA HIS L 124 11.51 21.90 -70.42
C HIS L 124 10.70 22.07 -71.69
N GLN L 125 11.34 21.91 -72.83
CA GLN L 125 10.65 22.02 -74.13
C GLN L 125 9.93 23.35 -74.41
N ILE L 126 10.64 24.47 -74.35
CA ILE L 126 10.05 25.77 -74.69
C ILE L 126 9.70 25.82 -76.16
N PRO L 127 8.43 26.09 -76.49
CA PRO L 127 7.97 26.22 -77.86
C PRO L 127 8.19 27.61 -78.37
N CYS L 128 7.83 27.89 -79.62
CA CYS L 128 7.95 29.21 -80.20
C CYS L 128 6.87 29.51 -81.23
N CYS L 129 6.72 30.78 -81.59
CA CYS L 129 5.72 31.21 -82.58
C CYS L 129 6.47 31.93 -83.68
N PRO L 130 6.76 31.24 -84.81
CA PRO L 130 7.44 31.82 -85.97
C PRO L 130 6.85 33.13 -86.50
N ASP L 131 5.55 33.33 -86.31
CA ASP L 131 4.89 34.52 -86.81
C ASP L 131 5.18 35.76 -86.02
N CYS L 132 5.82 35.59 -84.88
CA CYS L 132 6.26 36.74 -84.15
C CYS L 132 7.78 36.72 -84.17
N LEU L 133 8.38 35.54 -84.23
CA LEU L 133 9.85 35.52 -84.28
C LEU L 133 10.42 36.18 -85.50
N ARG L 134 9.74 36.04 -86.64
CA ARG L 134 10.22 36.84 -87.76
C ARG L 134 10.19 38.35 -87.64
N GLU L 135 9.44 38.90 -86.70
CA GLU L 135 9.44 40.36 -86.50
C GLU L 135 10.47 40.85 -85.50
N SER L 136 10.75 40.07 -84.47
CA SER L 136 11.80 40.46 -83.56
C SER L 136 12.30 39.21 -82.89
N ALA L 137 13.49 38.76 -83.24
CA ALA L 137 13.88 37.44 -82.82
C ALA L 137 14.58 37.42 -81.47
N TYR L 138 13.82 37.12 -80.43
CA TYR L 138 14.35 36.97 -79.09
C TYR L 138 13.36 36.09 -78.37
N VAL L 139 13.82 35.14 -77.55
CA VAL L 139 12.85 34.29 -76.87
C VAL L 139 12.12 35.22 -75.94
N ARG L 140 10.79 35.18 -76.01
CA ARG L 140 9.98 36.09 -75.22
C ARG L 140 9.39 35.42 -74.02
N GLN L 141 8.91 36.23 -73.09
CA GLN L 141 8.24 35.75 -71.90
C GLN L 141 6.81 35.33 -72.25
N CYS L 142 6.16 34.62 -71.33
CA CYS L 142 4.80 34.02 -71.46
C CYS L 142 4.78 32.77 -72.31
N TRP L 143 5.93 32.14 -72.47
CA TRP L 143 6.01 30.87 -73.19
C TRP L 143 6.33 29.85 -72.12
N HIS L 144 7.19 30.26 -71.20
CA HIS L 144 7.53 29.49 -70.00
C HIS L 144 6.37 29.14 -69.10
N PHE L 145 5.14 29.35 -69.53
CA PHE L 145 4.02 29.05 -68.69
C PHE L 145 3.34 27.81 -69.21
N LYS L 146 3.05 26.89 -68.29
CA LYS L 146 2.35 25.67 -68.63
C LYS L 146 0.94 25.91 -69.14
N PRO L 147 0.21 26.79 -68.48
CA PRO L 147 -1.14 27.07 -68.94
C PRO L 147 -1.13 28.07 -70.07
N TYR L 148 -0.51 27.75 -71.19
CA TYR L 148 -0.47 28.70 -72.29
C TYR L 148 -0.18 28.00 -73.60
N VAL L 149 -1.22 27.60 -74.31
CA VAL L 149 -0.98 27.00 -75.61
C VAL L 149 -1.59 27.87 -76.68
N GLY L 150 -0.92 28.00 -77.81
CA GLY L 150 -1.40 28.89 -78.86
C GLY L 150 -0.97 30.32 -78.54
N CYS L 151 -1.63 31.29 -79.14
CA CYS L 151 -1.27 32.68 -78.93
C CYS L 151 -2.40 33.61 -79.21
N HIS L 152 -2.30 34.84 -78.71
CA HIS L 152 -3.15 35.90 -79.21
C HIS L 152 -2.47 36.33 -80.52
N ARG L 153 -3.28 36.92 -81.42
CA ARG L 153 -2.92 37.40 -82.77
C ARG L 153 -2.40 36.28 -83.66
N HIS L 154 -1.76 36.70 -84.75
CA HIS L 154 -1.05 35.82 -85.67
C HIS L 154 -1.91 34.74 -86.34
N GLY L 155 -3.23 34.92 -86.36
CA GLY L 155 -4.09 33.87 -86.87
C GLY L 155 -4.34 32.79 -85.83
N GLY L 156 -3.84 33.00 -84.61
CA GLY L 156 -3.96 32.02 -83.57
C GLY L 156 -3.14 30.77 -83.85
N ARG L 157 -3.81 29.61 -83.88
CA ARG L 157 -3.28 28.24 -84.06
C ARG L 157 -2.40 27.81 -82.90
N LEU L 158 -1.43 26.95 -83.15
CA LEU L 158 -0.65 26.43 -82.06
C LEU L 158 0.74 27.02 -82.06
N ILE L 159 1.34 27.10 -80.89
CA ILE L 159 2.71 27.51 -80.75
C ILE L 159 3.43 26.34 -81.40
N TYR L 160 4.43 26.60 -82.23
CA TYR L 160 5.06 25.49 -82.91
C TYR L 160 5.88 24.82 -81.81
N SER L 161 5.53 23.54 -81.56
CA SER L 161 6.00 22.72 -80.46
C SER L 161 7.40 22.08 -80.69
N CYS L 162 8.06 21.59 -79.63
CA CYS L 162 9.40 21.00 -79.64
C CYS L 162 10.04 20.12 -80.75
N PRO L 163 9.29 19.20 -81.37
CA PRO L 163 9.91 18.38 -82.40
C PRO L 163 9.82 19.11 -83.73
N ALA L 164 10.66 20.11 -83.96
CA ALA L 164 10.53 20.80 -85.23
C ALA L 164 10.79 19.89 -86.40
N CYS L 165 11.88 19.13 -86.33
CA CYS L 165 12.25 18.23 -87.41
C CYS L 165 12.97 16.98 -86.94
N GLY L 166 12.28 16.08 -86.25
CA GLY L 166 12.92 14.86 -85.79
C GLY L 166 14.14 15.08 -84.91
N GLU L 167 14.03 16.05 -84.01
CA GLU L 167 15.09 16.42 -83.09
C GLU L 167 14.43 17.31 -82.05
N SER L 168 14.30 16.89 -80.80
CA SER L 168 13.67 17.81 -79.84
C SER L 168 14.34 19.18 -79.71
N LEU L 169 13.56 20.26 -79.72
CA LEU L 169 14.11 21.59 -79.48
C LEU L 169 13.81 22.28 -78.14
N ASN L 170 14.74 23.17 -77.73
CA ASN L 170 14.60 24.25 -76.74
C ASN L 170 15.73 25.26 -77.02
N TYR L 171 15.74 26.40 -76.32
CA TYR L 171 16.83 27.35 -76.40
C TYR L 171 17.87 27.33 -75.28
N LEU L 172 17.72 26.49 -74.28
CA LEU L 172 18.75 26.49 -73.25
C LEU L 172 19.89 25.49 -73.28
N ALA L 173 19.66 24.29 -73.78
CA ALA L 173 20.73 23.31 -73.81
C ALA L 173 21.48 23.56 -75.13
N SER L 174 20.89 24.37 -76.03
CA SER L 174 21.39 24.74 -77.42
C SER L 174 20.99 26.17 -77.90
N GLU L 175 21.82 27.19 -77.52
CA GLU L 175 21.45 28.59 -77.43
C GLU L 175 21.34 29.38 -78.73
N SER L 176 20.53 28.91 -79.66
CA SER L 176 20.26 29.70 -80.83
C SER L 176 18.78 30.03 -80.91
N ILE L 177 18.48 31.16 -81.51
CA ILE L 177 17.10 31.61 -81.64
C ILE L 177 16.34 31.24 -82.91
N ASN L 178 16.90 31.54 -84.08
CA ASN L 178 16.19 31.25 -85.33
C ASN L 178 16.11 29.80 -85.79
N HIS L 179 17.20 29.09 -85.49
CA HIS L 179 17.42 27.69 -85.81
C HIS L 179 18.09 26.94 -84.68
N CYS L 180 17.96 25.63 -84.63
CA CYS L 180 18.60 24.91 -83.54
C CYS L 180 19.16 23.58 -84.00
N GLN L 181 20.40 23.31 -83.57
CA GLN L 181 21.13 22.10 -83.91
C GLN L 181 21.16 21.79 -85.42
N CYS L 182 20.52 20.68 -85.75
CA CYS L 182 20.44 20.15 -87.11
C CYS L 182 19.43 20.88 -88.00
N GLY L 183 18.56 21.69 -87.41
CA GLY L 183 17.40 22.27 -88.06
C GLY L 183 17.57 23.55 -88.87
N PHE L 184 16.45 24.11 -89.33
CA PHE L 184 16.53 25.28 -90.18
C PHE L 184 15.96 26.49 -89.49
N ASP L 185 16.03 27.62 -90.19
CA ASP L 185 15.50 28.86 -89.67
C ASP L 185 14.00 28.64 -89.66
N LEU L 186 13.42 28.64 -88.47
CA LEU L 186 12.03 28.20 -88.37
C LEU L 186 10.96 29.18 -88.78
N ARG L 187 10.72 29.17 -90.07
CA ARG L 187 9.71 29.96 -90.70
C ARG L 187 8.92 28.88 -91.39
N THR L 188 8.24 28.04 -90.63
CA THR L 188 7.92 26.70 -91.12
C THR L 188 6.59 26.66 -91.83
N PRO L 196 -11.64 23.81 -82.50
CA PRO L 196 -10.44 24.23 -81.81
C PRO L 196 -10.32 25.74 -81.77
N ASP L 197 -11.08 26.35 -80.87
CA ASP L 197 -11.18 27.80 -80.81
C ASP L 197 -11.47 28.28 -79.38
N GLU L 198 -10.80 27.65 -78.41
CA GLU L 198 -10.87 28.05 -77.02
C GLU L 198 -9.54 28.48 -76.43
N ILE L 199 -8.41 28.05 -76.99
CA ILE L 199 -7.14 28.24 -76.29
C ILE L 199 -6.72 29.71 -76.33
N GLN L 200 -7.28 30.47 -77.26
CA GLN L 200 -6.96 31.87 -77.41
C GLN L 200 -7.51 32.64 -76.21
N LEU L 201 -8.43 32.01 -75.47
CA LEU L 201 -8.94 32.58 -74.23
C LEU L 201 -8.05 32.12 -73.09
N SER L 202 -7.62 30.86 -73.13
CA SER L 202 -6.69 30.30 -72.12
C SER L 202 -5.36 31.02 -72.16
N ALA L 203 -5.01 31.50 -73.35
CA ALA L 203 -3.82 32.26 -73.63
C ALA L 203 -3.69 33.50 -72.75
N LEU L 204 -4.80 34.06 -72.26
CA LEU L 204 -4.74 35.29 -71.50
C LEU L 204 -4.27 35.11 -70.02
N ALA L 205 -3.04 34.63 -69.88
CA ALA L 205 -2.26 34.66 -68.66
C ALA L 205 -1.12 35.67 -68.83
N TYR L 206 -0.88 36.12 -70.06
CA TYR L 206 0.13 37.14 -70.35
C TYR L 206 -0.37 38.54 -70.02
N GLY L 207 -1.68 38.63 -69.91
CA GLY L 207 -2.42 39.85 -69.69
C GLY L 207 -3.88 39.47 -69.52
N CYS L 208 -4.72 40.44 -69.22
CA CYS L 208 -6.11 40.11 -68.97
C CYS L 208 -6.93 40.64 -70.15
N SER L 209 -7.07 41.95 -70.24
CA SER L 209 -7.77 42.57 -71.37
C SER L 209 -9.19 42.11 -71.59
N PHE L 210 -9.97 41.90 -70.54
CA PHE L 210 -11.36 41.58 -70.84
C PHE L 210 -12.47 42.56 -70.59
N GLU L 211 -13.59 42.50 -71.36
CA GLU L 211 -14.78 43.32 -71.18
C GLU L 211 -15.99 42.38 -71.17
N SER L 212 -17.10 42.79 -70.57
CA SER L 212 -18.34 42.00 -70.53
C SER L 212 -18.04 40.64 -69.90
N SER L 213 -17.24 40.75 -68.85
CA SER L 213 -16.77 39.67 -68.03
C SER L 213 -17.81 39.04 -67.11
N ASN L 214 -18.84 38.43 -67.65
CA ASN L 214 -19.87 37.81 -66.82
C ASN L 214 -19.39 36.69 -65.87
N PRO L 215 -18.56 35.75 -66.35
CA PRO L 215 -18.00 34.78 -65.40
C PRO L 215 -17.08 35.29 -64.31
N LEU L 216 -17.13 34.66 -63.15
CA LEU L 216 -16.28 35.00 -62.01
C LEU L 216 -14.79 34.77 -62.24
N LEU L 217 -14.44 33.97 -63.24
CA LEU L 217 -13.06 33.85 -63.72
C LEU L 217 -12.59 34.92 -64.72
N ALA L 218 -13.50 35.76 -65.24
CA ALA L 218 -13.16 36.79 -66.22
C ALA L 218 -12.73 38.16 -65.68
N ILE L 219 -12.51 38.34 -64.38
CA ILE L 219 -12.03 39.66 -63.94
C ILE L 219 -10.81 39.56 -63.03
N GLY L 220 -10.12 40.68 -62.82
CA GLY L 220 -8.99 40.67 -61.90
C GLY L 220 -7.55 40.70 -62.38
N SER L 221 -6.67 40.75 -61.39
CA SER L 221 -5.23 40.87 -61.51
C SER L 221 -4.77 39.48 -61.94
N LEU L 222 -3.59 39.35 -62.51
CA LEU L 222 -3.14 38.00 -62.90
C LEU L 222 -2.92 36.99 -61.79
N SER L 223 -2.43 37.40 -60.63
CA SER L 223 -2.18 36.42 -59.58
C SER L 223 -3.45 35.68 -59.17
N ALA L 224 -4.56 36.39 -59.13
CA ALA L 224 -5.81 35.75 -58.83
C ALA L 224 -6.19 34.81 -59.95
N ARG L 225 -5.94 35.19 -61.20
CA ARG L 225 -6.36 34.37 -62.32
C ARG L 225 -5.61 33.08 -62.35
N PHE L 226 -4.37 33.12 -61.88
CA PHE L 226 -3.54 31.94 -61.72
C PHE L 226 -4.03 31.05 -60.59
N GLY L 227 -4.32 31.65 -59.45
CA GLY L 227 -4.79 30.87 -58.33
C GLY L 227 -6.07 30.16 -58.60
N ALA L 228 -6.98 30.77 -59.31
CA ALA L 228 -8.25 30.12 -59.59
C ALA L 228 -8.05 28.84 -60.38
N LEU L 229 -7.06 28.79 -61.26
CA LEU L 229 -6.83 27.63 -62.09
C LEU L 229 -6.19 26.54 -61.30
N TYR L 230 -5.27 26.90 -60.41
CA TYR L 230 -4.62 25.91 -59.60
C TYR L 230 -5.65 25.16 -58.80
N TRP L 231 -6.57 25.90 -58.15
CA TRP L 231 -7.69 25.32 -57.38
C TRP L 231 -8.60 24.41 -58.15
N TYR L 232 -9.02 24.84 -59.32
CA TYR L 232 -9.80 23.99 -60.19
C TYR L 232 -9.13 22.69 -60.49
N GLN L 233 -7.87 22.73 -60.87
CA GLN L 233 -7.12 21.52 -61.15
C GLN L 233 -7.02 20.47 -60.06
N GLN L 234 -6.66 20.81 -58.84
CA GLN L 234 -6.55 19.77 -57.84
C GLN L 234 -7.90 19.15 -57.52
N ARG L 235 -8.91 20.00 -57.51
CA ARG L 235 -10.25 19.57 -57.22
C ARG L 235 -11.01 18.77 -58.27
N TYR L 236 -10.87 19.11 -59.54
CA TYR L 236 -11.54 18.32 -60.56
C TYR L 236 -10.73 17.52 -61.59
N LEU L 237 -9.42 17.67 -61.60
CA LEU L 237 -8.57 16.97 -62.55
C LEU L 237 -7.68 16.06 -61.74
N SER L 238 -8.31 15.17 -60.98
CA SER L 238 -7.63 14.28 -60.05
C SER L 238 -6.87 13.16 -60.76
N ASP L 239 -7.19 13.01 -62.03
CA ASP L 239 -6.57 12.02 -62.85
C ASP L 239 -5.11 12.41 -62.86
N HIS L 240 -4.24 11.39 -62.82
CA HIS L 240 -2.79 11.57 -62.80
C HIS L 240 -2.32 12.30 -64.04
N GLU L 241 -1.31 13.15 -63.87
CA GLU L 241 -0.74 13.86 -65.01
C GLU L 241 -0.41 12.99 -66.20
N ALA L 242 -0.92 13.48 -67.33
CA ALA L 242 -0.76 12.89 -68.64
C ALA L 242 -0.33 13.98 -69.61
N VAL L 243 0.26 15.02 -69.04
CA VAL L 243 0.79 16.14 -69.80
C VAL L 243 -0.19 16.51 -70.90
N ARG L 244 -1.45 16.66 -70.50
CA ARG L 244 -2.48 17.12 -71.39
C ARG L 244 -2.53 18.56 -71.01
N ASP L 245 -1.41 19.24 -71.15
CA ASP L 245 -1.25 20.56 -70.57
C ASP L 245 -2.25 21.56 -71.15
N ASP L 246 -2.57 21.37 -72.43
CA ASP L 246 -3.54 22.20 -73.09
C ASP L 246 -4.96 21.77 -72.77
N ARG L 247 -5.25 20.50 -73.04
CA ARG L 247 -6.63 20.04 -72.93
C ARG L 247 -7.17 19.97 -71.51
N ALA L 248 -6.29 19.62 -70.58
CA ALA L 248 -6.72 19.47 -69.22
C ALA L 248 -7.27 20.74 -68.62
N LEU L 249 -6.66 21.87 -68.95
CA LEU L 249 -7.08 23.11 -68.36
C LEU L 249 -8.03 23.88 -69.22
N THR L 250 -8.02 23.60 -70.50
CA THR L 250 -8.92 24.27 -71.41
C THR L 250 -10.38 24.36 -71.01
N LYS L 251 -10.88 23.30 -70.39
CA LYS L 251 -12.24 23.24 -69.86
C LYS L 251 -12.63 24.10 -68.65
N ALA L 252 -11.66 24.61 -67.91
CA ALA L 252 -11.98 25.37 -66.72
C ALA L 252 -12.86 26.57 -66.98
N ILE L 253 -12.70 27.28 -68.07
CA ILE L 253 -13.59 28.41 -68.30
C ILE L 253 -15.08 28.11 -68.41
N GLY L 254 -15.47 27.05 -69.10
CA GLY L 254 -16.88 26.73 -69.22
C GLY L 254 -17.48 26.39 -67.88
N HIS L 255 -16.68 25.72 -67.09
CA HIS L 255 -17.04 25.25 -65.77
C HIS L 255 -17.53 26.41 -64.93
N PHE L 256 -16.80 27.51 -64.93
CA PHE L 256 -17.16 28.63 -64.09
C PHE L 256 -18.36 29.44 -64.57
N THR L 257 -18.90 29.17 -65.76
CA THR L 257 -19.95 30.05 -66.31
C THR L 257 -21.26 29.97 -65.62
N ALA L 258 -21.48 28.92 -64.84
CA ALA L 258 -22.76 28.93 -64.14
C ALA L 258 -22.38 28.93 -62.69
N TRP L 259 -21.14 29.30 -62.34
CA TRP L 259 -20.72 29.17 -60.94
C TRP L 259 -21.67 29.78 -59.94
N PRO L 260 -22.12 31.02 -60.21
CA PRO L 260 -22.88 31.54 -59.08
C PRO L 260 -23.99 30.60 -58.68
N ASP L 261 -24.51 29.76 -59.57
CA ASP L 261 -25.52 28.78 -59.19
C ASP L 261 -25.17 27.30 -59.11
N ALA L 262 -23.92 26.93 -59.19
CA ALA L 262 -23.62 25.50 -59.18
C ALA L 262 -22.86 25.16 -57.92
N PHE L 263 -22.06 26.09 -57.44
CA PHE L 263 -21.20 25.80 -56.32
C PHE L 263 -22.02 25.47 -55.14
N TRP L 264 -23.13 26.17 -55.01
CA TRP L 264 -23.92 25.82 -53.89
C TRP L 264 -24.50 24.45 -53.86
N ARG L 265 -24.78 23.90 -55.03
CA ARG L 265 -25.36 22.58 -55.10
C ARG L 265 -24.32 21.55 -54.80
N GLU L 266 -23.08 21.80 -55.20
CA GLU L 266 -22.03 20.89 -54.82
C GLU L 266 -21.92 20.85 -53.30
N LEU L 267 -22.01 21.99 -52.64
CA LEU L 267 -21.97 21.97 -51.20
C LEU L 267 -23.20 21.35 -50.55
N GLN L 268 -24.39 21.56 -51.10
CA GLN L 268 -25.62 21.02 -50.57
C GLN L 268 -25.60 19.52 -50.66
N GLN L 269 -25.08 18.97 -51.75
CA GLN L 269 -25.14 17.53 -51.98
C GLN L 269 -24.49 16.81 -50.85
N MET L 270 -23.39 17.33 -50.34
CA MET L 270 -22.67 16.61 -49.31
C MET L 270 -23.16 16.86 -47.90
N VAL L 271 -24.12 17.76 -47.74
CA VAL L 271 -24.74 17.96 -46.44
C VAL L 271 -25.68 16.76 -46.29
N ASP L 272 -26.42 16.43 -47.33
CA ASP L 272 -27.35 15.33 -47.23
C ASP L 272 -26.69 13.98 -47.19
N ASP L 273 -25.62 13.79 -47.95
CA ASP L 273 -24.96 12.49 -47.96
C ASP L 273 -24.24 12.29 -46.66
N ALA L 274 -23.77 13.37 -46.06
CA ALA L 274 -23.17 13.26 -44.76
C ALA L 274 -24.19 12.97 -43.71
N LEU L 275 -25.34 13.59 -43.81
CA LEU L 275 -26.31 13.45 -42.74
C LEU L 275 -26.79 12.04 -42.49
N VAL L 276 -27.08 11.31 -43.56
CA VAL L 276 -27.55 9.93 -43.51
C VAL L 276 -26.51 8.91 -43.06
N ARG L 277 -25.28 9.36 -42.85
CA ARG L 277 -24.20 8.52 -42.34
C ARG L 277 -23.83 8.92 -40.92
N GLN L 278 -24.63 9.75 -40.31
CA GLN L 278 -24.41 10.28 -38.97
C GLN L 278 -24.27 9.21 -37.90
N THR L 279 -23.26 9.30 -37.02
CA THR L 279 -23.17 8.40 -35.88
C THR L 279 -23.19 9.04 -34.47
N LYS L 280 -22.98 10.34 -34.35
CA LYS L 280 -23.00 11.01 -33.06
C LYS L 280 -23.98 12.14 -33.09
N PRO L 281 -24.46 12.59 -31.93
CA PRO L 281 -25.31 13.79 -32.00
C PRO L 281 -24.47 14.89 -32.63
N LEU L 282 -25.07 15.75 -33.45
CA LEU L 282 -24.30 16.75 -34.18
C LEU L 282 -23.53 17.74 -33.37
N ASN L 283 -23.98 18.14 -32.20
CA ASN L 283 -23.17 19.05 -31.42
C ASN L 283 -21.85 18.55 -30.83
N HIS L 284 -21.45 17.31 -31.07
CA HIS L 284 -20.09 16.87 -30.77
C HIS L 284 -19.38 16.44 -32.06
N THR L 285 -19.95 16.73 -33.25
CA THR L 285 -19.37 16.37 -34.55
C THR L 285 -18.40 17.45 -35.06
N ASP L 286 -17.24 17.10 -35.62
CA ASP L 286 -16.31 18.09 -36.16
C ASP L 286 -16.75 18.73 -37.46
N PHE L 287 -16.61 20.04 -37.63
CA PHE L 287 -17.00 20.60 -38.92
C PHE L 287 -16.44 19.85 -40.09
N VAL L 288 -15.19 19.44 -40.00
CA VAL L 288 -14.51 18.77 -41.10
C VAL L 288 -15.15 17.48 -41.58
N ASP L 289 -15.80 16.73 -40.70
CA ASP L 289 -16.44 15.48 -41.07
C ASP L 289 -17.56 15.65 -42.07
N VAL L 290 -18.10 16.84 -42.17
CA VAL L 290 -19.12 17.02 -43.17
C VAL L 290 -18.59 17.69 -44.41
N PHE L 291 -17.77 18.71 -44.28
CA PHE L 291 -17.38 19.44 -45.49
C PHE L 291 -16.01 19.20 -46.06
N GLY L 292 -15.25 18.30 -45.48
CA GLY L 292 -14.07 17.80 -46.14
C GLY L 292 -12.92 18.74 -46.48
N SER L 293 -12.71 19.70 -45.60
CA SER L 293 -11.72 20.77 -45.77
C SER L 293 -11.93 21.73 -46.92
N VAL L 294 -13.16 21.89 -47.40
CA VAL L 294 -13.33 22.86 -48.48
C VAL L 294 -12.87 24.22 -48.01
N VAL L 295 -12.95 24.50 -46.71
CA VAL L 295 -12.44 25.75 -46.16
C VAL L 295 -10.96 25.95 -46.30
N ALA L 296 -10.16 24.95 -45.99
CA ALA L 296 -8.73 25.12 -46.14
C ALA L 296 -8.33 25.42 -47.57
N ASP L 297 -9.05 24.90 -48.56
CA ASP L 297 -8.65 25.11 -49.93
C ASP L 297 -8.73 26.57 -50.33
N CYS L 298 -9.45 27.37 -49.55
CA CYS L 298 -9.64 28.77 -49.86
C CYS L 298 -8.35 29.52 -49.70
N ARG L 299 -7.36 28.88 -49.07
CA ARG L 299 -6.07 29.48 -48.82
C ARG L 299 -5.09 29.33 -49.98
N GLN L 300 -5.48 28.63 -51.02
CA GLN L 300 -4.60 28.53 -52.17
C GLN L 300 -4.56 29.82 -53.01
N ILE L 301 -5.64 30.59 -53.05
CA ILE L 301 -5.56 31.92 -53.67
C ILE L 301 -4.81 32.76 -52.64
N PRO L 302 -3.74 33.45 -53.04
CA PRO L 302 -3.01 34.18 -52.01
C PRO L 302 -3.64 35.42 -51.33
N MET L 303 -4.72 35.98 -51.84
CA MET L 303 -5.27 37.18 -51.21
C MET L 303 -6.19 36.90 -50.03
N ARG L 304 -6.12 37.73 -49.01
CA ARG L 304 -6.94 37.55 -47.81
C ARG L 304 -8.33 38.14 -47.79
N ASN L 305 -8.60 39.25 -48.46
CA ASN L 305 -9.88 39.92 -48.31
C ASN L 305 -10.94 39.32 -49.20
N THR L 306 -12.18 39.35 -48.75
CA THR L 306 -13.33 38.90 -49.55
C THR L 306 -13.66 39.50 -50.91
N GLY L 307 -13.44 40.79 -51.12
CA GLY L 307 -13.77 41.33 -52.41
C GLY L 307 -12.90 40.90 -53.56
N GLN L 308 -11.76 40.29 -53.30
CA GLN L 308 -10.89 39.85 -54.38
C GLN L 308 -10.83 38.33 -54.49
N ASN L 309 -10.85 37.64 -53.36
CA ASN L 309 -10.80 36.18 -53.34
C ASN L 309 -12.18 35.64 -53.54
N PHE L 310 -12.70 35.65 -54.75
CA PHE L 310 -14.08 35.25 -54.94
C PHE L 310 -14.50 33.84 -54.56
N ILE L 311 -13.59 32.89 -54.48
CA ILE L 311 -13.95 31.55 -53.98
C ILE L 311 -14.43 31.54 -52.54
N LEU L 312 -13.73 32.28 -51.69
CA LEU L 312 -14.09 32.43 -50.30
C LEU L 312 -15.38 33.19 -50.15
N LYS L 313 -15.58 34.20 -50.97
CA LYS L 313 -16.79 34.98 -50.92
C LYS L 313 -18.02 34.14 -51.11
N ASN L 314 -18.04 33.21 -52.06
CA ASN L 314 -19.18 32.32 -52.24
C ASN L 314 -19.36 31.27 -51.16
N LEU L 315 -18.28 30.74 -50.60
CA LEU L 315 -18.44 29.84 -49.51
C LEU L 315 -19.04 30.47 -48.34
N ILE L 316 -18.64 31.68 -47.99
CA ILE L 316 -19.31 32.34 -46.88
C ILE L 316 -20.70 32.62 -47.18
N GLY L 317 -21.05 33.05 -48.36
CA GLY L 317 -22.44 33.30 -48.65
C GLY L 317 -23.36 32.15 -48.33
N PHE L 318 -22.88 31.00 -48.75
CA PHE L 318 -23.60 29.77 -48.53
C PHE L 318 -23.78 29.47 -47.07
N LEU L 319 -22.70 29.52 -46.28
CA LEU L 319 -22.80 29.16 -44.86
C LEU L 319 -23.69 30.09 -44.13
N THR L 320 -23.72 31.36 -44.47
CA THR L 320 -24.64 32.25 -43.81
C THR L 320 -26.06 31.82 -44.04
N ASP L 321 -26.42 31.45 -45.26
CA ASP L 321 -27.77 31.00 -45.50
C ASP L 321 -28.11 29.72 -44.80
N LEU L 322 -27.15 28.82 -44.70
CA LEU L 322 -27.38 27.55 -44.07
C LEU L 322 -27.77 27.72 -42.64
N VAL L 323 -27.09 28.57 -41.91
CA VAL L 323 -27.40 28.83 -40.52
C VAL L 323 -28.77 29.49 -40.38
N ALA L 324 -29.04 30.44 -41.24
CA ALA L 324 -30.30 31.18 -41.23
C ALA L 324 -31.53 30.31 -41.34
N ARG L 325 -31.47 29.21 -42.07
CA ARG L 325 -32.66 28.38 -42.17
C ARG L 325 -32.73 27.28 -41.12
N HIS L 326 -31.79 27.26 -40.18
CA HIS L 326 -31.73 26.28 -39.09
C HIS L 326 -31.49 26.88 -37.71
N PRO L 327 -32.50 27.55 -37.13
CA PRO L 327 -32.44 28.18 -35.81
C PRO L 327 -32.41 27.16 -34.69
N GLN L 328 -31.91 27.55 -33.53
CA GLN L 328 -31.79 26.70 -32.34
C GLN L 328 -33.05 26.16 -31.68
N CYS L 329 -33.07 24.89 -31.30
CA CYS L 329 -34.23 24.25 -30.70
C CYS L 329 -33.75 23.14 -29.74
N ARG L 330 -34.63 22.27 -29.25
CA ARG L 330 -34.22 21.25 -28.27
C ARG L 330 -33.29 20.16 -28.79
N VAL L 331 -33.33 19.85 -30.07
CA VAL L 331 -32.56 18.72 -30.54
C VAL L 331 -31.51 19.44 -31.32
N ALA L 332 -30.28 19.04 -31.23
CA ALA L 332 -29.24 19.65 -32.05
C ALA L 332 -29.39 19.43 -33.58
N ASN L 333 -28.96 20.42 -34.38
CA ASN L 333 -28.97 20.32 -35.85
C ASN L 333 -27.71 20.97 -36.54
N VAL L 334 -27.59 20.98 -37.90
CA VAL L 334 -26.46 21.51 -38.67
C VAL L 334 -26.32 22.96 -38.36
N GLY L 335 -25.11 23.38 -38.07
CA GLY L 335 -24.96 24.74 -37.62
C GLY L 335 -24.38 24.75 -36.24
N ASP L 336 -24.46 23.62 -35.54
CA ASP L 336 -23.85 23.49 -34.26
C ASP L 336 -22.50 22.78 -34.34
N LEU L 337 -21.98 22.59 -35.55
CA LEU L 337 -20.72 21.88 -35.72
C LEU L 337 -19.54 22.61 -35.17
N LEU L 338 -18.51 21.89 -34.77
CA LEU L 338 -17.38 22.57 -34.16
C LEU L 338 -16.28 22.97 -35.15
N LEU L 339 -15.76 24.19 -35.00
CA LEU L 339 -14.65 24.71 -35.81
C LEU L 339 -13.40 24.73 -34.96
N SER L 340 -12.23 24.60 -35.55
CA SER L 340 -10.97 24.80 -34.82
C SER L 340 -10.44 26.20 -34.92
N ALA L 341 -9.41 26.55 -34.17
CA ALA L 341 -8.96 27.94 -34.17
C ALA L 341 -8.53 28.43 -35.57
N VAL L 342 -7.84 27.59 -36.34
CA VAL L 342 -7.38 27.89 -37.67
C VAL L 342 -8.52 28.02 -38.67
N ASP L 343 -9.69 27.51 -38.33
CA ASP L 343 -10.81 27.67 -39.21
C ASP L 343 -11.51 28.94 -39.03
N ALA L 344 -11.64 29.40 -37.80
CA ALA L 344 -12.27 30.69 -37.61
C ALA L 344 -11.37 31.73 -38.23
N ALA L 345 -10.06 31.59 -38.11
CA ALA L 345 -9.16 32.57 -38.67
C ALA L 345 -9.40 32.73 -40.15
N THR L 346 -9.60 31.65 -40.86
CA THR L 346 -9.93 31.74 -42.27
C THR L 346 -11.27 32.36 -42.61
N LEU L 347 -12.31 32.05 -41.86
CA LEU L 347 -13.63 32.60 -42.17
C LEU L 347 -13.73 34.06 -41.78
N LEU L 348 -13.01 34.44 -40.74
CA LEU L 348 -13.00 35.80 -40.23
C LEU L 348 -11.95 36.73 -40.89
N SER L 349 -11.23 36.21 -41.88
CA SER L 349 -10.28 36.96 -42.64
C SER L 349 -9.27 37.64 -41.79
N THR L 350 -8.69 36.88 -40.87
CA THR L 350 -7.68 37.40 -39.95
C THR L 350 -6.75 36.31 -39.44
N SER L 351 -5.55 36.68 -39.03
CA SER L 351 -4.60 35.73 -38.43
C SER L 351 -4.97 35.17 -37.10
N VAL L 352 -4.47 33.98 -36.81
CA VAL L 352 -4.84 33.18 -35.63
C VAL L 352 -4.68 33.82 -34.28
N GLU L 353 -3.59 34.56 -34.11
CA GLU L 353 -3.35 35.21 -32.88
C GLU L 353 -4.47 36.18 -32.62
N GLN L 354 -5.09 36.74 -33.65
CA GLN L 354 -6.17 37.67 -33.39
C GLN L 354 -7.37 36.95 -32.80
N VAL L 355 -7.61 35.71 -33.18
CA VAL L 355 -8.70 34.95 -32.60
C VAL L 355 -8.44 34.69 -31.13
N ARG L 356 -7.22 34.36 -30.76
CA ARG L 356 -6.95 34.19 -29.36
C ARG L 356 -7.23 35.46 -28.63
N ARG L 357 -6.80 36.61 -29.15
CA ARG L 357 -7.13 37.85 -28.48
C ARG L 357 -8.62 38.05 -28.41
N LEU L 358 -9.37 37.76 -29.46
CA LEU L 358 -10.81 37.90 -29.43
C LEU L 358 -11.48 37.01 -28.41
N HIS L 359 -10.96 35.81 -28.17
CA HIS L 359 -11.48 34.93 -27.14
C HIS L 359 -11.22 35.50 -25.80
N HIS L 360 -10.01 35.98 -25.58
CA HIS L 360 -9.64 36.50 -24.29
C HIS L 360 -10.49 37.65 -23.86
N GLU L 361 -10.97 38.46 -24.78
CA GLU L 361 -11.82 39.54 -24.35
C GLU L 361 -13.26 39.14 -24.20
N GLY L 362 -13.61 37.89 -24.46
CA GLY L 362 -14.96 37.54 -24.23
C GLY L 362 -15.92 37.80 -25.31
N PHE L 363 -15.51 37.85 -26.54
CA PHE L 363 -16.45 38.13 -27.56
C PHE L 363 -17.00 36.86 -28.06
N LEU L 364 -16.42 35.73 -27.71
CA LEU L 364 -17.00 34.47 -28.09
C LEU L 364 -16.65 33.41 -27.09
N PRO L 365 -17.57 32.49 -26.84
CA PRO L 365 -17.53 31.31 -25.98
C PRO L 365 -16.73 30.12 -26.44
N LEU L 366 -16.25 29.32 -25.50
CA LEU L 366 -15.51 28.09 -25.78
C LEU L 366 -16.38 26.93 -25.38
N SER L 367 -16.63 25.96 -26.25
CA SER L 367 -17.54 24.87 -25.87
C SER L 367 -17.03 23.57 -25.26
N ILE L 368 -15.75 23.29 -25.32
CA ILE L 368 -15.27 22.03 -24.81
C ILE L 368 -14.40 22.30 -23.62
N ARG L 369 -14.66 21.65 -22.49
CA ARG L 369 -13.79 21.88 -21.34
C ARG L 369 -12.58 20.98 -21.44
N PRO L 370 -11.39 21.59 -21.46
CA PRO L 370 -10.09 20.94 -21.55
C PRO L 370 -9.71 20.47 -20.17
N ALA L 371 -8.77 19.54 -20.04
CA ALA L 371 -8.08 19.26 -18.80
C ALA L 371 -7.14 20.34 -18.36
N SER L 372 -6.87 20.33 -17.07
CA SER L 372 -5.90 21.19 -16.38
C SER L 372 -4.47 20.89 -16.77
N ARG L 373 -3.61 21.89 -16.58
CA ARG L 373 -2.19 21.82 -16.92
C ARG L 373 -2.02 21.34 -18.38
N ASN L 374 -2.80 21.96 -19.25
CA ASN L 374 -2.79 21.62 -20.65
C ASN L 374 -3.12 22.85 -21.46
N THR L 375 -3.15 22.69 -22.76
CA THR L 375 -3.43 23.82 -23.61
C THR L 375 -4.27 23.30 -24.74
N VAL L 376 -5.08 24.15 -25.35
CA VAL L 376 -5.81 23.73 -26.52
C VAL L 376 -5.04 24.17 -27.73
N SER L 377 -4.67 23.22 -28.57
CA SER L 377 -3.91 23.49 -29.78
C SER L 377 -4.81 24.04 -30.87
N PRO L 378 -4.22 24.74 -31.84
CA PRO L 378 -4.90 25.29 -33.01
C PRO L 378 -5.70 24.25 -33.82
N HIS L 379 -5.35 22.98 -33.73
CA HIS L 379 -6.01 22.03 -34.58
C HIS L 379 -7.25 21.45 -33.91
N ARG L 380 -7.46 21.72 -32.63
CA ARG L 380 -8.57 21.14 -31.84
C ARG L 380 -9.89 21.79 -32.21
N ALA L 381 -10.96 21.03 -32.43
CA ALA L 381 -12.23 21.66 -32.80
C ALA L 381 -13.04 22.19 -31.63
N VAL L 382 -13.22 23.51 -31.50
CA VAL L 382 -13.95 24.05 -30.35
C VAL L 382 -14.99 25.18 -30.39
N PHE L 383 -15.30 25.84 -31.50
CA PHE L 383 -16.32 26.92 -31.49
C PHE L 383 -17.52 26.49 -32.30
N HIS L 384 -18.74 26.89 -31.99
CA HIS L 384 -19.85 26.47 -32.82
C HIS L 384 -20.02 27.21 -34.09
N LEU L 385 -20.45 26.59 -35.21
CA LEU L 385 -20.57 27.40 -36.39
C LEU L 385 -21.46 28.59 -36.27
N ARG L 386 -22.65 28.47 -35.70
CA ARG L 386 -23.53 29.62 -35.66
C ARG L 386 -22.95 30.80 -34.92
N HIS L 387 -22.10 30.57 -33.93
CA HIS L 387 -21.45 31.66 -33.20
C HIS L 387 -20.48 32.46 -34.05
N VAL L 388 -19.66 31.80 -34.85
CA VAL L 388 -18.78 32.48 -35.79
C VAL L 388 -19.47 33.23 -36.93
N VAL L 389 -20.50 32.68 -37.52
CA VAL L 389 -21.17 33.36 -38.57
C VAL L 389 -21.76 34.64 -38.05
N GLU L 390 -22.42 34.61 -36.90
CA GLU L 390 -23.02 35.82 -36.34
C GLU L 390 -22.07 36.88 -35.90
N LEU L 391 -21.00 36.50 -35.25
CA LEU L 391 -20.02 37.46 -34.87
C LEU L 391 -19.46 38.15 -36.09
N ARG L 392 -19.12 37.43 -37.15
CA ARG L 392 -18.59 38.10 -38.34
C ARG L 392 -19.51 39.12 -38.91
N GLN L 393 -20.79 38.85 -39.04
CA GLN L 393 -21.70 39.85 -39.59
C GLN L 393 -21.75 41.04 -38.69
N ALA L 394 -21.75 40.81 -37.40
CA ALA L 394 -21.85 41.86 -36.42
C ALA L 394 -20.70 42.79 -36.24
N ARG L 395 -19.47 42.32 -36.26
CA ARG L 395 -18.38 43.24 -36.04
C ARG L 395 -17.14 43.10 -36.90
N MET L 396 -17.19 42.31 -37.95
CA MET L 396 -16.04 42.23 -38.84
C MET L 396 -16.08 42.81 -40.23
N GLN L 397 -17.06 43.61 -40.57
CA GLN L 397 -17.14 44.10 -41.94
C GLN L 397 -16.23 45.29 -42.21
N SER L 398 -15.89 45.55 -43.47
CA SER L 398 -15.05 46.68 -43.86
C SER L 398 -15.42 47.15 -45.25
N HIS L 399 -14.66 48.06 -45.86
CA HIS L 399 -15.02 48.45 -47.20
C HIS L 399 -14.57 47.44 -48.26
N HIS L 400 -13.89 46.38 -47.87
CA HIS L 400 -13.39 45.37 -48.82
C HIS L 400 -14.44 44.37 -49.29
N VAL M 5 -48.11 42.33 -42.82
CA VAL M 5 -48.63 43.58 -42.27
C VAL M 5 -47.63 44.70 -42.44
N ARG M 6 -46.54 44.44 -43.15
CA ARG M 6 -45.58 45.48 -43.43
C ARG M 6 -46.11 46.64 -44.27
N PRO M 7 -45.53 47.81 -44.04
CA PRO M 7 -45.61 49.11 -44.71
C PRO M 7 -44.68 49.13 -45.91
N GLU M 8 -44.78 50.13 -46.77
CA GLU M 8 -43.79 50.33 -47.80
C GLU M 8 -42.40 50.52 -47.20
N PRO M 9 -41.43 49.75 -47.68
CA PRO M 9 -40.04 49.92 -47.33
C PRO M 9 -39.43 50.94 -48.23
N PHE M 10 -38.37 51.61 -47.80
CA PHE M 10 -37.65 52.52 -48.66
C PHE M 10 -36.18 52.11 -48.59
N ALA M 11 -35.41 52.41 -49.61
CA ALA M 11 -33.97 52.18 -49.56
C ALA M 11 -33.07 53.20 -48.89
N ASP M 12 -33.60 54.37 -48.56
CA ASP M 12 -32.80 55.42 -47.96
C ASP M 12 -33.10 55.77 -46.53
N GLU M 13 -33.76 54.91 -45.76
CA GLU M 13 -34.13 55.32 -44.41
C GLU M 13 -33.46 54.58 -43.29
N ALA M 14 -33.41 55.21 -42.12
CA ALA M 14 -32.83 54.62 -40.92
C ALA M 14 -33.68 53.51 -40.33
N LEU M 15 -33.03 52.50 -39.76
CA LEU M 15 -33.72 51.45 -39.01
C LEU M 15 -34.69 51.95 -37.97
N GLU M 16 -34.34 52.96 -37.20
CA GLU M 16 -35.28 53.41 -36.19
C GLU M 16 -36.57 53.92 -36.80
N SER M 17 -36.47 54.62 -37.91
CA SER M 17 -37.67 55.11 -38.56
C SER M 17 -38.56 53.99 -39.02
N TYR M 18 -37.97 52.96 -39.60
CA TYR M 18 -38.76 51.83 -40.00
C TYR M 18 -39.52 51.26 -38.83
N PHE M 19 -38.87 51.05 -37.70
CA PHE M 19 -39.59 50.48 -36.57
C PHE M 19 -40.77 51.32 -36.11
N LEU M 20 -40.62 52.63 -36.04
CA LEU M 20 -41.75 53.43 -35.60
C LEU M 20 -42.92 53.27 -36.53
N ARG M 21 -42.67 53.28 -37.82
CA ARG M 21 -43.74 53.16 -38.78
C ARG M 21 -44.42 51.82 -38.68
N LEU M 22 -43.61 50.78 -38.50
CA LEU M 22 -44.08 49.41 -38.38
C LEU M 22 -45.04 49.18 -37.23
N SER M 23 -44.72 49.74 -36.07
CA SER M 23 -45.58 49.56 -34.90
C SER M 23 -46.90 50.31 -35.02
N GLN M 24 -46.85 51.51 -35.60
CA GLN M 24 -48.03 52.34 -35.73
C GLN M 24 -49.04 51.68 -36.65
N GLU M 25 -48.57 51.06 -37.71
CA GLU M 25 -49.44 50.37 -38.66
C GLU M 25 -50.13 49.17 -38.06
N ASN M 26 -49.66 48.70 -36.91
CA ASN M 26 -50.33 47.64 -36.17
C ASN M 26 -51.24 48.03 -35.01
N GLY M 27 -51.54 49.32 -34.89
CA GLY M 27 -52.53 49.72 -33.92
C GLY M 27 -51.96 49.92 -32.55
N PHE M 28 -50.64 50.05 -32.48
CA PHE M 28 -49.99 50.27 -31.22
C PHE M 28 -49.94 51.76 -31.12
N GLU M 29 -50.21 52.28 -29.94
CA GLU M 29 -50.20 53.72 -29.72
C GLU M 29 -48.87 54.39 -29.42
N ARG M 30 -47.99 53.68 -28.72
CA ARG M 30 -46.71 54.21 -28.30
C ARG M 30 -45.64 53.16 -28.47
N TYR M 31 -44.40 53.57 -28.72
CA TYR M 31 -43.36 52.59 -28.89
C TYR M 31 -43.17 51.69 -27.70
N ARG M 32 -43.19 52.25 -26.51
CA ARG M 32 -42.99 51.47 -25.29
C ARG M 32 -43.96 50.32 -25.13
N ILE M 33 -45.22 50.51 -25.53
CA ILE M 33 -46.19 49.45 -25.55
C ILE M 33 -45.84 48.38 -26.59
N PHE M 34 -45.46 48.80 -27.79
CA PHE M 34 -45.03 47.84 -28.81
C PHE M 34 -43.83 47.02 -28.41
N SER M 35 -42.78 47.67 -27.95
CA SER M 35 -41.57 46.97 -27.58
C SER M 35 -41.81 46.13 -26.34
N GLY M 36 -42.75 46.55 -25.52
CA GLY M 36 -43.06 45.72 -24.39
C GLY M 36 -43.54 44.39 -24.94
N SER M 37 -44.49 44.44 -25.86
CA SER M 37 -45.06 43.25 -26.45
C SER M 37 -44.05 42.34 -27.12
N VAL M 38 -43.15 42.93 -27.89
CA VAL M 38 -42.11 42.16 -28.56
C VAL M 38 -41.18 41.50 -27.60
N GLN M 39 -40.70 42.20 -26.59
CA GLN M 39 -39.75 41.57 -25.68
C GLN M 39 -40.38 40.36 -25.04
N ASP M 40 -41.66 40.46 -24.70
CA ASP M 40 -42.39 39.34 -24.14
C ASP M 40 -42.65 38.22 -25.15
N TRP M 41 -42.90 38.57 -26.39
CA TRP M 41 -43.11 37.51 -27.37
C TRP M 41 -41.88 36.61 -27.45
N LEU M 42 -40.68 37.19 -27.49
CA LEU M 42 -39.43 36.45 -27.65
C LEU M 42 -39.18 35.42 -26.58
N HIS M 43 -39.68 35.64 -25.37
CA HIS M 43 -39.52 34.71 -24.26
C HIS M 43 -40.25 33.41 -24.48
N THR M 44 -41.12 33.32 -25.48
CA THR M 44 -41.65 32.02 -25.87
C THR M 44 -40.74 31.12 -26.72
N THR M 45 -39.65 31.62 -27.30
CA THR M 45 -38.74 30.77 -28.06
C THR M 45 -37.24 30.83 -27.71
N ASP M 46 -36.71 31.97 -27.26
CA ASP M 46 -35.27 32.09 -27.00
C ASP M 46 -34.92 33.11 -25.93
N HIS M 47 -34.71 32.64 -24.73
CA HIS M 47 -34.49 33.55 -23.63
C HIS M 47 -33.24 34.42 -23.69
N ALA M 48 -32.12 33.90 -24.17
CA ALA M 48 -30.96 34.76 -24.39
C ALA M 48 -31.17 35.89 -25.42
N ALA M 49 -31.90 35.62 -26.49
CA ALA M 49 -32.22 36.63 -27.49
C ALA M 49 -33.09 37.74 -26.91
N ALA M 50 -34.08 37.35 -26.10
CA ALA M 50 -35.04 38.20 -25.42
C ALA M 50 -34.31 39.14 -24.49
N GLY M 51 -33.28 38.65 -23.85
CA GLY M 51 -32.53 39.49 -22.95
C GLY M 51 -31.74 40.53 -23.68
N ALA M 52 -31.61 40.37 -24.99
CA ALA M 52 -30.87 41.28 -25.86
C ALA M 52 -31.75 42.26 -26.60
N PHE M 53 -33.00 42.43 -26.26
CA PHE M 53 -33.83 43.41 -26.98
C PHE M 53 -34.47 44.43 -26.07
N PRO M 54 -33.78 45.55 -25.86
CA PRO M 54 -34.16 46.67 -25.02
C PRO M 54 -35.44 47.34 -25.36
N LEU M 55 -36.16 47.83 -24.36
CA LEU M 55 -37.42 48.55 -24.53
C LEU M 55 -37.47 50.00 -25.07
N GLU M 56 -36.42 50.77 -24.85
CA GLU M 56 -36.37 52.16 -25.31
C GLU M 56 -35.74 52.42 -26.66
N LEU M 57 -36.42 53.15 -27.53
CA LEU M 57 -35.98 53.41 -28.89
C LEU M 57 -34.56 53.93 -29.08
N SER M 58 -34.11 54.81 -28.21
CA SER M 58 -32.80 55.42 -28.35
C SER M 58 -31.63 54.48 -28.34
N ARG M 59 -31.80 53.27 -27.86
CA ARG M 59 -30.70 52.34 -27.89
C ARG M 59 -30.89 51.14 -28.80
N LEU M 60 -31.87 51.21 -29.68
CA LEU M 60 -32.14 50.12 -30.60
C LEU M 60 -31.04 49.73 -31.56
N ASN M 61 -30.23 50.67 -32.02
CA ASN M 61 -29.22 50.35 -33.03
C ASN M 61 -28.04 49.51 -32.67
N ILE M 62 -27.64 48.64 -33.56
CA ILE M 62 -26.55 47.72 -33.24
C ILE M 62 -25.26 48.34 -32.81
N PHE M 63 -24.88 49.48 -33.35
CA PHE M 63 -23.54 49.97 -33.04
C PHE M 63 -23.39 50.26 -31.57
N HIS M 64 -24.52 50.36 -30.88
CA HIS M 64 -24.52 50.62 -29.46
C HIS M 64 -24.09 49.50 -28.56
N ALA M 65 -24.13 48.25 -29.01
CA ALA M 65 -23.87 47.14 -28.11
C ALA M 65 -22.49 46.52 -28.17
N SER M 66 -21.76 46.58 -27.06
CA SER M 66 -20.39 46.08 -27.00
C SER M 66 -20.04 44.60 -27.11
N ARG M 67 -20.51 43.74 -26.23
CA ARG M 67 -20.28 42.32 -26.47
C ARG M 67 -21.53 41.52 -26.58
N SER M 68 -22.67 42.19 -26.63
CA SER M 68 -23.87 41.39 -26.73
C SER M 68 -24.51 41.56 -28.09
N SER M 69 -23.77 42.13 -29.04
CA SER M 69 -24.34 42.43 -30.35
C SER M 69 -24.69 41.14 -31.03
N GLY M 70 -23.98 40.09 -30.65
CA GLY M 70 -24.19 38.79 -31.25
C GLY M 70 -25.65 38.44 -31.05
N LEU M 71 -26.09 38.44 -29.81
CA LEU M 71 -27.47 38.12 -29.54
C LEU M 71 -28.40 39.13 -30.12
N ARG M 72 -28.06 40.40 -30.07
CA ARG M 72 -28.93 41.38 -30.70
C ARG M 72 -29.22 41.14 -32.13
N VAL M 73 -28.25 40.72 -32.94
CA VAL M 73 -28.56 40.46 -34.34
C VAL M 73 -29.58 39.34 -34.49
N ARG M 74 -29.39 38.29 -33.71
CA ARG M 74 -30.29 37.14 -33.73
C ARG M 74 -31.68 37.59 -33.48
N ALA M 75 -31.85 38.48 -32.51
CA ALA M 75 -33.16 38.96 -32.15
C ALA M 75 -33.80 39.66 -33.31
N LEU M 76 -33.03 40.41 -34.08
CA LEU M 76 -33.59 41.13 -35.23
C LEU M 76 -34.08 40.18 -36.29
N GLN M 77 -33.36 39.09 -36.47
CA GLN M 77 -33.76 38.07 -37.43
C GLN M 77 -35.04 37.40 -37.03
N LEU M 78 -35.23 37.17 -35.75
CA LEU M 78 -36.49 36.61 -35.33
C LEU M 78 -37.63 37.56 -35.62
N VAL M 79 -37.44 38.86 -35.48
CA VAL M 79 -38.51 39.78 -35.81
C VAL M 79 -38.86 39.69 -37.29
N ASP M 80 -37.85 39.63 -38.13
CA ASP M 80 -38.11 39.58 -39.55
C ASP M 80 -38.98 38.40 -39.84
N ARG M 81 -38.64 37.29 -39.22
CA ARG M 81 -39.30 36.02 -39.48
C ARG M 81 -40.72 35.90 -38.99
N LEU M 82 -40.98 36.41 -37.80
CA LEU M 82 -42.31 36.33 -37.22
C LEU M 82 -43.27 37.30 -37.85
N THR M 83 -42.81 38.43 -38.36
CA THR M 83 -43.76 39.35 -38.96
C THR M 83 -43.98 38.81 -40.36
N ASP M 84 -45.24 38.68 -40.76
CA ASP M 84 -45.54 38.17 -42.08
C ASP M 84 -45.08 38.98 -43.29
N GLY M 85 -44.78 38.24 -44.36
CA GLY M 85 -44.40 38.77 -45.64
C GLY M 85 -43.02 39.36 -45.70
N ALA M 86 -42.00 38.51 -45.55
CA ALA M 86 -40.66 38.99 -45.22
C ALA M 86 -39.58 38.55 -46.20
N PRO M 87 -39.59 39.17 -47.38
CA PRO M 87 -38.63 39.04 -48.48
C PRO M 87 -37.36 39.87 -48.29
N PHE M 88 -37.36 40.74 -47.28
CA PHE M 88 -36.29 41.70 -47.05
C PHE M 88 -35.70 41.80 -45.66
N ARG M 89 -34.37 41.73 -45.58
CA ARG M 89 -33.73 41.66 -44.29
C ARG M 89 -33.63 43.11 -43.82
N LEU M 90 -33.88 43.33 -42.54
CA LEU M 90 -33.81 44.66 -42.00
C LEU M 90 -32.39 44.98 -41.61
N LEU M 91 -31.52 44.00 -41.81
CA LEU M 91 -30.13 44.15 -41.41
C LEU M 91 -29.41 45.11 -42.34
N GLN M 92 -30.08 45.50 -43.41
CA GLN M 92 -29.52 46.40 -44.38
C GLN M 92 -29.80 47.85 -44.00
N LEU M 93 -30.53 48.04 -42.90
CA LEU M 93 -30.92 49.35 -42.43
C LEU M 93 -30.12 49.88 -41.23
N ALA M 94 -29.02 49.26 -40.83
CA ALA M 94 -28.40 49.70 -39.58
C ALA M 94 -26.90 49.71 -39.53
N LEU M 95 -26.33 50.51 -38.63
CA LEU M 95 -24.89 50.59 -38.42
C LEU M 95 -24.27 49.44 -37.70
N CYS M 96 -23.09 48.98 -38.14
CA CYS M 96 -22.31 47.93 -37.47
C CYS M 96 -20.92 48.44 -37.18
N HIS M 97 -20.18 47.83 -36.28
CA HIS M 97 -18.80 48.27 -36.05
C HIS M 97 -18.01 47.93 -37.29
N SER M 98 -17.14 48.80 -37.78
CA SER M 98 -16.34 48.38 -38.94
C SER M 98 -14.98 47.84 -38.62
N ALA M 99 -14.57 46.85 -39.38
CA ALA M 99 -13.25 46.25 -39.28
C ALA M 99 -12.04 47.15 -39.39
N ILE M 100 -12.11 48.22 -40.15
CA ILE M 100 -10.94 49.10 -40.21
C ILE M 100 -10.46 49.80 -38.94
N SER M 101 -11.22 49.73 -37.86
CA SER M 101 -10.80 50.30 -36.57
C SER M 101 -9.57 49.69 -35.86
N PHE M 102 -9.10 48.52 -36.31
CA PHE M 102 -7.87 47.92 -35.75
C PHE M 102 -6.67 48.86 -35.86
N GLY M 103 -5.90 48.93 -34.78
CA GLY M 103 -4.73 49.79 -34.72
C GLY M 103 -5.11 51.19 -34.27
N ASN M 104 -6.40 51.38 -33.99
CA ASN M 104 -6.91 52.66 -33.57
C ASN M 104 -6.62 53.78 -34.56
N HIS M 105 -6.87 53.55 -35.84
CA HIS M 105 -6.68 54.61 -36.80
C HIS M 105 -7.67 55.70 -36.47
N TYR M 106 -8.91 55.24 -36.28
CA TYR M 106 -10.06 55.97 -35.78
C TYR M 106 -11.19 54.93 -35.65
N LYS M 107 -12.26 55.26 -34.95
CA LYS M 107 -13.35 54.31 -34.84
C LYS M 107 -14.20 54.56 -36.04
N ALA M 108 -14.83 53.53 -36.59
CA ALA M 108 -15.75 53.72 -37.69
C ALA M 108 -16.88 52.75 -37.67
N VAL M 109 -17.99 53.11 -38.30
CA VAL M 109 -19.19 52.31 -38.31
C VAL M 109 -19.42 51.98 -39.76
N HIS M 110 -19.96 50.82 -40.07
CA HIS M 110 -20.20 50.42 -41.45
C HIS M 110 -21.63 50.45 -41.88
N ARG M 111 -21.95 50.87 -43.08
CA ARG M 111 -23.29 50.66 -43.56
C ARG M 111 -23.30 50.32 -45.02
N SER M 112 -23.70 49.12 -45.38
CA SER M 112 -23.88 48.74 -46.78
C SER M 112 -22.83 49.19 -47.76
N GLY M 113 -21.56 48.97 -47.42
CA GLY M 113 -20.47 49.34 -48.30
C GLY M 113 -19.69 50.59 -48.04
N VAL M 114 -20.15 51.47 -47.17
CA VAL M 114 -19.37 52.67 -46.90
C VAL M 114 -18.99 52.69 -45.43
N ASP M 115 -17.75 53.00 -45.10
CA ASP M 115 -17.37 53.13 -43.70
C ASP M 115 -17.50 54.58 -43.37
N ILE M 116 -18.08 54.90 -42.22
CA ILE M 116 -18.22 56.29 -41.82
C ILE M 116 -17.40 56.46 -40.56
N PRO M 117 -16.46 57.41 -40.56
CA PRO M 117 -15.74 57.63 -39.32
C PRO M 117 -16.71 57.99 -38.21
N LEU M 118 -16.50 57.47 -37.01
CA LEU M 118 -17.45 57.69 -35.93
C LEU M 118 -17.76 59.11 -35.55
N SER M 119 -16.82 60.02 -35.71
CA SER M 119 -17.03 61.39 -35.29
C SER M 119 -18.04 62.17 -36.09
N PHE M 120 -18.49 61.61 -37.20
CA PHE M 120 -19.42 62.33 -38.06
C PHE M 120 -20.86 61.94 -37.77
N ILE M 121 -21.08 61.15 -36.73
CA ILE M 121 -22.44 60.75 -36.35
C ILE M 121 -23.15 61.72 -35.41
N ARG M 122 -24.36 62.15 -35.74
CA ARG M 122 -25.03 63.11 -34.90
C ARG M 122 -25.44 62.41 -33.65
N VAL M 123 -25.56 63.14 -32.57
CA VAL M 123 -26.08 62.52 -31.34
C VAL M 123 -27.33 63.16 -30.73
N HIS M 124 -27.30 64.45 -30.43
CA HIS M 124 -28.33 65.06 -29.59
C HIS M 124 -29.45 65.80 -30.31
N GLN M 125 -29.26 66.19 -31.56
CA GLN M 125 -30.37 66.81 -32.27
C GLN M 125 -30.43 66.43 -33.71
N ILE M 126 -31.61 66.43 -34.29
CA ILE M 126 -31.78 65.89 -35.61
C ILE M 126 -32.52 66.84 -36.51
N PRO M 127 -31.85 67.38 -37.51
CA PRO M 127 -32.51 68.29 -38.43
C PRO M 127 -33.40 67.51 -39.34
N CYS M 128 -34.30 68.16 -40.04
CA CYS M 128 -35.14 67.47 -41.00
C CYS M 128 -35.54 68.44 -42.08
N CYS M 129 -36.14 67.95 -43.16
CA CYS M 129 -36.60 68.81 -44.27
C CYS M 129 -38.04 68.62 -44.75
N PRO M 130 -38.90 69.58 -44.43
CA PRO M 130 -40.31 69.80 -44.72
C PRO M 130 -40.76 69.66 -46.17
N ASP M 131 -39.92 70.05 -47.12
CA ASP M 131 -40.23 69.83 -48.53
C ASP M 131 -40.08 68.38 -48.94
N CYS M 132 -39.43 67.58 -48.11
CA CYS M 132 -39.34 66.14 -48.35
C CYS M 132 -40.35 65.36 -47.52
N LEU M 133 -40.57 65.81 -46.29
CA LEU M 133 -41.54 65.21 -45.37
C LEU M 133 -43.00 65.27 -45.85
N ARG M 134 -43.42 66.34 -46.49
CA ARG M 134 -44.76 66.36 -47.09
C ARG M 134 -44.97 65.33 -48.17
N GLU M 135 -43.93 65.05 -48.93
CA GLU M 135 -44.07 64.06 -49.97
C GLU M 135 -44.13 62.63 -49.43
N SER M 136 -43.29 62.31 -48.47
CA SER M 136 -43.29 61.00 -47.84
C SER M 136 -42.69 61.14 -46.46
N ALA M 137 -43.49 60.98 -45.43
CA ALA M 137 -42.95 61.30 -44.12
C ALA M 137 -42.08 60.28 -43.42
N TYR M 138 -40.86 60.09 -43.85
CA TYR M 138 -40.01 59.19 -43.11
C TYR M 138 -38.64 59.77 -43.05
N VAL M 139 -37.84 59.34 -42.09
CA VAL M 139 -36.56 59.96 -41.85
C VAL M 139 -35.45 59.42 -42.70
N ARG M 140 -34.79 60.25 -43.46
CA ARG M 140 -33.68 59.75 -44.24
C ARG M 140 -32.37 59.56 -43.52
N GLN M 141 -31.68 58.50 -43.90
CA GLN M 141 -30.41 58.12 -43.30
C GLN M 141 -29.35 59.16 -43.36
N CYS M 142 -29.32 59.94 -44.42
CA CYS M 142 -28.23 60.88 -44.60
C CYS M 142 -28.25 61.99 -43.59
N TRP M 143 -29.39 62.19 -42.95
CA TRP M 143 -29.59 63.24 -41.96
C TRP M 143 -28.82 63.01 -40.70
N HIS M 144 -28.30 61.81 -40.52
CA HIS M 144 -27.50 61.52 -39.36
C HIS M 144 -26.02 61.86 -39.51
N PHE M 145 -25.59 62.34 -40.67
CA PHE M 145 -24.19 62.64 -40.95
C PHE M 145 -23.90 64.11 -40.95
N LYS M 146 -22.97 64.53 -40.10
CA LYS M 146 -22.69 65.94 -39.92
C LYS M 146 -22.38 66.74 -41.16
N PRO M 147 -21.61 66.15 -42.08
CA PRO M 147 -21.27 66.88 -43.28
C PRO M 147 -22.48 67.31 -44.08
N TYR M 148 -23.59 66.63 -43.89
CA TYR M 148 -24.78 66.91 -44.68
C TYR M 148 -25.56 68.10 -44.17
N VAL M 149 -25.05 69.29 -44.46
CA VAL M 149 -25.67 70.56 -44.14
C VAL M 149 -26.34 71.05 -45.40
N GLY M 150 -27.63 71.29 -45.34
CA GLY M 150 -28.35 71.78 -46.52
C GLY M 150 -28.96 70.55 -47.18
N CYS M 151 -30.14 70.68 -47.77
CA CYS M 151 -30.76 69.56 -48.47
C CYS M 151 -30.31 69.61 -49.90
N HIS M 152 -30.08 68.48 -50.54
CA HIS M 152 -29.73 68.54 -51.96
C HIS M 152 -30.91 68.71 -52.90
N ARG M 153 -32.12 68.76 -52.34
CA ARG M 153 -33.29 69.01 -53.17
C ARG M 153 -34.16 70.11 -52.59
N HIS M 154 -34.98 70.75 -53.44
CA HIS M 154 -35.90 71.80 -53.00
C HIS M 154 -35.19 73.06 -52.51
N GLY M 155 -34.08 73.44 -53.15
CA GLY M 155 -33.37 74.63 -52.71
C GLY M 155 -32.53 74.18 -51.54
N GLY M 156 -33.18 73.86 -50.43
CA GLY M 156 -32.50 73.21 -49.33
C GLY M 156 -31.62 74.00 -48.40
N ARG M 157 -31.70 75.30 -48.45
CA ARG M 157 -30.82 76.10 -47.63
C ARG M 157 -31.25 76.15 -46.16
N LEU M 158 -30.27 76.37 -45.30
CA LEU M 158 -30.54 76.71 -43.92
C LEU M 158 -31.46 75.74 -43.20
N ILE M 159 -31.10 74.46 -43.15
CA ILE M 159 -31.92 73.48 -42.45
C ILE M 159 -31.75 73.70 -40.95
N TYR M 160 -32.89 73.79 -40.28
CA TYR M 160 -32.99 74.07 -38.84
C TYR M 160 -32.73 72.98 -37.84
N SER M 161 -32.34 73.37 -36.63
CA SER M 161 -32.26 72.41 -35.54
C SER M 161 -33.43 72.62 -34.57
N CYS M 162 -34.25 73.67 -34.84
CA CYS M 162 -35.40 74.08 -33.99
C CYS M 162 -36.54 74.62 -34.83
N PRO M 163 -37.53 73.77 -35.10
CA PRO M 163 -38.74 74.01 -35.91
C PRO M 163 -39.64 75.23 -35.63
N ALA M 164 -39.88 75.47 -34.37
CA ALA M 164 -40.81 76.48 -33.94
C ALA M 164 -40.66 76.63 -32.45
N CYS M 165 -41.20 77.72 -31.94
CA CYS M 165 -41.41 77.90 -30.52
C CYS M 165 -40.10 77.81 -29.74
N GLY M 166 -40.11 77.19 -28.57
CA GLY M 166 -38.89 77.08 -27.80
C GLY M 166 -38.08 75.81 -27.77
N GLU M 167 -38.33 74.89 -28.70
CA GLU M 167 -37.75 73.55 -28.60
C GLU M 167 -37.01 73.02 -29.82
N SER M 168 -35.85 72.40 -29.58
CA SER M 168 -35.02 71.87 -30.65
C SER M 168 -35.66 70.58 -31.08
N LEU M 169 -35.30 70.07 -32.25
CA LEU M 169 -35.90 68.81 -32.64
C LEU M 169 -35.04 67.61 -32.50
N ASN M 170 -35.62 66.59 -31.89
CA ASN M 170 -35.02 65.26 -31.77
C ASN M 170 -36.11 64.20 -31.84
N TYR M 171 -36.32 63.61 -33.01
CA TYR M 171 -37.43 62.69 -33.17
C TYR M 171 -37.34 61.34 -32.46
N LEU M 172 -36.13 60.91 -32.15
CA LEU M 172 -35.97 59.68 -31.44
C LEU M 172 -36.38 59.91 -30.01
N ALA M 173 -35.98 61.03 -29.44
CA ALA M 173 -36.27 61.28 -28.05
C ALA M 173 -37.74 61.49 -27.74
N SER M 174 -38.47 62.10 -28.66
CA SER M 174 -39.85 62.43 -28.37
C SER M 174 -40.75 61.45 -29.09
N GLU M 175 -40.11 60.47 -29.70
CA GLU M 175 -40.77 59.45 -30.49
C GLU M 175 -41.80 59.92 -31.52
N SER M 176 -41.48 60.87 -32.39
CA SER M 176 -42.56 61.37 -33.24
C SER M 176 -42.08 61.85 -34.59
N ILE M 177 -42.82 61.56 -35.67
CA ILE M 177 -42.35 61.95 -36.99
C ILE M 177 -42.88 63.29 -37.54
N ASN M 178 -44.18 63.52 -37.40
CA ASN M 178 -44.80 64.71 -37.98
C ASN M 178 -44.93 65.90 -37.06
N HIS M 179 -44.92 65.66 -35.77
CA HIS M 179 -45.19 66.73 -34.82
C HIS M 179 -44.18 66.74 -33.70
N CYS M 180 -43.88 67.91 -33.18
CA CYS M 180 -43.05 68.02 -32.00
C CYS M 180 -43.99 68.13 -30.80
N GLN M 181 -43.44 68.03 -29.60
CA GLN M 181 -44.31 68.02 -28.43
C GLN M 181 -45.11 69.28 -28.10
N CYS M 182 -44.69 70.45 -28.59
CA CYS M 182 -45.49 71.66 -28.40
C CYS M 182 -46.62 71.73 -29.42
N GLY M 183 -46.69 70.73 -30.28
CA GLY M 183 -47.73 70.64 -31.30
C GLY M 183 -47.50 71.25 -32.68
N PHE M 184 -46.32 71.79 -32.96
CA PHE M 184 -46.11 72.38 -34.27
C PHE M 184 -46.05 71.27 -35.31
N ASP M 185 -46.74 71.45 -36.44
CA ASP M 185 -46.71 70.46 -37.52
C ASP M 185 -45.43 70.67 -38.29
N LEU M 186 -44.53 69.69 -38.32
CA LEU M 186 -43.16 69.99 -38.73
C LEU M 186 -43.06 70.26 -40.17
N ARG M 187 -44.12 69.83 -40.83
CA ARG M 187 -44.33 69.84 -42.27
C ARG M 187 -44.77 71.20 -42.81
N THR M 188 -45.16 72.17 -41.97
CA THR M 188 -45.58 73.49 -42.43
C THR M 188 -44.50 74.56 -42.27
N ALA M 189 -44.05 75.09 -43.39
CA ALA M 189 -42.93 76.04 -43.47
C ALA M 189 -41.62 75.54 -42.89
N PRO M 196 -24.03 79.53 -48.54
CA PRO M 196 -25.23 80.10 -49.13
C PRO M 196 -25.73 79.21 -50.23
N ASP M 197 -25.47 79.59 -51.48
CA ASP M 197 -25.85 78.78 -52.62
C ASP M 197 -24.84 77.65 -52.87
N GLU M 198 -23.67 77.79 -52.24
CA GLU M 198 -22.65 76.76 -52.35
C GLU M 198 -22.67 75.63 -51.33
N ILE M 199 -23.64 75.66 -50.41
CA ILE M 199 -23.71 74.64 -49.34
C ILE M 199 -23.86 73.29 -49.99
N GLN M 200 -24.35 73.30 -51.23
CA GLN M 200 -24.58 72.15 -52.07
C GLN M 200 -23.31 71.38 -52.34
N LEU M 201 -22.16 72.01 -52.17
CA LEU M 201 -20.92 71.37 -52.53
C LEU M 201 -20.67 70.31 -51.47
N SER M 202 -21.39 70.40 -50.36
CA SER M 202 -21.34 69.39 -49.31
C SER M 202 -22.59 68.57 -49.25
N ALA M 203 -23.71 69.16 -49.63
CA ALA M 203 -24.94 68.41 -49.59
C ALA M 203 -24.80 67.23 -50.49
N LEU M 204 -24.06 67.40 -51.57
CA LEU M 204 -23.86 66.27 -52.45
C LEU M 204 -23.12 65.05 -51.97
N ALA M 205 -22.58 65.14 -50.75
CA ALA M 205 -21.88 63.99 -50.22
C ALA M 205 -22.91 62.83 -50.24
N TYR M 206 -24.20 63.17 -50.20
CA TYR M 206 -25.32 62.25 -50.26
C TYR M 206 -25.11 61.21 -51.32
N GLY M 207 -24.69 61.62 -52.51
CA GLY M 207 -24.63 60.70 -53.61
C GLY M 207 -23.42 60.93 -54.47
N CYS M 208 -22.47 61.73 -53.95
CA CYS M 208 -21.23 62.06 -54.64
C CYS M 208 -21.69 62.82 -55.88
N SER M 209 -21.84 62.11 -57.00
CA SER M 209 -22.40 62.67 -58.23
C SER M 209 -21.82 64.03 -58.64
N PHE M 210 -20.50 64.16 -58.63
CA PHE M 210 -19.90 65.42 -59.03
C PHE M 210 -19.67 65.49 -60.53
N GLU M 211 -19.58 66.73 -61.04
CA GLU M 211 -19.14 67.02 -62.41
C GLU M 211 -17.61 67.11 -62.53
N SER M 212 -17.05 66.85 -63.70
CA SER M 212 -15.59 66.95 -63.76
C SER M 212 -14.99 68.29 -63.35
N SER M 213 -13.97 68.23 -62.51
CA SER M 213 -13.35 69.43 -61.98
C SER M 213 -11.93 69.32 -61.48
N ASN M 214 -11.39 70.49 -61.19
CA ASN M 214 -9.96 70.70 -60.99
C ASN M 214 -9.46 70.24 -59.61
N PRO M 215 -10.32 70.39 -58.59
CA PRO M 215 -10.04 70.10 -57.16
C PRO M 215 -9.67 68.65 -56.91
N LEU M 216 -8.94 68.42 -55.84
CA LEU M 216 -8.59 67.04 -55.52
C LEU M 216 -9.79 66.21 -55.10
N LEU M 217 -10.84 66.82 -54.56
CA LEU M 217 -11.96 65.97 -54.15
C LEU M 217 -12.95 65.58 -55.21
N ALA M 218 -12.44 64.81 -56.16
CA ALA M 218 -13.15 64.34 -57.33
C ALA M 218 -12.96 62.82 -57.30
N ILE M 219 -13.07 62.25 -56.09
CA ILE M 219 -12.96 60.81 -55.88
C ILE M 219 -14.32 60.14 -55.89
N GLY M 220 -14.45 59.09 -56.69
CA GLY M 220 -15.70 58.37 -56.82
C GLY M 220 -16.01 57.35 -55.74
N SER M 221 -15.01 57.02 -54.92
CA SER M 221 -15.19 56.11 -53.80
C SER M 221 -15.69 56.82 -52.58
N LEU M 222 -16.90 56.50 -52.10
CA LEU M 222 -17.50 57.24 -50.98
C LEU M 222 -16.74 57.15 -49.67
N SER M 223 -16.21 55.99 -49.35
CA SER M 223 -15.43 55.86 -48.14
C SER M 223 -14.19 56.73 -48.08
N ALA M 224 -13.48 56.81 -49.19
CA ALA M 224 -12.42 57.78 -49.35
C ALA M 224 -12.82 59.24 -49.31
N ARG M 225 -13.98 59.62 -49.84
CA ARG M 225 -14.40 61.00 -49.68
C ARG M 225 -14.52 61.43 -48.24
N PHE M 226 -15.07 60.57 -47.40
CA PHE M 226 -15.14 60.84 -45.96
C PHE M 226 -13.78 60.86 -45.31
N GLY M 227 -12.90 59.97 -45.73
CA GLY M 227 -11.55 59.90 -45.22
C GLY M 227 -10.84 61.24 -45.36
N ALA M 228 -10.98 61.81 -46.56
CA ALA M 228 -10.42 63.10 -46.97
C ALA M 228 -10.93 64.23 -46.14
N LEU M 229 -12.23 64.23 -45.85
CA LEU M 229 -12.83 65.27 -45.00
C LEU M 229 -12.32 65.16 -43.59
N TYR M 230 -12.19 63.94 -43.08
CA TYR M 230 -11.66 63.71 -41.76
C TYR M 230 -10.23 64.18 -41.65
N TRP M 231 -9.38 63.86 -42.62
CA TRP M 231 -8.01 64.32 -42.55
C TRP M 231 -7.98 65.84 -42.46
N TYR M 232 -8.75 66.52 -43.30
CA TYR M 232 -8.73 67.96 -43.28
C TYR M 232 -9.15 68.54 -41.94
N GLN M 233 -10.21 68.01 -41.36
CA GLN M 233 -10.71 68.47 -40.05
C GLN M 233 -9.70 68.30 -38.94
N GLN M 234 -9.04 67.16 -38.96
CA GLN M 234 -8.03 66.80 -38.01
C GLN M 234 -6.76 67.64 -38.07
N ARG M 235 -6.36 68.04 -39.28
CA ARG M 235 -5.24 68.96 -39.45
C ARG M 235 -5.51 70.48 -39.41
N TYR M 236 -6.63 70.96 -39.95
CA TYR M 236 -6.81 72.43 -39.95
C TYR M 236 -7.95 72.95 -39.07
N LEU M 237 -9.11 72.31 -39.15
CA LEU M 237 -10.29 72.80 -38.45
C LEU M 237 -10.18 72.10 -37.11
N SER M 238 -9.16 72.45 -36.36
CA SER M 238 -8.89 71.82 -35.07
C SER M 238 -9.88 71.92 -33.90
N ASP M 239 -10.78 72.90 -33.94
CA ASP M 239 -11.87 73.03 -32.96
C ASP M 239 -11.39 73.10 -31.53
N HIS M 240 -10.29 73.80 -31.38
CA HIS M 240 -9.65 74.11 -30.13
C HIS M 240 -10.57 75.20 -29.58
N GLU M 241 -10.97 76.10 -30.47
CA GLU M 241 -11.82 77.26 -30.21
C GLU M 241 -13.35 77.21 -30.48
N ALA M 242 -13.85 76.21 -31.21
CA ALA M 242 -15.26 76.27 -31.65
C ALA M 242 -15.95 74.96 -32.05
N VAL M 243 -17.29 74.99 -32.02
CA VAL M 243 -18.09 73.92 -32.57
C VAL M 243 -18.16 74.20 -34.06
N ARG M 244 -17.88 73.16 -34.86
CA ARG M 244 -17.89 73.27 -36.32
C ARG M 244 -19.17 72.87 -37.02
N ASP M 245 -20.11 73.79 -37.12
CA ASP M 245 -21.43 73.40 -37.58
C ASP M 245 -21.36 73.17 -39.09
N ASP M 246 -20.64 74.04 -39.78
CA ASP M 246 -20.56 73.95 -41.23
C ASP M 246 -19.27 74.56 -41.78
N ARG M 247 -18.25 74.68 -40.94
CA ARG M 247 -17.13 75.50 -41.34
C ARG M 247 -16.51 74.93 -42.58
N ALA M 248 -16.53 73.60 -42.66
CA ALA M 248 -15.91 72.89 -43.74
C ALA M 248 -16.35 73.36 -45.11
N LEU M 249 -17.60 73.81 -45.25
CA LEU M 249 -18.11 74.28 -46.54
C LEU M 249 -17.38 75.46 -47.18
N THR M 250 -16.80 76.31 -46.34
CA THR M 250 -16.08 77.46 -46.84
C THR M 250 -14.57 77.29 -46.74
N LYS M 251 -14.13 76.29 -45.98
CA LYS M 251 -12.70 76.07 -45.83
C LYS M 251 -12.11 74.93 -46.65
N ALA M 252 -12.78 73.78 -46.64
CA ALA M 252 -12.28 72.63 -47.38
C ALA M 252 -12.31 72.78 -48.88
N ILE M 253 -13.34 73.43 -49.40
CA ILE M 253 -13.46 73.52 -50.84
C ILE M 253 -12.27 74.25 -51.45
N GLY M 254 -11.88 75.36 -50.83
CA GLY M 254 -10.72 76.10 -51.28
C GLY M 254 -9.40 75.37 -51.13
N HIS M 255 -9.22 74.72 -49.99
CA HIS M 255 -7.96 74.10 -49.70
C HIS M 255 -7.69 73.08 -50.79
N PHE M 256 -8.71 72.35 -51.19
CA PHE M 256 -8.45 71.26 -52.13
C PHE M 256 -8.61 71.70 -53.58
N THR M 257 -8.69 73.01 -53.74
CA THR M 257 -8.73 73.62 -55.03
C THR M 257 -7.45 74.38 -55.30
N ALA M 258 -6.79 74.97 -54.31
CA ALA M 258 -5.55 75.72 -54.62
C ALA M 258 -4.36 74.78 -54.40
N TRP M 259 -4.69 73.51 -54.30
CA TRP M 259 -3.70 72.53 -53.95
C TRP M 259 -2.40 72.34 -54.71
N PRO M 260 -2.34 72.69 -55.99
CA PRO M 260 -1.07 72.43 -56.68
C PRO M 260 0.07 73.20 -56.07
N ASP M 261 -0.31 74.29 -55.43
CA ASP M 261 0.68 75.13 -54.82
C ASP M 261 0.55 75.06 -53.32
N ALA M 262 -0.70 75.09 -52.85
CA ALA M 262 -0.91 75.18 -51.43
C ALA M 262 -0.25 74.04 -50.72
N PHE M 263 -0.32 72.85 -51.28
CA PHE M 263 0.35 71.75 -50.60
C PHE M 263 1.85 71.92 -50.65
N TRP M 264 2.38 72.42 -51.76
CA TRP M 264 3.83 72.55 -51.74
C TRP M 264 4.31 73.68 -50.85
N ARG M 265 3.51 74.73 -50.72
CA ARG M 265 3.96 75.85 -49.93
C ARG M 265 4.09 75.46 -48.46
N GLU M 266 3.11 74.71 -47.99
CA GLU M 266 3.07 74.27 -46.62
C GLU M 266 4.26 73.36 -46.34
N LEU M 267 4.50 72.42 -47.25
CA LEU M 267 5.60 71.48 -47.06
C LEU M 267 6.98 72.15 -47.19
N GLN M 268 7.08 73.07 -48.14
CA GLN M 268 8.31 73.77 -48.39
C GLN M 268 8.62 74.68 -47.24
N GLN M 269 7.62 75.37 -46.71
CA GLN M 269 7.83 76.23 -45.54
C GLN M 269 8.22 75.40 -44.36
N MET M 270 7.46 74.37 -44.08
CA MET M 270 7.80 73.49 -42.98
C MET M 270 9.25 73.03 -42.98
N VAL M 271 9.76 72.46 -44.07
CA VAL M 271 11.20 72.10 -44.04
C VAL M 271 12.25 73.27 -43.98
N ASP M 272 11.95 74.45 -44.51
CA ASP M 272 12.84 75.59 -44.46
C ASP M 272 12.96 76.18 -43.11
N ASP M 273 11.79 76.12 -42.48
CA ASP M 273 11.51 76.59 -41.13
C ASP M 273 12.31 75.71 -40.17
N ALA M 274 12.33 74.42 -40.51
CA ALA M 274 13.06 73.39 -39.80
C ALA M 274 14.56 73.65 -39.84
N LEU M 275 15.05 74.15 -40.97
CA LEU M 275 16.48 74.44 -41.12
C LEU M 275 16.85 75.59 -40.20
N VAL M 276 15.96 76.57 -40.09
CA VAL M 276 16.21 77.76 -39.28
C VAL M 276 16.46 77.35 -37.84
N ARG M 277 15.66 76.40 -37.37
CA ARG M 277 15.75 75.91 -36.00
C ARG M 277 16.65 74.67 -35.81
N GLN M 278 17.36 74.29 -36.86
CA GLN M 278 18.16 73.09 -36.88
C GLN M 278 19.42 73.29 -36.05
N THR M 279 19.25 73.26 -34.73
CA THR M 279 20.35 73.47 -33.82
C THR M 279 21.34 72.32 -33.93
N LYS M 280 20.83 71.09 -33.95
CA LYS M 280 21.67 69.89 -33.97
C LYS M 280 22.14 69.53 -35.38
N PRO M 281 23.29 68.83 -35.47
CA PRO M 281 23.87 68.33 -36.72
C PRO M 281 22.75 67.54 -37.34
N LEU M 282 22.44 67.88 -38.57
CA LEU M 282 21.27 67.32 -39.26
C LEU M 282 21.22 65.83 -39.42
N ASN M 283 22.32 65.16 -39.66
CA ASN M 283 22.25 63.71 -39.78
C ASN M 283 21.91 62.90 -38.53
N HIS M 284 21.69 63.51 -37.37
CA HIS M 284 21.18 62.80 -36.21
C HIS M 284 19.72 63.21 -35.95
N THR M 285 19.10 64.01 -36.83
CA THR M 285 17.71 64.46 -36.70
C THR M 285 16.73 63.48 -37.38
N ASP M 286 15.57 63.18 -36.77
CA ASP M 286 14.63 62.22 -37.34
C ASP M 286 13.82 62.75 -38.52
N PHE M 287 13.33 61.90 -39.41
CA PHE M 287 12.37 62.43 -40.38
C PHE M 287 11.19 63.12 -39.74
N VAL M 288 10.65 62.50 -38.70
CA VAL M 288 9.53 63.09 -37.97
C VAL M 288 9.81 64.43 -37.29
N ASP M 289 11.01 64.61 -36.74
CA ASP M 289 11.42 65.90 -36.21
C ASP M 289 11.26 67.04 -37.20
N VAL M 290 11.36 66.75 -38.47
CA VAL M 290 11.13 67.81 -39.42
C VAL M 290 9.74 67.74 -40.01
N PHE M 291 9.24 66.56 -40.34
CA PHE M 291 7.98 66.53 -41.06
C PHE M 291 6.72 66.28 -40.27
N GLY M 292 6.83 66.14 -38.97
CA GLY M 292 5.64 66.09 -38.14
C GLY M 292 4.65 64.96 -38.29
N SER M 293 5.15 63.82 -38.71
CA SER M 293 4.35 62.63 -39.03
C SER M 293 3.31 62.77 -40.12
N VAL M 294 3.49 63.67 -41.07
CA VAL M 294 2.49 63.76 -42.11
C VAL M 294 2.40 62.45 -42.85
N VAL M 295 3.48 61.66 -42.87
CA VAL M 295 3.45 60.31 -43.42
C VAL M 295 2.53 59.37 -42.70
N ALA M 296 2.54 59.34 -41.38
CA ALA M 296 1.59 58.50 -40.67
C ALA M 296 0.16 58.88 -40.97
N ASP M 297 -0.14 60.17 -41.14
CA ASP M 297 -1.49 60.57 -41.40
C ASP M 297 -2.01 60.04 -42.72
N CYS M 298 -1.10 59.65 -43.60
CA CYS M 298 -1.47 59.17 -44.93
C CYS M 298 -2.16 57.83 -44.82
N ARG M 299 -2.06 57.22 -43.65
CA ARG M 299 -2.73 55.96 -43.36
C ARG M 299 -4.20 56.12 -42.97
N GLN M 300 -4.65 57.35 -42.77
CA GLN M 300 -6.03 57.54 -42.42
C GLN M 300 -6.98 57.36 -43.61
N ILE M 301 -6.53 57.59 -44.84
CA ILE M 301 -7.42 57.43 -45.98
C ILE M 301 -7.56 55.92 -46.13
N PRO M 302 -8.77 55.39 -46.28
CA PRO M 302 -8.84 53.94 -46.46
C PRO M 302 -8.24 53.27 -47.71
N MET M 303 -7.94 54.00 -48.77
CA MET M 303 -7.33 53.35 -49.93
C MET M 303 -5.80 53.34 -49.91
N ARG M 304 -5.21 52.22 -50.29
CA ARG M 304 -3.76 52.14 -50.47
C ARG M 304 -3.17 52.41 -51.83
N ASN M 305 -3.93 52.28 -52.91
CA ASN M 305 -3.36 52.53 -54.24
C ASN M 305 -3.19 53.99 -54.51
N THR M 306 -2.08 54.37 -55.11
CA THR M 306 -1.83 55.73 -55.58
C THR M 306 -2.90 56.54 -56.31
N GLY M 307 -3.73 55.92 -57.13
CA GLY M 307 -4.74 56.70 -57.80
C GLY M 307 -5.86 57.24 -56.96
N GLN M 308 -6.02 56.73 -55.74
CA GLN M 308 -7.04 57.28 -54.84
C GLN M 308 -6.44 58.09 -53.71
N ASN M 309 -5.28 57.69 -53.21
CA ASN M 309 -4.66 58.33 -52.06
C ASN M 309 -3.82 59.47 -52.54
N PHE M 310 -4.43 60.55 -53.01
CA PHE M 310 -3.63 61.68 -53.47
C PHE M 310 -2.78 62.44 -52.48
N ILE M 311 -3.05 62.37 -51.17
CA ILE M 311 -2.19 63.03 -50.18
C ILE M 311 -0.79 62.48 -50.15
N LEU M 312 -0.67 61.16 -50.14
CA LEU M 312 0.61 60.47 -50.19
C LEU M 312 1.27 60.67 -51.52
N LYS M 313 0.50 60.62 -52.59
CA LYS M 313 1.04 60.85 -53.90
C LYS M 313 1.72 62.20 -54.00
N ASN M 314 1.09 63.28 -53.57
CA ASN M 314 1.73 64.58 -53.55
C ASN M 314 2.90 64.74 -52.60
N LEU M 315 2.89 64.05 -51.47
CA LEU M 315 4.04 64.06 -50.64
C LEU M 315 5.20 63.43 -51.28
N ILE M 316 5.01 62.34 -52.00
CA ILE M 316 6.14 61.81 -52.74
C ILE M 316 6.64 62.76 -53.73
N GLY M 317 5.82 63.46 -54.45
CA GLY M 317 6.33 64.44 -55.37
C GLY M 317 7.29 65.42 -54.76
N PHE M 318 6.81 66.00 -53.68
CA PHE M 318 7.59 66.95 -52.93
C PHE M 318 8.87 66.37 -52.43
N LEU M 319 8.83 65.20 -51.78
CA LEU M 319 10.05 64.61 -51.23
C LEU M 319 11.01 64.28 -52.31
N THR M 320 10.56 63.86 -53.47
CA THR M 320 11.49 63.54 -54.52
C THR M 320 12.26 64.75 -54.92
N ASP M 321 11.62 65.89 -55.12
CA ASP M 321 12.34 67.08 -55.49
C ASP M 321 13.18 67.65 -54.38
N LEU M 322 12.74 67.46 -53.15
CA LEU M 322 13.46 67.96 -52.02
C LEU M 322 14.81 67.29 -51.91
N VAL M 323 14.86 65.99 -52.07
CA VAL M 323 16.12 65.27 -52.02
C VAL M 323 16.96 65.53 -53.26
N ALA M 324 16.31 65.53 -54.41
CA ALA M 324 16.96 65.82 -55.67
C ALA M 324 17.69 67.14 -55.71
N ARG M 325 17.19 68.17 -55.03
CA ARG M 325 17.98 69.39 -54.94
C ARG M 325 19.10 69.32 -53.92
N HIS M 326 19.16 68.24 -53.14
CA HIS M 326 20.13 68.07 -52.06
C HIS M 326 20.85 66.71 -52.06
N PRO M 327 21.77 66.50 -53.02
CA PRO M 327 22.58 65.28 -53.15
C PRO M 327 23.64 65.19 -52.08
N GLN M 328 24.23 64.01 -51.90
CA GLN M 328 25.27 63.73 -50.91
C GLN M 328 26.58 64.51 -50.96
N CYS M 329 27.04 65.03 -49.83
CA CYS M 329 28.29 65.81 -49.76
C CYS M 329 28.96 65.52 -48.40
N ARG M 330 30.00 66.29 -48.09
CA ARG M 330 30.78 66.08 -46.89
C ARG M 330 30.06 66.50 -45.61
N VAL M 331 29.04 67.34 -45.75
CA VAL M 331 28.33 67.86 -44.59
C VAL M 331 26.85 67.48 -44.56
N ALA M 332 26.37 67.10 -43.37
CA ALA M 332 25.00 66.65 -43.24
C ALA M 332 24.10 67.72 -43.83
N ASN M 333 23.15 67.29 -44.65
CA ASN M 333 22.24 68.21 -45.31
C ASN M 333 20.90 67.56 -45.50
N VAL M 334 19.96 68.30 -46.10
CA VAL M 334 18.63 67.73 -46.31
C VAL M 334 18.75 66.44 -47.03
N GLY M 335 18.08 65.43 -46.55
CA GLY M 335 18.22 64.16 -47.20
C GLY M 335 18.92 63.20 -46.28
N ASP M 336 19.59 63.72 -45.26
CA ASP M 336 20.27 62.90 -44.32
C ASP M 336 19.45 62.64 -43.07
N LEU M 337 18.15 62.86 -43.13
CA LEU M 337 17.25 62.55 -42.03
C LEU M 337 16.97 61.09 -41.90
N LEU M 338 16.70 60.63 -40.70
CA LEU M 338 16.51 59.19 -40.52
C LEU M 338 15.06 58.73 -40.61
N LEU M 339 14.82 57.57 -41.24
CA LEU M 339 13.51 56.93 -41.35
C LEU M 339 13.60 55.54 -40.77
N SER M 340 12.55 55.03 -40.17
CA SER M 340 12.50 53.63 -39.76
C SER M 340 12.19 52.68 -40.88
N ALA M 341 12.35 51.38 -40.68
CA ALA M 341 11.88 50.44 -41.70
C ALA M 341 10.38 50.57 -41.99
N VAL M 342 9.58 50.89 -40.97
CA VAL M 342 8.16 51.17 -41.09
C VAL M 342 7.89 52.42 -41.92
N ASP M 343 8.72 53.44 -41.77
CA ASP M 343 8.53 54.62 -42.57
C ASP M 343 8.97 54.45 -43.96
N ALA M 344 10.07 53.76 -44.19
CA ALA M 344 10.47 53.53 -45.55
C ALA M 344 9.43 52.64 -46.18
N ALA M 345 8.96 51.62 -45.47
CA ALA M 345 7.96 50.73 -46.03
C ALA M 345 6.74 51.48 -46.46
N THR M 346 6.30 52.46 -45.69
CA THR M 346 5.20 53.30 -46.10
C THR M 346 5.43 54.12 -47.35
N LEU M 347 6.59 54.75 -47.49
CA LEU M 347 6.86 55.55 -48.69
C LEU M 347 7.11 54.68 -49.90
N LEU M 348 7.68 53.52 -49.67
CA LEU M 348 7.98 52.57 -50.72
C LEU M 348 6.79 51.65 -51.13
N SER M 349 5.66 51.79 -50.45
CA SER M 349 4.48 51.01 -50.68
C SER M 349 4.74 49.55 -50.57
N THR M 350 5.47 49.18 -49.54
CA THR M 350 5.84 47.77 -49.31
C THR M 350 5.67 47.38 -47.84
N SER M 351 6.04 46.15 -47.51
CA SER M 351 6.11 45.71 -46.12
C SER M 351 7.46 45.84 -45.45
N VAL M 352 7.46 45.75 -44.13
CA VAL M 352 8.68 45.78 -43.31
C VAL M 352 9.69 44.68 -43.52
N GLU M 353 9.20 43.47 -43.70
CA GLU M 353 10.08 42.38 -43.98
C GLU M 353 10.65 42.56 -45.34
N GLN M 354 9.89 43.10 -46.30
CA GLN M 354 10.48 43.32 -47.61
C GLN M 354 11.57 44.38 -47.53
N VAL M 355 11.40 45.40 -46.70
CA VAL M 355 12.46 46.35 -46.48
C VAL M 355 13.64 45.69 -45.83
N ARG M 356 13.43 44.83 -44.86
CA ARG M 356 14.55 44.13 -44.29
C ARG M 356 15.23 43.33 -45.36
N ARG M 357 14.49 42.67 -46.24
CA ARG M 357 15.15 41.94 -47.31
C ARG M 357 15.95 42.88 -48.18
N LEU M 358 15.42 44.04 -48.53
CA LEU M 358 16.16 45.00 -49.33
C LEU M 358 17.45 45.46 -48.69
N HIS M 359 17.49 45.62 -47.37
CA HIS M 359 18.72 45.87 -46.65
C HIS M 359 19.60 44.69 -46.72
N HIS M 360 19.05 43.52 -46.46
CA HIS M 360 19.83 42.31 -46.46
C HIS M 360 20.38 41.98 -47.81
N GLU M 361 19.68 42.29 -48.87
CA GLU M 361 20.25 42.01 -50.17
C GLU M 361 21.11 43.13 -50.69
N GLY M 362 21.33 44.18 -49.90
CA GLY M 362 22.22 45.16 -50.40
C GLY M 362 21.66 46.28 -51.16
N PHE M 363 20.38 46.48 -51.15
CA PHE M 363 19.86 47.58 -51.88
C PHE M 363 20.12 48.83 -51.15
N LEU M 364 20.01 48.81 -49.83
CA LEU M 364 20.32 50.00 -49.08
C LEU M 364 20.97 49.64 -47.78
N PRO M 365 21.91 50.45 -47.34
CA PRO M 365 22.68 50.44 -46.08
C PRO M 365 22.00 50.93 -44.83
N LEU M 366 22.62 50.72 -43.68
CA LEU M 366 22.08 51.11 -42.39
C LEU M 366 22.90 52.27 -41.87
N SER M 367 22.29 53.36 -41.44
CA SER M 367 23.08 54.42 -40.80
C SER M 367 23.72 54.23 -39.42
N ILE M 368 23.03 53.66 -38.46
CA ILE M 368 23.73 53.17 -37.30
C ILE M 368 24.58 52.00 -37.72
N VAL M 382 16.83 54.76 -39.22
CA VAL M 382 17.96 53.87 -39.45
C VAL M 382 18.40 53.91 -40.91
N PHE M 383 17.53 54.43 -41.77
CA PHE M 383 17.84 54.68 -43.17
C PHE M 383 17.79 56.18 -43.39
N HIS M 384 18.57 56.70 -44.33
CA HIS M 384 18.44 58.12 -44.59
C HIS M 384 17.38 58.50 -45.56
N LEU M 385 16.74 59.67 -45.48
CA LEU M 385 15.78 59.97 -46.53
C LEU M 385 16.32 59.89 -47.91
N ARG M 386 17.50 60.40 -48.19
CA ARG M 386 18.06 60.20 -49.52
C ARG M 386 18.12 58.76 -49.95
N HIS M 387 18.48 57.84 -49.06
CA HIS M 387 18.44 56.41 -49.36
C HIS M 387 17.08 55.94 -49.83
N VAL M 388 16.01 56.33 -49.17
CA VAL M 388 14.65 55.95 -49.57
C VAL M 388 14.16 56.57 -50.87
N VAL M 389 14.35 57.84 -51.10
CA VAL M 389 13.92 58.44 -52.31
C VAL M 389 14.72 57.86 -53.46
N GLU M 390 16.02 57.73 -53.33
CA GLU M 390 16.84 57.11 -54.37
C GLU M 390 16.53 55.68 -54.66
N LEU M 391 16.32 54.88 -53.64
CA LEU M 391 15.90 53.54 -53.87
C LEU M 391 14.52 53.53 -54.50
N ARG M 392 13.60 54.38 -54.06
CA ARG M 392 12.28 54.39 -54.70
C ARG M 392 12.34 54.78 -56.14
N GLN M 393 13.05 55.82 -56.53
CA GLN M 393 13.06 56.22 -57.92
C GLN M 393 13.80 55.22 -58.75
N ALA M 394 14.87 54.68 -58.20
CA ALA M 394 15.68 53.71 -58.88
C ALA M 394 15.14 52.33 -59.09
N ARG M 395 14.46 51.76 -58.12
CA ARG M 395 14.01 50.40 -58.33
C ARG M 395 12.52 50.13 -58.38
N MET M 396 11.70 51.06 -57.93
CA MET M 396 10.27 50.76 -57.80
C MET M 396 9.29 51.21 -58.85
N GLN M 397 9.71 51.62 -60.02
CA GLN M 397 8.75 52.08 -61.01
C GLN M 397 8.15 50.95 -61.84
#